data_1UTA
#
_entry.id   1UTA
#
_cell.length_a   1.000
_cell.length_b   1.000
_cell.length_c   1.000
_cell.angle_alpha   90.00
_cell.angle_beta   90.00
_cell.angle_gamma   90.00
#
_symmetry.space_group_name_H-M   'P 1'
#
_entity_poly.entity_id   1
_entity_poly.type   'polypeptide(L)'
_entity_poly.pdbx_seq_one_letter_code
;FTSNKDERRWMVQCGSFRGAEQAETVRAQLAFEGFDSKITTNNGWNRVVIGPVKGKENADSTLNRLKMAGHTNCIRLAAG
G
;
_entity_poly.pdbx_strand_id   A
#
# COMPACT_ATOMS: atom_id res chain seq x y z
N LYS A 5 -13.04 -14.66 -17.33
CA LYS A 5 -11.71 -15.17 -16.91
C LYS A 5 -10.87 -14.08 -16.27
N ASP A 6 -10.37 -14.36 -15.06
CA ASP A 6 -9.54 -13.39 -14.34
C ASP A 6 -10.33 -12.12 -14.05
N GLU A 7 -10.58 -11.86 -12.76
CA GLU A 7 -11.32 -10.67 -12.35
C GLU A 7 -10.38 -9.56 -11.90
N ARG A 8 -9.19 -9.54 -12.50
CA ARG A 8 -8.19 -8.53 -12.17
C ARG A 8 -7.75 -8.65 -10.71
N ARG A 9 -6.43 -8.71 -10.51
CA ARG A 9 -5.88 -8.83 -9.16
C ARG A 9 -4.76 -7.83 -8.95
N TRP A 10 -4.30 -7.77 -7.71
CA TRP A 10 -3.28 -6.80 -7.35
C TRP A 10 -2.30 -7.30 -6.30
N MET A 11 -1.36 -6.40 -6.03
CA MET A 11 -0.31 -6.58 -5.04
C MET A 11 0.30 -5.20 -4.80
N VAL A 12 -0.48 -4.37 -4.16
CA VAL A 12 -0.11 -2.97 -3.89
C VAL A 12 1.34 -2.79 -3.47
N GLN A 13 1.85 -1.58 -3.74
CA GLN A 13 3.21 -1.23 -3.39
C GLN A 13 3.27 0.26 -3.15
N CYS A 14 2.80 0.67 -1.98
CA CYS A 14 2.77 2.08 -1.62
C CYS A 14 4.17 2.62 -1.37
N GLY A 15 5.02 2.54 -2.39
CA GLY A 15 6.39 3.03 -2.30
C GLY A 15 7.01 2.85 -0.92
N SER A 16 8.02 3.65 -0.65
CA SER A 16 8.73 3.62 0.63
C SER A 16 8.98 5.05 1.09
N PHE A 17 8.60 5.37 2.32
CA PHE A 17 8.77 6.72 2.83
C PHE A 17 9.80 6.82 3.94
N ARG A 18 10.45 7.99 4.01
CA ARG A 18 11.42 8.27 5.04
C ARG A 18 10.71 8.48 6.37
N GLY A 19 9.38 8.57 6.29
CA GLY A 19 8.56 8.74 7.47
C GLY A 19 8.55 7.49 8.32
N ALA A 20 9.72 7.07 8.77
CA ALA A 20 9.86 5.86 9.58
C ALA A 20 8.71 5.72 10.57
N GLU A 21 8.26 6.84 11.09
CA GLU A 21 7.15 6.83 12.03
C GLU A 21 5.83 6.75 11.27
N GLN A 22 5.74 7.51 10.19
CA GLN A 22 4.57 7.50 9.35
C GLN A 22 4.48 6.20 8.56
N ALA A 23 5.66 5.59 8.33
CA ALA A 23 5.75 4.33 7.61
C ALA A 23 5.25 3.19 8.49
N GLU A 24 5.79 3.12 9.71
CA GLU A 24 5.37 2.10 10.66
C GLU A 24 3.91 2.33 11.00
N THR A 25 3.56 3.59 11.18
CA THR A 25 2.18 3.95 11.45
C THR A 25 1.35 3.71 10.20
N VAL A 26 2.02 3.79 9.04
CA VAL A 26 1.39 3.56 7.76
C VAL A 26 0.83 2.14 7.71
N ARG A 27 1.62 1.19 8.21
CA ARG A 27 1.23 -0.20 8.24
C ARG A 27 -0.04 -0.38 9.09
N ALA A 28 0.02 0.10 10.32
CA ALA A 28 -1.13 -0.01 11.22
C ALA A 28 -2.26 0.89 10.73
N GLN A 29 -1.91 2.00 10.10
CA GLN A 29 -2.90 2.93 9.58
C GLN A 29 -3.66 2.31 8.41
N LEU A 30 -2.91 1.73 7.47
CA LEU A 30 -3.51 1.09 6.30
C LEU A 30 -4.47 -0.01 6.75
N ALA A 31 -4.08 -0.74 7.79
CA ALA A 31 -4.93 -1.81 8.31
C ALA A 31 -6.00 -1.25 9.25
N PHE A 32 -5.75 -0.08 9.81
CA PHE A 32 -6.69 0.56 10.71
C PHE A 32 -7.72 1.37 9.95
N GLU A 33 -7.34 1.84 8.76
CA GLU A 33 -8.24 2.65 7.94
C GLU A 33 -9.16 1.77 7.11
N GLY A 34 -8.75 0.54 6.86
CA GLY A 34 -9.58 -0.37 6.08
C GLY A 34 -8.83 -1.04 4.93
N PHE A 35 -7.51 -1.03 4.99
CA PHE A 35 -6.70 -1.66 3.95
C PHE A 35 -5.41 -2.24 4.53
N ASP A 36 -5.55 -3.37 5.21
CA ASP A 36 -4.43 -4.06 5.85
C ASP A 36 -3.26 -4.28 4.89
N SER A 37 -2.34 -3.32 4.86
CA SER A 37 -1.15 -3.39 4.03
C SER A 37 -0.01 -4.06 4.78
N LYS A 38 1.07 -4.30 4.07
CA LYS A 38 2.26 -4.93 4.64
C LYS A 38 3.50 -4.12 4.26
N ILE A 39 4.14 -3.50 5.25
CA ILE A 39 5.32 -2.69 5.03
C ILE A 39 6.61 -3.50 5.15
N THR A 40 7.69 -2.93 4.62
CA THR A 40 9.01 -3.55 4.65
C THR A 40 10.03 -2.69 3.91
N THR A 41 11.09 -2.30 4.61
CA THR A 41 12.14 -1.46 4.03
C THR A 41 12.90 -2.21 2.94
N ASN A 42 13.41 -1.48 1.94
CA ASN A 42 14.17 -2.10 0.87
C ASN A 42 14.71 -1.06 -0.10
N ASN A 43 13.84 -0.18 -0.57
CA ASN A 43 14.24 0.88 -1.49
C ASN A 43 14.90 2.04 -0.75
N GLY A 44 15.22 1.81 0.52
CA GLY A 44 15.84 2.85 1.33
C GLY A 44 14.92 3.32 2.43
N TRP A 45 13.62 3.27 2.15
CA TRP A 45 12.60 3.67 3.11
C TRP A 45 11.62 2.53 3.32
N ASN A 46 10.77 2.70 4.32
CA ASN A 46 9.77 1.69 4.65
C ASN A 46 8.83 1.43 3.46
N ARG A 47 9.18 0.45 2.64
CA ARG A 47 8.36 0.10 1.48
C ARG A 47 7.05 -0.53 1.92
N VAL A 48 5.95 -0.05 1.32
CA VAL A 48 4.63 -0.58 1.66
C VAL A 48 4.06 -1.42 0.54
N VAL A 49 3.31 -2.44 0.93
CA VAL A 49 2.66 -3.35 0.00
C VAL A 49 1.55 -4.09 0.72
N ILE A 50 0.40 -4.24 0.08
CA ILE A 50 -0.71 -4.96 0.70
C ILE A 50 -0.83 -6.35 0.10
N GLY A 51 -1.26 -7.31 0.91
CA GLY A 51 -1.42 -8.66 0.40
C GLY A 51 -2.11 -8.67 -0.95
N PRO A 52 -1.80 -9.63 -1.83
CA PRO A 52 -2.41 -9.70 -3.16
C PRO A 52 -3.89 -9.34 -3.14
N VAL A 53 -4.18 -8.11 -3.53
CA VAL A 53 -5.54 -7.60 -3.54
C VAL A 53 -6.23 -7.88 -4.88
N LYS A 54 -7.44 -7.36 -5.04
CA LYS A 54 -8.20 -7.57 -6.27
C LYS A 54 -8.46 -6.25 -7.00
N GLY A 55 -8.41 -6.30 -8.33
CA GLY A 55 -8.65 -5.12 -9.13
C GLY A 55 -10.12 -4.81 -9.30
N LYS A 56 -10.54 -3.65 -8.80
CA LYS A 56 -11.94 -3.24 -8.90
C LYS A 56 -12.13 -1.86 -8.28
N GLU A 57 -11.66 -1.69 -7.05
CA GLU A 57 -11.80 -0.43 -6.35
C GLU A 57 -11.01 -0.43 -5.03
N ASN A 58 -10.90 -1.59 -4.41
CA ASN A 58 -10.18 -1.72 -3.14
C ASN A 58 -8.73 -1.25 -3.28
N ALA A 59 -8.00 -1.88 -4.19
CA ALA A 59 -6.60 -1.53 -4.42
C ALA A 59 -6.46 -0.05 -4.76
N ASP A 60 -7.37 0.47 -5.58
CA ASP A 60 -7.33 1.88 -5.96
C ASP A 60 -7.71 2.74 -4.77
N SER A 61 -8.75 2.33 -4.04
CA SER A 61 -9.19 3.07 -2.86
C SER A 61 -8.05 3.11 -1.86
N THR A 62 -7.29 2.02 -1.80
CA THR A 62 -6.14 1.92 -0.91
C THR A 62 -5.24 3.14 -1.10
N LEU A 63 -5.10 3.56 -2.35
CA LEU A 63 -4.29 4.72 -2.69
C LEU A 63 -4.78 5.94 -1.93
N ASN A 64 -6.02 6.32 -2.19
CA ASN A 64 -6.64 7.46 -1.53
C ASN A 64 -6.68 7.22 -0.03
N ARG A 65 -6.80 5.94 0.35
CA ARG A 65 -6.84 5.56 1.75
C ARG A 65 -5.46 5.73 2.37
N LEU A 66 -4.41 5.49 1.58
CA LEU A 66 -3.04 5.66 2.05
C LEU A 66 -2.81 7.09 2.48
N LYS A 67 -3.63 8.00 1.95
CA LYS A 67 -3.56 9.40 2.34
C LYS A 67 -4.08 9.52 3.78
N MET A 68 -4.89 8.54 4.17
CA MET A 68 -5.45 8.48 5.51
C MET A 68 -4.36 8.12 6.52
N ALA A 69 -3.43 7.29 6.08
CA ALA A 69 -2.32 6.86 6.92
C ALA A 69 -1.27 7.95 7.07
N GLY A 70 -1.21 8.85 6.10
CA GLY A 70 -0.23 9.93 6.15
C GLY A 70 1.14 9.48 5.71
N HIS A 71 1.32 9.34 4.40
CA HIS A 71 2.59 8.88 3.84
C HIS A 71 2.93 9.61 2.54
N THR A 72 4.16 9.44 2.06
CA THR A 72 4.58 10.08 0.82
C THR A 72 5.12 9.07 -0.21
N ASN A 73 4.40 8.92 -1.34
CA ASN A 73 4.79 8.02 -2.44
C ASN A 73 4.15 6.63 -2.34
N CYS A 74 3.23 6.33 -3.26
CA CYS A 74 2.54 5.04 -3.30
C CYS A 74 2.17 4.65 -4.74
N ILE A 75 1.98 3.35 -4.97
CA ILE A 75 1.59 2.86 -6.28
C ILE A 75 1.10 1.43 -6.20
N ARG A 76 -0.02 1.17 -6.87
CA ARG A 76 -0.60 -0.18 -6.88
C ARG A 76 0.18 -1.09 -7.81
N LEU A 77 0.81 -2.11 -7.25
CA LEU A 77 1.58 -3.06 -8.04
C LEU A 77 0.73 -4.27 -8.36
N ALA A 78 0.50 -4.49 -9.64
CA ALA A 78 -0.32 -5.62 -10.08
C ALA A 78 0.49 -6.90 -10.20
N ALA A 79 -0.07 -7.99 -9.69
CA ALA A 79 0.59 -9.28 -9.74
C ALA A 79 0.75 -9.78 -11.17
N GLY A 80 1.79 -10.57 -11.41
CA GLY A 80 2.04 -11.08 -12.74
C GLY A 80 3.42 -11.70 -12.87
N GLY A 81 3.51 -13.00 -12.58
CA GLY A 81 4.79 -13.69 -12.68
C GLY A 81 4.76 -14.81 -13.70
N LYS A 5 -9.11 -0.96 -20.73
CA LYS A 5 -8.17 -2.11 -20.67
C LYS A 5 -8.47 -3.02 -19.49
N ASP A 6 -7.72 -4.10 -19.37
CA ASP A 6 -7.91 -5.05 -18.29
C ASP A 6 -6.96 -4.76 -17.13
N GLU A 7 -7.38 -5.14 -15.93
CA GLU A 7 -6.58 -4.92 -14.72
C GLU A 7 -7.16 -5.67 -13.53
N ARG A 8 -7.45 -6.96 -13.73
CA ARG A 8 -8.01 -7.79 -12.67
C ARG A 8 -6.99 -8.02 -11.56
N ARG A 9 -7.50 -8.23 -10.35
CA ARG A 9 -6.66 -8.47 -9.17
C ARG A 9 -5.56 -7.44 -9.04
N TRP A 10 -4.86 -7.51 -7.92
CA TRP A 10 -3.82 -6.55 -7.64
C TRP A 10 -2.74 -7.10 -6.71
N MET A 11 -1.75 -6.24 -6.53
CA MET A 11 -0.60 -6.47 -5.66
C MET A 11 0.05 -5.12 -5.39
N VAL A 12 -0.60 -4.36 -4.54
CA VAL A 12 -0.14 -3.01 -4.21
C VAL A 12 1.34 -2.94 -3.95
N GLN A 13 1.91 -1.76 -4.13
CA GLN A 13 3.32 -1.58 -3.91
C GLN A 13 3.63 -0.12 -3.60
N CYS A 14 3.16 0.31 -2.45
CA CYS A 14 3.38 1.67 -2.01
C CYS A 14 4.85 1.90 -1.69
N GLY A 15 5.44 2.90 -2.33
CA GLY A 15 6.85 3.21 -2.14
C GLY A 15 7.29 3.21 -0.70
N SER A 16 8.57 3.51 -0.47
CA SER A 16 9.12 3.56 0.87
C SER A 16 9.35 5.00 1.29
N PHE A 17 8.92 5.35 2.51
CA PHE A 17 9.04 6.71 2.99
C PHE A 17 10.03 6.85 4.15
N ARG A 18 10.71 8.00 4.18
CA ARG A 18 11.66 8.30 5.25
C ARG A 18 10.90 8.55 6.55
N GLY A 19 9.58 8.65 6.44
CA GLY A 19 8.73 8.88 7.57
C GLY A 19 8.70 7.68 8.50
N ALA A 20 9.87 7.28 8.99
CA ALA A 20 10.00 6.12 9.87
C ALA A 20 8.83 6.03 10.85
N GLU A 21 8.37 7.18 11.30
CA GLU A 21 7.24 7.24 12.23
C GLU A 21 5.94 7.13 11.46
N GLN A 22 5.88 7.82 10.32
CA GLN A 22 4.71 7.79 9.46
C GLN A 22 4.63 6.45 8.74
N ALA A 23 5.80 5.84 8.51
CA ALA A 23 5.88 4.55 7.83
C ALA A 23 5.36 3.45 8.75
N GLU A 24 5.80 3.47 10.01
CA GLU A 24 5.35 2.49 10.98
C GLU A 24 3.86 2.72 11.24
N THR A 25 3.51 3.98 11.46
CA THR A 25 2.11 4.34 11.67
C THR A 25 1.34 4.06 10.39
N VAL A 26 2.05 4.13 9.26
CA VAL A 26 1.47 3.87 7.96
C VAL A 26 0.95 2.44 7.91
N ARG A 27 1.81 1.50 8.28
CA ARG A 27 1.47 0.09 8.29
C ARG A 27 0.28 -0.18 9.20
N ALA A 28 0.05 0.71 10.16
CA ALA A 28 -1.06 0.56 11.10
C ALA A 28 -2.31 1.27 10.59
N GLN A 29 -2.19 2.55 10.23
CA GLN A 29 -3.33 3.30 9.73
C GLN A 29 -4.00 2.55 8.57
N LEU A 30 -3.19 1.77 7.87
CA LEU A 30 -3.68 0.97 6.75
C LEU A 30 -4.72 -0.03 7.24
N ALA A 31 -4.35 -0.78 8.26
CA ALA A 31 -5.22 -1.78 8.84
C ALA A 31 -6.39 -1.12 9.57
N PHE A 32 -6.12 0.04 10.17
CA PHE A 32 -7.14 0.76 10.90
C PHE A 32 -8.11 1.46 9.95
N GLU A 33 -7.61 1.88 8.79
CA GLU A 33 -8.44 2.55 7.81
C GLU A 33 -9.28 1.56 7.01
N GLY A 34 -8.95 0.28 7.10
CA GLY A 34 -9.70 -0.73 6.37
C GLY A 34 -8.93 -1.30 5.20
N PHE A 35 -7.59 -1.24 5.29
CA PHE A 35 -6.73 -1.76 4.23
C PHE A 35 -5.33 -1.97 4.76
N ASP A 36 -5.07 -3.17 5.27
CA ASP A 36 -3.78 -3.50 5.86
C ASP A 36 -2.76 -3.95 4.82
N SER A 37 -1.73 -3.13 4.62
CA SER A 37 -0.65 -3.44 3.68
C SER A 37 0.52 -4.06 4.44
N LYS A 38 1.33 -4.84 3.75
CA LYS A 38 2.51 -5.45 4.36
C LYS A 38 3.70 -4.51 4.20
N ILE A 39 4.27 -4.09 5.31
CA ILE A 39 5.40 -3.16 5.31
C ILE A 39 6.74 -3.88 5.34
N THR A 40 7.78 -3.21 4.84
CA THR A 40 9.12 -3.77 4.82
C THR A 40 10.13 -2.80 4.22
N THR A 41 11.18 -2.48 4.97
CA THR A 41 12.21 -1.56 4.51
C THR A 41 13.08 -2.23 3.44
N ASN A 42 13.64 -1.44 2.53
CA ASN A 42 14.49 -2.00 1.47
C ASN A 42 15.11 -0.91 0.59
N ASN A 43 14.27 -0.05 0.02
CA ASN A 43 14.75 1.02 -0.84
C ASN A 43 15.38 2.15 -0.03
N GLY A 44 15.63 1.90 1.26
CA GLY A 44 16.21 2.91 2.12
C GLY A 44 15.20 3.43 3.13
N TRP A 45 13.93 3.36 2.75
CA TRP A 45 12.86 3.80 3.60
C TRP A 45 11.86 2.66 3.77
N ASN A 46 10.97 2.83 4.74
CA ASN A 46 9.96 1.82 5.03
C ASN A 46 9.06 1.60 3.82
N ARG A 47 9.32 0.54 3.08
CA ARG A 47 8.53 0.21 1.88
C ARG A 47 7.17 -0.35 2.28
N VAL A 48 6.19 -0.14 1.42
CA VAL A 48 4.85 -0.63 1.68
C VAL A 48 4.27 -1.37 0.48
N VAL A 49 3.42 -2.33 0.78
CA VAL A 49 2.75 -3.17 -0.21
C VAL A 49 1.59 -3.89 0.46
N ILE A 50 0.48 -4.11 -0.22
CA ILE A 50 -0.63 -4.82 0.41
C ILE A 50 -0.83 -6.18 -0.26
N GLY A 51 0.15 -7.05 -0.06
CA GLY A 51 0.11 -8.38 -0.64
C GLY A 51 -0.65 -8.43 -1.94
N PRO A 52 -1.36 -9.53 -2.24
CA PRO A 52 -2.14 -9.66 -3.45
C PRO A 52 -3.58 -9.23 -3.22
N VAL A 53 -3.94 -8.07 -3.75
CA VAL A 53 -5.30 -7.54 -3.59
C VAL A 53 -6.18 -7.93 -4.78
N LYS A 54 -7.45 -7.57 -4.71
CA LYS A 54 -8.39 -7.88 -5.78
C LYS A 54 -9.69 -7.11 -5.61
N GLY A 55 -10.27 -6.70 -6.73
CA GLY A 55 -11.52 -5.95 -6.69
C GLY A 55 -11.52 -4.78 -7.65
N LYS A 56 -10.33 -4.38 -8.12
CA LYS A 56 -10.20 -3.26 -9.04
C LYS A 56 -10.35 -1.93 -8.31
N GLU A 57 -11.48 -1.77 -7.62
CA GLU A 57 -11.74 -0.55 -6.87
C GLU A 57 -11.11 -0.61 -5.48
N ASN A 58 -10.80 -1.82 -5.01
CA ASN A 58 -10.19 -1.99 -3.71
C ASN A 58 -8.79 -1.38 -3.69
N ALA A 59 -7.88 -1.96 -4.46
CA ALA A 59 -6.52 -1.44 -4.54
C ALA A 59 -6.54 0.04 -4.91
N ASP A 60 -7.46 0.40 -5.81
CA ASP A 60 -7.60 1.78 -6.24
C ASP A 60 -8.06 2.65 -5.07
N SER A 61 -9.11 2.21 -4.38
CA SER A 61 -9.60 2.94 -3.23
C SER A 61 -8.52 2.97 -2.16
N THR A 62 -7.71 1.92 -2.15
CA THR A 62 -6.61 1.80 -1.21
C THR A 62 -5.64 2.96 -1.41
N LEU A 63 -5.32 3.26 -2.67
CA LEU A 63 -4.43 4.35 -3.01
C LEU A 63 -4.87 5.62 -2.29
N ASN A 64 -6.13 5.99 -2.51
CA ASN A 64 -6.70 7.16 -1.87
C ASN A 64 -6.75 6.93 -0.37
N ARG A 65 -6.88 5.66 0.03
CA ARG A 65 -6.93 5.30 1.43
C ARG A 65 -5.55 5.52 2.08
N LEU A 66 -4.48 5.22 1.34
CA LEU A 66 -3.13 5.43 1.85
C LEU A 66 -2.98 6.87 2.31
N LYS A 67 -3.66 7.78 1.62
CA LYS A 67 -3.64 9.18 2.01
C LYS A 67 -4.04 9.31 3.48
N MET A 68 -4.82 8.35 3.95
CA MET A 68 -5.26 8.33 5.34
C MET A 68 -4.07 8.07 6.26
N ALA A 69 -3.32 7.04 5.93
CA ALA A 69 -2.14 6.66 6.70
C ALA A 69 -1.06 7.74 6.55
N GLY A 70 -1.07 8.41 5.39
CA GLY A 70 -0.10 9.46 5.15
C GLY A 70 1.25 8.92 4.73
N HIS A 71 1.34 8.39 3.52
CA HIS A 71 2.61 7.86 3.01
C HIS A 71 3.23 8.82 2.00
N THR A 72 4.56 8.90 2.01
CA THR A 72 5.26 9.80 1.08
C THR A 72 5.42 9.20 -0.32
N ASN A 73 4.67 8.13 -0.64
CA ASN A 73 4.76 7.51 -1.98
C ASN A 73 4.02 6.17 -2.04
N CYS A 74 2.87 6.16 -2.70
CA CYS A 74 2.07 4.93 -2.86
C CYS A 74 1.77 4.64 -4.33
N ILE A 75 1.55 3.37 -4.67
CA ILE A 75 1.25 3.00 -6.04
C ILE A 75 0.77 1.55 -6.13
N ARG A 76 -0.45 1.36 -6.64
CA ARG A 76 -1.01 0.02 -6.77
C ARG A 76 -0.32 -0.74 -7.89
N LEU A 77 0.31 -1.86 -7.53
CA LEU A 77 0.98 -2.71 -8.50
C LEU A 77 0.09 -3.89 -8.85
N ALA A 78 -0.31 -3.97 -10.10
CA ALA A 78 -1.19 -5.03 -10.54
C ALA A 78 -0.43 -6.29 -10.93
N ALA A 79 -1.02 -7.43 -10.59
CA ALA A 79 -0.42 -8.73 -10.89
C ALA A 79 -0.19 -8.89 -12.39
N GLY A 80 0.44 -10.01 -12.77
CA GLY A 80 0.71 -10.27 -14.17
C GLY A 80 1.96 -11.11 -14.38
N GLY A 81 2.61 -10.93 -15.51
CA GLY A 81 3.81 -11.68 -15.80
C GLY A 81 3.56 -12.83 -16.76
N LYS A 5 -16.37 -4.68 -18.67
CA LYS A 5 -16.42 -5.21 -17.28
C LYS A 5 -15.17 -6.02 -16.95
N ASP A 6 -14.28 -5.42 -16.15
CA ASP A 6 -13.05 -6.08 -15.76
C ASP A 6 -12.76 -5.88 -14.28
N GLU A 7 -12.04 -6.83 -13.68
CA GLU A 7 -11.71 -6.75 -12.26
C GLU A 7 -10.42 -7.52 -11.97
N ARG A 8 -9.32 -7.06 -12.55
CA ARG A 8 -8.03 -7.71 -12.35
C ARG A 8 -7.56 -7.57 -10.91
N ARG A 9 -6.73 -8.51 -10.47
CA ARG A 9 -6.22 -8.50 -9.10
C ARG A 9 -5.09 -7.49 -8.95
N TRP A 10 -4.65 -7.34 -7.72
CA TRP A 10 -3.63 -6.36 -7.42
C TRP A 10 -2.61 -6.81 -6.38
N MET A 11 -1.65 -5.93 -6.20
CA MET A 11 -0.56 -6.06 -5.23
C MET A 11 0.03 -4.67 -5.02
N VAL A 12 -0.70 -3.86 -4.28
CA VAL A 12 -0.33 -2.48 -4.02
C VAL A 12 1.13 -2.30 -3.69
N GLN A 13 1.66 -1.13 -4.02
CA GLN A 13 3.05 -0.82 -3.74
C GLN A 13 3.16 0.65 -3.41
N CYS A 14 2.36 1.05 -2.46
CA CYS A 14 2.32 2.42 -1.99
C CYS A 14 3.18 2.55 -0.74
N GLY A 15 4.41 2.09 -0.84
CA GLY A 15 5.30 2.13 0.28
C GLY A 15 6.60 2.85 -0.01
N SER A 16 7.56 2.66 0.89
CA SER A 16 8.87 3.25 0.77
C SER A 16 8.84 4.76 1.02
N PHE A 17 8.64 5.14 2.28
CA PHE A 17 8.61 6.56 2.64
C PHE A 17 9.72 6.93 3.61
N ARG A 18 10.46 7.98 3.29
CA ARG A 18 11.52 8.46 4.16
C ARG A 18 10.98 8.62 5.58
N GLY A 19 9.67 8.84 5.67
CA GLY A 19 9.01 9.00 6.93
C GLY A 19 8.94 7.69 7.69
N ALA A 20 10.10 7.08 7.94
CA ALA A 20 10.17 5.81 8.64
C ALA A 20 9.17 5.76 9.80
N GLU A 21 9.04 6.87 10.50
CA GLU A 21 8.10 6.96 11.61
C GLU A 21 6.68 6.92 11.07
N GLN A 22 6.43 7.70 10.03
CA GLN A 22 5.13 7.73 9.39
C GLN A 22 4.83 6.37 8.78
N ALA A 23 5.86 5.77 8.18
CA ALA A 23 5.74 4.46 7.56
C ALA A 23 5.22 3.43 8.55
N GLU A 24 5.79 3.43 9.75
CA GLU A 24 5.36 2.50 10.79
C GLU A 24 3.89 2.73 11.12
N THR A 25 3.55 3.98 11.40
CA THR A 25 2.17 4.34 11.70
C THR A 25 1.31 4.16 10.46
N VAL A 26 1.93 4.32 9.29
CA VAL A 26 1.24 4.17 8.02
C VAL A 26 0.76 2.73 7.86
N ARG A 27 1.53 1.79 8.39
CA ARG A 27 1.18 0.38 8.33
C ARG A 27 -0.09 0.11 9.11
N ALA A 28 -0.08 0.47 10.39
CA ALA A 28 -1.23 0.27 11.25
C ALA A 28 -2.44 1.03 10.74
N GLN A 29 -2.19 2.22 10.19
CA GLN A 29 -3.28 3.04 9.64
C GLN A 29 -3.96 2.32 8.50
N LEU A 30 -3.17 1.80 7.56
CA LEU A 30 -3.72 1.07 6.42
C LEU A 30 -4.63 -0.04 6.89
N ALA A 31 -4.19 -0.75 7.92
CA ALA A 31 -4.98 -1.85 8.48
C ALA A 31 -6.10 -1.30 9.36
N PHE A 32 -5.89 -0.12 9.93
CA PHE A 32 -6.88 0.50 10.79
C PHE A 32 -8.00 1.14 9.96
N GLU A 33 -7.62 1.68 8.79
CA GLU A 33 -8.58 2.32 7.91
C GLU A 33 -9.46 1.27 7.23
N GLY A 34 -8.99 0.04 7.20
CA GLY A 34 -9.74 -1.03 6.56
C GLY A 34 -9.03 -1.59 5.34
N PHE A 35 -7.72 -1.38 5.27
CA PHE A 35 -6.94 -1.87 4.15
C PHE A 35 -5.49 -2.16 4.56
N ASP A 36 -5.32 -3.25 5.29
CA ASP A 36 -4.01 -3.65 5.78
C ASP A 36 -3.02 -3.89 4.64
N SER A 37 -1.92 -3.13 4.67
CA SER A 37 -0.87 -3.27 3.66
C SER A 37 0.37 -3.85 4.30
N LYS A 38 1.10 -4.68 3.56
CA LYS A 38 2.33 -5.28 4.07
C LYS A 38 3.44 -4.24 4.11
N ILE A 39 4.47 -4.49 4.90
CA ILE A 39 5.58 -3.55 5.04
C ILE A 39 6.92 -4.26 5.13
N THR A 40 7.98 -3.51 4.80
CA THR A 40 9.35 -4.03 4.85
C THR A 40 10.32 -3.01 4.24
N THR A 41 11.30 -2.59 5.02
CA THR A 41 12.29 -1.62 4.56
C THR A 41 13.23 -2.28 3.54
N ASN A 42 13.78 -1.48 2.63
CA ASN A 42 14.69 -2.00 1.61
C ASN A 42 15.39 -0.88 0.87
N ASN A 43 14.63 0.02 0.27
CA ASN A 43 15.20 1.14 -0.46
C ASN A 43 15.69 2.22 0.50
N GLY A 44 15.77 1.88 1.78
CA GLY A 44 16.21 2.82 2.78
C GLY A 44 15.08 3.22 3.70
N TRP A 45 13.88 3.23 3.14
CA TRP A 45 12.69 3.59 3.89
C TRP A 45 11.69 2.43 3.90
N ASN A 46 10.76 2.48 4.83
CA ASN A 46 9.73 1.45 4.96
C ASN A 46 9.01 1.22 3.62
N ARG A 47 9.32 0.09 2.98
CA ARG A 47 8.72 -0.25 1.69
C ARG A 47 7.37 -0.93 1.85
N VAL A 48 6.33 -0.14 2.08
CA VAL A 48 4.97 -0.64 2.23
C VAL A 48 4.44 -1.26 0.93
N VAL A 49 3.54 -2.20 1.08
CA VAL A 49 2.90 -2.91 -0.03
C VAL A 49 1.68 -3.65 0.50
N ILE A 50 0.60 -3.70 -0.27
CA ILE A 50 -0.60 -4.39 0.19
C ILE A 50 -0.64 -5.83 -0.35
N GLY A 51 -0.95 -6.78 0.52
CA GLY A 51 -1.02 -8.17 0.09
C GLY A 51 -1.78 -8.29 -1.22
N PRO A 52 -1.39 -9.24 -2.09
CA PRO A 52 -2.05 -9.43 -3.37
C PRO A 52 -3.56 -9.32 -3.26
N VAL A 53 -4.08 -8.13 -3.58
CA VAL A 53 -5.50 -7.86 -3.50
C VAL A 53 -6.20 -8.16 -4.81
N LYS A 54 -7.48 -7.82 -4.90
CA LYS A 54 -8.25 -8.06 -6.11
C LYS A 54 -9.60 -7.36 -6.05
N GLY A 55 -9.97 -6.68 -7.14
CA GLY A 55 -11.23 -5.98 -7.19
C GLY A 55 -11.21 -4.75 -8.07
N LYS A 56 -10.00 -4.27 -8.39
CA LYS A 56 -9.84 -3.08 -9.22
C LYS A 56 -10.13 -1.81 -8.42
N GLU A 57 -11.31 -1.75 -7.83
CA GLU A 57 -11.71 -0.59 -7.03
C GLU A 57 -11.09 -0.67 -5.64
N ASN A 58 -10.87 -1.88 -5.16
CA ASN A 58 -10.28 -2.08 -3.84
C ASN A 58 -8.89 -1.47 -3.78
N ALA A 59 -7.98 -1.99 -4.59
CA ALA A 59 -6.61 -1.48 -4.64
C ALA A 59 -6.62 0.02 -4.91
N ASP A 60 -7.57 0.47 -5.72
CA ASP A 60 -7.70 1.89 -6.03
C ASP A 60 -8.06 2.67 -4.78
N SER A 61 -9.09 2.22 -4.07
CA SER A 61 -9.49 2.89 -2.84
C SER A 61 -8.33 2.89 -1.86
N THR A 62 -7.59 1.79 -1.85
CA THR A 62 -6.42 1.66 -0.99
C THR A 62 -5.48 2.84 -1.22
N LEU A 63 -5.40 3.27 -2.48
CA LEU A 63 -4.55 4.40 -2.84
C LEU A 63 -4.96 5.63 -2.06
N ASN A 64 -6.20 6.07 -2.27
CA ASN A 64 -6.74 7.22 -1.57
C ASN A 64 -6.73 6.98 -0.07
N ARG A 65 -6.83 5.71 0.31
CA ARG A 65 -6.81 5.34 1.71
C ARG A 65 -5.40 5.46 2.28
N LEU A 66 -4.40 5.09 1.47
CA LEU A 66 -3.00 5.18 1.89
C LEU A 66 -2.68 6.63 2.25
N LYS A 67 -3.46 7.56 1.71
CA LYS A 67 -3.29 8.97 2.04
C LYS A 67 -3.74 9.16 3.49
N MET A 68 -4.66 8.30 3.92
CA MET A 68 -5.20 8.31 5.27
C MET A 68 -4.11 7.92 6.26
N ALA A 69 -3.26 7.00 5.83
CA ALA A 69 -2.17 6.51 6.66
C ALA A 69 -1.06 7.56 6.81
N GLY A 70 -1.02 8.51 5.88
CA GLY A 70 -0.01 9.55 5.94
C GLY A 70 1.34 9.06 5.47
N HIS A 71 1.48 8.84 4.17
CA HIS A 71 2.73 8.37 3.59
C HIS A 71 3.03 9.08 2.28
N THR A 72 4.30 9.14 1.90
CA THR A 72 4.69 9.79 0.65
C THR A 72 5.06 8.77 -0.45
N ASN A 73 4.47 8.95 -1.64
CA ASN A 73 4.73 8.08 -2.78
C ASN A 73 3.91 6.79 -2.73
N CYS A 74 2.88 6.71 -3.59
CA CYS A 74 2.01 5.53 -3.66
C CYS A 74 1.80 5.08 -5.10
N ILE A 75 1.70 3.76 -5.30
CA ILE A 75 1.48 3.22 -6.64
C ILE A 75 1.02 1.77 -6.57
N ARG A 76 -0.20 1.52 -7.04
CA ARG A 76 -0.76 0.18 -7.02
C ARG A 76 -0.01 -0.73 -7.98
N LEU A 77 0.60 -1.78 -7.44
CA LEU A 77 1.34 -2.73 -8.25
C LEU A 77 0.44 -3.91 -8.59
N ALA A 78 0.17 -4.08 -9.87
CA ALA A 78 -0.70 -5.15 -10.32
C ALA A 78 0.06 -6.45 -10.55
N ALA A 79 -0.59 -7.55 -10.22
CA ALA A 79 0.00 -8.88 -10.38
C ALA A 79 0.05 -9.29 -11.85
N GLY A 80 1.24 -9.61 -12.33
CA GLY A 80 1.39 -10.03 -13.71
C GLY A 80 2.78 -9.76 -14.25
N GLY A 81 2.97 -9.99 -15.55
CA GLY A 81 4.26 -9.76 -16.16
C GLY A 81 4.15 -9.33 -17.61
N LYS A 5 -18.62 -11.33 -12.29
CA LYS A 5 -17.34 -11.23 -13.05
C LYS A 5 -16.16 -11.03 -12.10
N ASP A 6 -15.43 -12.10 -11.83
CA ASP A 6 -14.28 -12.04 -10.94
C ASP A 6 -13.04 -12.62 -11.62
N GLU A 7 -12.21 -11.75 -12.17
CA GLU A 7 -10.99 -12.18 -12.83
C GLU A 7 -9.91 -11.10 -12.77
N ARG A 8 -9.94 -10.32 -11.69
CA ARG A 8 -8.98 -9.25 -11.50
C ARG A 8 -8.36 -9.31 -10.10
N ARG A 9 -7.06 -9.04 -10.01
CA ARG A 9 -6.37 -9.07 -8.73
C ARG A 9 -5.30 -8.01 -8.66
N TRP A 10 -4.72 -7.88 -7.48
CA TRP A 10 -3.73 -6.85 -7.25
C TRP A 10 -2.57 -7.29 -6.35
N MET A 11 -1.60 -6.38 -6.28
CA MET A 11 -0.41 -6.52 -5.45
C MET A 11 0.09 -5.10 -5.16
N VAL A 12 -0.58 -4.47 -4.23
CA VAL A 12 -0.29 -3.08 -3.87
C VAL A 12 1.17 -2.81 -3.58
N GLN A 13 1.62 -1.62 -3.96
CA GLN A 13 2.98 -1.21 -3.73
C GLN A 13 3.01 0.27 -3.35
N CYS A 14 2.76 0.54 -2.08
CA CYS A 14 2.74 1.92 -1.60
C CYS A 14 4.16 2.44 -1.37
N GLY A 15 4.96 2.44 -2.44
CA GLY A 15 6.32 2.92 -2.38
C GLY A 15 7.01 2.69 -1.04
N SER A 16 7.90 3.61 -0.70
CA SER A 16 8.64 3.55 0.56
C SER A 16 8.88 4.95 1.07
N PHE A 17 8.66 5.18 2.37
CA PHE A 17 8.82 6.52 2.92
C PHE A 17 9.84 6.59 4.06
N ARG A 18 10.61 7.67 4.06
CA ARG A 18 11.60 7.90 5.12
C ARG A 18 10.88 8.19 6.43
N GLY A 19 9.56 8.38 6.34
CA GLY A 19 8.75 8.64 7.50
C GLY A 19 8.67 7.43 8.40
N ALA A 20 9.82 6.97 8.88
CA ALA A 20 9.90 5.80 9.75
C ALA A 20 8.74 5.75 10.72
N GLU A 21 8.30 6.92 11.17
CA GLU A 21 7.18 6.99 12.09
C GLU A 21 5.87 6.88 11.31
N GLN A 22 5.82 7.57 10.18
CA GLN A 22 4.64 7.55 9.33
C GLN A 22 4.54 6.20 8.63
N ALA A 23 5.69 5.57 8.40
CA ALA A 23 5.75 4.26 7.76
C ALA A 23 5.25 3.18 8.69
N GLU A 24 5.77 3.18 9.93
CA GLU A 24 5.34 2.21 10.93
C GLU A 24 3.88 2.45 11.24
N THR A 25 3.51 3.73 11.31
CA THR A 25 2.13 4.11 11.57
C THR A 25 1.30 3.85 10.32
N VAL A 26 1.96 3.92 9.16
CA VAL A 26 1.30 3.68 7.88
C VAL A 26 0.80 2.24 7.83
N ARG A 27 1.52 1.34 8.49
CA ARG A 27 1.14 -0.07 8.53
C ARG A 27 -0.14 -0.24 9.34
N ALA A 28 -0.24 0.48 10.44
CA ALA A 28 -1.41 0.40 11.32
C ALA A 28 -2.58 1.17 10.72
N GLN A 29 -2.31 2.39 10.26
CA GLN A 29 -3.36 3.22 9.66
C GLN A 29 -4.05 2.47 8.54
N LEU A 30 -3.26 1.77 7.72
CA LEU A 30 -3.78 0.99 6.62
C LEU A 30 -4.79 -0.04 7.11
N ALA A 31 -4.40 -0.83 8.08
CA ALA A 31 -5.27 -1.85 8.64
C ALA A 31 -6.38 -1.23 9.48
N PHE A 32 -6.15 -0.03 9.99
CA PHE A 32 -7.13 0.68 10.80
C PHE A 32 -8.13 1.42 9.92
N GLU A 33 -7.69 1.82 8.74
CA GLU A 33 -8.56 2.55 7.82
C GLU A 33 -9.41 1.60 6.98
N GLY A 34 -9.03 0.32 6.95
CA GLY A 34 -9.78 -0.64 6.19
C GLY A 34 -9.00 -1.14 4.98
N PHE A 35 -7.68 -1.11 5.09
CA PHE A 35 -6.80 -1.56 4.02
C PHE A 35 -5.40 -1.81 4.54
N ASP A 36 -5.15 -3.05 4.96
CA ASP A 36 -3.85 -3.42 5.52
C ASP A 36 -2.82 -3.77 4.44
N SER A 37 -1.69 -3.08 4.49
CA SER A 37 -0.58 -3.31 3.56
C SER A 37 0.58 -3.94 4.32
N LYS A 38 1.35 -4.80 3.67
CA LYS A 38 2.50 -5.42 4.30
C LYS A 38 3.77 -4.64 3.96
N ILE A 39 4.35 -3.99 4.95
CA ILE A 39 5.55 -3.19 4.75
C ILE A 39 6.82 -4.02 4.74
N THR A 40 7.89 -3.40 4.24
CA THR A 40 9.20 -4.03 4.17
C THR A 40 10.24 -3.01 3.72
N THR A 41 11.26 -2.80 4.54
CA THR A 41 12.33 -1.85 4.22
C THR A 41 12.82 -2.02 2.79
N ASN A 42 13.19 -0.91 2.15
CA ASN A 42 13.67 -0.94 0.78
C ASN A 42 14.11 0.44 0.31
N ASN A 43 15.33 0.53 -0.20
CA ASN A 43 15.88 1.79 -0.70
C ASN A 43 16.23 2.75 0.46
N GLY A 44 16.09 2.27 1.69
CA GLY A 44 16.39 3.10 2.84
C GLY A 44 15.18 3.44 3.67
N TRP A 45 14.01 3.51 3.02
CA TRP A 45 12.78 3.84 3.71
C TRP A 45 11.84 2.64 3.76
N ASN A 46 10.87 2.72 4.67
CA ASN A 46 9.89 1.66 4.86
C ASN A 46 9.03 1.48 3.60
N ARG A 47 9.30 0.43 2.84
CA ARG A 47 8.55 0.15 1.62
C ARG A 47 7.24 -0.56 1.95
N VAL A 48 6.13 0.13 1.68
CA VAL A 48 4.81 -0.43 1.95
C VAL A 48 4.27 -1.11 0.70
N VAL A 49 3.52 -2.17 0.94
CA VAL A 49 2.89 -2.97 -0.11
C VAL A 49 1.82 -3.85 0.53
N ILE A 50 0.69 -4.05 -0.13
CA ILE A 50 -0.35 -4.92 0.42
C ILE A 50 -0.31 -6.28 -0.23
N GLY A 51 -0.62 -7.32 0.53
CA GLY A 51 -0.62 -8.66 -0.03
C GLY A 51 -1.44 -8.70 -1.30
N PRO A 52 -1.27 -9.73 -2.14
CA PRO A 52 -2.02 -9.84 -3.40
C PRO A 52 -3.51 -9.57 -3.20
N VAL A 53 -3.92 -8.32 -3.44
CA VAL A 53 -5.32 -7.94 -3.28
C VAL A 53 -6.15 -8.43 -4.46
N LYS A 54 -7.44 -8.11 -4.46
CA LYS A 54 -8.33 -8.53 -5.53
C LYS A 54 -9.52 -7.58 -5.68
N GLY A 55 -9.88 -7.28 -6.92
CA GLY A 55 -10.99 -6.39 -7.17
C GLY A 55 -10.78 -5.49 -8.39
N LYS A 56 -10.46 -4.23 -8.13
CA LYS A 56 -10.25 -3.24 -9.18
C LYS A 56 -10.31 -1.84 -8.57
N GLU A 57 -11.27 -1.64 -7.68
CA GLU A 57 -11.45 -0.37 -7.01
C GLU A 57 -10.88 -0.40 -5.60
N ASN A 58 -10.77 -1.59 -5.03
CA ASN A 58 -10.22 -1.75 -3.68
C ASN A 58 -8.79 -1.24 -3.62
N ALA A 59 -7.91 -1.89 -4.39
CA ALA A 59 -6.51 -1.51 -4.44
C ALA A 59 -6.39 -0.02 -4.79
N ASP A 60 -7.30 0.46 -5.63
CA ASP A 60 -7.32 1.87 -6.03
C ASP A 60 -7.71 2.74 -4.86
N SER A 61 -8.83 2.42 -4.22
CA SER A 61 -9.29 3.18 -3.07
C SER A 61 -8.16 3.27 -2.05
N THR A 62 -7.28 2.27 -2.07
CA THR A 62 -6.13 2.24 -1.17
C THR A 62 -5.25 3.45 -1.43
N LEU A 63 -5.23 3.91 -2.68
CA LEU A 63 -4.42 5.06 -3.06
C LEU A 63 -4.89 6.28 -2.27
N ASN A 64 -6.21 6.46 -2.24
CA ASN A 64 -6.81 7.56 -1.51
C ASN A 64 -6.80 7.24 -0.02
N ARG A 65 -6.78 5.95 0.30
CA ARG A 65 -6.76 5.49 1.68
C ARG A 65 -5.36 5.67 2.27
N LEU A 66 -4.33 5.37 1.48
CA LEU A 66 -2.95 5.53 1.93
C LEU A 66 -2.68 6.98 2.30
N LYS A 67 -3.44 7.89 1.70
CA LYS A 67 -3.31 9.30 2.04
C LYS A 67 -3.80 9.50 3.47
N MET A 68 -4.60 8.54 3.94
CA MET A 68 -5.15 8.58 5.30
C MET A 68 -4.07 8.20 6.30
N ALA A 69 -3.19 7.29 5.88
CA ALA A 69 -2.10 6.82 6.73
C ALA A 69 -1.00 7.88 6.86
N GLY A 70 -0.97 8.83 5.94
CA GLY A 70 0.05 9.88 5.99
C GLY A 70 1.40 9.36 5.58
N HIS A 71 1.56 9.12 4.27
CA HIS A 71 2.82 8.60 3.75
C HIS A 71 3.25 9.36 2.49
N THR A 72 4.50 9.13 2.07
CA THR A 72 5.02 9.78 0.87
C THR A 72 5.45 8.77 -0.20
N ASN A 73 4.60 8.58 -1.24
CA ASN A 73 4.88 7.66 -2.37
C ASN A 73 4.07 6.37 -2.29
N CYS A 74 3.14 6.20 -3.24
CA CYS A 74 2.29 5.00 -3.30
C CYS A 74 2.01 4.60 -4.75
N ILE A 75 1.79 3.31 -5.01
CA ILE A 75 1.50 2.86 -6.37
C ILE A 75 0.95 1.44 -6.35
N ARG A 76 -0.29 1.29 -6.78
CA ARG A 76 -0.91 -0.03 -6.83
C ARG A 76 -0.27 -0.87 -7.91
N LEU A 77 0.28 -2.00 -7.50
CA LEU A 77 0.93 -2.91 -8.43
C LEU A 77 0.00 -4.07 -8.73
N ALA A 78 -0.49 -4.12 -9.96
CA ALA A 78 -1.41 -5.18 -10.36
C ALA A 78 -0.66 -6.39 -10.92
N ALA A 79 -1.13 -7.57 -10.56
CA ALA A 79 -0.53 -8.82 -11.01
C ALA A 79 -0.65 -8.97 -12.52
N GLY A 80 -1.71 -8.39 -13.09
CA GLY A 80 -1.92 -8.47 -14.52
C GLY A 80 -3.13 -7.68 -14.98
N GLY A 81 -3.19 -7.40 -16.28
CA GLY A 81 -4.31 -6.64 -16.82
C GLY A 81 -3.89 -5.69 -17.93
N LYS A 5 -7.67 -5.88 -21.41
CA LYS A 5 -7.02 -7.18 -21.70
C LYS A 5 -6.05 -7.58 -20.58
N ASP A 6 -6.50 -8.47 -19.71
CA ASP A 6 -5.68 -8.93 -18.60
C ASP A 6 -5.29 -7.78 -17.70
N GLU A 7 -5.98 -7.65 -16.57
CA GLU A 7 -5.71 -6.58 -15.62
C GLU A 7 -6.49 -6.79 -14.31
N ARG A 8 -6.54 -8.05 -13.88
CA ARG A 8 -7.25 -8.40 -12.65
C ARG A 8 -6.28 -8.71 -11.52
N ARG A 9 -6.74 -8.56 -10.28
CA ARG A 9 -5.92 -8.83 -9.10
C ARG A 9 -4.82 -7.80 -8.96
N TRP A 10 -4.21 -7.79 -7.79
CA TRP A 10 -3.17 -6.81 -7.51
C TRP A 10 -2.15 -7.28 -6.48
N MET A 11 -1.20 -6.38 -6.27
CA MET A 11 -0.12 -6.51 -5.31
C MET A 11 0.39 -5.10 -5.04
N VAL A 12 -0.41 -4.37 -4.30
CA VAL A 12 -0.14 -2.97 -3.99
C VAL A 12 1.28 -2.72 -3.53
N GLN A 13 1.77 -1.52 -3.85
CA GLN A 13 3.09 -1.11 -3.46
C GLN A 13 3.08 0.37 -3.19
N CYS A 14 2.16 0.74 -2.32
CA CYS A 14 1.99 2.12 -1.93
C CYS A 14 2.83 2.41 -0.71
N GLY A 15 4.12 2.16 -0.84
CA GLY A 15 5.01 2.38 0.28
C GLY A 15 6.31 3.04 -0.10
N SER A 16 7.26 2.93 0.81
CA SER A 16 8.59 3.50 0.62
C SER A 16 8.59 4.98 0.95
N PHE A 17 8.44 5.29 2.25
CA PHE A 17 8.43 6.68 2.69
C PHE A 17 9.58 6.96 3.64
N ARG A 18 10.32 8.04 3.37
CA ARG A 18 11.42 8.44 4.23
C ARG A 18 10.92 8.54 5.67
N GLY A 19 9.60 8.74 5.80
CA GLY A 19 8.97 8.83 7.09
C GLY A 19 8.95 7.48 7.80
N ALA A 20 10.13 6.89 7.98
CA ALA A 20 10.26 5.58 8.63
C ALA A 20 9.29 5.44 9.80
N GLU A 21 9.12 6.52 10.56
CA GLU A 21 8.20 6.52 11.68
C GLU A 21 6.77 6.54 11.18
N GLN A 22 6.53 7.39 10.18
CA GLN A 22 5.21 7.50 9.59
C GLN A 22 4.86 6.18 8.89
N ALA A 23 5.85 5.59 8.25
CA ALA A 23 5.69 4.32 7.56
C ALA A 23 5.16 3.24 8.50
N GLU A 24 5.80 3.11 9.67
CA GLU A 24 5.37 2.14 10.65
C GLU A 24 3.92 2.40 11.05
N THR A 25 3.64 3.65 11.37
CA THR A 25 2.28 4.05 11.74
C THR A 25 1.38 3.94 10.53
N VAL A 26 1.97 4.12 9.34
CA VAL A 26 1.22 4.04 8.10
C VAL A 26 0.71 2.61 7.91
N ARG A 27 1.44 1.65 8.46
CA ARG A 27 1.04 0.25 8.37
C ARG A 27 -0.25 0.03 9.15
N ALA A 28 -0.21 0.35 10.44
CA ALA A 28 -1.37 0.21 11.30
C ALA A 28 -2.53 1.07 10.79
N GLN A 29 -2.18 2.19 10.17
CA GLN A 29 -3.18 3.10 9.62
C GLN A 29 -3.91 2.45 8.46
N LEU A 30 -3.15 1.84 7.55
CA LEU A 30 -3.73 1.16 6.39
C LEU A 30 -4.69 0.08 6.86
N ALA A 31 -4.29 -0.68 7.85
CA ALA A 31 -5.12 -1.74 8.39
C ALA A 31 -6.20 -1.19 9.32
N PHE A 32 -5.94 0.00 9.86
CA PHE A 32 -6.90 0.64 10.77
C PHE A 32 -7.94 1.43 9.99
N GLU A 33 -7.56 1.89 8.79
CA GLU A 33 -8.47 2.67 7.97
C GLU A 33 -9.38 1.77 7.14
N GLY A 34 -8.99 0.51 6.98
CA GLY A 34 -9.80 -0.42 6.22
C GLY A 34 -9.04 -1.07 5.06
N PHE A 35 -7.71 -1.01 5.11
CA PHE A 35 -6.89 -1.61 4.07
C PHE A 35 -5.54 -2.04 4.63
N ASP A 36 -5.55 -3.15 5.35
CA ASP A 36 -4.35 -3.69 5.98
C ASP A 36 -3.26 -4.05 4.99
N SER A 37 -2.25 -3.18 4.94
CA SER A 37 -1.09 -3.36 4.06
C SER A 37 0.08 -3.93 4.87
N LYS A 38 1.08 -4.44 4.17
CA LYS A 38 2.27 -5.00 4.83
C LYS A 38 3.52 -4.21 4.45
N ILE A 39 4.16 -3.58 5.43
CA ILE A 39 5.35 -2.78 5.18
C ILE A 39 6.61 -3.63 5.08
N THR A 40 7.64 -3.04 4.48
CA THR A 40 8.93 -3.70 4.30
C THR A 40 9.94 -2.73 3.71
N THR A 41 11.02 -2.50 4.42
CA THR A 41 12.07 -1.58 3.96
C THR A 41 12.88 -2.22 2.82
N ASN A 42 13.42 -1.38 1.94
CA ASN A 42 14.21 -1.88 0.81
C ASN A 42 14.96 -0.76 0.12
N ASN A 43 14.20 0.20 -0.42
CA ASN A 43 14.81 1.33 -1.10
C ASN A 43 15.38 2.32 -0.09
N GLY A 44 15.45 1.90 1.17
CA GLY A 44 15.96 2.76 2.22
C GLY A 44 14.90 3.11 3.22
N TRP A 45 13.66 3.24 2.73
CA TRP A 45 12.53 3.56 3.57
C TRP A 45 11.51 2.44 3.56
N ASN A 46 10.61 2.48 4.53
CA ASN A 46 9.57 1.46 4.68
C ASN A 46 8.76 1.31 3.39
N ARG A 47 9.09 0.28 2.61
CA ARG A 47 8.40 0.02 1.35
C ARG A 47 7.18 -0.87 1.57
N VAL A 48 6.05 -0.25 1.89
CA VAL A 48 4.82 -1.01 2.15
C VAL A 48 4.15 -1.52 0.87
N VAL A 49 3.41 -2.59 1.07
CA VAL A 49 2.66 -3.27 0.03
C VAL A 49 1.50 -4.02 0.70
N ILE A 50 0.34 -4.08 0.05
CA ILE A 50 -0.78 -4.79 0.67
C ILE A 50 -0.97 -6.15 0.04
N GLY A 51 -0.01 -7.03 0.32
CA GLY A 51 -0.04 -8.38 -0.23
C GLY A 51 -0.69 -8.42 -1.59
N PRO A 52 -1.38 -9.51 -1.95
CA PRO A 52 -2.05 -9.62 -3.23
C PRO A 52 -3.50 -9.13 -3.14
N VAL A 53 -3.73 -7.92 -3.65
CA VAL A 53 -5.07 -7.33 -3.61
C VAL A 53 -5.89 -7.72 -4.83
N LYS A 54 -7.10 -7.19 -4.92
CA LYS A 54 -7.99 -7.50 -6.03
C LYS A 54 -8.30 -6.26 -6.86
N GLY A 55 -8.35 -6.43 -8.18
CA GLY A 55 -8.61 -5.32 -9.07
C GLY A 55 -10.10 -5.07 -9.24
N LYS A 56 -10.56 -3.91 -8.79
CA LYS A 56 -11.95 -3.55 -8.89
C LYS A 56 -12.21 -2.16 -8.31
N GLU A 57 -11.66 -1.92 -7.12
CA GLU A 57 -11.84 -0.63 -6.45
C GLU A 57 -11.08 -0.58 -5.12
N ASN A 58 -10.89 -1.75 -4.49
CA ASN A 58 -10.19 -1.81 -3.21
C ASN A 58 -8.80 -1.21 -3.31
N ALA A 59 -7.97 -1.78 -4.19
CA ALA A 59 -6.62 -1.29 -4.38
C ALA A 59 -6.63 0.20 -4.69
N ASP A 60 -7.55 0.62 -5.56
CA ASP A 60 -7.69 2.02 -5.93
C ASP A 60 -8.07 2.85 -4.72
N SER A 61 -9.12 2.41 -4.01
CA SER A 61 -9.55 3.11 -2.81
C SER A 61 -8.41 3.12 -1.79
N THR A 62 -7.63 2.05 -1.80
CA THR A 62 -6.50 1.92 -0.91
C THR A 62 -5.54 3.09 -1.14
N LEU A 63 -5.32 3.41 -2.42
CA LEU A 63 -4.44 4.51 -2.79
C LEU A 63 -4.86 5.78 -2.07
N ASN A 64 -6.12 6.17 -2.25
CA ASN A 64 -6.65 7.36 -1.60
C ASN A 64 -6.68 7.15 -0.09
N ARG A 65 -6.86 5.91 0.32
CA ARG A 65 -6.89 5.57 1.73
C ARG A 65 -5.50 5.72 2.33
N LEU A 66 -4.47 5.40 1.54
CA LEU A 66 -3.08 5.53 1.99
C LEU A 66 -2.81 6.96 2.42
N LYS A 67 -3.59 7.89 1.86
CA LYS A 67 -3.47 9.29 2.23
C LYS A 67 -3.96 9.46 3.67
N MET A 68 -4.81 8.51 4.10
CA MET A 68 -5.37 8.50 5.45
C MET A 68 -4.28 8.12 6.45
N ALA A 69 -3.38 7.26 6.02
CA ALA A 69 -2.29 6.79 6.86
C ALA A 69 -1.20 7.84 7.00
N GLY A 70 -1.10 8.73 6.01
CA GLY A 70 -0.09 9.77 6.05
C GLY A 70 1.28 9.25 5.62
N HIS A 71 1.45 9.08 4.33
CA HIS A 71 2.70 8.58 3.78
C HIS A 71 3.11 9.32 2.51
N THR A 72 4.36 9.15 2.10
CA THR A 72 4.85 9.80 0.87
C THR A 72 5.35 8.78 -0.15
N ASN A 73 4.60 8.61 -1.26
CA ASN A 73 4.96 7.69 -2.35
C ASN A 73 4.11 6.42 -2.32
N CYS A 74 3.28 6.24 -3.36
CA CYS A 74 2.41 5.06 -3.47
C CYS A 74 2.16 4.67 -4.92
N ILE A 75 1.86 3.38 -5.16
CA ILE A 75 1.60 2.89 -6.51
C ILE A 75 1.12 1.45 -6.48
N ARG A 76 -0.09 1.20 -6.98
CA ARG A 76 -0.63 -0.14 -6.99
C ARG A 76 0.16 -1.02 -7.95
N LEU A 77 0.80 -2.05 -7.40
CA LEU A 77 1.58 -2.97 -8.21
C LEU A 77 0.75 -4.18 -8.59
N ALA A 78 0.50 -4.35 -9.87
CA ALA A 78 -0.30 -5.46 -10.35
C ALA A 78 0.53 -6.73 -10.55
N ALA A 79 -0.09 -7.86 -10.25
CA ALA A 79 0.58 -9.16 -10.39
C ALA A 79 0.52 -9.65 -11.83
N GLY A 80 -0.56 -9.31 -12.53
CA GLY A 80 -0.72 -9.73 -13.90
C GLY A 80 0.42 -9.24 -14.79
N GLY A 81 0.30 -7.99 -15.24
CA GLY A 81 1.33 -7.43 -16.10
C GLY A 81 2.70 -7.43 -15.45
N LYS A 5 -14.96 -12.60 -19.34
CA LYS A 5 -14.63 -12.91 -17.92
C LYS A 5 -13.77 -11.81 -17.31
N ASP A 6 -13.95 -11.57 -16.01
CA ASP A 6 -13.18 -10.55 -15.31
C ASP A 6 -12.63 -11.09 -13.99
N GLU A 7 -11.31 -11.20 -13.92
CA GLU A 7 -10.65 -11.70 -12.72
C GLU A 7 -9.33 -10.97 -12.48
N ARG A 8 -9.38 -9.64 -12.48
CA ARG A 8 -8.19 -8.84 -12.26
C ARG A 8 -7.68 -8.96 -10.83
N ARG A 9 -6.38 -8.78 -10.65
CA ARG A 9 -5.77 -8.88 -9.33
C ARG A 9 -4.69 -7.84 -9.16
N TRP A 10 -4.17 -7.76 -7.95
CA TRP A 10 -3.18 -6.77 -7.63
C TRP A 10 -2.11 -7.21 -6.64
N MET A 11 -1.23 -6.26 -6.40
CA MET A 11 -0.12 -6.37 -5.46
C MET A 11 0.38 -4.94 -5.24
N VAL A 12 -0.36 -4.21 -4.44
CA VAL A 12 -0.07 -2.79 -4.20
C VAL A 12 1.29 -2.54 -3.58
N GLN A 13 1.83 -1.38 -3.90
CA GLN A 13 3.11 -0.97 -3.37
C GLN A 13 3.09 0.52 -3.17
N CYS A 14 2.14 0.94 -2.35
CA CYS A 14 1.94 2.34 -2.03
C CYS A 14 2.77 2.73 -0.82
N GLY A 15 3.93 2.12 -0.70
CA GLY A 15 4.79 2.39 0.41
C GLY A 15 6.09 3.05 0.02
N SER A 16 7.10 2.88 0.86
CA SER A 16 8.43 3.43 0.63
C SER A 16 8.46 4.93 0.89
N PHE A 17 8.40 5.29 2.16
CA PHE A 17 8.45 6.69 2.55
C PHE A 17 9.60 6.97 3.49
N ARG A 18 10.42 7.98 3.15
CA ARG A 18 11.54 8.37 3.99
C ARG A 18 11.08 8.54 5.43
N GLY A 19 9.78 8.82 5.59
CA GLY A 19 9.19 8.98 6.89
C GLY A 19 9.09 7.68 7.65
N ALA A 20 10.24 7.00 7.81
CA ALA A 20 10.29 5.72 8.52
C ALA A 20 9.35 5.70 9.71
N GLU A 21 9.23 6.85 10.38
CA GLU A 21 8.34 6.97 11.52
C GLU A 21 6.90 6.96 11.04
N GLN A 22 6.61 7.78 10.04
CA GLN A 22 5.28 7.85 9.46
C GLN A 22 4.95 6.50 8.84
N ALA A 23 5.93 5.90 8.18
CA ALA A 23 5.77 4.61 7.54
C ALA A 23 5.26 3.56 8.53
N GLU A 24 5.86 3.54 9.72
CA GLU A 24 5.44 2.60 10.75
C GLU A 24 3.98 2.83 11.10
N THR A 25 3.63 4.09 11.36
CA THR A 25 2.26 4.45 11.67
C THR A 25 1.38 4.28 10.44
N VAL A 26 1.99 4.43 9.27
CA VAL A 26 1.29 4.29 8.01
C VAL A 26 0.86 2.83 7.81
N ARG A 27 1.75 1.90 8.14
CA ARG A 27 1.45 0.48 8.02
C ARG A 27 0.24 0.12 8.87
N ALA A 28 0.22 0.63 10.10
CA ALA A 28 -0.89 0.36 11.01
C ALA A 28 -2.14 1.11 10.56
N GLN A 29 -1.96 2.33 10.08
CA GLN A 29 -3.08 3.14 9.63
C GLN A 29 -3.80 2.44 8.47
N LEU A 30 -3.04 1.81 7.59
CA LEU A 30 -3.61 1.09 6.46
C LEU A 30 -4.55 0.01 6.97
N ALA A 31 -4.08 -0.76 7.93
CA ALA A 31 -4.90 -1.82 8.51
C ALA A 31 -5.95 -1.25 9.46
N PHE A 32 -5.67 -0.08 10.01
CA PHE A 32 -6.60 0.56 10.93
C PHE A 32 -7.71 1.27 10.16
N GLU A 33 -7.37 1.81 9.00
CA GLU A 33 -8.35 2.52 8.17
C GLU A 33 -9.27 1.54 7.45
N GLY A 34 -8.88 0.27 7.41
CA GLY A 34 -9.69 -0.74 6.76
C GLY A 34 -8.99 -1.36 5.56
N PHE A 35 -7.68 -1.16 5.46
CA PHE A 35 -6.91 -1.72 4.36
C PHE A 35 -5.53 -2.15 4.83
N ASP A 36 -5.49 -3.29 5.50
CA ASP A 36 -4.25 -3.84 6.04
C ASP A 36 -3.23 -4.15 4.96
N SER A 37 -2.18 -3.34 4.92
CA SER A 37 -1.08 -3.51 3.97
C SER A 37 0.11 -4.12 4.70
N LYS A 38 0.98 -4.78 3.97
CA LYS A 38 2.18 -5.39 4.54
C LYS A 38 3.32 -4.38 4.53
N ILE A 39 4.05 -4.29 5.64
CA ILE A 39 5.16 -3.34 5.75
C ILE A 39 6.51 -4.04 5.67
N THR A 40 7.53 -3.28 5.27
CA THR A 40 8.89 -3.80 5.14
C THR A 40 9.80 -2.75 4.52
N THR A 41 11.05 -2.69 4.97
CA THR A 41 12.01 -1.73 4.44
C THR A 41 12.97 -2.41 3.47
N ASN A 42 13.49 -1.66 2.51
CA ASN A 42 14.42 -2.22 1.54
C ASN A 42 15.04 -1.14 0.66
N ASN A 43 14.20 -0.27 0.12
CA ASN A 43 14.67 0.82 -0.74
C ASN A 43 15.23 1.97 0.10
N GLY A 44 15.44 1.71 1.38
CA GLY A 44 15.95 2.73 2.27
C GLY A 44 14.88 3.17 3.25
N TRP A 45 13.63 3.11 2.79
CA TRP A 45 12.49 3.50 3.59
C TRP A 45 11.46 2.38 3.60
N ASN A 46 10.54 2.46 4.56
CA ASN A 46 9.49 1.45 4.70
C ASN A 46 8.70 1.32 3.41
N ARG A 47 8.92 0.20 2.69
CA ARG A 47 8.24 -0.04 1.42
C ARG A 47 6.92 -0.78 1.60
N VAL A 48 5.91 -0.05 2.06
CA VAL A 48 4.57 -0.61 2.27
C VAL A 48 4.06 -1.31 1.01
N VAL A 49 3.27 -2.35 1.24
CA VAL A 49 2.65 -3.15 0.17
C VAL A 49 1.59 -4.05 0.79
N ILE A 50 0.46 -4.26 0.11
CA ILE A 50 -0.57 -5.15 0.65
C ILE A 50 -0.58 -6.47 -0.10
N GLY A 51 -0.96 -7.54 0.59
CA GLY A 51 -1.02 -8.83 -0.07
C GLY A 51 -1.73 -8.73 -1.40
N PRO A 52 -1.46 -9.64 -2.35
CA PRO A 52 -2.09 -9.60 -3.66
C PRO A 52 -3.59 -9.28 -3.57
N VAL A 53 -3.93 -8.02 -3.83
CA VAL A 53 -5.32 -7.56 -3.76
C VAL A 53 -6.06 -7.85 -5.07
N LYS A 54 -7.29 -7.36 -5.17
CA LYS A 54 -8.09 -7.58 -6.37
C LYS A 54 -8.38 -6.26 -7.09
N GLY A 55 -8.38 -6.31 -8.42
CA GLY A 55 -8.64 -5.12 -9.21
C GLY A 55 -10.12 -4.86 -9.39
N LYS A 56 -10.56 -3.69 -8.98
CA LYS A 56 -11.97 -3.31 -9.09
C LYS A 56 -12.25 -1.99 -8.38
N GLU A 57 -11.74 -1.86 -7.15
CA GLU A 57 -11.97 -0.65 -6.37
C GLU A 57 -11.25 -0.69 -5.02
N ASN A 58 -10.95 -1.88 -4.54
CA ASN A 58 -10.27 -2.03 -3.25
C ASN A 58 -8.88 -1.41 -3.30
N ALA A 59 -8.01 -2.01 -4.12
CA ALA A 59 -6.65 -1.50 -4.27
C ALA A 59 -6.67 -0.01 -4.61
N ASP A 60 -7.66 0.38 -5.44
CA ASP A 60 -7.81 1.78 -5.84
C ASP A 60 -8.23 2.63 -4.66
N SER A 61 -9.30 2.21 -3.98
CA SER A 61 -9.77 2.95 -2.81
C SER A 61 -8.67 2.99 -1.76
N THR A 62 -7.84 1.94 -1.76
CA THR A 62 -6.72 1.85 -0.84
C THR A 62 -5.75 2.98 -1.10
N LEU A 63 -5.48 3.25 -2.38
CA LEU A 63 -4.57 4.32 -2.77
C LEU A 63 -4.97 5.61 -2.07
N ASN A 64 -6.24 5.97 -2.19
CA ASN A 64 -6.77 7.15 -1.55
C ASN A 64 -6.75 6.97 -0.04
N ARG A 65 -6.86 5.71 0.38
CA ARG A 65 -6.85 5.37 1.81
C ARG A 65 -5.45 5.56 2.38
N LEU A 66 -4.43 5.23 1.59
CA LEU A 66 -3.04 5.39 2.02
C LEU A 66 -2.77 6.84 2.37
N LYS A 67 -3.54 7.75 1.76
CA LYS A 67 -3.42 9.16 2.08
C LYS A 67 -3.91 9.39 3.51
N MET A 68 -4.78 8.46 3.96
CA MET A 68 -5.33 8.50 5.31
C MET A 68 -4.26 8.13 6.32
N ALA A 69 -3.36 7.26 5.91
CA ALA A 69 -2.27 6.80 6.76
C ALA A 69 -1.19 7.86 6.91
N GLY A 70 -1.14 8.80 5.97
CA GLY A 70 -0.14 9.85 6.02
C GLY A 70 1.23 9.37 5.61
N HIS A 71 1.40 9.14 4.31
CA HIS A 71 2.67 8.66 3.79
C HIS A 71 3.06 9.41 2.52
N THR A 72 4.33 9.28 2.12
CA THR A 72 4.81 9.94 0.91
C THR A 72 5.33 8.92 -0.12
N ASN A 73 4.63 8.79 -1.25
CA ASN A 73 5.00 7.87 -2.34
C ASN A 73 4.15 6.60 -2.32
N CYS A 74 3.34 6.43 -3.38
CA CYS A 74 2.48 5.25 -3.50
C CYS A 74 2.29 4.84 -4.97
N ILE A 75 2.05 3.54 -5.20
CA ILE A 75 1.85 3.03 -6.55
C ILE A 75 1.41 1.59 -6.51
N ARG A 76 0.19 1.32 -6.96
CA ARG A 76 -0.33 -0.03 -6.96
C ARG A 76 0.40 -0.88 -7.99
N LEU A 77 0.98 -1.99 -7.53
CA LEU A 77 1.69 -2.90 -8.42
C LEU A 77 0.78 -4.05 -8.81
N ALA A 78 0.42 -4.11 -10.08
CA ALA A 78 -0.46 -5.15 -10.57
C ALA A 78 0.30 -6.37 -11.02
N ALA A 79 -0.23 -7.55 -10.69
CA ALA A 79 0.39 -8.80 -11.05
C ALA A 79 0.35 -9.02 -12.55
N GLY A 80 -0.82 -9.39 -13.07
CA GLY A 80 -0.98 -9.62 -14.49
C GLY A 80 -2.16 -8.89 -15.07
N GLY A 81 -1.90 -7.96 -15.98
CA GLY A 81 -2.96 -7.20 -16.60
C GLY A 81 -3.49 -7.86 -17.86
N LYS A 5 -4.56 -5.53 -22.31
CA LYS A 5 -4.42 -4.73 -21.05
C LYS A 5 -4.78 -5.56 -19.84
N ASP A 6 -3.87 -6.44 -19.44
CA ASP A 6 -4.09 -7.30 -18.28
C ASP A 6 -3.81 -6.55 -16.98
N GLU A 7 -4.75 -6.63 -16.04
CA GLU A 7 -4.60 -5.95 -14.76
C GLU A 7 -5.36 -6.69 -13.66
N ARG A 8 -5.42 -8.02 -13.78
CA ARG A 8 -6.11 -8.85 -12.80
C ARG A 8 -5.37 -8.84 -11.47
N ARG A 9 -6.13 -8.93 -10.37
CA ARG A 9 -5.58 -8.93 -9.02
C ARG A 9 -4.49 -7.90 -8.83
N TRP A 10 -4.04 -7.80 -7.60
CA TRP A 10 -3.03 -6.82 -7.26
C TRP A 10 -2.15 -7.22 -6.10
N MET A 11 -1.19 -6.36 -5.85
CA MET A 11 -0.22 -6.47 -4.77
C MET A 11 0.30 -5.07 -4.50
N VAL A 12 -0.56 -4.27 -3.91
CA VAL A 12 -0.25 -2.85 -3.65
C VAL A 12 1.12 -2.65 -3.04
N GLN A 13 1.66 -1.45 -3.24
CA GLN A 13 2.95 -1.11 -2.68
C GLN A 13 3.13 0.39 -2.69
N CYS A 14 3.02 0.99 -1.52
CA CYS A 14 3.14 2.43 -1.40
C CYS A 14 4.41 2.96 -2.08
N GLY A 15 4.71 4.23 -1.85
CA GLY A 15 5.88 4.83 -2.46
C GLY A 15 7.10 4.77 -1.55
N SER A 16 7.14 3.75 -0.70
CA SER A 16 8.27 3.57 0.23
C SER A 16 8.72 4.91 0.79
N PHE A 17 8.27 5.25 2.00
CA PHE A 17 8.61 6.54 2.59
C PHE A 17 9.77 6.51 3.57
N ARG A 18 10.50 7.64 3.60
CA ARG A 18 11.62 7.82 4.51
C ARG A 18 11.10 7.89 5.94
N GLY A 19 9.80 8.09 6.05
CA GLY A 19 9.15 8.18 7.34
C GLY A 19 9.17 6.84 8.06
N ALA A 20 10.36 6.28 8.25
CA ALA A 20 10.52 4.98 8.91
C ALA A 20 9.55 4.84 10.07
N GLU A 21 9.39 5.91 10.83
CA GLU A 21 8.47 5.90 11.96
C GLU A 21 7.05 6.00 11.44
N GLN A 22 6.85 6.85 10.44
CA GLN A 22 5.55 7.01 9.82
C GLN A 22 5.20 5.74 9.06
N ALA A 23 6.19 5.21 8.34
CA ALA A 23 6.04 3.99 7.56
C ALA A 23 5.52 2.85 8.43
N GLU A 24 6.15 2.66 9.59
CA GLU A 24 5.70 1.61 10.51
C GLU A 24 4.28 1.91 10.95
N THR A 25 4.00 3.19 11.13
CA THR A 25 2.67 3.64 11.49
C THR A 25 1.78 3.57 10.26
N VAL A 26 2.38 3.73 9.09
CA VAL A 26 1.66 3.66 7.83
C VAL A 26 1.10 2.26 7.65
N ARG A 27 1.89 1.27 8.02
CA ARG A 27 1.47 -0.12 7.93
C ARG A 27 0.23 -0.35 8.77
N ALA A 28 0.35 -0.09 10.07
CA ALA A 28 -0.78 -0.25 10.97
C ALA A 28 -1.89 0.70 10.58
N GLN A 29 -1.51 1.86 10.03
CA GLN A 29 -2.48 2.85 9.59
C GLN A 29 -3.33 2.32 8.45
N LEU A 30 -2.67 1.75 7.45
CA LEU A 30 -3.38 1.18 6.31
C LEU A 30 -4.46 0.23 6.79
N ALA A 31 -4.16 -0.52 7.85
CA ALA A 31 -5.11 -1.45 8.43
C ALA A 31 -6.10 -0.73 9.33
N PHE A 32 -5.66 0.36 9.93
CA PHE A 32 -6.51 1.14 10.81
C PHE A 32 -7.45 2.04 10.03
N GLU A 33 -7.09 2.37 8.79
CA GLU A 33 -7.93 3.22 7.97
C GLU A 33 -8.95 2.40 7.17
N GLY A 34 -8.80 1.07 7.16
CA GLY A 34 -9.74 0.23 6.44
C GLY A 34 -9.10 -0.61 5.35
N PHE A 35 -7.77 -0.69 5.35
CA PHE A 35 -7.06 -1.47 4.34
C PHE A 35 -5.85 -2.17 4.96
N ASP A 36 -6.09 -3.32 5.59
CA ASP A 36 -5.04 -4.10 6.25
C ASP A 36 -3.83 -4.36 5.35
N SER A 37 -2.93 -3.39 5.29
CA SER A 37 -1.70 -3.51 4.49
C SER A 37 -0.59 -4.18 5.28
N LYS A 38 0.52 -4.37 4.61
CA LYS A 38 1.71 -4.98 5.19
C LYS A 38 2.92 -4.06 4.99
N ILE A 39 3.94 -4.25 5.81
CA ILE A 39 5.15 -3.43 5.73
C ILE A 39 6.31 -4.17 5.07
N THR A 40 7.24 -3.41 4.50
CA THR A 40 8.42 -3.97 3.85
C THR A 40 9.45 -2.88 3.61
N THR A 41 10.68 -3.29 3.38
CA THR A 41 11.78 -2.35 3.14
C THR A 41 12.28 -2.43 1.70
N ASN A 42 12.52 -1.27 1.09
CA ASN A 42 13.00 -1.22 -0.28
C ASN A 42 13.26 0.21 -0.72
N ASN A 43 14.31 0.40 -1.52
CA ASN A 43 14.68 1.73 -2.01
C ASN A 43 15.19 2.62 -0.89
N GLY A 44 15.38 2.05 0.30
CA GLY A 44 15.87 2.81 1.42
C GLY A 44 14.78 3.13 2.42
N TRP A 45 13.53 3.12 1.96
CA TRP A 45 12.40 3.42 2.82
C TRP A 45 11.46 2.22 2.93
N ASN A 46 10.48 2.36 3.81
CA ASN A 46 9.50 1.30 4.05
C ASN A 46 8.50 1.21 2.90
N ARG A 47 8.57 0.13 2.14
CA ARG A 47 7.70 -0.07 0.99
C ARG A 47 6.45 -0.87 1.34
N VAL A 48 5.48 -0.19 1.95
CA VAL A 48 4.20 -0.80 2.32
C VAL A 48 3.68 -1.69 1.20
N VAL A 49 2.80 -2.60 1.56
CA VAL A 49 2.19 -3.53 0.61
C VAL A 49 1.05 -4.29 1.30
N ILE A 50 -0.05 -4.53 0.60
CA ILE A 50 -1.17 -5.26 1.21
C ILE A 50 -1.32 -6.60 0.55
N GLY A 51 -0.33 -7.47 0.76
CA GLY A 51 -0.36 -8.79 0.15
C GLY A 51 -0.91 -8.73 -1.26
N PRO A 52 -1.50 -9.81 -1.78
CA PRO A 52 -2.07 -9.82 -3.10
C PRO A 52 -3.56 -9.47 -3.07
N VAL A 53 -3.88 -8.22 -3.40
CA VAL A 53 -5.27 -7.75 -3.40
C VAL A 53 -5.96 -8.07 -4.71
N LYS A 54 -7.22 -7.69 -4.80
CA LYS A 54 -8.01 -7.94 -6.01
C LYS A 54 -8.98 -6.78 -6.27
N GLY A 55 -9.26 -6.54 -7.55
CA GLY A 55 -10.17 -5.47 -7.91
C GLY A 55 -9.45 -4.13 -7.99
N LYS A 56 -9.12 -3.73 -9.21
CA LYS A 56 -8.42 -2.47 -9.45
C LYS A 56 -8.95 -1.35 -8.57
N GLU A 57 -10.24 -1.38 -8.27
CA GLU A 57 -10.86 -0.36 -7.44
C GLU A 57 -10.41 -0.47 -5.99
N ASN A 58 -10.32 -1.69 -5.48
CA ASN A 58 -9.90 -1.91 -4.10
C ASN A 58 -8.49 -1.37 -3.88
N ALA A 59 -7.53 -1.94 -4.60
CA ALA A 59 -6.15 -1.50 -4.50
C ALA A 59 -6.04 -0.01 -4.82
N ASP A 60 -6.85 0.45 -5.78
CA ASP A 60 -6.85 1.85 -6.18
C ASP A 60 -7.38 2.72 -5.04
N SER A 61 -8.49 2.31 -4.45
CA SER A 61 -9.07 3.06 -3.34
C SER A 61 -8.07 3.16 -2.20
N THR A 62 -7.35 2.06 -1.97
CA THR A 62 -6.35 2.01 -0.92
C THR A 62 -5.31 3.11 -1.10
N LEU A 63 -4.93 3.38 -2.36
CA LEU A 63 -3.96 4.43 -2.64
C LEU A 63 -4.48 5.75 -2.08
N ASN A 64 -5.66 6.13 -2.52
CA ASN A 64 -6.30 7.35 -2.03
C ASN A 64 -6.57 7.19 -0.54
N ARG A 65 -6.73 5.95 -0.11
CA ARG A 65 -6.98 5.63 1.29
C ARG A 65 -5.69 5.81 2.09
N LEU A 66 -4.56 5.44 1.50
CA LEU A 66 -3.26 5.60 2.17
C LEU A 66 -3.09 7.06 2.56
N LYS A 67 -3.75 7.94 1.80
CA LYS A 67 -3.72 9.37 2.09
C LYS A 67 -4.61 9.62 3.31
N MET A 68 -5.67 8.82 3.41
CA MET A 68 -6.61 8.89 4.52
C MET A 68 -5.87 8.69 5.84
N ALA A 69 -4.71 8.05 5.75
CA ALA A 69 -3.88 7.77 6.91
C ALA A 69 -2.83 8.87 7.10
N GLY A 70 -1.90 8.97 6.15
CA GLY A 70 -0.86 9.99 6.24
C GLY A 70 0.51 9.44 5.89
N HIS A 71 0.81 9.36 4.60
CA HIS A 71 2.10 8.84 4.14
C HIS A 71 2.57 9.60 2.90
N THR A 72 3.88 9.63 2.65
CA THR A 72 4.42 10.35 1.49
C THR A 72 3.50 10.21 0.27
N ASN A 73 3.50 9.04 -0.38
CA ASN A 73 2.66 8.83 -1.55
C ASN A 73 2.01 7.43 -1.50
N CYS A 74 2.34 6.57 -2.48
CA CYS A 74 1.80 5.20 -2.57
C CYS A 74 1.54 4.79 -4.03
N ILE A 75 1.61 3.49 -4.32
CA ILE A 75 1.38 2.98 -5.66
C ILE A 75 0.82 1.57 -5.60
N ARG A 76 0.17 1.14 -6.67
CA ARG A 76 -0.39 -0.19 -6.74
C ARG A 76 0.51 -1.11 -7.55
N LEU A 77 1.07 -2.11 -6.88
CA LEU A 77 1.95 -3.07 -7.52
C LEU A 77 1.15 -4.28 -7.97
N ALA A 78 1.05 -4.47 -9.27
CA ALA A 78 0.27 -5.59 -9.81
C ALA A 78 1.10 -6.87 -9.87
N ALA A 79 0.45 -7.98 -9.53
CA ALA A 79 1.09 -9.28 -9.54
C ALA A 79 1.39 -9.74 -10.97
N GLY A 80 0.53 -9.34 -11.90
CA GLY A 80 0.73 -9.72 -13.29
C GLY A 80 1.65 -8.76 -14.03
N GLY A 81 2.28 -9.24 -15.10
CA GLY A 81 3.18 -8.41 -15.87
C GLY A 81 2.44 -7.35 -16.67
N LYS A 5 -10.64 -7.29 -20.25
CA LYS A 5 -10.20 -8.31 -19.25
C LYS A 5 -11.32 -8.63 -18.26
N ASP A 6 -11.06 -9.60 -17.39
CA ASP A 6 -12.05 -10.00 -16.40
C ASP A 6 -11.36 -10.57 -15.16
N GLU A 7 -12.03 -10.44 -14.01
CA GLU A 7 -11.49 -10.94 -12.75
C GLU A 7 -10.16 -10.26 -12.43
N ARG A 8 -10.14 -8.94 -12.53
CA ARG A 8 -8.94 -8.16 -12.25
C ARG A 8 -8.45 -8.41 -10.82
N ARG A 9 -7.14 -8.25 -10.62
CA ARG A 9 -6.54 -8.45 -9.31
C ARG A 9 -5.35 -7.55 -9.12
N TRP A 10 -4.82 -7.56 -7.91
CA TRP A 10 -3.71 -6.70 -7.57
C TRP A 10 -2.79 -7.26 -6.50
N MET A 11 -1.70 -6.52 -6.32
CA MET A 11 -0.67 -6.76 -5.33
C MET A 11 0.07 -5.44 -5.14
N VAL A 12 -0.51 -4.56 -4.36
CA VAL A 12 0.05 -3.23 -4.17
C VAL A 12 1.44 -3.27 -3.57
N GLN A 13 2.16 -2.18 -3.73
CA GLN A 13 3.50 -2.09 -3.19
C GLN A 13 3.90 -0.64 -3.02
N CYS A 14 3.30 -0.02 -2.02
CA CYS A 14 3.56 1.39 -1.73
C CYS A 14 5.05 1.63 -1.57
N GLY A 15 5.57 2.60 -2.32
CA GLY A 15 6.97 2.92 -2.24
C GLY A 15 7.43 3.09 -0.81
N SER A 16 8.72 3.31 -0.61
CA SER A 16 9.26 3.48 0.73
C SER A 16 9.41 4.97 1.05
N PHE A 17 8.77 5.40 2.14
CA PHE A 17 8.82 6.81 2.53
C PHE A 17 9.80 7.07 3.66
N ARG A 18 10.37 8.28 3.68
CA ARG A 18 11.31 8.67 4.73
C ARG A 18 10.58 8.95 6.03
N GLY A 19 9.25 9.00 5.94
CA GLY A 19 8.44 9.24 7.11
C GLY A 19 8.44 8.04 8.03
N ALA A 20 9.62 7.66 8.50
CA ALA A 20 9.78 6.51 9.39
C ALA A 20 8.62 6.39 10.36
N GLU A 21 8.10 7.53 10.79
CA GLU A 21 6.96 7.55 11.70
C GLU A 21 5.68 7.35 10.92
N GLN A 22 5.56 8.07 9.81
CA GLN A 22 4.40 7.97 8.94
C GLN A 22 4.40 6.63 8.23
N ALA A 23 5.59 6.05 8.05
CA ALA A 23 5.74 4.76 7.40
C ALA A 23 5.29 3.65 8.34
N GLU A 24 5.82 3.68 9.57
CA GLU A 24 5.44 2.70 10.58
C GLU A 24 3.96 2.89 10.90
N THR A 25 3.56 4.15 11.01
CA THR A 25 2.17 4.49 11.26
C THR A 25 1.36 4.12 10.03
N VAL A 26 2.02 4.16 8.87
CA VAL A 26 1.38 3.81 7.60
C VAL A 26 0.91 2.36 7.65
N ARG A 27 1.80 1.49 8.11
CA ARG A 27 1.51 0.06 8.21
C ARG A 27 0.34 -0.19 9.16
N ALA A 28 0.30 0.54 10.26
CA ALA A 28 -0.76 0.37 11.25
C ALA A 28 -2.03 1.10 10.82
N GLN A 29 -1.87 2.28 10.24
CA GLN A 29 -3.02 3.05 9.78
C GLN A 29 -3.73 2.33 8.64
N LEU A 30 -2.95 1.79 7.71
CA LEU A 30 -3.52 1.05 6.58
C LEU A 30 -4.39 -0.08 7.10
N ALA A 31 -3.90 -0.80 8.10
CA ALA A 31 -4.65 -1.90 8.68
C ALA A 31 -5.73 -1.38 9.63
N PHE A 32 -5.53 -0.17 10.14
CA PHE A 32 -6.49 0.44 11.05
C PHE A 32 -7.61 1.12 10.30
N GLU A 33 -7.31 1.58 9.09
CA GLU A 33 -8.31 2.26 8.26
C GLU A 33 -9.21 1.25 7.57
N GLY A 34 -8.76 0.01 7.49
CA GLY A 34 -9.54 -1.03 6.84
C GLY A 34 -8.81 -1.67 5.68
N PHE A 35 -7.50 -1.46 5.59
CA PHE A 35 -6.69 -2.04 4.53
C PHE A 35 -5.30 -2.38 5.02
N ASP A 36 -5.19 -3.55 5.67
CA ASP A 36 -3.94 -4.01 6.23
C ASP A 36 -2.92 -4.40 5.15
N SER A 37 -1.99 -3.49 4.88
CA SER A 37 -0.94 -3.71 3.90
C SER A 37 0.33 -4.17 4.63
N LYS A 38 0.99 -5.21 4.13
CA LYS A 38 2.21 -5.72 4.75
C LYS A 38 3.36 -4.72 4.63
N ILE A 39 3.98 -4.39 5.76
CA ILE A 39 5.08 -3.43 5.79
C ILE A 39 6.41 -4.09 5.42
N THR A 40 7.36 -3.27 4.98
CA THR A 40 8.68 -3.75 4.60
C THR A 40 9.63 -2.57 4.36
N THR A 41 10.92 -2.79 4.59
CA THR A 41 11.91 -1.74 4.40
C THR A 41 12.71 -1.97 3.11
N ASN A 42 12.95 -0.90 2.36
CA ASN A 42 13.71 -1.00 1.12
C ASN A 42 13.88 0.37 0.47
N ASN A 43 14.96 0.53 -0.29
CA ASN A 43 15.25 1.79 -0.98
C ASN A 43 15.67 2.88 0.01
N GLY A 44 15.85 2.50 1.27
CA GLY A 44 16.27 3.47 2.27
C GLY A 44 15.13 3.92 3.17
N TRP A 45 13.89 3.68 2.74
CA TRP A 45 12.73 4.08 3.51
C TRP A 45 11.78 2.91 3.69
N ASN A 46 10.79 3.11 4.55
CA ASN A 46 9.78 2.09 4.83
C ASN A 46 8.76 1.98 3.70
N ARG A 47 8.68 0.81 3.08
CA ARG A 47 7.74 0.58 1.97
C ARG A 47 6.75 -0.53 2.31
N VAL A 48 5.47 -0.22 2.25
CA VAL A 48 4.43 -1.19 2.55
C VAL A 48 3.83 -1.80 1.28
N VAL A 49 3.22 -2.96 1.46
CA VAL A 49 2.58 -3.70 0.37
C VAL A 49 1.44 -4.53 0.94
N ILE A 50 0.37 -4.72 0.19
CA ILE A 50 -0.76 -5.51 0.68
C ILE A 50 -0.89 -6.81 -0.09
N GLY A 51 -1.36 -7.86 0.58
CA GLY A 51 -1.54 -9.13 -0.08
C GLY A 51 -2.26 -8.95 -1.40
N PRO A 52 -2.22 -9.93 -2.31
CA PRO A 52 -2.88 -9.83 -3.60
C PRO A 52 -4.31 -9.32 -3.45
N VAL A 53 -4.51 -8.05 -3.75
CA VAL A 53 -5.82 -7.42 -3.64
C VAL A 53 -6.61 -7.51 -4.95
N LYS A 54 -7.74 -6.83 -5.01
CA LYS A 54 -8.58 -6.84 -6.21
C LYS A 54 -8.62 -5.46 -6.86
N GLY A 55 -8.92 -5.45 -8.16
CA GLY A 55 -8.99 -4.20 -8.89
C GLY A 55 -10.37 -3.58 -8.87
N LYS A 56 -10.67 -2.80 -9.90
CA LYS A 56 -11.96 -2.12 -10.02
C LYS A 56 -11.97 -0.84 -9.18
N GLU A 57 -11.70 -0.99 -7.89
CA GLU A 57 -11.68 0.16 -6.99
C GLU A 57 -11.15 -0.20 -5.59
N ASN A 58 -10.61 -1.40 -5.44
CA ASN A 58 -10.08 -1.83 -4.15
C ASN A 58 -8.68 -1.26 -3.93
N ALA A 59 -7.72 -1.77 -4.69
CA ALA A 59 -6.35 -1.29 -4.60
C ALA A 59 -6.31 0.21 -4.82
N ASP A 60 -7.23 0.69 -5.66
CA ASP A 60 -7.33 2.12 -5.95
C ASP A 60 -7.86 2.88 -4.74
N SER A 61 -9.00 2.42 -4.21
CA SER A 61 -9.58 3.05 -3.03
C SER A 61 -8.57 2.98 -1.89
N THR A 62 -7.78 1.91 -1.90
CA THR A 62 -6.74 1.71 -0.91
C THR A 62 -5.74 2.86 -0.97
N LEU A 63 -5.49 3.33 -2.19
CA LEU A 63 -4.57 4.44 -2.38
C LEU A 63 -5.09 5.68 -1.65
N ASN A 64 -6.36 6.00 -1.90
CA ASN A 64 -6.99 7.13 -1.23
C ASN A 64 -6.94 6.90 0.27
N ARG A 65 -7.07 5.65 0.66
CA ARG A 65 -7.02 5.27 2.07
C ARG A 65 -5.59 5.43 2.57
N LEU A 66 -4.64 5.07 1.72
CA LEU A 66 -3.22 5.19 2.06
C LEU A 66 -2.89 6.62 2.45
N LYS A 67 -3.64 7.57 1.90
CA LYS A 67 -3.46 8.97 2.27
C LYS A 67 -3.80 9.13 3.75
N MET A 68 -4.65 8.21 4.25
CA MET A 68 -5.06 8.19 5.64
C MET A 68 -3.91 7.70 6.52
N ALA A 69 -3.02 6.92 5.91
CA ALA A 69 -1.88 6.36 6.62
C ALA A 69 -0.70 7.34 6.66
N GLY A 70 -0.60 8.20 5.65
CA GLY A 70 0.48 9.17 5.62
C GLY A 70 1.72 8.62 4.96
N HIS A 71 1.71 8.60 3.62
CA HIS A 71 2.84 8.09 2.86
C HIS A 71 3.35 9.14 1.87
N THR A 72 4.65 9.16 1.64
CA THR A 72 5.23 10.13 0.70
C THR A 72 5.26 9.60 -0.74
N ASN A 73 4.51 8.53 -1.01
CA ASN A 73 4.47 7.96 -2.37
C ASN A 73 3.35 6.91 -2.53
N CYS A 74 3.72 5.62 -2.53
CA CYS A 74 2.77 4.51 -2.70
C CYS A 74 2.51 4.20 -4.17
N ILE A 75 2.17 2.94 -4.45
CA ILE A 75 1.88 2.52 -5.82
C ILE A 75 1.23 1.15 -5.79
N ARG A 76 0.41 0.89 -6.79
CA ARG A 76 -0.28 -0.38 -6.88
C ARG A 76 0.39 -1.28 -7.90
N LEU A 77 0.91 -2.41 -7.41
CA LEU A 77 1.57 -3.37 -8.26
C LEU A 77 0.58 -4.46 -8.68
N ALA A 78 0.33 -4.55 -9.96
CA ALA A 78 -0.62 -5.54 -10.46
C ALA A 78 0.03 -6.86 -10.80
N ALA A 79 -0.58 -7.95 -10.35
CA ALA A 79 -0.07 -9.29 -10.58
C ALA A 79 -0.05 -9.61 -12.08
N GLY A 80 -1.02 -9.07 -12.81
CA GLY A 80 -1.09 -9.31 -14.24
C GLY A 80 -0.57 -8.14 -15.05
N GLY A 81 -1.49 -7.31 -15.53
CA GLY A 81 -1.11 -6.15 -16.32
C GLY A 81 -1.28 -4.85 -15.57
N LYS A 5 -9.93 -8.59 -21.92
CA LYS A 5 -9.76 -9.73 -20.98
C LYS A 5 -8.46 -9.61 -20.19
N ASP A 6 -8.41 -10.27 -19.03
CA ASP A 6 -7.22 -10.23 -18.18
C ASP A 6 -6.91 -8.80 -17.74
N GLU A 7 -7.59 -8.36 -16.68
CA GLU A 7 -7.39 -7.03 -16.15
C GLU A 7 -7.97 -6.91 -14.75
N ARG A 8 -7.51 -7.77 -13.85
CA ARG A 8 -7.99 -7.77 -12.47
C ARG A 8 -6.91 -8.26 -11.52
N ARG A 9 -7.12 -8.00 -10.24
CA ARG A 9 -6.18 -8.41 -9.18
C ARG A 9 -5.05 -7.42 -9.05
N TRP A 10 -4.37 -7.47 -7.91
CA TRP A 10 -3.29 -6.54 -7.64
C TRP A 10 -2.27 -7.06 -6.64
N MET A 11 -1.29 -6.20 -6.44
CA MET A 11 -0.21 -6.39 -5.49
C MET A 11 0.34 -5.01 -5.17
N VAL A 12 -0.45 -4.27 -4.43
CA VAL A 12 -0.15 -2.89 -4.08
C VAL A 12 1.20 -2.70 -3.44
N GLN A 13 1.75 -1.50 -3.62
CA GLN A 13 3.02 -1.13 -3.04
C GLN A 13 3.05 0.36 -2.83
N CYS A 14 2.13 0.80 -1.98
CA CYS A 14 2.01 2.22 -1.67
C CYS A 14 2.83 2.57 -0.45
N GLY A 15 4.05 2.06 -0.41
CA GLY A 15 4.91 2.34 0.72
C GLY A 15 6.26 2.88 0.32
N SER A 16 7.19 2.82 1.26
CA SER A 16 8.56 3.28 1.03
C SER A 16 8.64 4.80 1.15
N PHE A 17 8.42 5.29 2.36
CA PHE A 17 8.48 6.72 2.63
C PHE A 17 9.62 7.06 3.57
N ARG A 18 10.35 8.13 3.25
CA ARG A 18 11.45 8.58 4.11
C ARG A 18 11.00 8.66 5.56
N GLY A 19 9.69 8.84 5.74
CA GLY A 19 9.12 8.92 7.06
C GLY A 19 9.11 7.56 7.74
N ALA A 20 10.31 6.99 7.91
CA ALA A 20 10.47 5.68 8.53
C ALA A 20 9.51 5.49 9.70
N GLU A 21 9.35 6.53 10.50
CA GLU A 21 8.45 6.47 11.64
C GLU A 21 7.02 6.54 11.15
N GLN A 22 6.76 7.44 10.21
CA GLN A 22 5.43 7.59 9.64
C GLN A 22 5.06 6.31 8.89
N ALA A 23 6.07 5.68 8.30
CA ALA A 23 5.88 4.46 7.56
C ALA A 23 5.33 3.35 8.44
N GLU A 24 6.00 3.11 9.57
CA GLU A 24 5.54 2.10 10.51
C GLU A 24 4.11 2.38 10.93
N THR A 25 3.84 3.65 11.25
CA THR A 25 2.50 4.06 11.64
C THR A 25 1.58 4.00 10.42
N VAL A 26 2.15 4.28 9.25
CA VAL A 26 1.42 4.24 8.01
C VAL A 26 0.91 2.83 7.75
N ARG A 27 1.77 1.85 8.02
CA ARG A 27 1.40 0.45 7.84
C ARG A 27 0.17 0.13 8.68
N ALA A 28 0.29 0.33 9.99
CA ALA A 28 -0.82 0.10 10.89
C ALA A 28 -2.01 0.97 10.50
N GLN A 29 -1.71 2.09 9.83
CA GLN A 29 -2.74 3.01 9.38
C GLN A 29 -3.49 2.41 8.19
N LEU A 30 -2.77 1.66 7.35
CA LEU A 30 -3.41 1.02 6.21
C LEU A 30 -4.45 0.03 6.71
N ALA A 31 -4.07 -0.72 7.73
CA ALA A 31 -4.96 -1.70 8.34
C ALA A 31 -5.96 -1.02 9.26
N PHE A 32 -5.52 0.05 9.91
CA PHE A 32 -6.37 0.79 10.83
C PHE A 32 -7.35 1.69 10.07
N GLU A 33 -6.97 2.10 8.87
CA GLU A 33 -7.82 2.96 8.06
C GLU A 33 -8.87 2.15 7.30
N GLY A 34 -8.66 0.83 7.20
CA GLY A 34 -9.61 -0.01 6.50
C GLY A 34 -9.00 -0.78 5.35
N PHE A 35 -7.68 -0.96 5.39
CA PHE A 35 -6.98 -1.68 4.33
C PHE A 35 -5.69 -2.32 4.85
N ASP A 36 -5.84 -3.49 5.48
CA ASP A 36 -4.71 -4.21 6.07
C ASP A 36 -3.54 -4.42 5.10
N SER A 37 -2.63 -3.45 5.06
CA SER A 37 -1.44 -3.53 4.22
C SER A 37 -0.29 -4.21 4.96
N LYS A 38 0.79 -4.42 4.24
CA LYS A 38 1.99 -5.05 4.81
C LYS A 38 3.19 -4.11 4.73
N ILE A 39 4.18 -4.35 5.58
CA ILE A 39 5.38 -3.51 5.62
C ILE A 39 6.63 -4.28 5.20
N THR A 40 7.63 -3.56 4.71
CA THR A 40 8.89 -4.15 4.28
C THR A 40 9.91 -3.06 3.94
N THR A 41 11.05 -3.08 4.61
CA THR A 41 12.10 -2.08 4.36
C THR A 41 12.60 -2.17 2.93
N ASN A 42 12.88 -1.02 2.32
CA ASN A 42 13.37 -0.98 0.94
C ASN A 42 13.64 0.45 0.49
N ASN A 43 14.66 0.61 -0.36
CA ASN A 43 15.03 1.93 -0.87
C ASN A 43 15.48 2.86 0.25
N GLY A 44 15.72 2.29 1.43
CA GLY A 44 16.16 3.09 2.56
C GLY A 44 15.02 3.43 3.51
N TRP A 45 13.79 3.41 2.98
CA TRP A 45 12.62 3.72 3.78
C TRP A 45 11.70 2.52 3.88
N ASN A 46 10.74 2.64 4.79
CA ASN A 46 9.78 1.56 5.04
C ASN A 46 8.84 1.36 3.85
N ARG A 47 9.02 0.26 3.13
CA ARG A 47 8.17 -0.05 1.99
C ARG A 47 6.86 -0.68 2.46
N VAL A 48 5.83 -0.57 1.64
CA VAL A 48 4.52 -1.12 1.98
C VAL A 48 3.97 -1.94 0.82
N VAL A 49 3.03 -2.82 1.15
CA VAL A 49 2.38 -3.68 0.18
C VAL A 49 1.25 -4.43 0.87
N ILE A 50 0.12 -4.61 0.19
CA ILE A 50 -0.99 -5.35 0.79
C ILE A 50 -1.19 -6.65 0.06
N GLY A 51 -0.18 -7.51 0.15
CA GLY A 51 -0.22 -8.79 -0.52
C GLY A 51 -0.84 -8.69 -1.89
N PRO A 52 -1.37 -9.79 -2.44
CA PRO A 52 -2.01 -9.74 -3.75
C PRO A 52 -3.47 -9.33 -3.62
N VAL A 53 -3.74 -8.05 -3.85
CA VAL A 53 -5.10 -7.52 -3.73
C VAL A 53 -5.93 -7.91 -4.95
N LYS A 54 -7.20 -7.54 -4.94
CA LYS A 54 -8.08 -7.86 -6.05
C LYS A 54 -9.43 -7.17 -5.92
N GLY A 55 -9.93 -6.66 -7.03
CA GLY A 55 -11.21 -5.97 -7.02
C GLY A 55 -11.30 -4.87 -8.05
N LYS A 56 -10.14 -4.33 -8.46
CA LYS A 56 -10.10 -3.25 -9.44
C LYS A 56 -10.70 -1.97 -8.87
N GLU A 57 -10.95 -1.96 -7.56
CA GLU A 57 -11.52 -0.80 -6.90
C GLU A 57 -10.99 -0.68 -5.48
N ASN A 58 -10.92 -1.81 -4.77
CA ASN A 58 -10.41 -1.82 -3.41
C ASN A 58 -8.99 -1.28 -3.37
N ALA A 59 -8.09 -1.97 -4.06
CA ALA A 59 -6.70 -1.53 -4.13
C ALA A 59 -6.63 -0.08 -4.61
N ASP A 60 -7.48 0.24 -5.58
CA ASP A 60 -7.55 1.58 -6.14
C ASP A 60 -7.89 2.58 -5.05
N SER A 61 -8.96 2.31 -4.31
CA SER A 61 -9.38 3.18 -3.23
C SER A 61 -8.30 3.19 -2.15
N THR A 62 -7.76 2.01 -1.88
CA THR A 62 -6.70 1.87 -0.89
C THR A 62 -5.54 2.79 -1.21
N LEU A 63 -5.27 2.97 -2.50
CA LEU A 63 -4.20 3.86 -2.94
C LEU A 63 -4.45 5.25 -2.40
N ASN A 64 -5.64 5.77 -2.67
CA ASN A 64 -6.04 7.07 -2.18
C ASN A 64 -6.26 7.01 -0.67
N ARG A 65 -6.60 5.81 -0.20
CA ARG A 65 -6.82 5.58 1.22
C ARG A 65 -5.50 5.66 1.97
N LEU A 66 -4.41 5.24 1.32
CA LEU A 66 -3.08 5.34 1.91
C LEU A 66 -2.79 6.79 2.27
N LYS A 67 -3.47 7.70 1.59
CA LYS A 67 -3.33 9.11 1.88
C LYS A 67 -4.01 9.38 3.24
N MET A 68 -5.03 8.56 3.52
CA MET A 68 -5.77 8.63 4.78
C MET A 68 -4.88 8.24 5.95
N ALA A 69 -3.80 7.52 5.65
CA ALA A 69 -2.86 7.07 6.66
C ALA A 69 -1.77 8.11 6.90
N GLY A 70 -1.41 8.84 5.86
CA GLY A 70 -0.37 9.86 6.00
C GLY A 70 1.00 9.30 5.66
N HIS A 71 1.30 9.21 4.36
CA HIS A 71 2.58 8.70 3.90
C HIS A 71 3.05 9.43 2.66
N THR A 72 4.32 9.24 2.28
CA THR A 72 4.86 9.88 1.09
C THR A 72 5.37 8.85 0.07
N ASN A 73 4.57 8.63 -1.00
CA ASN A 73 4.89 7.69 -2.08
C ASN A 73 3.98 6.46 -2.07
N CYS A 74 3.17 6.32 -3.11
CA CYS A 74 2.24 5.18 -3.23
C CYS A 74 2.02 4.80 -4.70
N ILE A 75 1.75 3.51 -4.97
CA ILE A 75 1.52 3.07 -6.34
C ILE A 75 0.99 1.64 -6.38
N ARG A 76 -0.22 1.47 -6.89
CA ARG A 76 -0.82 0.15 -7.02
C ARG A 76 0.01 -0.70 -7.96
N LEU A 77 0.68 -1.71 -7.41
CA LEU A 77 1.50 -2.61 -8.20
C LEU A 77 0.68 -3.80 -8.66
N ALA A 78 0.41 -3.87 -9.95
CA ALA A 78 -0.38 -4.95 -10.51
C ALA A 78 0.46 -6.18 -10.80
N ALA A 79 -0.20 -7.34 -10.82
CA ALA A 79 0.48 -8.60 -11.08
C ALA A 79 0.50 -8.91 -12.57
N GLY A 80 1.64 -8.63 -13.21
CA GLY A 80 1.78 -8.89 -14.63
C GLY A 80 2.43 -10.23 -14.92
N GLY A 81 1.62 -11.19 -15.35
CA GLY A 81 2.14 -12.51 -15.65
C GLY A 81 1.17 -13.35 -16.46
N LYS A 5 -3.58 -5.07 -21.65
CA LYS A 5 -4.66 -4.57 -20.76
C LYS A 5 -4.69 -5.35 -19.44
N ASP A 6 -4.08 -4.77 -18.41
CA ASP A 6 -4.04 -5.42 -17.10
C ASP A 6 -5.20 -4.96 -16.23
N GLU A 7 -5.80 -5.90 -15.51
CA GLU A 7 -6.92 -5.60 -14.64
C GLU A 7 -7.37 -6.84 -13.87
N ARG A 8 -6.41 -7.64 -13.44
CA ARG A 8 -6.70 -8.86 -12.69
C ARG A 8 -5.83 -8.97 -11.45
N ARG A 9 -6.46 -8.99 -10.28
CA ARG A 9 -5.75 -9.09 -9.01
C ARG A 9 -4.67 -8.04 -8.88
N TRP A 10 -4.09 -7.97 -7.70
CA TRP A 10 -3.09 -6.96 -7.43
C TRP A 10 -2.00 -7.41 -6.47
N MET A 11 -1.09 -6.48 -6.27
CA MET A 11 0.05 -6.58 -5.37
C MET A 11 0.52 -5.16 -5.12
N VAL A 12 -0.35 -4.43 -4.46
CA VAL A 12 -0.15 -3.01 -4.20
C VAL A 12 1.17 -2.69 -3.53
N GLN A 13 1.66 -1.48 -3.82
CA GLN A 13 2.89 -1.00 -3.24
C GLN A 13 2.75 0.49 -2.99
N CYS A 14 1.76 0.80 -2.17
CA CYS A 14 1.45 2.17 -1.80
C CYS A 14 2.25 2.60 -0.59
N GLY A 15 3.54 2.33 -0.60
CA GLY A 15 4.36 2.69 0.53
C GLY A 15 5.73 3.22 0.15
N SER A 16 6.68 3.05 1.06
CA SER A 16 8.04 3.51 0.85
C SER A 16 8.16 4.99 1.19
N PHE A 17 7.98 5.29 2.47
CA PHE A 17 8.07 6.67 2.93
C PHE A 17 9.30 6.90 3.80
N ARG A 18 10.04 7.96 3.50
CA ARG A 18 11.21 8.32 4.29
C ARG A 18 10.83 8.38 5.77
N GLY A 19 9.54 8.57 6.02
CA GLY A 19 9.03 8.62 7.36
C GLY A 19 9.07 7.26 8.03
N ALA A 20 10.27 6.67 8.09
CA ALA A 20 10.46 5.34 8.68
C ALA A 20 9.65 5.18 9.95
N GLU A 21 9.71 6.18 10.81
CA GLU A 21 8.96 6.14 12.06
C GLU A 21 7.47 6.15 11.75
N GLN A 22 7.07 6.98 10.81
CA GLN A 22 5.68 7.04 10.39
C GLN A 22 5.32 5.72 9.74
N ALA A 23 6.15 5.31 8.78
CA ALA A 23 5.97 4.06 8.06
C ALA A 23 5.57 2.93 9.00
N GLU A 24 6.18 2.91 10.18
CA GLU A 24 5.86 1.88 11.16
C GLU A 24 4.40 2.02 11.59
N THR A 25 4.00 3.26 11.86
CA THR A 25 2.63 3.54 12.23
C THR A 25 1.73 3.42 11.01
N VAL A 26 2.32 3.69 9.84
CA VAL A 26 1.59 3.59 8.58
C VAL A 26 1.17 2.15 8.32
N ARG A 27 2.02 1.21 8.74
CA ARG A 27 1.72 -0.21 8.58
C ARG A 27 0.42 -0.53 9.30
N ALA A 28 0.23 0.08 10.46
CA ALA A 28 -0.98 -0.11 11.23
C ALA A 28 -2.06 0.82 10.72
N GLN A 29 -1.65 2.02 10.30
CA GLN A 29 -2.57 3.01 9.77
C GLN A 29 -3.25 2.50 8.51
N LEU A 30 -2.47 1.84 7.65
CA LEU A 30 -3.00 1.29 6.41
C LEU A 30 -4.12 0.31 6.73
N ALA A 31 -3.92 -0.49 7.77
CA ALA A 31 -4.91 -1.46 8.20
C ALA A 31 -5.99 -0.78 9.04
N PHE A 32 -5.62 0.27 9.75
CA PHE A 32 -6.55 1.02 10.59
C PHE A 32 -7.46 1.90 9.74
N GLU A 33 -6.94 2.34 8.59
CA GLU A 33 -7.73 3.19 7.71
C GLU A 33 -8.73 2.37 6.90
N GLY A 34 -8.54 1.05 6.89
CA GLY A 34 -9.46 0.18 6.15
C GLY A 34 -8.76 -0.62 5.06
N PHE A 35 -7.44 -0.58 5.03
CA PHE A 35 -6.68 -1.30 4.03
C PHE A 35 -5.42 -1.94 4.62
N ASP A 36 -5.60 -3.13 5.20
CA ASP A 36 -4.50 -3.86 5.84
C ASP A 36 -3.35 -4.16 4.88
N SER A 37 -2.40 -3.23 4.80
CA SER A 37 -1.21 -3.40 3.95
C SER A 37 -0.06 -3.94 4.79
N LYS A 38 0.90 -4.59 4.12
CA LYS A 38 2.07 -5.13 4.81
C LYS A 38 3.33 -4.38 4.36
N ILE A 39 3.96 -3.68 5.31
CA ILE A 39 5.14 -2.88 5.00
C ILE A 39 6.41 -3.72 4.83
N THR A 40 7.41 -3.11 4.20
CA THR A 40 8.70 -3.75 3.95
C THR A 40 9.70 -2.74 3.40
N THR A 41 10.80 -2.53 4.11
CA THR A 41 11.83 -1.58 3.70
C THR A 41 12.80 -2.21 2.69
N ASN A 42 13.37 -1.38 1.82
CA ASN A 42 14.32 -1.88 0.82
C ASN A 42 14.88 -0.74 -0.02
N ASN A 43 14.01 0.17 -0.44
CA ASN A 43 14.43 1.32 -1.24
C ASN A 43 14.99 2.42 -0.35
N GLY A 44 15.22 2.10 0.91
CA GLY A 44 15.72 3.08 1.85
C GLY A 44 14.69 3.40 2.91
N TRP A 45 13.42 3.35 2.50
CA TRP A 45 12.32 3.61 3.40
C TRP A 45 11.35 2.45 3.40
N ASN A 46 10.45 2.47 4.36
CA ASN A 46 9.45 1.41 4.54
C ASN A 46 8.53 1.30 3.32
N ARG A 47 8.85 0.38 2.42
CA ARG A 47 8.05 0.15 1.22
C ARG A 47 6.88 -0.79 1.54
N VAL A 48 5.67 -0.23 1.58
CA VAL A 48 4.49 -1.03 1.90
C VAL A 48 3.89 -1.70 0.69
N VAL A 49 3.05 -2.68 0.98
CA VAL A 49 2.33 -3.46 -0.01
C VAL A 49 1.23 -4.24 0.71
N ILE A 50 0.08 -4.41 0.10
CA ILE A 50 -0.99 -5.17 0.74
C ILE A 50 -1.11 -6.53 0.09
N GLY A 51 -0.08 -7.35 0.29
CA GLY A 51 -0.06 -8.67 -0.30
C GLY A 51 -0.66 -8.67 -1.69
N PRO A 52 -1.23 -9.79 -2.15
CA PRO A 52 -1.84 -9.84 -3.46
C PRO A 52 -3.31 -9.41 -3.40
N VAL A 53 -3.55 -8.14 -3.73
CA VAL A 53 -4.90 -7.57 -3.69
C VAL A 53 -5.74 -8.04 -4.87
N LYS A 54 -6.93 -7.46 -5.01
CA LYS A 54 -7.83 -7.82 -6.10
C LYS A 54 -8.23 -6.59 -6.93
N GLY A 55 -8.13 -6.72 -8.24
CA GLY A 55 -8.48 -5.62 -9.12
C GLY A 55 -9.97 -5.39 -9.17
N LYS A 56 -10.42 -4.34 -8.51
CA LYS A 56 -11.84 -4.00 -8.48
C LYS A 56 -12.05 -2.55 -8.07
N GLU A 57 -11.61 -2.21 -6.86
CA GLU A 57 -11.77 -0.86 -6.35
C GLU A 57 -11.02 -0.67 -5.03
N ASN A 58 -10.91 -1.75 -4.25
CA ASN A 58 -10.22 -1.68 -2.96
C ASN A 58 -8.80 -1.13 -3.13
N ALA A 59 -8.01 -1.79 -3.98
CA ALA A 59 -6.65 -1.36 -4.23
C ALA A 59 -6.61 0.12 -4.59
N ASP A 60 -7.50 0.54 -5.50
CA ASP A 60 -7.58 1.93 -5.92
C ASP A 60 -7.96 2.82 -4.75
N SER A 61 -8.99 2.43 -4.01
CA SER A 61 -9.42 3.20 -2.85
C SER A 61 -8.29 3.27 -1.85
N THR A 62 -7.56 2.17 -1.71
CA THR A 62 -6.41 2.12 -0.79
C THR A 62 -5.42 3.23 -1.12
N LEU A 63 -5.22 3.47 -2.41
CA LEU A 63 -4.32 4.52 -2.86
C LEU A 63 -4.76 5.86 -2.30
N ASN A 64 -5.96 6.27 -2.67
CA ASN A 64 -6.52 7.53 -2.19
C ASN A 64 -6.76 7.46 -0.69
N ARG A 65 -6.95 6.24 -0.19
CA ARG A 65 -7.19 6.04 1.23
C ARG A 65 -5.86 6.13 2.00
N LEU A 66 -4.76 5.75 1.37
CA LEU A 66 -3.45 5.86 2.02
C LEU A 66 -3.21 7.32 2.35
N LYS A 67 -3.82 8.20 1.57
CA LYS A 67 -3.73 9.63 1.84
C LYS A 67 -4.57 9.94 3.08
N MET A 68 -5.62 9.12 3.27
CA MET A 68 -6.50 9.24 4.43
C MET A 68 -5.69 9.09 5.71
N ALA A 69 -4.52 8.47 5.58
CA ALA A 69 -3.65 8.25 6.73
C ALA A 69 -2.50 9.26 6.75
N GLY A 70 -1.79 9.37 5.63
CA GLY A 70 -0.68 10.31 5.54
C GLY A 70 0.66 9.63 5.33
N HIS A 71 1.00 9.37 4.07
CA HIS A 71 2.26 8.71 3.72
C HIS A 71 2.84 9.25 2.43
N THR A 72 4.17 9.27 2.33
CA THR A 72 4.84 9.78 1.14
C THR A 72 5.36 8.65 0.24
N ASN A 73 4.77 8.51 -0.96
CA ASN A 73 5.16 7.49 -1.94
C ASN A 73 4.23 6.29 -1.92
N CYS A 74 3.49 6.10 -3.02
CA CYS A 74 2.56 4.98 -3.15
C CYS A 74 2.33 4.62 -4.63
N ILE A 75 2.16 3.33 -4.93
CA ILE A 75 1.92 2.88 -6.30
C ILE A 75 1.47 1.42 -6.31
N ARG A 76 0.25 1.18 -6.78
CA ARG A 76 -0.28 -0.17 -6.83
C ARG A 76 0.45 -1.00 -7.87
N LEU A 77 1.04 -2.11 -7.42
CA LEU A 77 1.74 -3.01 -8.30
C LEU A 77 0.85 -4.19 -8.65
N ALA A 78 0.49 -4.31 -9.91
CA ALA A 78 -0.38 -5.38 -10.35
C ALA A 78 0.40 -6.62 -10.75
N ALA A 79 -0.14 -7.78 -10.40
CA ALA A 79 0.49 -9.06 -10.70
C ALA A 79 0.65 -9.24 -12.20
N GLY A 80 1.04 -10.45 -12.61
CA GLY A 80 1.23 -10.74 -14.02
C GLY A 80 2.33 -11.74 -14.26
N GLY A 81 3.43 -11.61 -13.51
CA GLY A 81 4.54 -12.53 -13.66
C GLY A 81 5.88 -11.82 -13.53
N LYS A 5 -14.26 -15.52 -7.68
CA LYS A 5 -14.69 -14.51 -8.68
C LYS A 5 -13.50 -13.95 -9.44
N ASP A 6 -13.08 -14.66 -10.49
CA ASP A 6 -11.95 -14.22 -11.30
C ASP A 6 -12.27 -12.94 -12.04
N GLU A 7 -11.47 -11.90 -11.80
CA GLU A 7 -11.68 -10.61 -12.45
C GLU A 7 -10.56 -9.64 -12.08
N ARG A 8 -9.37 -9.86 -12.66
CA ARG A 8 -8.23 -9.00 -12.38
C ARG A 8 -7.84 -9.05 -10.92
N ARG A 9 -6.57 -8.81 -10.64
CA ARG A 9 -6.06 -8.82 -9.27
C ARG A 9 -4.97 -7.79 -9.08
N TRP A 10 -4.56 -7.64 -7.84
CA TRP A 10 -3.56 -6.64 -7.49
C TRP A 10 -2.49 -7.14 -6.54
N MET A 11 -1.51 -6.26 -6.36
CA MET A 11 -0.38 -6.48 -5.47
C MET A 11 0.29 -5.13 -5.22
N VAL A 12 -0.34 -4.35 -4.36
CA VAL A 12 0.14 -3.00 -4.02
C VAL A 12 1.56 -3.01 -3.55
N GLN A 13 2.24 -1.88 -3.73
CA GLN A 13 3.60 -1.76 -3.27
C GLN A 13 3.99 -0.30 -3.15
N CYS A 14 3.44 0.34 -2.12
CA CYS A 14 3.70 1.74 -1.86
C CYS A 14 5.19 1.98 -1.71
N GLY A 15 5.68 3.03 -2.35
CA GLY A 15 7.09 3.35 -2.26
C GLY A 15 7.58 3.34 -0.84
N SER A 16 8.87 3.51 -0.65
CA SER A 16 9.43 3.53 0.68
C SER A 16 9.62 4.97 1.14
N PHE A 17 8.95 5.35 2.22
CA PHE A 17 9.02 6.72 2.72
C PHE A 17 9.99 6.87 3.90
N ARG A 18 10.63 8.03 3.97
CA ARG A 18 11.57 8.34 5.04
C ARG A 18 10.83 8.49 6.36
N GLY A 19 9.52 8.59 6.29
CA GLY A 19 8.70 8.71 7.46
C GLY A 19 8.69 7.45 8.27
N ALA A 20 9.88 7.02 8.71
CA ALA A 20 10.02 5.79 9.50
C ALA A 20 8.85 5.61 10.47
N GLU A 21 8.38 6.72 11.02
CA GLU A 21 7.27 6.69 11.94
C GLU A 21 5.96 6.71 11.16
N GLN A 22 5.95 7.51 10.09
CA GLN A 22 4.79 7.60 9.22
C GLN A 22 4.64 6.34 8.39
N ALA A 23 5.77 5.66 8.17
CA ALA A 23 5.79 4.42 7.40
C ALA A 23 5.23 3.28 8.23
N GLU A 24 5.76 3.12 9.44
CA GLU A 24 5.26 2.10 10.35
C GLU A 24 3.83 2.44 10.72
N THR A 25 3.60 3.73 10.94
CA THR A 25 2.27 4.21 11.25
C THR A 25 1.39 4.07 10.01
N VAL A 26 2.02 4.17 8.84
CA VAL A 26 1.33 4.02 7.57
C VAL A 26 0.73 2.62 7.50
N ARG A 27 1.55 1.63 7.82
CA ARG A 27 1.11 0.24 7.81
C ARG A 27 -0.10 0.05 8.73
N ALA A 28 0.08 0.37 10.00
CA ALA A 28 -0.99 0.23 10.98
C ALA A 28 -2.20 1.06 10.58
N GLN A 29 -1.95 2.21 9.97
CA GLN A 29 -3.04 3.08 9.53
C GLN A 29 -3.86 2.41 8.44
N LEU A 30 -3.17 1.76 7.50
CA LEU A 30 -3.83 1.07 6.41
C LEU A 30 -4.79 0.03 6.95
N ALA A 31 -4.33 -0.74 7.92
CA ALA A 31 -5.17 -1.77 8.54
C ALA A 31 -6.19 -1.16 9.49
N PHE A 32 -5.86 -0.01 10.04
CA PHE A 32 -6.75 0.68 10.96
C PHE A 32 -7.82 1.47 10.22
N GLU A 33 -7.49 1.94 9.02
CA GLU A 33 -8.42 2.71 8.22
C GLU A 33 -9.38 1.81 7.44
N GLY A 34 -9.03 0.54 7.30
CA GLY A 34 -9.89 -0.39 6.58
C GLY A 34 -9.18 -1.08 5.42
N PHE A 35 -7.86 -1.02 5.39
CA PHE A 35 -7.09 -1.67 4.34
C PHE A 35 -5.75 -2.17 4.87
N ASP A 36 -5.79 -3.34 5.51
CA ASP A 36 -4.60 -3.94 6.10
C ASP A 36 -3.50 -4.23 5.08
N SER A 37 -2.49 -3.39 5.10
CA SER A 37 -1.32 -3.52 4.22
C SER A 37 -0.19 -4.21 4.98
N LYS A 38 0.86 -4.54 4.26
CA LYS A 38 2.03 -5.18 4.84
C LYS A 38 3.29 -4.32 4.62
N ILE A 39 3.88 -3.86 5.72
CA ILE A 39 5.07 -3.00 5.66
C ILE A 39 6.33 -3.78 5.30
N THR A 40 7.32 -3.06 4.80
CA THR A 40 8.60 -3.66 4.41
C THR A 40 9.62 -2.56 4.13
N THR A 41 10.85 -2.74 4.62
CA THR A 41 11.90 -1.75 4.41
C THR A 41 12.64 -2.00 3.10
N ASN A 42 13.03 -0.93 2.42
CA ASN A 42 13.75 -1.06 1.15
C ASN A 42 14.06 0.32 0.57
N ASN A 43 15.18 0.42 -0.13
CA ASN A 43 15.60 1.68 -0.75
C ASN A 43 16.00 2.72 0.29
N GLY A 44 16.08 2.31 1.55
CA GLY A 44 16.45 3.22 2.61
C GLY A 44 15.27 3.65 3.46
N TRP A 45 14.06 3.55 2.90
CA TRP A 45 12.85 3.92 3.61
C TRP A 45 11.87 2.76 3.65
N ASN A 46 10.85 2.91 4.49
CA ASN A 46 9.82 1.89 4.65
C ASN A 46 8.80 1.90 3.51
N ARG A 47 8.77 0.80 2.74
CA ARG A 47 7.83 0.67 1.64
C ARG A 47 6.80 -0.42 1.95
N VAL A 48 5.54 -0.02 2.07
CA VAL A 48 4.48 -0.96 2.39
C VAL A 48 3.82 -1.54 1.15
N VAL A 49 3.27 -2.73 1.34
CA VAL A 49 2.56 -3.48 0.30
C VAL A 49 1.41 -4.25 0.92
N ILE A 50 0.27 -4.35 0.25
CA ILE A 50 -0.85 -5.12 0.81
C ILE A 50 -1.00 -6.44 0.08
N GLY A 51 0.00 -7.30 0.24
CA GLY A 51 -0.02 -8.60 -0.42
C GLY A 51 -0.72 -8.56 -1.77
N PRO A 52 -1.35 -9.66 -2.18
CA PRO A 52 -2.06 -9.72 -3.44
C PRO A 52 -3.55 -9.43 -3.28
N VAL A 53 -3.96 -8.24 -3.69
CA VAL A 53 -5.37 -7.83 -3.57
C VAL A 53 -6.11 -8.11 -4.87
N LYS A 54 -7.35 -7.61 -4.99
CA LYS A 54 -8.14 -7.84 -6.19
C LYS A 54 -8.57 -6.52 -6.84
N GLY A 55 -8.68 -6.54 -8.16
CA GLY A 55 -9.09 -5.35 -8.89
C GLY A 55 -10.58 -5.14 -8.89
N LYS A 56 -11.01 -3.98 -8.42
CA LYS A 56 -12.43 -3.66 -8.36
C LYS A 56 -12.63 -2.24 -7.83
N GLU A 57 -11.99 -1.94 -6.71
CA GLU A 57 -12.10 -0.62 -6.10
C GLU A 57 -11.30 -0.53 -4.81
N ASN A 58 -11.07 -1.67 -4.16
CA ASN A 58 -10.32 -1.69 -2.91
C ASN A 58 -8.88 -1.22 -3.12
N ALA A 59 -8.14 -1.94 -3.95
CA ALA A 59 -6.76 -1.59 -4.24
C ALA A 59 -6.65 -0.15 -4.75
N ASP A 60 -7.62 0.26 -5.57
CA ASP A 60 -7.63 1.61 -6.11
C ASP A 60 -8.04 2.61 -5.04
N SER A 61 -9.11 2.30 -4.33
CA SER A 61 -9.57 3.16 -3.24
C SER A 61 -8.51 3.21 -2.16
N THR A 62 -7.71 2.15 -2.09
CA THR A 62 -6.63 2.07 -1.13
C THR A 62 -5.62 3.17 -1.39
N LEU A 63 -5.45 3.52 -2.66
CA LEU A 63 -4.51 4.57 -3.03
C LEU A 63 -4.92 5.87 -2.36
N ASN A 64 -6.23 6.13 -2.35
CA ASN A 64 -6.77 7.32 -1.71
C ASN A 64 -6.80 7.09 -0.20
N ARG A 65 -7.01 5.84 0.19
CA ARG A 65 -7.05 5.47 1.59
C ARG A 65 -5.65 5.60 2.20
N LEU A 66 -4.64 5.19 1.43
CA LEU A 66 -3.26 5.27 1.86
C LEU A 66 -2.92 6.70 2.28
N LYS A 67 -3.61 7.66 1.68
CA LYS A 67 -3.41 9.06 2.05
C LYS A 67 -3.77 9.26 3.52
N MET A 68 -4.62 8.36 4.04
CA MET A 68 -5.04 8.42 5.44
C MET A 68 -3.91 7.94 6.34
N ALA A 69 -3.08 7.04 5.82
CA ALA A 69 -1.96 6.49 6.57
C ALA A 69 -0.78 7.46 6.60
N GLY A 70 -0.68 8.32 5.59
CA GLY A 70 0.42 9.27 5.54
C GLY A 70 1.68 8.67 4.96
N HIS A 71 1.70 8.49 3.65
CA HIS A 71 2.86 7.91 2.96
C HIS A 71 3.46 8.91 1.98
N THR A 72 4.78 8.95 1.90
CA THR A 72 5.45 9.87 1.00
C THR A 72 5.59 9.29 -0.42
N ASN A 73 4.90 8.19 -0.72
CA ASN A 73 4.97 7.58 -2.05
C ASN A 73 4.31 6.19 -2.09
N CYS A 74 3.16 6.11 -2.75
CA CYS A 74 2.43 4.85 -2.89
C CYS A 74 2.11 4.56 -4.35
N ILE A 75 1.93 3.28 -4.69
CA ILE A 75 1.62 2.91 -6.06
C ILE A 75 1.02 1.51 -6.14
N ARG A 76 -0.24 1.43 -6.58
CA ARG A 76 -0.90 0.14 -6.72
C ARG A 76 -0.18 -0.67 -7.79
N LEU A 77 0.40 -1.79 -7.38
CA LEU A 77 1.11 -2.66 -8.28
C LEU A 77 0.22 -3.84 -8.67
N ALA A 78 -0.17 -3.88 -9.92
CA ALA A 78 -1.04 -4.95 -10.40
C ALA A 78 -0.25 -6.15 -10.89
N ALA A 79 -0.85 -7.33 -10.72
CA ALA A 79 -0.22 -8.58 -11.14
C ALA A 79 -0.25 -8.72 -12.66
N GLY A 80 0.03 -9.93 -13.15
CA GLY A 80 0.02 -10.18 -14.58
C GLY A 80 -1.29 -10.77 -15.06
N GLY A 81 -1.44 -12.08 -14.87
CA GLY A 81 -2.65 -12.75 -15.29
C GLY A 81 -3.78 -12.62 -14.28
N LYS A 5 -11.75 -15.35 -17.72
CA LYS A 5 -10.53 -14.53 -17.58
C LYS A 5 -10.25 -14.22 -16.11
N ASP A 6 -9.23 -13.41 -15.85
CA ASP A 6 -8.86 -13.03 -14.50
C ASP A 6 -10.01 -12.31 -13.80
N GLU A 7 -10.07 -12.44 -12.48
CA GLU A 7 -11.12 -11.80 -11.70
C GLU A 7 -10.60 -10.51 -11.06
N ARG A 8 -9.72 -9.82 -11.77
CA ARG A 8 -9.15 -8.57 -11.27
C ARG A 8 -8.37 -8.81 -9.98
N ARG A 9 -7.05 -8.88 -10.09
CA ARG A 9 -6.20 -9.09 -8.93
C ARG A 9 -5.14 -8.03 -8.81
N TRP A 10 -4.46 -8.03 -7.68
CA TRP A 10 -3.46 -7.01 -7.42
C TRP A 10 -2.33 -7.46 -6.50
N MET A 11 -1.39 -6.53 -6.36
CA MET A 11 -0.21 -6.65 -5.51
C MET A 11 0.33 -5.24 -5.31
N VAL A 12 -0.40 -4.48 -4.53
CA VAL A 12 -0.08 -3.07 -4.29
C VAL A 12 1.30 -2.86 -3.71
N GLN A 13 1.85 -1.67 -4.00
CA GLN A 13 3.15 -1.31 -3.49
C GLN A 13 3.15 0.19 -3.20
N CYS A 14 2.68 0.53 -2.01
CA CYS A 14 2.59 1.92 -1.60
C CYS A 14 3.99 2.50 -1.37
N GLY A 15 4.79 2.52 -2.44
CA GLY A 15 6.14 3.05 -2.37
C GLY A 15 6.83 2.82 -1.04
N SER A 16 7.83 3.63 -0.77
CA SER A 16 8.58 3.56 0.48
C SER A 16 8.83 4.97 0.98
N PHE A 17 8.49 5.25 2.23
CA PHE A 17 8.66 6.59 2.77
C PHE A 17 9.72 6.71 3.85
N ARG A 18 10.52 7.76 3.76
CA ARG A 18 11.57 8.04 4.75
C ARG A 18 10.95 8.15 6.13
N GLY A 19 9.65 8.42 6.13
CA GLY A 19 8.90 8.54 7.36
C GLY A 19 8.89 7.25 8.14
N ALA A 20 10.06 6.79 8.52
CA ALA A 20 10.21 5.54 9.26
C ALA A 20 9.15 5.40 10.34
N GLU A 21 8.88 6.49 11.04
CA GLU A 21 7.86 6.49 12.08
C GLU A 21 6.48 6.58 11.44
N GLN A 22 6.40 7.31 10.33
CA GLN A 22 5.16 7.47 9.61
C GLN A 22 4.83 6.18 8.86
N ALA A 23 5.88 5.52 8.36
CA ALA A 23 5.72 4.27 7.64
C ALA A 23 5.12 3.20 8.54
N GLU A 24 5.66 3.08 9.75
CA GLU A 24 5.15 2.10 10.70
C GLU A 24 3.72 2.45 11.08
N THR A 25 3.50 3.73 11.37
CA THR A 25 2.17 4.21 11.71
C THR A 25 1.28 4.18 10.48
N VAL A 26 1.91 4.32 9.30
CA VAL A 26 1.20 4.29 8.04
C VAL A 26 0.62 2.89 7.81
N ARG A 27 1.42 1.88 8.15
CA ARG A 27 0.99 0.50 8.00
C ARG A 27 -0.23 0.22 8.86
N ALA A 28 -0.12 0.54 10.15
CA ALA A 28 -1.21 0.32 11.08
C ALA A 28 -2.45 1.10 10.67
N GLN A 29 -2.22 2.32 10.18
CA GLN A 29 -3.32 3.17 9.73
C GLN A 29 -4.06 2.49 8.58
N LEU A 30 -3.30 1.89 7.68
CA LEU A 30 -3.89 1.19 6.53
C LEU A 30 -4.84 0.11 7.02
N ALA A 31 -4.37 -0.71 7.95
CA ALA A 31 -5.19 -1.77 8.51
C ALA A 31 -6.26 -1.21 9.45
N PHE A 32 -5.98 -0.04 10.02
CA PHE A 32 -6.91 0.59 10.95
C PHE A 32 -7.99 1.36 10.19
N GLU A 33 -7.64 1.87 9.01
CA GLU A 33 -8.60 2.63 8.21
C GLU A 33 -9.51 1.71 7.41
N GLY A 34 -9.10 0.44 7.27
CA GLY A 34 -9.91 -0.51 6.53
C GLY A 34 -9.16 -1.14 5.37
N PHE A 35 -7.83 -1.01 5.36
CA PHE A 35 -7.02 -1.58 4.31
C PHE A 35 -5.66 -2.00 4.83
N ASP A 36 -5.63 -3.18 5.46
CA ASP A 36 -4.40 -3.72 6.04
C ASP A 36 -3.36 -4.05 4.98
N SER A 37 -2.35 -3.19 4.87
CA SER A 37 -1.25 -3.38 3.93
C SER A 37 -0.03 -3.96 4.66
N LYS A 38 0.85 -4.57 3.90
CA LYS A 38 2.07 -5.15 4.46
C LYS A 38 3.19 -4.10 4.43
N ILE A 39 4.15 -4.23 5.33
CA ILE A 39 5.26 -3.28 5.41
C ILE A 39 6.57 -3.88 4.92
N THR A 40 7.50 -3.01 4.55
CA THR A 40 8.81 -3.42 4.06
C THR A 40 9.78 -2.26 4.15
N THR A 41 11.05 -2.56 3.93
CA THR A 41 12.10 -1.55 3.98
C THR A 41 13.36 -2.06 3.29
N ASN A 42 13.96 -1.25 2.41
CA ASN A 42 15.17 -1.67 1.70
C ASN A 42 15.72 -0.58 0.80
N ASN A 43 14.85 0.08 0.05
CA ASN A 43 15.26 1.15 -0.85
C ASN A 43 15.65 2.42 -0.09
N GLY A 44 15.69 2.33 1.24
CA GLY A 44 16.04 3.48 2.04
C GLY A 44 14.90 3.90 2.94
N TRP A 45 13.67 3.61 2.50
CA TRP A 45 12.49 3.95 3.25
C TRP A 45 11.56 2.76 3.35
N ASN A 46 10.68 2.79 4.34
CA ASN A 46 9.73 1.70 4.57
C ASN A 46 8.78 1.54 3.38
N ARG A 47 8.98 0.46 2.62
CA ARG A 47 8.14 0.17 1.46
C ARG A 47 6.89 -0.60 1.87
N VAL A 48 5.73 -0.05 1.54
CA VAL A 48 4.46 -0.69 1.88
C VAL A 48 3.86 -1.43 0.69
N VAL A 49 3.17 -2.52 0.99
CA VAL A 49 2.51 -3.36 0.00
C VAL A 49 1.41 -4.16 0.68
N ILE A 50 0.26 -4.33 0.05
CA ILE A 50 -0.81 -5.14 0.67
C ILE A 50 -0.88 -6.49 0.00
N GLY A 51 0.17 -7.27 0.20
CA GLY A 51 0.23 -8.60 -0.40
C GLY A 51 -0.48 -8.64 -1.74
N PRO A 52 -1.14 -9.74 -2.09
CA PRO A 52 -1.88 -9.84 -3.34
C PRO A 52 -3.32 -9.37 -3.16
N VAL A 53 -3.61 -8.17 -3.66
CA VAL A 53 -4.95 -7.60 -3.53
C VAL A 53 -5.88 -8.13 -4.62
N LYS A 54 -7.14 -7.73 -4.59
CA LYS A 54 -8.11 -8.17 -5.57
C LYS A 54 -9.13 -7.08 -5.88
N GLY A 55 -9.19 -6.68 -7.15
CA GLY A 55 -10.13 -5.65 -7.56
C GLY A 55 -9.47 -4.30 -7.73
N LYS A 56 -9.83 -3.62 -8.81
CA LYS A 56 -9.29 -2.30 -9.10
C LYS A 56 -10.02 -1.20 -8.32
N GLU A 57 -10.91 -1.61 -7.43
CA GLU A 57 -11.66 -0.65 -6.62
C GLU A 57 -11.06 -0.54 -5.23
N ASN A 58 -10.90 -1.68 -4.57
CA ASN A 58 -10.32 -1.70 -3.23
C ASN A 58 -8.88 -1.19 -3.29
N ALA A 59 -8.11 -1.75 -4.23
CA ALA A 59 -6.73 -1.34 -4.41
C ALA A 59 -6.68 0.14 -4.80
N ASP A 60 -7.57 0.56 -5.70
CA ASP A 60 -7.62 1.95 -6.13
C ASP A 60 -8.00 2.84 -4.96
N SER A 61 -9.06 2.47 -4.23
CA SER A 61 -9.48 3.24 -3.07
C SER A 61 -8.36 3.25 -2.04
N THR A 62 -7.63 2.14 -1.98
CA THR A 62 -6.50 2.00 -1.07
C THR A 62 -5.47 3.09 -1.33
N LEU A 63 -5.32 3.46 -2.60
CA LEU A 63 -4.38 4.51 -2.98
C LEU A 63 -4.77 5.81 -2.29
N ASN A 64 -6.04 6.15 -2.38
CA ASN A 64 -6.55 7.36 -1.74
C ASN A 64 -6.65 7.13 -0.24
N ARG A 65 -6.81 5.86 0.14
CA ARG A 65 -6.90 5.50 1.55
C ARG A 65 -5.53 5.65 2.22
N LEU A 66 -4.47 5.25 1.52
CA LEU A 66 -3.12 5.38 2.05
C LEU A 66 -2.82 6.82 2.41
N LYS A 67 -3.53 7.75 1.77
CA LYS A 67 -3.37 9.15 2.10
C LYS A 67 -3.87 9.39 3.53
N MET A 68 -4.72 8.48 3.99
CA MET A 68 -5.28 8.54 5.33
C MET A 68 -4.24 8.13 6.36
N ALA A 69 -3.37 7.22 5.96
CA ALA A 69 -2.32 6.73 6.83
C ALA A 69 -1.18 7.74 7.01
N GLY A 70 -1.16 8.76 6.14
CA GLY A 70 -0.12 9.77 6.23
C GLY A 70 1.22 9.24 5.77
N HIS A 71 1.34 9.01 4.47
CA HIS A 71 2.59 8.49 3.89
C HIS A 71 2.97 9.26 2.63
N THR A 72 4.23 9.12 2.21
CA THR A 72 4.70 9.79 1.00
C THR A 72 5.22 8.81 -0.05
N ASN A 73 4.46 8.65 -1.15
CA ASN A 73 4.83 7.76 -2.28
C ASN A 73 4.11 6.41 -2.22
N CYS A 74 3.25 6.17 -3.21
CA CYS A 74 2.48 4.91 -3.31
C CYS A 74 2.15 4.59 -4.76
N ILE A 75 1.96 3.30 -5.06
CA ILE A 75 1.62 2.87 -6.42
C ILE A 75 1.14 1.42 -6.42
N ARG A 76 -0.11 1.22 -6.81
CA ARG A 76 -0.66 -0.13 -6.85
C ARG A 76 -0.03 -0.93 -7.97
N LEU A 77 0.55 -2.06 -7.60
CA LEU A 77 1.20 -2.95 -8.56
C LEU A 77 0.30 -4.14 -8.83
N ALA A 78 -0.15 -4.26 -10.06
CA ALA A 78 -1.04 -5.35 -10.43
C ALA A 78 -0.28 -6.55 -10.98
N ALA A 79 -0.72 -7.74 -10.57
CA ALA A 79 -0.10 -8.98 -11.00
C ALA A 79 -0.40 -9.27 -12.46
N GLY A 80 0.66 -9.44 -13.25
CA GLY A 80 0.48 -9.71 -14.67
C GLY A 80 1.49 -8.98 -15.53
N GLY A 81 2.69 -9.54 -15.63
CA GLY A 81 3.74 -8.91 -16.43
C GLY A 81 5.03 -8.75 -15.68
N LYS A 5 -14.31 -13.64 -18.00
CA LYS A 5 -14.80 -12.32 -17.55
C LYS A 5 -14.48 -12.09 -16.07
N ASP A 6 -14.18 -10.84 -15.72
CA ASP A 6 -13.85 -10.49 -14.35
C ASP A 6 -12.63 -11.25 -13.87
N GLU A 7 -11.44 -10.73 -14.18
CA GLU A 7 -10.19 -11.37 -13.78
C GLU A 7 -9.11 -10.32 -13.51
N ARG A 8 -9.40 -9.40 -12.60
CA ARG A 8 -8.46 -8.34 -12.26
C ARG A 8 -7.95 -8.50 -10.83
N ARG A 9 -6.64 -8.50 -10.67
CA ARG A 9 -6.03 -8.65 -9.36
C ARG A 9 -4.90 -7.66 -9.16
N TRP A 10 -4.41 -7.60 -7.94
CA TRP A 10 -3.37 -6.65 -7.62
C TRP A 10 -2.37 -7.17 -6.60
N MET A 11 -1.32 -6.38 -6.42
CA MET A 11 -0.25 -6.62 -5.49
C MET A 11 0.40 -5.28 -5.19
N VAL A 12 -0.37 -4.46 -4.51
CA VAL A 12 0.03 -3.09 -4.20
C VAL A 12 1.45 -2.99 -3.65
N GLN A 13 2.01 -1.80 -3.81
CA GLN A 13 3.35 -1.53 -3.33
C GLN A 13 3.50 -0.04 -3.12
N CYS A 14 3.00 0.44 -1.99
CA CYS A 14 3.05 1.86 -1.68
C CYS A 14 4.49 2.32 -1.48
N GLY A 15 5.24 2.34 -2.59
CA GLY A 15 6.63 2.76 -2.57
C GLY A 15 7.31 2.56 -1.23
N SER A 16 8.13 3.51 -0.85
CA SER A 16 8.84 3.46 0.42
C SER A 16 9.13 4.88 0.90
N PHE A 17 8.68 5.19 2.11
CA PHE A 17 8.85 6.54 2.66
C PHE A 17 9.86 6.60 3.79
N ARG A 18 10.63 7.70 3.82
CA ARG A 18 11.61 7.93 4.88
C ARG A 18 10.90 8.29 6.18
N GLY A 19 9.58 8.46 6.09
CA GLY A 19 8.79 8.80 7.24
C GLY A 19 8.72 7.65 8.22
N ALA A 20 9.87 7.22 8.72
CA ALA A 20 9.96 6.11 9.66
C ALA A 20 8.79 6.11 10.64
N GLU A 21 8.35 7.30 11.02
CA GLU A 21 7.22 7.43 11.93
C GLU A 21 5.92 7.30 11.15
N GLN A 22 5.90 7.93 9.98
CA GLN A 22 4.73 7.87 9.11
C GLN A 22 4.62 6.48 8.49
N ALA A 23 5.77 5.86 8.24
CA ALA A 23 5.83 4.53 7.65
C ALA A 23 5.31 3.50 8.64
N GLU A 24 5.79 3.58 9.88
CA GLU A 24 5.33 2.66 10.93
C GLU A 24 3.87 2.94 11.21
N THR A 25 3.53 4.21 11.35
CA THR A 25 2.16 4.60 11.58
C THR A 25 1.34 4.27 10.33
N VAL A 26 2.03 4.25 9.18
CA VAL A 26 1.40 3.92 7.91
C VAL A 26 0.89 2.49 7.95
N ARG A 27 1.77 1.58 8.32
CA ARG A 27 1.44 0.16 8.40
C ARG A 27 0.25 -0.07 9.33
N ALA A 28 0.24 0.61 10.47
CA ALA A 28 -0.83 0.48 11.43
C ALA A 28 -2.08 1.22 10.97
N GLN A 29 -1.89 2.42 10.44
CA GLN A 29 -3.02 3.22 9.97
C GLN A 29 -3.78 2.47 8.87
N LEU A 30 -3.03 1.82 7.99
CA LEU A 30 -3.64 1.05 6.89
C LEU A 30 -4.62 0.04 7.47
N ALA A 31 -4.23 -0.59 8.57
CA ALA A 31 -5.07 -1.58 9.22
C ALA A 31 -6.24 -0.90 9.92
N PHE A 32 -5.97 0.22 10.55
CA PHE A 32 -6.99 0.98 11.26
C PHE A 32 -8.04 1.51 10.29
N GLU A 33 -7.63 1.76 9.05
CA GLU A 33 -8.54 2.27 8.04
C GLU A 33 -9.28 1.14 7.31
N GLY A 34 -8.98 -0.10 7.69
CA GLY A 34 -9.63 -1.23 7.06
C GLY A 34 -8.91 -1.67 5.79
N PHE A 35 -7.61 -1.40 5.71
CA PHE A 35 -6.83 -1.80 4.56
C PHE A 35 -5.36 -1.93 4.93
N ASP A 36 -5.08 -2.95 5.72
CA ASP A 36 -3.73 -3.23 6.20
C ASP A 36 -2.77 -3.67 5.10
N SER A 37 -1.79 -2.83 4.82
CA SER A 37 -0.77 -3.11 3.81
C SER A 37 0.52 -3.57 4.50
N LYS A 38 1.08 -4.68 4.04
CA LYS A 38 2.32 -5.19 4.62
C LYS A 38 3.44 -4.17 4.47
N ILE A 39 4.18 -3.95 5.56
CA ILE A 39 5.27 -2.98 5.55
C ILE A 39 6.63 -3.64 5.68
N THR A 40 7.61 -3.14 4.94
CA THR A 40 8.97 -3.69 4.98
C THR A 40 9.93 -2.84 4.16
N THR A 41 10.97 -2.33 4.82
CA THR A 41 11.97 -1.50 4.14
C THR A 41 12.79 -2.32 3.15
N ASN A 42 13.28 -1.67 2.10
CA ASN A 42 14.07 -2.37 1.08
C ASN A 42 14.63 -1.39 0.05
N ASN A 43 13.79 -0.49 -0.44
CA ASN A 43 14.21 0.50 -1.43
C ASN A 43 14.91 1.68 -0.74
N GLY A 44 15.23 1.52 0.53
CA GLY A 44 15.87 2.59 1.28
C GLY A 44 14.96 3.13 2.36
N TRP A 45 13.66 3.09 2.09
CA TRP A 45 12.66 3.57 3.02
C TRP A 45 11.66 2.45 3.31
N ASN A 46 10.81 2.70 4.28
CA ASN A 46 9.80 1.73 4.68
C ASN A 46 8.83 1.45 3.53
N ARG A 47 8.97 0.28 2.91
CA ARG A 47 8.11 -0.12 1.80
C ARG A 47 6.75 -0.59 2.29
N VAL A 48 5.76 -0.52 1.41
CA VAL A 48 4.40 -0.93 1.74
C VAL A 48 3.79 -1.76 0.61
N VAL A 49 2.89 -2.66 0.98
CA VAL A 49 2.20 -3.54 0.02
C VAL A 49 1.02 -4.23 0.72
N ILE A 50 -0.13 -4.36 0.06
CA ILE A 50 -1.26 -5.07 0.66
C ILE A 50 -1.38 -6.43 0.04
N GLY A 51 -0.30 -7.16 0.12
CA GLY A 51 -0.25 -8.50 -0.46
C GLY A 51 -0.95 -8.54 -1.81
N PRO A 52 -1.45 -9.69 -2.25
CA PRO A 52 -2.15 -9.79 -3.52
C PRO A 52 -3.62 -9.39 -3.36
N VAL A 53 -3.92 -8.14 -3.74
CA VAL A 53 -5.29 -7.64 -3.63
C VAL A 53 -6.07 -7.91 -4.92
N LYS A 54 -7.32 -7.47 -4.97
CA LYS A 54 -8.14 -7.69 -6.15
C LYS A 54 -9.13 -6.55 -6.37
N GLY A 55 -9.48 -6.32 -7.63
CA GLY A 55 -10.42 -5.26 -7.96
C GLY A 55 -9.78 -3.88 -7.96
N LYS A 56 -9.66 -3.29 -9.15
CA LYS A 56 -9.06 -1.97 -9.30
C LYS A 56 -9.61 -1.00 -8.26
N GLU A 57 -10.89 -1.17 -7.91
CA GLU A 57 -11.52 -0.31 -6.93
C GLU A 57 -10.90 -0.49 -5.55
N ASN A 58 -10.52 -1.72 -5.23
CA ASN A 58 -9.90 -2.01 -3.95
C ASN A 58 -8.49 -1.41 -3.91
N ALA A 59 -7.68 -1.77 -4.89
CA ALA A 59 -6.33 -1.26 -4.98
C ALA A 59 -6.36 0.26 -5.14
N ASP A 60 -7.33 0.77 -5.89
CA ASP A 60 -7.48 2.21 -6.09
C ASP A 60 -7.98 2.86 -4.81
N SER A 61 -9.03 2.29 -4.24
CA SER A 61 -9.58 2.81 -2.99
C SER A 61 -8.49 2.81 -1.93
N THR A 62 -7.60 1.84 -2.02
CA THR A 62 -6.49 1.73 -1.09
C THR A 62 -5.63 2.99 -1.15
N LEU A 63 -5.30 3.40 -2.37
CA LEU A 63 -4.50 4.61 -2.57
C LEU A 63 -5.11 5.79 -1.85
N ASN A 64 -6.38 6.07 -2.15
CA ASN A 64 -7.08 7.16 -1.49
C ASN A 64 -7.13 6.92 0.01
N ARG A 65 -7.15 5.66 0.39
CA ARG A 65 -7.16 5.30 1.80
C ARG A 65 -5.79 5.57 2.41
N LEU A 66 -4.73 5.23 1.67
CA LEU A 66 -3.37 5.46 2.12
C LEU A 66 -3.21 6.91 2.56
N LYS A 67 -3.90 7.81 1.86
CA LYS A 67 -3.86 9.22 2.23
C LYS A 67 -4.22 9.35 3.71
N MET A 68 -5.02 8.39 4.20
CA MET A 68 -5.43 8.36 5.59
C MET A 68 -4.23 8.08 6.48
N ALA A 69 -3.49 7.03 6.12
CA ALA A 69 -2.30 6.65 6.85
C ALA A 69 -1.23 7.73 6.74
N GLY A 70 -1.19 8.37 5.57
CA GLY A 70 -0.22 9.43 5.34
C GLY A 70 1.12 8.92 4.83
N HIS A 71 1.14 8.41 3.61
CA HIS A 71 2.38 7.91 3.02
C HIS A 71 2.93 8.91 2.01
N THR A 72 4.26 9.01 1.94
CA THR A 72 4.89 9.93 1.01
C THR A 72 5.08 9.32 -0.38
N ASN A 73 4.13 8.50 -0.84
CA ASN A 73 4.23 7.88 -2.17
C ASN A 73 2.99 7.04 -2.53
N CYS A 74 3.08 5.71 -2.38
CA CYS A 74 1.98 4.79 -2.70
C CYS A 74 1.83 4.60 -4.20
N ILE A 75 1.74 3.33 -4.63
CA ILE A 75 1.58 3.00 -6.04
C ILE A 75 1.10 1.56 -6.17
N ARG A 76 -0.10 1.37 -6.71
CA ARG A 76 -0.65 0.04 -6.85
C ARG A 76 0.12 -0.76 -7.89
N LEU A 77 0.77 -1.81 -7.43
CA LEU A 77 1.54 -2.69 -8.30
C LEU A 77 0.71 -3.91 -8.63
N ALA A 78 0.45 -4.13 -9.90
CA ALA A 78 -0.36 -5.26 -10.33
C ALA A 78 0.46 -6.52 -10.55
N ALA A 79 -0.19 -7.67 -10.36
CA ALA A 79 0.44 -8.95 -10.53
C ALA A 79 0.45 -9.39 -11.99
N GLY A 80 0.81 -10.64 -12.24
CA GLY A 80 0.84 -11.15 -13.60
C GLY A 80 1.72 -10.32 -14.51
N GLY A 81 1.22 -10.03 -15.71
CA GLY A 81 1.98 -9.25 -16.66
C GLY A 81 2.69 -10.11 -17.68
N LYS A 5 -5.46 -0.23 -19.21
CA LYS A 5 -6.37 -1.24 -19.80
C LYS A 5 -6.07 -2.64 -19.28
N ASP A 6 -7.11 -3.32 -18.79
CA ASP A 6 -6.95 -4.67 -18.25
C ASP A 6 -6.00 -4.67 -17.06
N GLU A 7 -6.55 -4.73 -15.86
CA GLU A 7 -5.75 -4.74 -14.65
C GLU A 7 -6.45 -5.55 -13.55
N ARG A 8 -6.68 -6.82 -13.83
CA ARG A 8 -7.33 -7.70 -12.85
C ARG A 8 -6.37 -8.08 -11.73
N ARG A 9 -6.91 -8.17 -10.51
CA ARG A 9 -6.10 -8.51 -9.35
C ARG A 9 -4.96 -7.54 -9.17
N TRP A 10 -4.31 -7.63 -8.02
CA TRP A 10 -3.23 -6.71 -7.71
C TRP A 10 -2.17 -7.29 -6.80
N MET A 11 -1.19 -6.43 -6.57
CA MET A 11 -0.05 -6.68 -5.70
C MET A 11 0.58 -5.32 -5.45
N VAL A 12 -0.16 -4.51 -4.72
CA VAL A 12 0.19 -3.13 -4.45
C VAL A 12 1.55 -2.96 -3.78
N GLN A 13 2.12 -1.76 -3.97
CA GLN A 13 3.39 -1.41 -3.38
C GLN A 13 3.37 0.06 -3.07
N CYS A 14 2.41 0.39 -2.24
CA CYS A 14 2.16 1.76 -1.81
C CYS A 14 2.96 2.09 -0.56
N GLY A 15 4.28 2.00 -0.67
CA GLY A 15 5.12 2.28 0.47
C GLY A 15 6.47 2.82 0.10
N SER A 16 7.38 2.70 1.06
CA SER A 16 8.77 3.14 0.89
C SER A 16 8.88 4.66 0.99
N PHE A 17 8.52 5.17 2.16
CA PHE A 17 8.60 6.61 2.40
C PHE A 17 9.70 6.95 3.40
N ARG A 18 10.46 7.99 3.10
CA ARG A 18 11.52 8.43 4.01
C ARG A 18 10.93 8.71 5.38
N GLY A 19 9.61 8.92 5.41
CA GLY A 19 8.90 9.17 6.65
C GLY A 19 8.83 7.92 7.50
N ALA A 20 10.00 7.36 7.84
CA ALA A 20 10.08 6.15 8.65
C ALA A 20 9.02 6.13 9.74
N GLU A 21 8.73 7.30 10.30
CA GLU A 21 7.71 7.41 11.34
C GLU A 21 6.32 7.30 10.72
N GLN A 22 6.09 8.08 9.69
CA GLN A 22 4.82 8.06 8.99
C GLN A 22 4.62 6.70 8.31
N ALA A 23 5.72 6.04 7.99
CA ALA A 23 5.70 4.73 7.36
C ALA A 23 5.19 3.68 8.35
N GLU A 24 5.78 3.66 9.53
CA GLU A 24 5.37 2.73 10.57
C GLU A 24 3.91 2.97 10.91
N THR A 25 3.53 4.24 10.99
CA THR A 25 2.16 4.61 11.26
C THR A 25 1.30 4.34 10.03
N VAL A 26 1.92 4.43 8.86
CA VAL A 26 1.23 4.17 7.61
C VAL A 26 0.73 2.72 7.58
N ARG A 27 1.51 1.84 8.20
CA ARG A 27 1.14 0.43 8.26
C ARG A 27 -0.12 0.25 9.07
N ALA A 28 -0.04 0.59 10.36
CA ALA A 28 -1.18 0.47 11.26
C ALA A 28 -2.36 1.27 10.74
N GLN A 29 -2.06 2.38 10.06
CA GLN A 29 -3.11 3.22 9.49
C GLN A 29 -3.83 2.49 8.38
N LEU A 30 -3.07 1.80 7.51
CA LEU A 30 -3.64 1.04 6.42
C LEU A 30 -4.59 -0.02 6.96
N ALA A 31 -4.14 -0.78 7.95
CA ALA A 31 -4.97 -1.81 8.55
C ALA A 31 -6.02 -1.22 9.48
N PHE A 32 -5.73 -0.04 10.01
CA PHE A 32 -6.66 0.63 10.92
C PHE A 32 -7.75 1.36 10.15
N GLU A 33 -7.42 1.78 8.92
CA GLU A 33 -8.38 2.50 8.09
C GLU A 33 -9.30 1.54 7.36
N GLY A 34 -8.93 0.27 7.32
CA GLY A 34 -9.73 -0.73 6.65
C GLY A 34 -9.02 -1.36 5.48
N PHE A 35 -7.70 -1.18 5.41
CA PHE A 35 -6.91 -1.77 4.34
C PHE A 35 -5.56 -2.27 4.85
N ASP A 36 -5.58 -3.46 5.43
CA ASP A 36 -4.40 -4.09 6.00
C ASP A 36 -3.33 -4.33 4.94
N SER A 37 -2.38 -3.40 4.86
CA SER A 37 -1.27 -3.50 3.91
C SER A 37 -0.05 -4.11 4.61
N LYS A 38 0.77 -4.82 3.87
CA LYS A 38 1.98 -5.43 4.41
C LYS A 38 3.14 -4.42 4.38
N ILE A 39 4.16 -4.69 5.18
CA ILE A 39 5.30 -3.78 5.25
C ILE A 39 6.63 -4.52 5.19
N THR A 40 7.65 -3.83 4.66
CA THR A 40 8.99 -4.40 4.55
C THR A 40 9.99 -3.32 4.16
N THR A 41 10.97 -3.07 5.03
CA THR A 41 11.99 -2.05 4.76
C THR A 41 12.67 -2.32 3.42
N ASN A 42 13.01 -1.24 2.70
CA ASN A 42 13.67 -1.38 1.41
C ASN A 42 13.91 0.00 0.79
N ASN A 43 15.05 0.13 0.10
CA ASN A 43 15.42 1.40 -0.54
C ASN A 43 15.79 2.45 0.50
N GLY A 44 15.86 2.06 1.77
CA GLY A 44 16.20 2.99 2.82
C GLY A 44 15.01 3.39 3.66
N TRP A 45 13.82 3.29 3.10
CA TRP A 45 12.60 3.65 3.81
C TRP A 45 11.66 2.47 3.94
N ASN A 46 10.65 2.64 4.79
CA ASN A 46 9.65 1.61 5.05
C ASN A 46 8.78 1.35 3.82
N ARG A 47 9.02 0.22 3.15
CA ARG A 47 8.25 -0.15 1.97
C ARG A 47 6.89 -0.71 2.38
N VAL A 48 5.92 -0.62 1.48
CA VAL A 48 4.57 -1.13 1.76
C VAL A 48 4.07 -1.95 0.58
N VAL A 49 3.17 -2.86 0.90
CA VAL A 49 2.56 -3.75 -0.08
C VAL A 49 1.42 -4.49 0.60
N ILE A 50 0.29 -4.68 -0.08
CA ILE A 50 -0.82 -5.41 0.53
C ILE A 50 -1.03 -6.73 -0.18
N GLY A 51 -0.05 -7.61 -0.03
CA GLY A 51 -0.11 -8.91 -0.68
C GLY A 51 -0.74 -8.82 -2.06
N PRO A 52 -1.40 -9.88 -2.54
CA PRO A 52 -2.06 -9.84 -3.83
C PRO A 52 -3.48 -9.30 -3.70
N VAL A 53 -3.65 -8.03 -4.05
CA VAL A 53 -4.96 -7.38 -3.94
C VAL A 53 -5.87 -7.75 -5.11
N LYS A 54 -7.05 -7.14 -5.13
CA LYS A 54 -8.03 -7.41 -6.19
C LYS A 54 -8.38 -6.13 -6.93
N GLY A 55 -8.29 -6.17 -8.26
CA GLY A 55 -8.61 -5.00 -9.06
C GLY A 55 -10.10 -4.80 -9.21
N LYS A 56 -10.61 -3.72 -8.63
CA LYS A 56 -12.04 -3.42 -8.70
C LYS A 56 -12.35 -2.08 -8.02
N GLU A 57 -11.84 -1.90 -6.81
CA GLU A 57 -12.08 -0.67 -6.06
C GLU A 57 -11.30 -0.63 -4.75
N ASN A 58 -10.98 -1.80 -4.20
CA ASN A 58 -10.24 -1.88 -2.94
C ASN A 58 -8.87 -1.22 -3.08
N ALA A 59 -8.04 -1.78 -3.96
CA ALA A 59 -6.70 -1.23 -4.18
C ALA A 59 -6.77 0.25 -4.52
N ASP A 60 -7.83 0.63 -5.25
CA ASP A 60 -8.04 2.03 -5.63
C ASP A 60 -8.40 2.86 -4.42
N SER A 61 -9.43 2.43 -3.69
CA SER A 61 -9.84 3.14 -2.49
C SER A 61 -8.70 3.14 -1.48
N THR A 62 -7.87 2.10 -1.55
CA THR A 62 -6.72 1.98 -0.67
C THR A 62 -5.80 3.17 -0.89
N LEU A 63 -5.65 3.57 -2.15
CA LEU A 63 -4.81 4.71 -2.51
C LEU A 63 -5.23 5.93 -1.72
N ASN A 64 -6.47 6.35 -1.94
CA ASN A 64 -7.02 7.50 -1.23
C ASN A 64 -6.98 7.25 0.27
N ARG A 65 -7.02 5.98 0.63
CA ARG A 65 -6.97 5.58 2.03
C ARG A 65 -5.53 5.64 2.54
N LEU A 66 -4.56 5.45 1.65
CA LEU A 66 -3.15 5.53 2.02
C LEU A 66 -2.83 6.94 2.45
N LYS A 67 -3.48 7.90 1.82
CA LYS A 67 -3.31 9.30 2.21
C LYS A 67 -3.77 9.46 3.65
N MET A 68 -4.65 8.53 4.06
CA MET A 68 -5.19 8.49 5.41
C MET A 68 -4.15 7.94 6.39
N ALA A 69 -3.07 7.41 5.84
CA ALA A 69 -2.00 6.83 6.65
C ALA A 69 -0.82 7.77 6.79
N GLY A 70 -0.64 8.66 5.82
CA GLY A 70 0.47 9.59 5.87
C GLY A 70 1.72 9.01 5.27
N HIS A 71 1.79 9.01 3.94
CA HIS A 71 2.94 8.45 3.23
C HIS A 71 3.52 9.45 2.23
N THR A 72 4.71 9.16 1.74
CA THR A 72 5.37 10.04 0.77
C THR A 72 5.55 9.38 -0.61
N ASN A 73 4.79 8.32 -0.91
CA ASN A 73 4.88 7.66 -2.22
C ASN A 73 4.18 6.30 -2.23
N CYS A 74 3.08 6.22 -2.97
CA CYS A 74 2.30 4.98 -3.09
C CYS A 74 2.15 4.58 -4.57
N ILE A 75 2.04 3.28 -4.85
CA ILE A 75 1.88 2.81 -6.21
C ILE A 75 1.36 1.39 -6.23
N ARG A 76 0.18 1.20 -6.81
CA ARG A 76 -0.41 -0.13 -6.89
C ARG A 76 0.24 -0.93 -8.00
N LEU A 77 0.95 -1.99 -7.61
CA LEU A 77 1.63 -2.86 -8.54
C LEU A 77 0.74 -4.03 -8.92
N ALA A 78 0.41 -4.12 -10.20
CA ALA A 78 -0.48 -5.18 -10.68
C ALA A 78 0.31 -6.43 -11.03
N ALA A 79 -0.21 -7.58 -10.61
CA ALA A 79 0.42 -8.86 -10.88
C ALA A 79 0.32 -9.22 -12.35
N GLY A 80 1.08 -10.24 -12.76
CA GLY A 80 1.05 -10.66 -14.15
C GLY A 80 1.91 -11.89 -14.40
N GLY A 81 1.34 -12.88 -15.06
CA GLY A 81 2.08 -14.10 -15.35
C GLY A 81 1.17 -15.30 -15.52
N LYS A 5 -8.59 -7.08 -18.03
CA LYS A 5 -9.97 -6.95 -17.49
C LYS A 5 -10.55 -8.32 -17.14
N ASP A 6 -11.67 -8.31 -16.43
CA ASP A 6 -12.34 -9.55 -16.03
C ASP A 6 -11.41 -10.39 -15.14
N GLU A 7 -11.75 -10.45 -13.85
CA GLU A 7 -10.95 -11.23 -12.90
C GLU A 7 -9.54 -10.67 -12.80
N ARG A 8 -9.44 -9.43 -12.34
CA ARG A 8 -8.14 -8.77 -12.19
C ARG A 8 -7.68 -8.78 -10.73
N ARG A 9 -6.37 -8.92 -10.53
CA ARG A 9 -5.80 -8.95 -9.20
C ARG A 9 -4.73 -7.89 -9.05
N TRP A 10 -4.24 -7.77 -7.82
CA TRP A 10 -3.27 -6.75 -7.52
C TRP A 10 -2.22 -7.16 -6.50
N MET A 11 -1.33 -6.20 -6.28
CA MET A 11 -0.24 -6.28 -5.33
C MET A 11 0.29 -4.85 -5.17
N VAL A 12 -0.45 -4.06 -4.41
CA VAL A 12 -0.15 -2.65 -4.22
C VAL A 12 1.23 -2.43 -3.61
N GLN A 13 1.79 -1.24 -3.87
CA GLN A 13 3.07 -0.91 -3.32
C GLN A 13 3.18 0.59 -3.14
N CYS A 14 2.27 1.11 -2.34
CA CYS A 14 2.22 2.52 -2.02
C CYS A 14 3.04 2.77 -0.78
N GLY A 15 4.21 2.14 -0.73
CA GLY A 15 5.08 2.28 0.41
C GLY A 15 6.40 2.92 0.06
N SER A 16 7.33 2.84 1.00
CA SER A 16 8.68 3.38 0.82
C SER A 16 8.72 4.89 1.08
N PHE A 17 8.65 5.25 2.36
CA PHE A 17 8.70 6.66 2.74
C PHE A 17 9.82 6.93 3.73
N ARG A 18 10.58 8.01 3.47
CA ARG A 18 11.65 8.40 4.37
C ARG A 18 11.11 8.50 5.78
N GLY A 19 9.81 8.71 5.88
CA GLY A 19 9.13 8.79 7.16
C GLY A 19 9.07 7.45 7.84
N ALA A 20 10.24 6.86 8.08
CA ALA A 20 10.34 5.54 8.72
C ALA A 20 9.32 5.38 9.84
N GLU A 21 9.16 6.44 10.63
CA GLU A 21 8.20 6.43 11.73
C GLU A 21 6.78 6.52 11.17
N GLN A 22 6.61 7.40 10.19
CA GLN A 22 5.31 7.58 9.56
C GLN A 22 4.94 6.30 8.80
N ALA A 23 5.96 5.63 8.26
CA ALA A 23 5.77 4.40 7.52
C ALA A 23 5.13 3.34 8.40
N GLU A 24 5.70 3.16 9.60
CA GLU A 24 5.17 2.19 10.54
C GLU A 24 3.73 2.56 10.90
N THR A 25 3.52 3.83 11.20
CA THR A 25 2.20 4.32 11.53
C THR A 25 1.32 4.27 10.28
N VAL A 26 1.96 4.42 9.13
CA VAL A 26 1.26 4.36 7.85
C VAL A 26 0.72 2.96 7.61
N ARG A 27 1.57 1.96 7.88
CA ARG A 27 1.15 0.58 7.70
C ARG A 27 -0.03 0.26 8.61
N ALA A 28 0.10 0.64 9.87
CA ALA A 28 -0.97 0.42 10.84
C ALA A 28 -2.22 1.18 10.42
N GLN A 29 -2.02 2.40 9.92
CA GLN A 29 -3.14 3.23 9.47
C GLN A 29 -3.86 2.54 8.31
N LEU A 30 -3.08 1.90 7.43
CA LEU A 30 -3.64 1.18 6.31
C LEU A 30 -4.56 0.08 6.79
N ALA A 31 -4.07 -0.71 7.73
CA ALA A 31 -4.86 -1.80 8.30
C ALA A 31 -5.94 -1.27 9.24
N PHE A 32 -5.69 -0.09 9.82
CA PHE A 32 -6.65 0.53 10.73
C PHE A 32 -7.76 1.21 9.96
N GLU A 33 -7.43 1.76 8.79
CA GLU A 33 -8.42 2.44 7.95
C GLU A 33 -9.31 1.43 7.24
N GLY A 34 -8.87 0.18 7.19
CA GLY A 34 -9.65 -0.85 6.52
C GLY A 34 -8.94 -1.41 5.30
N PHE A 35 -7.62 -1.19 5.22
CA PHE A 35 -6.83 -1.69 4.11
C PHE A 35 -5.42 -2.01 4.57
N ASP A 36 -5.28 -3.13 5.27
CA ASP A 36 -4.01 -3.58 5.81
C ASP A 36 -2.98 -3.89 4.72
N SER A 37 -1.90 -3.12 4.73
CA SER A 37 -0.79 -3.29 3.80
C SER A 37 0.42 -3.84 4.57
N LYS A 38 1.09 -4.86 4.03
CA LYS A 38 2.26 -5.42 4.72
C LYS A 38 3.48 -4.51 4.55
N ILE A 39 4.09 -4.15 5.66
CA ILE A 39 5.27 -3.26 5.66
C ILE A 39 6.56 -4.04 5.48
N THR A 40 7.61 -3.31 5.03
CA THR A 40 8.92 -3.90 4.83
C THR A 40 9.88 -2.85 4.27
N THR A 41 11.08 -2.77 4.85
CA THR A 41 12.07 -1.80 4.41
C THR A 41 13.10 -2.46 3.49
N ASN A 42 13.69 -1.69 2.58
CA ASN A 42 14.69 -2.24 1.66
C ASN A 42 15.33 -1.15 0.82
N ASN A 43 14.52 -0.30 0.22
CA ASN A 43 15.02 0.79 -0.61
C ASN A 43 15.56 1.93 0.24
N GLY A 44 15.70 1.69 1.54
CA GLY A 44 16.18 2.70 2.45
C GLY A 44 15.11 3.12 3.43
N TRP A 45 13.87 3.08 2.96
CA TRP A 45 12.73 3.44 3.76
C TRP A 45 11.67 2.35 3.72
N ASN A 46 10.77 2.40 4.70
CA ASN A 46 9.69 1.42 4.81
C ASN A 46 8.90 1.31 3.51
N ARG A 47 9.14 0.25 2.74
CA ARG A 47 8.43 0.04 1.48
C ARG A 47 7.24 -0.89 1.67
N VAL A 48 6.13 -0.32 2.14
CA VAL A 48 4.92 -1.10 2.39
C VAL A 48 4.27 -1.59 1.11
N VAL A 49 3.41 -2.58 1.27
CA VAL A 49 2.67 -3.21 0.18
C VAL A 49 1.56 -4.05 0.78
N ILE A 50 0.40 -4.15 0.12
CA ILE A 50 -0.67 -4.98 0.66
C ILE A 50 -0.70 -6.32 -0.05
N GLY A 51 -1.05 -7.37 0.68
CA GLY A 51 -1.10 -8.69 0.08
C GLY A 51 -1.80 -8.64 -1.26
N PRO A 52 -1.48 -9.54 -2.19
CA PRO A 52 -2.10 -9.55 -3.52
C PRO A 52 -3.60 -9.27 -3.44
N VAL A 53 -3.98 -8.03 -3.70
CA VAL A 53 -5.38 -7.61 -3.64
C VAL A 53 -6.09 -7.91 -4.94
N LYS A 54 -7.33 -7.42 -5.08
CA LYS A 54 -8.12 -7.65 -6.28
C LYS A 54 -8.44 -6.34 -7.00
N GLY A 55 -8.47 -6.41 -8.33
CA GLY A 55 -8.77 -5.24 -9.13
C GLY A 55 -10.25 -4.95 -9.20
N LYS A 56 -10.65 -3.77 -8.73
CA LYS A 56 -12.06 -3.38 -8.74
C LYS A 56 -12.26 -2.03 -8.05
N GLU A 57 -11.96 -1.98 -6.76
CA GLU A 57 -12.12 -0.75 -5.98
C GLU A 57 -11.31 -0.78 -4.69
N ASN A 58 -11.02 -1.97 -4.17
CA ASN A 58 -10.25 -2.10 -2.94
C ASN A 58 -8.86 -1.48 -3.09
N ALA A 59 -8.07 -2.05 -3.98
CA ALA A 59 -6.72 -1.54 -4.23
C ALA A 59 -6.78 -0.05 -4.58
N ASP A 60 -7.78 0.32 -5.40
CA ASP A 60 -7.97 1.71 -5.80
C ASP A 60 -8.26 2.57 -4.58
N SER A 61 -9.21 2.12 -3.75
CA SER A 61 -9.55 2.86 -2.55
C SER A 61 -8.32 2.91 -1.64
N THR A 62 -7.59 1.79 -1.61
CA THR A 62 -6.37 1.69 -0.82
C THR A 62 -5.45 2.86 -1.15
N LEU A 63 -5.42 3.21 -2.44
CA LEU A 63 -4.60 4.32 -2.90
C LEU A 63 -4.98 5.60 -2.17
N ASN A 64 -6.23 6.01 -2.33
CA ASN A 64 -6.74 7.20 -1.67
C ASN A 64 -6.71 7.03 -0.16
N ARG A 65 -6.83 5.78 0.28
CA ARG A 65 -6.80 5.47 1.70
C ARG A 65 -5.39 5.62 2.25
N LEU A 66 -4.38 5.29 1.44
CA LEU A 66 -2.98 5.43 1.87
C LEU A 66 -2.70 6.89 2.20
N LYS A 67 -3.51 7.78 1.63
CA LYS A 67 -3.39 9.20 1.93
C LYS A 67 -3.90 9.42 3.36
N MET A 68 -4.78 8.51 3.79
CA MET A 68 -5.35 8.55 5.13
C MET A 68 -4.27 8.21 6.16
N ALA A 69 -3.36 7.33 5.77
CA ALA A 69 -2.27 6.91 6.63
C ALA A 69 -1.20 7.99 6.71
N GLY A 70 -1.06 8.77 5.64
CA GLY A 70 -0.07 9.83 5.62
C GLY A 70 1.31 9.34 5.25
N HIS A 71 1.52 9.06 3.97
CA HIS A 71 2.81 8.57 3.50
C HIS A 71 3.23 9.26 2.20
N THR A 72 4.55 9.26 1.94
CA THR A 72 5.12 9.89 0.74
C THR A 72 4.15 9.95 -0.46
N ASN A 73 4.26 8.99 -1.40
CA ASN A 73 3.41 8.99 -2.59
C ASN A 73 2.38 7.85 -2.58
N CYS A 74 2.59 6.80 -3.40
CA CYS A 74 1.69 5.63 -3.51
C CYS A 74 1.63 5.11 -4.95
N ILE A 75 1.63 3.79 -5.14
CA ILE A 75 1.57 3.22 -6.48
C ILE A 75 1.15 1.75 -6.41
N ARG A 76 0.00 1.43 -6.99
CA ARG A 76 -0.49 0.06 -6.98
C ARG A 76 0.26 -0.79 -7.99
N LEU A 77 0.85 -1.88 -7.51
CA LEU A 77 1.57 -2.78 -8.37
C LEU A 77 0.69 -3.96 -8.74
N ALA A 78 0.40 -4.11 -10.02
CA ALA A 78 -0.48 -5.18 -10.47
C ALA A 78 0.32 -6.41 -10.88
N ALA A 79 -0.16 -7.56 -10.42
CA ALA A 79 0.48 -8.84 -10.72
C ALA A 79 0.51 -9.10 -12.21
N GLY A 80 1.44 -9.95 -12.65
CA GLY A 80 1.56 -10.27 -14.06
C GLY A 80 1.00 -11.64 -14.39
N GLY A 81 1.90 -12.61 -14.54
CA GLY A 81 1.47 -13.96 -14.86
C GLY A 81 1.74 -14.94 -13.73
N LYS A 5 -11.00 -16.52 -17.37
CA LYS A 5 -10.68 -15.17 -17.90
C LYS A 5 -10.01 -14.30 -16.84
N ASP A 6 -9.41 -13.19 -17.28
CA ASP A 6 -8.73 -12.28 -16.37
C ASP A 6 -9.74 -11.39 -15.64
N GLU A 7 -9.89 -11.62 -14.35
CA GLU A 7 -10.82 -10.84 -13.54
C GLU A 7 -10.10 -9.75 -12.76
N ARG A 8 -9.00 -9.25 -13.34
CA ARG A 8 -8.21 -8.20 -12.72
C ARG A 8 -7.68 -8.64 -11.36
N ARG A 9 -6.59 -8.01 -10.94
CA ARG A 9 -5.95 -8.31 -9.66
C ARG A 9 -4.85 -7.33 -9.36
N TRP A 10 -4.32 -7.42 -8.15
CA TRP A 10 -3.30 -6.48 -7.74
C TRP A 10 -2.30 -7.03 -6.73
N MET A 11 -1.37 -6.13 -6.43
CA MET A 11 -0.30 -6.32 -5.46
C MET A 11 0.22 -4.92 -5.16
N VAL A 12 -0.58 -4.19 -4.44
CA VAL A 12 -0.30 -2.79 -4.12
C VAL A 12 1.04 -2.59 -3.44
N GLN A 13 1.58 -1.38 -3.62
CA GLN A 13 2.84 -1.02 -3.01
C GLN A 13 2.86 0.47 -2.77
N CYS A 14 1.94 0.91 -1.93
CA CYS A 14 1.81 2.31 -1.60
C CYS A 14 2.63 2.66 -0.36
N GLY A 15 3.84 2.14 -0.31
CA GLY A 15 4.71 2.40 0.82
C GLY A 15 6.07 2.88 0.40
N SER A 16 7.01 2.83 1.33
CA SER A 16 8.38 3.24 1.09
C SER A 16 8.53 4.75 1.24
N PHE A 17 8.23 5.22 2.44
CA PHE A 17 8.33 6.65 2.73
C PHE A 17 9.54 6.94 3.62
N ARG A 18 10.26 8.02 3.29
CA ARG A 18 11.40 8.43 4.09
C ARG A 18 10.98 8.59 5.54
N GLY A 19 9.68 8.79 5.73
CA GLY A 19 9.12 8.93 7.06
C GLY A 19 9.12 7.61 7.81
N ALA A 20 10.30 7.00 7.94
CA ALA A 20 10.46 5.72 8.62
C ALA A 20 9.57 5.64 9.86
N GLU A 21 9.56 6.72 10.63
CA GLU A 21 8.75 6.77 11.83
C GLU A 21 7.28 6.68 11.46
N GLN A 22 6.86 7.49 10.50
CA GLN A 22 5.49 7.47 10.03
C GLN A 22 5.21 6.13 9.38
N ALA A 23 6.16 5.67 8.58
CA ALA A 23 6.06 4.39 7.90
C ALA A 23 5.69 3.28 8.88
N GLU A 24 6.33 3.28 10.04
CA GLU A 24 6.04 2.27 11.05
C GLU A 24 4.60 2.40 11.51
N THR A 25 4.25 3.57 12.03
CA THR A 25 2.88 3.82 12.47
C THR A 25 1.94 3.72 11.28
N VAL A 26 2.49 3.99 10.10
CA VAL A 26 1.73 3.92 8.86
C VAL A 26 1.28 2.50 8.59
N ARG A 27 2.21 1.56 8.74
CA ARG A 27 1.91 0.14 8.53
C ARG A 27 0.65 -0.24 9.29
N ALA A 28 0.46 0.37 10.46
CA ALA A 28 -0.71 0.12 11.26
C ALA A 28 -1.88 0.96 10.73
N GLN A 29 -1.55 2.14 10.23
CA GLN A 29 -2.55 3.05 9.68
C GLN A 29 -3.19 2.46 8.43
N LEU A 30 -2.39 1.81 7.59
CA LEU A 30 -2.91 1.20 6.37
C LEU A 30 -3.97 0.17 6.74
N ALA A 31 -3.73 -0.54 7.84
CA ALA A 31 -4.67 -1.54 8.33
C ALA A 31 -5.77 -0.89 9.15
N PHE A 32 -5.42 0.16 9.88
CA PHE A 32 -6.39 0.87 10.71
C PHE A 32 -7.29 1.75 9.86
N GLU A 33 -6.78 2.17 8.69
CA GLU A 33 -7.57 3.02 7.80
C GLU A 33 -8.59 2.20 7.02
N GLY A 34 -8.39 0.88 6.99
CA GLY A 34 -9.31 0.01 6.28
C GLY A 34 -8.64 -0.79 5.17
N PHE A 35 -7.31 -0.80 5.16
CA PHE A 35 -6.58 -1.54 4.14
C PHE A 35 -5.32 -2.19 4.73
N ASP A 36 -5.51 -3.32 5.39
CA ASP A 36 -4.41 -4.04 6.04
C ASP A 36 -3.27 -4.37 5.07
N SER A 37 -2.37 -3.39 4.89
CA SER A 37 -1.21 -3.57 4.02
C SER A 37 -0.05 -4.17 4.81
N LYS A 38 0.91 -4.73 4.08
CA LYS A 38 2.10 -5.33 4.71
C LYS A 38 3.31 -4.42 4.52
N ILE A 39 4.07 -4.20 5.60
CA ILE A 39 5.24 -3.34 5.56
C ILE A 39 6.54 -4.11 5.30
N THR A 40 7.55 -3.39 4.82
CA THR A 40 8.86 -3.96 4.53
C THR A 40 9.80 -2.91 3.94
N THR A 41 10.94 -2.71 4.58
CA THR A 41 11.92 -1.72 4.11
C THR A 41 12.86 -2.35 3.09
N ASN A 42 13.41 -1.52 2.20
CA ASN A 42 14.34 -2.02 1.18
C ASN A 42 14.97 -0.90 0.38
N ASN A 43 14.15 -0.02 -0.19
CA ASN A 43 14.64 1.09 -0.98
C ASN A 43 15.20 2.19 -0.08
N GLY A 44 15.36 1.90 1.21
CA GLY A 44 15.87 2.87 2.16
C GLY A 44 14.80 3.26 3.15
N TRP A 45 13.55 3.24 2.71
CA TRP A 45 12.43 3.57 3.56
C TRP A 45 11.49 2.40 3.69
N ASN A 46 10.58 2.50 4.64
CA ASN A 46 9.61 1.44 4.91
C ASN A 46 8.61 1.27 3.76
N ARG A 47 8.86 0.25 2.93
CA ARG A 47 7.99 -0.03 1.79
C ARG A 47 6.77 -0.86 2.23
N VAL A 48 5.62 -0.60 1.62
CA VAL A 48 4.41 -1.34 1.96
C VAL A 48 3.79 -1.99 0.75
N VAL A 49 2.94 -2.95 1.04
CA VAL A 49 2.20 -3.72 0.03
C VAL A 49 1.13 -4.53 0.72
N ILE A 50 -0.06 -4.62 0.14
CA ILE A 50 -1.11 -5.42 0.75
C ILE A 50 -1.27 -6.72 0.00
N GLY A 51 -0.21 -7.51 0.04
CA GLY A 51 -0.19 -8.79 -0.65
C GLY A 51 -0.84 -8.69 -2.02
N PRO A 52 -1.25 -9.82 -2.62
CA PRO A 52 -1.91 -9.79 -3.90
C PRO A 52 -3.40 -9.50 -3.75
N VAL A 53 -3.79 -8.26 -4.02
CA VAL A 53 -5.19 -7.87 -3.87
C VAL A 53 -5.97 -8.12 -5.16
N LYS A 54 -7.27 -7.87 -5.11
CA LYS A 54 -8.12 -8.11 -6.28
C LYS A 54 -9.43 -7.32 -6.15
N GLY A 55 -9.87 -6.73 -7.26
CA GLY A 55 -11.10 -5.97 -7.25
C GLY A 55 -11.02 -4.70 -8.06
N LYS A 56 -9.81 -4.26 -8.38
CA LYS A 56 -9.62 -3.03 -9.15
C LYS A 56 -9.89 -1.80 -8.30
N GLU A 57 -11.09 -1.75 -7.71
CA GLU A 57 -11.48 -0.64 -6.86
C GLU A 57 -10.92 -0.78 -5.45
N ASN A 58 -10.64 -2.02 -5.05
CA ASN A 58 -10.09 -2.28 -3.73
C ASN A 58 -8.70 -1.67 -3.61
N ALA A 59 -7.76 -2.20 -4.39
CA ALA A 59 -6.40 -1.67 -4.39
C ALA A 59 -6.42 -0.19 -4.71
N ASP A 60 -7.32 0.20 -5.60
CA ASP A 60 -7.46 1.59 -6.01
C ASP A 60 -7.91 2.44 -4.82
N SER A 61 -8.97 2.00 -4.13
CA SER A 61 -9.47 2.72 -2.97
C SER A 61 -8.35 2.88 -1.96
N THR A 62 -7.51 1.85 -1.86
CA THR A 62 -6.36 1.86 -0.96
C THR A 62 -5.45 3.04 -1.29
N LEU A 63 -5.43 3.42 -2.56
CA LEU A 63 -4.62 4.55 -2.99
C LEU A 63 -5.14 5.82 -2.35
N ASN A 64 -6.39 6.15 -2.70
CA ASN A 64 -7.05 7.31 -2.13
C ASN A 64 -7.19 7.14 -0.63
N ARG A 65 -7.20 5.89 -0.19
CA ARG A 65 -7.30 5.56 1.22
C ARG A 65 -5.96 5.80 1.91
N LEU A 66 -4.86 5.39 1.26
CA LEU A 66 -3.53 5.60 1.82
C LEU A 66 -3.35 7.08 2.12
N LYS A 67 -4.09 7.93 1.39
CA LYS A 67 -4.05 9.36 1.64
C LYS A 67 -4.71 9.65 2.98
N MET A 68 -5.70 8.82 3.33
CA MET A 68 -6.41 8.96 4.59
C MET A 68 -5.44 8.83 5.77
N ALA A 69 -4.29 8.24 5.50
CA ALA A 69 -3.27 8.05 6.52
C ALA A 69 -2.17 9.10 6.41
N GLY A 70 -1.70 9.33 5.18
CA GLY A 70 -0.66 10.32 4.96
C GLY A 70 0.71 9.70 4.73
N HIS A 71 0.98 9.29 3.49
CA HIS A 71 2.26 8.67 3.16
C HIS A 71 2.94 9.38 1.99
N THR A 72 4.27 9.48 2.04
CA THR A 72 5.02 10.14 0.97
C THR A 72 5.48 9.14 -0.09
N ASN A 73 4.56 8.31 -0.58
CA ASN A 73 4.88 7.31 -1.61
C ASN A 73 3.79 6.24 -1.71
N CYS A 74 3.03 6.27 -2.81
CA CYS A 74 1.96 5.30 -3.02
C CYS A 74 1.84 4.90 -4.51
N ILE A 75 1.65 3.59 -4.76
CA ILE A 75 1.52 3.10 -6.13
C ILE A 75 1.06 1.65 -6.14
N ARG A 76 -0.09 1.38 -6.74
CA ARG A 76 -0.62 0.03 -6.80
C ARG A 76 0.16 -0.80 -7.80
N LEU A 77 0.84 -1.82 -7.30
CA LEU A 77 1.62 -2.70 -8.16
C LEU A 77 0.74 -3.85 -8.64
N ALA A 78 0.49 -3.88 -9.93
CA ALA A 78 -0.35 -4.92 -10.52
C ALA A 78 0.43 -6.18 -10.82
N ALA A 79 -0.28 -7.31 -10.84
CA ALA A 79 0.33 -8.60 -11.11
C ALA A 79 0.18 -8.97 -12.59
N GLY A 80 1.29 -8.94 -13.31
CA GLY A 80 1.26 -9.26 -14.72
C GLY A 80 0.52 -8.24 -15.55
N GLY A 81 0.62 -6.98 -15.14
CA GLY A 81 -0.06 -5.91 -15.86
C GLY A 81 -0.47 -4.77 -14.96
N LYS A 5 -4.08 -3.04 -21.15
CA LYS A 5 -4.68 -4.37 -21.41
C LYS A 5 -4.64 -5.25 -20.15
N ASP A 6 -5.80 -5.80 -19.79
CA ASP A 6 -5.89 -6.65 -18.61
C ASP A 6 -5.52 -5.89 -17.34
N GLU A 7 -6.09 -6.31 -16.22
CA GLU A 7 -5.81 -5.66 -14.94
C GLU A 7 -6.53 -6.38 -13.80
N ARG A 8 -6.43 -7.70 -13.78
CA ARG A 8 -7.08 -8.51 -12.75
C ARG A 8 -6.21 -8.57 -11.49
N ARG A 9 -6.87 -8.68 -10.34
CA ARG A 9 -6.19 -8.76 -9.04
C ARG A 9 -5.09 -7.74 -8.91
N TRP A 10 -4.53 -7.67 -7.71
CA TRP A 10 -3.52 -6.68 -7.41
C TRP A 10 -2.45 -7.15 -6.43
N MET A 11 -1.52 -6.24 -6.23
CA MET A 11 -0.38 -6.38 -5.32
C MET A 11 0.21 -5.00 -5.13
N VAL A 12 -0.50 -4.21 -4.34
CA VAL A 12 -0.14 -2.81 -4.11
C VAL A 12 1.31 -2.62 -3.71
N GLN A 13 1.81 -1.43 -4.04
CA GLN A 13 3.17 -1.06 -3.70
C GLN A 13 3.20 0.42 -3.43
N CYS A 14 2.36 0.81 -2.49
CA CYS A 14 2.23 2.19 -2.08
C CYS A 14 3.04 2.43 -0.83
N GLY A 15 4.33 2.23 -0.93
CA GLY A 15 5.19 2.40 0.21
C GLY A 15 6.51 3.05 -0.11
N SER A 16 7.41 3.00 0.85
CA SER A 16 8.74 3.56 0.71
C SER A 16 8.74 5.05 1.04
N PHE A 17 8.53 5.35 2.31
CA PHE A 17 8.51 6.74 2.76
C PHE A 17 9.63 7.02 3.75
N ARG A 18 10.40 8.08 3.48
CA ARG A 18 11.48 8.48 4.37
C ARG A 18 10.96 8.57 5.80
N GLY A 19 9.65 8.78 5.91
CA GLY A 19 9.00 8.88 7.19
C GLY A 19 8.94 7.52 7.89
N ALA A 20 10.10 6.90 8.08
CA ALA A 20 10.18 5.59 8.72
C ALA A 20 9.19 5.47 9.87
N GLU A 21 9.04 6.55 10.63
CA GLU A 21 8.11 6.58 11.74
C GLU A 21 6.68 6.55 11.21
N GLN A 22 6.43 7.39 10.20
CA GLN A 22 5.13 7.45 9.56
C GLN A 22 4.86 6.13 8.86
N ALA A 23 5.90 5.54 8.29
CA ALA A 23 5.80 4.28 7.58
C ALA A 23 5.25 3.20 8.51
N GLU A 24 5.79 3.14 9.73
CA GLU A 24 5.33 2.16 10.71
C GLU A 24 3.87 2.41 11.03
N THR A 25 3.56 3.64 11.45
CA THR A 25 2.19 4.02 11.76
C THR A 25 1.34 3.91 10.50
N VAL A 26 1.99 4.09 9.35
CA VAL A 26 1.31 3.99 8.06
C VAL A 26 0.78 2.58 7.86
N ARG A 27 1.50 1.60 8.43
CA ARG A 27 1.08 0.21 8.33
C ARG A 27 -0.22 -0.01 9.07
N ALA A 28 -0.21 0.28 10.37
CA ALA A 28 -1.40 0.12 11.20
C ALA A 28 -2.55 0.96 10.65
N GLN A 29 -2.22 2.12 10.11
CA GLN A 29 -3.23 3.01 9.55
C GLN A 29 -3.94 2.33 8.38
N LEU A 30 -3.16 1.77 7.47
CA LEU A 30 -3.73 1.08 6.31
C LEU A 30 -4.67 -0.01 6.75
N ALA A 31 -4.25 -0.81 7.72
CA ALA A 31 -5.08 -1.89 8.24
C ALA A 31 -6.20 -1.35 9.13
N PHE A 32 -5.96 -0.21 9.74
CA PHE A 32 -6.96 0.40 10.62
C PHE A 32 -8.01 1.15 9.80
N GLU A 33 -7.60 1.69 8.66
CA GLU A 33 -8.51 2.43 7.79
C GLU A 33 -9.40 1.48 7.00
N GLY A 34 -8.99 0.21 6.91
CA GLY A 34 -9.76 -0.76 6.17
C GLY A 34 -8.99 -1.36 5.01
N PHE A 35 -7.67 -1.18 5.01
CA PHE A 35 -6.83 -1.72 3.95
C PHE A 35 -5.46 -2.13 4.49
N ASP A 36 -5.44 -3.29 5.14
CA ASP A 36 -4.23 -3.83 5.75
C ASP A 36 -3.12 -4.11 4.73
N SER A 37 -2.11 -3.25 4.74
CA SER A 37 -0.95 -3.38 3.86
C SER A 37 0.17 -4.06 4.61
N LYS A 38 1.25 -4.35 3.91
CA LYS A 38 2.43 -5.00 4.50
C LYS A 38 3.70 -4.20 4.19
N ILE A 39 4.33 -3.66 5.23
CA ILE A 39 5.55 -2.87 5.06
C ILE A 39 6.80 -3.72 5.00
N THR A 40 7.88 -3.10 4.56
CA THR A 40 9.17 -3.76 4.44
C THR A 40 10.27 -2.73 4.18
N THR A 41 11.34 -2.77 4.98
CA THR A 41 12.43 -1.82 4.82
C THR A 41 13.20 -2.08 3.54
N ASN A 42 13.44 -1.02 2.76
CA ASN A 42 14.17 -1.14 1.50
C ASN A 42 14.26 0.22 0.81
N ASN A 43 15.34 0.43 0.06
CA ASN A 43 15.55 1.69 -0.64
C ASN A 43 15.83 2.82 0.34
N GLY A 44 16.01 2.48 1.62
CA GLY A 44 16.28 3.47 2.63
C GLY A 44 15.08 3.73 3.52
N TRP A 45 13.88 3.52 2.99
CA TRP A 45 12.67 3.75 3.75
C TRP A 45 11.71 2.57 3.66
N ASN A 46 10.75 2.55 4.57
CA ASN A 46 9.74 1.49 4.65
C ASN A 46 8.94 1.39 3.35
N ARG A 47 9.25 0.38 2.53
CA ARG A 47 8.54 0.19 1.26
C ARG A 47 7.34 -0.74 1.44
N VAL A 48 6.22 -0.17 1.88
CA VAL A 48 5.01 -0.96 2.10
C VAL A 48 4.37 -1.44 0.80
N VAL A 49 3.67 -2.54 0.95
CA VAL A 49 2.94 -3.21 -0.13
C VAL A 49 1.81 -4.00 0.52
N ILE A 50 0.65 -4.05 -0.12
CA ILE A 50 -0.47 -4.80 0.47
C ILE A 50 -0.58 -6.17 -0.15
N GLY A 51 -0.93 -7.16 0.66
CA GLY A 51 -1.08 -8.52 0.15
C GLY A 51 -1.86 -8.53 -1.15
N PRO A 52 -1.57 -9.47 -2.06
CA PRO A 52 -2.27 -9.55 -3.34
C PRO A 52 -3.75 -9.27 -3.22
N VAL A 53 -4.15 -8.04 -3.54
CA VAL A 53 -5.55 -7.64 -3.45
C VAL A 53 -6.29 -8.01 -4.74
N LYS A 54 -7.56 -7.65 -4.82
CA LYS A 54 -8.36 -7.95 -6.00
C LYS A 54 -9.71 -7.25 -5.96
N GLY A 55 -10.13 -6.72 -7.11
CA GLY A 55 -11.41 -6.04 -7.19
C GLY A 55 -11.36 -4.82 -8.10
N LYS A 56 -10.17 -4.27 -8.33
CA LYS A 56 -10.02 -3.10 -9.18
C LYS A 56 -10.70 -1.88 -8.56
N GLU A 57 -11.15 -2.01 -7.32
CA GLU A 57 -11.82 -0.92 -6.62
C GLU A 57 -11.18 -0.68 -5.26
N ASN A 58 -11.06 -1.74 -4.46
CA ASN A 58 -10.45 -1.64 -3.14
C ASN A 58 -9.03 -1.12 -3.26
N ALA A 59 -8.22 -1.78 -4.09
CA ALA A 59 -6.85 -1.37 -4.30
C ALA A 59 -6.81 0.10 -4.75
N ASP A 60 -7.81 0.48 -5.57
CA ASP A 60 -7.92 1.85 -6.06
C ASP A 60 -8.19 2.80 -4.91
N SER A 61 -9.32 2.59 -4.22
CA SER A 61 -9.66 3.43 -3.08
C SER A 61 -8.55 3.34 -2.04
N THR A 62 -7.89 2.18 -2.02
CA THR A 62 -6.79 1.94 -1.11
C THR A 62 -5.68 2.96 -1.38
N LEU A 63 -5.51 3.31 -2.65
CA LEU A 63 -4.51 4.29 -3.05
C LEU A 63 -4.76 5.60 -2.32
N ASN A 64 -5.96 6.13 -2.51
CA ASN A 64 -6.36 7.37 -1.85
C ASN A 64 -6.41 7.15 -0.34
N ARG A 65 -6.68 5.91 0.05
CA ARG A 65 -6.74 5.55 1.46
C ARG A 65 -5.35 5.64 2.08
N LEU A 66 -4.32 5.26 1.32
CA LEU A 66 -2.94 5.33 1.81
C LEU A 66 -2.62 6.75 2.24
N LYS A 67 -3.33 7.72 1.66
CA LYS A 67 -3.15 9.11 2.03
C LYS A 67 -3.70 9.32 3.43
N MET A 68 -4.59 8.42 3.85
CA MET A 68 -5.20 8.45 5.16
C MET A 68 -4.19 8.04 6.22
N ALA A 69 -3.29 7.15 5.85
CA ALA A 69 -2.26 6.65 6.75
C ALA A 69 -1.14 7.67 6.94
N GLY A 70 -1.05 8.64 6.03
CA GLY A 70 0.00 9.65 6.13
C GLY A 70 1.34 9.13 5.67
N HIS A 71 1.50 9.00 4.36
CA HIS A 71 2.75 8.49 3.79
C HIS A 71 3.12 9.25 2.51
N THR A 72 4.40 9.18 2.14
CA THR A 72 4.87 9.85 0.92
C THR A 72 5.41 8.85 -0.10
N ASN A 73 4.74 8.76 -1.27
CA ASN A 73 5.13 7.86 -2.37
C ASN A 73 4.30 6.58 -2.37
N CYS A 74 3.48 6.41 -3.41
CA CYS A 74 2.61 5.23 -3.53
C CYS A 74 2.44 4.80 -4.99
N ILE A 75 2.17 3.51 -5.21
CA ILE A 75 1.97 2.99 -6.56
C ILE A 75 1.48 1.55 -6.49
N ARG A 76 0.26 1.32 -6.93
CA ARG A 76 -0.31 -0.02 -6.89
C ARG A 76 0.33 -0.91 -7.94
N LEU A 77 0.81 -2.07 -7.48
CA LEU A 77 1.44 -3.03 -8.36
C LEU A 77 0.47 -4.16 -8.67
N ALA A 78 0.05 -4.25 -9.91
CA ALA A 78 -0.91 -5.28 -10.32
C ALA A 78 -0.21 -6.55 -10.76
N ALA A 79 -0.78 -7.68 -10.34
CA ALA A 79 -0.24 -8.99 -10.67
C ALA A 79 -0.12 -9.18 -12.18
N GLY A 80 0.78 -10.07 -12.59
CA GLY A 80 0.99 -10.31 -14.00
C GLY A 80 2.42 -10.67 -14.33
N GLY A 81 3.36 -9.94 -13.74
CA GLY A 81 4.77 -10.21 -13.99
C GLY A 81 5.64 -9.02 -13.64
N LYS A 5 -12.54 -6.59 -17.15
CA LYS A 5 -11.79 -7.27 -18.24
C LYS A 5 -10.32 -6.84 -18.25
N ASP A 6 -9.43 -7.83 -18.22
CA ASP A 6 -7.99 -7.55 -18.22
C ASP A 6 -7.59 -6.76 -16.98
N GLU A 7 -6.34 -6.92 -16.56
CA GLU A 7 -5.83 -6.21 -15.39
C GLU A 7 -6.62 -6.59 -14.14
N ARG A 8 -6.60 -7.87 -13.80
CA ARG A 8 -7.33 -8.37 -12.63
C ARG A 8 -6.36 -8.64 -11.48
N ARG A 9 -6.89 -8.58 -10.26
CA ARG A 9 -6.07 -8.82 -9.07
C ARG A 9 -4.99 -7.78 -8.93
N TRP A 10 -4.33 -7.79 -7.78
CA TRP A 10 -3.31 -6.81 -7.51
C TRP A 10 -2.20 -7.28 -6.58
N MET A 11 -1.27 -6.36 -6.40
CA MET A 11 -0.12 -6.49 -5.53
C MET A 11 0.43 -5.09 -5.34
N VAL A 12 -0.27 -4.33 -4.53
CA VAL A 12 0.05 -2.92 -4.30
C VAL A 12 1.40 -2.70 -3.66
N GLN A 13 2.00 -1.55 -3.96
CA GLN A 13 3.27 -1.17 -3.40
C GLN A 13 3.29 0.32 -3.23
N CYS A 14 2.28 0.78 -2.53
CA CYS A 14 2.09 2.17 -2.25
C CYS A 14 2.90 2.60 -1.04
N GLY A 15 4.21 2.39 -1.11
CA GLY A 15 5.03 2.74 0.02
C GLY A 15 6.38 3.31 -0.34
N SER A 16 7.34 3.06 0.55
CA SER A 16 8.70 3.55 0.41
C SER A 16 8.72 5.02 0.83
N PHE A 17 8.54 5.23 2.13
CA PHE A 17 8.48 6.57 2.69
C PHE A 17 9.55 6.81 3.75
N ARG A 18 10.35 7.86 3.53
CA ARG A 18 11.41 8.23 4.48
C ARG A 18 10.83 8.36 5.88
N GLY A 19 9.52 8.56 5.95
CA GLY A 19 8.83 8.68 7.21
C GLY A 19 8.81 7.37 7.95
N ALA A 20 10.00 6.84 8.25
CA ALA A 20 10.13 5.56 8.96
C ALA A 20 9.13 5.44 10.09
N GLU A 21 9.06 6.48 10.92
CA GLU A 21 8.12 6.49 12.03
C GLU A 21 6.70 6.49 11.49
N GLN A 22 6.41 7.46 10.62
CA GLN A 22 5.10 7.55 10.00
C GLN A 22 4.84 6.30 9.16
N ALA A 23 5.93 5.64 8.80
CA ALA A 23 5.88 4.42 8.00
C ALA A 23 5.36 3.27 8.84
N GLU A 24 5.99 3.06 9.99
CA GLU A 24 5.57 2.00 10.90
C GLU A 24 4.15 2.30 11.37
N THR A 25 3.90 3.55 11.72
CA THR A 25 2.58 3.97 12.14
C THR A 25 1.63 3.88 10.95
N VAL A 26 2.20 4.04 9.75
CA VAL A 26 1.43 3.95 8.52
C VAL A 26 0.80 2.56 8.41
N ARG A 27 1.62 1.53 8.60
CA ARG A 27 1.17 0.15 8.53
C ARG A 27 -0.14 -0.03 9.29
N ALA A 28 -0.22 0.57 10.46
CA ALA A 28 -1.41 0.47 11.29
C ALA A 28 -2.57 1.21 10.65
N GLN A 29 -2.33 2.43 10.20
CA GLN A 29 -3.36 3.23 9.56
C GLN A 29 -3.97 2.50 8.38
N LEU A 30 -3.14 1.90 7.54
CA LEU A 30 -3.62 1.15 6.37
C LEU A 30 -4.59 0.07 6.81
N ALA A 31 -4.24 -0.66 7.86
CA ALA A 31 -5.11 -1.71 8.37
C ALA A 31 -6.25 -1.14 9.19
N PHE A 32 -6.02 0.02 9.80
CA PHE A 32 -7.03 0.67 10.61
C PHE A 32 -8.06 1.37 9.73
N GLU A 33 -7.62 1.85 8.58
CA GLU A 33 -8.51 2.54 7.65
C GLU A 33 -9.35 1.55 6.86
N GLY A 34 -9.01 0.27 6.94
CA GLY A 34 -9.75 -0.74 6.23
C GLY A 34 -8.97 -1.33 5.07
N PHE A 35 -7.66 -1.11 5.06
CA PHE A 35 -6.81 -1.65 4.01
C PHE A 35 -5.45 -2.06 4.55
N ASP A 36 -5.46 -3.15 5.30
CA ASP A 36 -4.26 -3.69 5.93
C ASP A 36 -3.14 -3.97 4.93
N SER A 37 -2.19 -3.05 4.85
CA SER A 37 -1.04 -3.19 3.97
C SER A 37 0.14 -3.75 4.77
N LYS A 38 1.06 -4.43 4.09
CA LYS A 38 2.23 -4.99 4.75
C LYS A 38 3.49 -4.22 4.33
N ILE A 39 4.31 -3.83 5.32
CA ILE A 39 5.52 -3.07 5.03
C ILE A 39 6.80 -3.86 5.30
N THR A 40 7.88 -3.43 4.68
CA THR A 40 9.18 -4.06 4.83
C THR A 40 10.28 -3.11 4.35
N THR A 41 11.16 -2.71 5.26
CA THR A 41 12.25 -1.80 4.93
C THR A 41 12.93 -2.17 3.62
N ASN A 42 13.19 -1.15 2.78
CA ASN A 42 13.83 -1.36 1.49
C ASN A 42 14.01 -0.04 0.77
N ASN A 43 15.06 0.05 -0.03
CA ASN A 43 15.36 1.28 -0.77
C ASN A 43 15.70 2.42 0.18
N GLY A 44 15.87 2.10 1.46
CA GLY A 44 16.20 3.11 2.45
C GLY A 44 15.04 3.44 3.36
N TRP A 45 13.81 3.32 2.84
CA TRP A 45 12.63 3.62 3.62
C TRP A 45 11.59 2.52 3.54
N ASN A 46 10.64 2.56 4.47
CA ASN A 46 9.56 1.58 4.56
C ASN A 46 8.78 1.49 3.25
N ARG A 47 8.91 0.35 2.56
CA ARG A 47 8.21 0.14 1.29
C ARG A 47 6.96 -0.71 1.49
N VAL A 48 5.84 -0.07 1.84
CA VAL A 48 4.60 -0.80 2.08
C VAL A 48 4.06 -1.47 0.84
N VAL A 49 3.28 -2.51 1.10
CA VAL A 49 2.62 -3.32 0.08
C VAL A 49 1.52 -4.13 0.75
N ILE A 50 0.38 -4.29 0.09
CA ILE A 50 -0.71 -5.07 0.69
C ILE A 50 -0.83 -6.41 -0.02
N GLY A 51 0.18 -7.25 0.16
CA GLY A 51 0.19 -8.56 -0.47
C GLY A 51 -0.50 -8.54 -1.82
N PRO A 52 -1.17 -9.62 -2.22
CA PRO A 52 -1.87 -9.67 -3.48
C PRO A 52 -3.32 -9.20 -3.31
N VAL A 53 -3.58 -7.98 -3.77
CA VAL A 53 -4.92 -7.38 -3.65
C VAL A 53 -5.82 -7.82 -4.81
N LYS A 54 -7.02 -7.27 -4.85
CA LYS A 54 -7.99 -7.60 -5.90
C LYS A 54 -8.36 -6.39 -6.73
N GLY A 55 -8.41 -6.57 -8.04
CA GLY A 55 -8.74 -5.48 -8.94
C GLY A 55 -10.25 -5.27 -9.03
N LYS A 56 -10.73 -4.19 -8.44
CA LYS A 56 -12.15 -3.88 -8.45
C LYS A 56 -12.40 -2.47 -7.95
N GLU A 57 -11.82 -2.14 -6.79
CA GLU A 57 -11.99 -0.82 -6.19
C GLU A 57 -11.24 -0.69 -4.87
N ASN A 58 -10.98 -1.81 -4.20
CA ASN A 58 -10.29 -1.80 -2.93
C ASN A 58 -8.90 -1.19 -3.07
N ALA A 59 -8.05 -1.82 -3.89
CA ALA A 59 -6.70 -1.32 -4.11
C ALA A 59 -6.74 0.15 -4.51
N ASP A 60 -7.71 0.51 -5.34
CA ASP A 60 -7.88 1.88 -5.80
C ASP A 60 -8.27 2.78 -4.63
N SER A 61 -9.35 2.41 -3.93
CA SER A 61 -9.78 3.18 -2.78
C SER A 61 -8.66 3.24 -1.76
N THR A 62 -7.86 2.17 -1.72
CA THR A 62 -6.72 2.09 -0.83
C THR A 62 -5.81 3.27 -1.10
N LEU A 63 -5.67 3.61 -2.38
CA LEU A 63 -4.84 4.73 -2.80
C LEU A 63 -5.23 5.98 -2.01
N ASN A 64 -6.49 6.36 -2.17
CA ASN A 64 -7.03 7.51 -1.46
C ASN A 64 -6.95 7.25 0.05
N ARG A 65 -6.98 5.97 0.40
CA ARG A 65 -6.90 5.56 1.79
C ARG A 65 -5.47 5.71 2.31
N LEU A 66 -4.49 5.56 1.43
CA LEU A 66 -3.08 5.70 1.83
C LEU A 66 -2.85 7.13 2.29
N LYS A 67 -3.50 8.07 1.61
CA LYS A 67 -3.40 9.46 2.01
C LYS A 67 -3.94 9.60 3.44
N MET A 68 -4.79 8.64 3.82
CA MET A 68 -5.38 8.60 5.15
C MET A 68 -4.32 8.27 6.19
N ALA A 69 -3.31 7.52 5.75
CA ALA A 69 -2.21 7.13 6.62
C ALA A 69 -1.06 8.12 6.51
N GLY A 70 -0.67 8.42 5.27
CA GLY A 70 0.42 9.36 5.05
C GLY A 70 1.68 8.69 4.52
N HIS A 71 1.73 8.46 3.21
CA HIS A 71 2.89 7.83 2.60
C HIS A 71 3.45 8.69 1.47
N THR A 72 4.71 9.08 1.57
CA THR A 72 5.34 9.89 0.54
C THR A 72 5.76 9.04 -0.66
N ASN A 73 4.81 8.26 -1.21
CA ASN A 73 5.05 7.39 -2.36
C ASN A 73 4.05 6.25 -2.39
N CYS A 74 3.15 6.25 -3.38
CA CYS A 74 2.13 5.21 -3.50
C CYS A 74 1.89 4.81 -4.97
N ILE A 75 1.85 3.50 -5.25
CA ILE A 75 1.62 3.01 -6.60
C ILE A 75 1.13 1.57 -6.56
N ARG A 76 -0.08 1.33 -7.02
CA ARG A 76 -0.64 -0.02 -7.02
C ARG A 76 0.03 -0.86 -8.09
N LEU A 77 0.69 -1.93 -7.66
CA LEU A 77 1.37 -2.83 -8.56
C LEU A 77 0.49 -4.03 -8.89
N ALA A 78 0.08 -4.13 -10.14
CA ALA A 78 -0.79 -5.21 -10.56
C ALA A 78 -0.01 -6.44 -11.00
N ALA A 79 -0.51 -7.61 -10.62
CA ALA A 79 0.14 -8.87 -10.97
C ALA A 79 -0.12 -9.23 -12.43
N GLY A 80 0.81 -9.97 -13.02
CA GLY A 80 0.68 -10.37 -14.41
C GLY A 80 1.98 -10.82 -15.02
N GLY A 81 1.91 -11.41 -16.21
CA GLY A 81 3.11 -11.88 -16.88
C GLY A 81 2.93 -13.25 -17.49
N LYS A 5 -12.63 -16.73 -11.19
CA LYS A 5 -12.45 -15.91 -12.40
C LYS A 5 -11.43 -14.79 -12.15
N ASP A 6 -10.95 -14.19 -13.23
CA ASP A 6 -9.98 -13.10 -13.14
C ASP A 6 -10.67 -11.74 -13.13
N GLU A 7 -10.42 -10.96 -12.08
CA GLU A 7 -11.02 -9.63 -11.96
C GLU A 7 -9.96 -8.58 -11.71
N ARG A 8 -8.84 -8.68 -12.43
CA ARG A 8 -7.74 -7.73 -12.29
C ARG A 8 -7.20 -7.75 -10.86
N ARG A 9 -6.24 -8.63 -10.62
CA ARG A 9 -5.63 -8.75 -9.29
C ARG A 9 -4.53 -7.74 -9.10
N TRP A 10 -4.02 -7.69 -7.89
CA TRP A 10 -3.00 -6.73 -7.55
C TRP A 10 -2.02 -7.21 -6.50
N MET A 11 -1.10 -6.30 -6.22
CA MET A 11 -0.06 -6.47 -5.21
C MET A 11 0.47 -5.08 -4.88
N VAL A 12 -0.41 -4.31 -4.26
CA VAL A 12 -0.15 -2.92 -3.91
C VAL A 12 1.23 -2.67 -3.33
N GLN A 13 1.74 -1.47 -3.57
CA GLN A 13 3.03 -1.07 -3.06
C GLN A 13 2.99 0.40 -2.70
N CYS A 14 2.09 0.71 -1.79
CA CYS A 14 1.89 2.06 -1.32
C CYS A 14 2.44 2.22 0.09
N GLY A 15 3.71 2.54 0.20
CA GLY A 15 4.30 2.68 1.51
C GLY A 15 5.68 3.29 1.51
N SER A 16 6.43 3.06 0.44
CA SER A 16 7.80 3.55 0.34
C SER A 16 7.90 5.05 0.66
N PHE A 17 7.87 5.40 1.94
CA PHE A 17 8.02 6.79 2.34
C PHE A 17 9.25 7.01 3.22
N ARG A 18 10.02 8.05 2.92
CA ARG A 18 11.19 8.38 3.70
C ARG A 18 10.82 8.49 5.18
N GLY A 19 9.54 8.74 5.43
CA GLY A 19 9.04 8.86 6.78
C GLY A 19 8.89 7.51 7.45
N ALA A 20 10.00 6.76 7.54
CA ALA A 20 10.01 5.44 8.15
C ALA A 20 9.13 5.39 9.40
N GLU A 21 9.17 6.48 10.16
CA GLU A 21 8.35 6.56 11.38
C GLU A 21 6.88 6.48 11.00
N GLN A 22 6.49 7.28 10.01
CA GLN A 22 5.13 7.28 9.51
C GLN A 22 4.88 5.98 8.75
N ALA A 23 5.94 5.46 8.16
CA ALA A 23 5.88 4.22 7.38
C ALA A 23 5.76 3.00 8.29
N GLU A 24 5.99 3.19 9.59
CA GLU A 24 5.85 2.10 10.55
C GLU A 24 4.42 2.15 11.08
N THR A 25 3.92 3.36 11.23
CA THR A 25 2.56 3.58 11.65
C THR A 25 1.66 3.33 10.45
N VAL A 26 2.22 3.53 9.25
CA VAL A 26 1.51 3.30 8.01
C VAL A 26 1.03 1.86 7.94
N ARG A 27 1.92 0.97 8.33
CA ARG A 27 1.65 -0.45 8.32
C ARG A 27 0.42 -0.78 9.17
N ALA A 28 0.30 -0.11 10.32
CA ALA A 28 -0.84 -0.30 11.20
C ALA A 28 -1.97 0.63 10.81
N GLN A 29 -1.62 1.77 10.23
CA GLN A 29 -2.59 2.75 9.79
C GLN A 29 -3.30 2.28 8.53
N LEU A 30 -2.59 1.54 7.70
CA LEU A 30 -3.18 1.00 6.48
C LEU A 30 -4.27 0.03 6.83
N ALA A 31 -4.00 -0.81 7.84
CA ALA A 31 -4.96 -1.79 8.31
C ALA A 31 -5.96 -1.15 9.26
N PHE A 32 -5.52 -0.13 9.97
CA PHE A 32 -6.38 0.58 10.91
C PHE A 32 -7.28 1.57 10.19
N GLU A 33 -6.83 2.05 9.02
CA GLU A 33 -7.62 3.00 8.26
C GLU A 33 -8.71 2.29 7.46
N GLY A 34 -8.55 0.98 7.27
CA GLY A 34 -9.54 0.22 6.52
C GLY A 34 -8.95 -0.51 5.32
N PHE A 35 -7.63 -0.60 5.26
CA PHE A 35 -6.97 -1.28 4.17
C PHE A 35 -5.74 -2.06 4.66
N ASP A 36 -5.99 -3.24 5.21
CA ASP A 36 -4.94 -4.10 5.75
C ASP A 36 -3.77 -4.29 4.79
N SER A 37 -2.83 -3.35 4.81
CA SER A 37 -1.64 -3.42 3.97
C SER A 37 -0.49 -4.06 4.73
N LYS A 38 0.43 -4.68 4.00
CA LYS A 38 1.61 -5.32 4.61
C LYS A 38 2.80 -4.35 4.58
N ILE A 39 3.73 -4.54 5.51
CA ILE A 39 4.90 -3.66 5.59
C ILE A 39 6.13 -4.25 4.88
N THR A 40 7.04 -3.36 4.48
CA THR A 40 8.27 -3.75 3.78
C THR A 40 9.27 -2.63 3.83
N THR A 41 10.50 -2.93 3.45
CA THR A 41 11.57 -1.94 3.45
C THR A 41 12.73 -2.42 2.57
N ASN A 42 13.32 -1.52 1.77
CA ASN A 42 14.44 -1.91 0.92
C ASN A 42 14.97 -0.73 0.10
N ASN A 43 14.06 0.08 -0.44
CA ASN A 43 14.44 1.23 -1.25
C ASN A 43 14.92 2.39 -0.38
N GLY A 44 15.15 2.12 0.90
CA GLY A 44 15.59 3.16 1.81
C GLY A 44 14.51 3.52 2.79
N TRP A 45 13.26 3.33 2.36
CA TRP A 45 12.11 3.61 3.19
C TRP A 45 11.19 2.39 3.24
N ASN A 46 10.26 2.42 4.17
CA ASN A 46 9.31 1.33 4.33
C ASN A 46 8.42 1.23 3.10
N ARG A 47 8.57 0.13 2.36
CA ARG A 47 7.78 -0.08 1.15
C ARG A 47 6.55 -0.93 1.41
N VAL A 48 5.52 -0.30 1.96
CA VAL A 48 4.27 -0.99 2.26
C VAL A 48 3.69 -1.64 1.01
N VAL A 49 2.98 -2.72 1.22
CA VAL A 49 2.33 -3.48 0.16
C VAL A 49 1.18 -4.28 0.78
N ILE A 50 0.04 -4.37 0.11
CA ILE A 50 -1.08 -5.13 0.67
C ILE A 50 -1.20 -6.48 -0.01
N GLY A 51 -0.22 -7.34 0.25
CA GLY A 51 -0.21 -8.67 -0.35
C GLY A 51 -0.76 -8.64 -1.76
N PRO A 52 -1.35 -9.74 -2.24
CA PRO A 52 -1.92 -9.79 -3.57
C PRO A 52 -3.40 -9.38 -3.55
N VAL A 53 -3.66 -8.11 -3.84
CA VAL A 53 -5.03 -7.59 -3.84
C VAL A 53 -5.79 -8.06 -5.06
N LYS A 54 -7.05 -7.65 -5.15
CA LYS A 54 -7.91 -8.03 -6.28
C LYS A 54 -9.24 -7.31 -6.21
N GLY A 55 -9.62 -6.66 -7.32
CA GLY A 55 -10.87 -5.94 -7.37
C GLY A 55 -10.86 -4.80 -8.36
N LYS A 56 -9.67 -4.27 -8.65
CA LYS A 56 -9.52 -3.17 -9.60
C LYS A 56 -10.08 -1.87 -9.03
N GLU A 57 -10.43 -1.88 -7.74
CA GLU A 57 -10.97 -0.70 -7.09
C GLU A 57 -10.44 -0.58 -5.66
N ASN A 58 -10.45 -1.69 -4.93
CA ASN A 58 -9.97 -1.70 -3.55
C ASN A 58 -8.54 -1.17 -3.48
N ALA A 59 -7.69 -1.64 -4.39
CA ALA A 59 -6.30 -1.20 -4.43
C ALA A 59 -6.22 0.32 -4.61
N ASP A 60 -6.94 0.83 -5.62
CA ASP A 60 -6.96 2.25 -5.89
C ASP A 60 -7.41 3.04 -4.66
N SER A 61 -8.42 2.51 -3.98
CA SER A 61 -8.94 3.16 -2.78
C SER A 61 -7.86 3.23 -1.71
N THR A 62 -7.11 2.13 -1.55
CA THR A 62 -6.04 2.08 -0.57
C THR A 62 -4.99 3.14 -0.86
N LEU A 63 -4.72 3.37 -2.16
CA LEU A 63 -3.75 4.38 -2.56
C LEU A 63 -4.18 5.75 -2.05
N ASN A 64 -5.42 6.11 -2.37
CA ASN A 64 -5.98 7.37 -1.92
C ASN A 64 -6.27 7.31 -0.43
N ARG A 65 -6.49 6.10 0.05
CA ARG A 65 -6.76 5.87 1.46
C ARG A 65 -5.49 6.04 2.28
N LEU A 66 -4.35 5.62 1.73
CA LEU A 66 -3.08 5.77 2.42
C LEU A 66 -2.91 7.24 2.79
N LYS A 67 -3.54 8.12 2.00
CA LYS A 67 -3.50 9.54 2.26
C LYS A 67 -4.31 9.83 3.52
N MET A 68 -5.36 9.04 3.73
CA MET A 68 -6.22 9.16 4.91
C MET A 68 -5.39 8.99 6.18
N ALA A 69 -4.24 8.33 6.04
CA ALA A 69 -3.36 8.09 7.16
C ALA A 69 -2.24 9.13 7.21
N GLY A 70 -1.63 9.43 6.06
CA GLY A 70 -0.57 10.44 6.02
C GLY A 70 0.78 9.87 5.64
N HIS A 71 1.03 9.76 4.33
CA HIS A 71 2.31 9.24 3.84
C HIS A 71 2.66 9.83 2.48
N THR A 72 3.95 9.84 2.15
CA THR A 72 4.40 10.39 0.87
C THR A 72 4.99 9.29 -0.02
N ASN A 73 4.28 8.98 -1.11
CA ASN A 73 4.69 7.96 -2.09
C ASN A 73 3.85 6.69 -1.97
N CYS A 74 3.07 6.41 -3.00
CA CYS A 74 2.21 5.22 -3.03
C CYS A 74 2.01 4.73 -4.47
N ILE A 75 1.91 3.42 -4.68
CA ILE A 75 1.72 2.88 -6.02
C ILE A 75 1.23 1.44 -5.97
N ARG A 76 0.20 1.14 -6.74
CA ARG A 76 -0.36 -0.20 -6.78
C ARG A 76 0.48 -1.07 -7.70
N LEU A 77 1.10 -2.10 -7.13
CA LEU A 77 1.93 -3.01 -7.91
C LEU A 77 1.10 -4.21 -8.34
N ALA A 78 0.92 -4.36 -9.63
CA ALA A 78 0.12 -5.46 -10.16
C ALA A 78 0.93 -6.75 -10.25
N ALA A 79 0.34 -7.84 -9.73
CA ALA A 79 0.99 -9.14 -9.74
C ALA A 79 1.36 -9.57 -11.16
N GLY A 80 1.87 -10.78 -11.29
CA GLY A 80 2.25 -11.30 -12.59
C GLY A 80 3.15 -12.51 -12.50
N GLY A 81 4.36 -12.40 -13.03
CA GLY A 81 5.29 -13.51 -12.98
C GLY A 81 5.15 -14.44 -14.17
N LYS A 5 -7.96 1.88 -14.44
CA LYS A 5 -7.14 1.01 -15.31
C LYS A 5 -6.83 -0.32 -14.64
N ASP A 6 -7.75 -1.28 -14.76
CA ASP A 6 -7.58 -2.59 -14.17
C ASP A 6 -6.47 -3.37 -14.88
N GLU A 7 -5.80 -4.24 -14.14
CA GLU A 7 -4.71 -5.05 -14.69
C GLU A 7 -4.73 -6.45 -14.11
N ARG A 8 -5.92 -6.93 -13.76
CA ARG A 8 -6.07 -8.27 -13.19
C ARG A 8 -5.29 -8.39 -11.88
N ARG A 9 -6.02 -8.51 -10.77
CA ARG A 9 -5.41 -8.63 -9.45
C ARG A 9 -4.33 -7.59 -9.21
N TRP A 10 -3.84 -7.58 -7.99
CA TRP A 10 -2.84 -6.60 -7.61
C TRP A 10 -1.83 -7.12 -6.61
N MET A 11 -0.92 -6.21 -6.30
CA MET A 11 0.16 -6.38 -5.34
C MET A 11 0.65 -5.00 -5.01
N VAL A 12 -0.22 -4.25 -4.36
CA VAL A 12 0.02 -2.86 -4.03
C VAL A 12 1.34 -2.64 -3.31
N GLN A 13 1.89 -1.43 -3.46
CA GLN A 13 3.14 -1.09 -2.82
C GLN A 13 3.15 0.37 -2.46
N CYS A 14 2.18 0.74 -1.66
CA CYS A 14 2.04 2.10 -1.20
C CYS A 14 2.67 2.23 0.18
N GLY A 15 3.99 2.24 0.21
CA GLY A 15 4.68 2.33 1.46
C GLY A 15 6.01 3.01 1.37
N SER A 16 6.73 2.70 0.31
CA SER A 16 8.06 3.24 0.09
C SER A 16 8.14 4.75 0.30
N PHE A 17 8.09 5.18 1.56
CA PHE A 17 8.20 6.60 1.86
C PHE A 17 9.36 6.87 2.81
N ARG A 18 10.22 7.83 2.43
CA ARG A 18 11.36 8.20 3.27
C ARG A 18 10.93 8.39 4.72
N GLY A 19 9.65 8.68 4.91
CA GLY A 19 9.10 8.87 6.23
C GLY A 19 9.00 7.56 6.98
N ALA A 20 10.13 6.88 7.14
CA ALA A 20 10.18 5.60 7.84
C ALA A 20 9.27 5.58 9.06
N GLU A 21 9.22 6.71 9.76
CA GLU A 21 8.37 6.83 10.94
C GLU A 21 6.91 6.90 10.51
N GLN A 22 6.64 7.66 9.46
CA GLN A 22 5.30 7.79 8.92
C GLN A 22 4.90 6.48 8.25
N ALA A 23 5.88 5.79 7.68
CA ALA A 23 5.67 4.52 7.02
C ALA A 23 5.20 3.46 8.02
N GLU A 24 5.93 3.34 9.13
CA GLU A 24 5.56 2.38 10.17
C GLU A 24 4.17 2.70 10.69
N THR A 25 3.92 3.98 10.90
CA THR A 25 2.62 4.42 11.37
C THR A 25 1.60 4.34 10.24
N VAL A 26 2.09 4.47 9.00
CA VAL A 26 1.24 4.39 7.84
C VAL A 26 0.70 2.96 7.70
N ARG A 27 1.56 1.99 7.96
CA ARG A 27 1.17 0.58 7.87
C ARG A 27 0.01 0.28 8.82
N ALA A 28 0.18 0.63 10.09
CA ALA A 28 -0.85 0.39 11.09
C ALA A 28 -2.13 1.15 10.74
N GLN A 29 -1.96 2.37 10.22
CA GLN A 29 -3.10 3.19 9.84
C GLN A 29 -3.93 2.49 8.75
N LEU A 30 -3.21 1.88 7.80
CA LEU A 30 -3.87 1.17 6.71
C LEU A 30 -4.81 0.10 7.26
N ALA A 31 -4.31 -0.68 8.22
CA ALA A 31 -5.11 -1.73 8.84
C ALA A 31 -6.14 -1.13 9.79
N PHE A 32 -5.85 0.05 10.32
CA PHE A 32 -6.76 0.71 11.24
C PHE A 32 -7.86 1.45 10.49
N GLU A 33 -7.55 1.90 9.29
CA GLU A 33 -8.52 2.63 8.48
C GLU A 33 -9.46 1.67 7.75
N GLY A 34 -9.09 0.39 7.71
CA GLY A 34 -9.92 -0.60 7.05
C GLY A 34 -9.24 -1.23 5.84
N PHE A 35 -7.92 -1.09 5.76
CA PHE A 35 -7.16 -1.65 4.65
C PHE A 35 -5.75 -2.03 5.07
N ASP A 36 -5.61 -3.23 5.64
CA ASP A 36 -4.33 -3.73 6.12
C ASP A 36 -3.35 -4.01 4.98
N SER A 37 -2.25 -3.25 4.97
CA SER A 37 -1.19 -3.40 3.98
C SER A 37 0.05 -3.98 4.66
N LYS A 38 0.64 -5.02 4.09
CA LYS A 38 1.85 -5.62 4.67
C LYS A 38 2.97 -4.59 4.70
N ILE A 39 3.89 -4.75 5.65
CA ILE A 39 5.01 -3.82 5.80
C ILE A 39 6.30 -4.38 5.17
N THR A 40 7.11 -3.47 4.63
CA THR A 40 8.37 -3.83 4.01
C THR A 40 9.38 -2.70 4.15
N THR A 41 10.64 -3.02 3.92
CA THR A 41 11.73 -2.04 4.02
C THR A 41 12.98 -2.58 3.32
N ASN A 42 13.63 -1.75 2.50
CA ASN A 42 14.83 -2.19 1.79
C ASN A 42 15.35 -1.11 0.85
N ASN A 43 14.44 -0.37 0.23
CA ASN A 43 14.82 0.70 -0.70
C ASN A 43 15.25 1.96 0.04
N GLY A 44 15.48 1.83 1.35
CA GLY A 44 15.87 2.97 2.15
C GLY A 44 14.72 3.40 3.03
N TRP A 45 13.51 3.13 2.57
CA TRP A 45 12.30 3.48 3.29
C TRP A 45 11.36 2.29 3.34
N ASN A 46 10.37 2.40 4.21
CA ASN A 46 9.38 1.34 4.37
C ASN A 46 8.57 1.15 3.10
N ARG A 47 8.65 -0.03 2.50
CA ARG A 47 7.94 -0.30 1.26
C ARG A 47 6.67 -1.13 1.48
N VAL A 48 5.69 -0.52 2.12
CA VAL A 48 4.39 -1.15 2.38
C VAL A 48 3.88 -1.91 1.16
N VAL A 49 2.97 -2.83 1.41
CA VAL A 49 2.34 -3.65 0.36
C VAL A 49 1.15 -4.37 0.98
N ILE A 50 0.06 -4.53 0.23
CA ILE A 50 -1.10 -5.24 0.76
C ILE A 50 -1.27 -6.55 0.05
N GLY A 51 -0.30 -7.44 0.26
CA GLY A 51 -0.31 -8.74 -0.38
C GLY A 51 -0.82 -8.64 -1.80
N PRO A 52 -1.39 -9.72 -2.35
CA PRO A 52 -1.93 -9.68 -3.70
C PRO A 52 -3.38 -9.21 -3.69
N VAL A 53 -3.58 -7.93 -3.96
CA VAL A 53 -4.92 -7.33 -3.97
C VAL A 53 -5.68 -7.71 -5.23
N LYS A 54 -6.87 -7.13 -5.39
CA LYS A 54 -7.71 -7.42 -6.56
C LYS A 54 -8.01 -6.15 -7.35
N GLY A 55 -7.84 -6.24 -8.67
CA GLY A 55 -8.11 -5.11 -9.53
C GLY A 55 -9.59 -4.88 -9.72
N LYS A 56 -10.12 -3.87 -9.04
CA LYS A 56 -11.54 -3.55 -9.13
C LYS A 56 -11.83 -2.16 -8.58
N GLU A 57 -11.46 -1.94 -7.33
CA GLU A 57 -11.68 -0.65 -6.67
C GLU A 57 -11.03 -0.58 -5.30
N ASN A 58 -10.87 -1.73 -4.65
CA ASN A 58 -10.26 -1.78 -3.32
C ASN A 58 -8.86 -1.17 -3.34
N ALA A 59 -7.98 -1.74 -4.15
CA ALA A 59 -6.62 -1.24 -4.26
C ALA A 59 -6.64 0.24 -4.62
N ASP A 60 -7.63 0.64 -5.42
CA ASP A 60 -7.78 2.03 -5.84
C ASP A 60 -8.19 2.88 -4.65
N SER A 61 -9.31 2.52 -4.02
CA SER A 61 -9.78 3.25 -2.85
C SER A 61 -8.71 3.20 -1.77
N THR A 62 -7.96 2.11 -1.78
CA THR A 62 -6.87 1.90 -0.85
C THR A 62 -5.81 2.97 -1.02
N LEU A 63 -5.58 3.36 -2.29
CA LEU A 63 -4.61 4.40 -2.60
C LEU A 63 -4.99 5.69 -1.89
N ASN A 64 -6.22 6.13 -2.12
CA ASN A 64 -6.73 7.33 -1.48
C ASN A 64 -6.79 7.12 0.03
N ARG A 65 -6.99 5.86 0.42
CA ARG A 65 -7.07 5.50 1.83
C ARG A 65 -5.68 5.62 2.48
N LEU A 66 -4.64 5.20 1.75
CA LEU A 66 -3.28 5.28 2.25
C LEU A 66 -2.97 6.73 2.63
N LYS A 67 -3.62 7.67 1.95
CA LYS A 67 -3.45 9.08 2.28
C LYS A 67 -3.87 9.30 3.73
N MET A 68 -4.79 8.44 4.20
CA MET A 68 -5.29 8.49 5.57
C MET A 68 -4.20 8.04 6.53
N ALA A 69 -3.26 7.25 6.02
CA ALA A 69 -2.18 6.72 6.82
C ALA A 69 -1.03 7.74 6.96
N GLY A 70 -1.00 8.73 6.07
CA GLY A 70 0.05 9.75 6.13
C GLY A 70 1.35 9.26 5.55
N HIS A 71 1.42 9.16 4.23
CA HIS A 71 2.62 8.69 3.54
C HIS A 71 3.08 9.69 2.49
N THR A 72 4.24 9.42 1.89
CA THR A 72 4.79 10.30 0.85
C THR A 72 5.26 9.51 -0.38
N ASN A 73 4.34 8.82 -1.05
CA ASN A 73 4.68 8.04 -2.25
C ASN A 73 3.47 7.26 -2.79
N CYS A 74 3.18 6.11 -2.18
CA CYS A 74 2.06 5.24 -2.57
C CYS A 74 2.08 4.88 -4.07
N ILE A 75 2.02 3.58 -4.38
CA ILE A 75 2.03 3.12 -5.76
C ILE A 75 1.57 1.67 -5.83
N ARG A 76 0.42 1.45 -6.47
CA ARG A 76 -0.11 0.10 -6.59
C ARG A 76 0.69 -0.72 -7.60
N LEU A 77 1.24 -1.83 -7.13
CA LEU A 77 2.02 -2.71 -7.97
C LEU A 77 1.16 -3.89 -8.42
N ALA A 78 0.93 -3.97 -9.72
CA ALA A 78 0.10 -5.04 -10.26
C ALA A 78 0.90 -6.29 -10.56
N ALA A 79 0.36 -7.43 -10.16
CA ALA A 79 1.01 -8.72 -10.38
C ALA A 79 1.03 -9.09 -11.86
N GLY A 80 0.09 -8.54 -12.63
CA GLY A 80 0.02 -8.84 -14.05
C GLY A 80 1.34 -8.62 -14.76
N GLY A 81 1.62 -7.37 -15.14
CA GLY A 81 2.85 -7.07 -15.83
C GLY A 81 3.98 -6.75 -14.86
N LYS A 5 -12.32 -8.63 -17.98
CA LYS A 5 -11.90 -7.20 -17.81
C LYS A 5 -10.38 -7.07 -17.87
N ASP A 6 -9.89 -5.86 -17.61
CA ASP A 6 -8.46 -5.60 -17.63
C ASP A 6 -7.93 -5.33 -16.22
N GLU A 7 -6.65 -5.58 -16.03
CA GLU A 7 -6.01 -5.37 -14.73
C GLU A 7 -6.57 -6.34 -13.69
N ARG A 8 -6.30 -7.62 -13.88
CA ARG A 8 -6.77 -8.66 -12.96
C ARG A 8 -5.86 -8.76 -11.75
N ARG A 9 -6.46 -8.92 -10.57
CA ARG A 9 -5.73 -9.04 -9.31
C ARG A 9 -4.68 -7.97 -9.16
N TRP A 10 -4.11 -7.91 -7.95
CA TRP A 10 -3.13 -6.91 -7.65
C TRP A 10 -2.02 -7.40 -6.72
N MET A 11 -1.09 -6.49 -6.51
CA MET A 11 0.06 -6.67 -5.63
C MET A 11 0.61 -5.29 -5.36
N VAL A 12 -0.20 -4.54 -4.64
CA VAL A 12 0.07 -3.14 -4.33
C VAL A 12 1.42 -2.90 -3.65
N GLN A 13 1.94 -1.70 -3.87
CA GLN A 13 3.18 -1.25 -3.29
C GLN A 13 3.03 0.21 -2.95
N CYS A 14 2.04 0.46 -2.13
CA CYS A 14 1.67 1.80 -1.70
C CYS A 14 2.47 2.25 -0.49
N GLY A 15 3.77 2.43 -0.66
CA GLY A 15 4.56 2.87 0.47
C GLY A 15 5.95 3.30 0.11
N SER A 16 6.89 3.03 1.01
CA SER A 16 8.28 3.42 0.84
C SER A 16 8.43 4.88 1.15
N PHE A 17 8.15 5.23 2.41
CA PHE A 17 8.21 6.61 2.86
C PHE A 17 9.41 6.87 3.77
N ARG A 18 10.16 7.94 3.44
CA ARG A 18 11.31 8.33 4.24
C ARG A 18 10.94 8.41 5.71
N GLY A 19 9.64 8.58 5.96
CA GLY A 19 9.12 8.64 7.31
C GLY A 19 9.24 7.30 7.98
N ALA A 20 10.46 6.82 8.14
CA ALA A 20 10.74 5.52 8.75
C ALA A 20 9.95 5.33 10.03
N GLU A 21 10.09 6.28 10.95
CA GLU A 21 9.37 6.21 12.22
C GLU A 21 7.88 6.26 11.96
N GLN A 22 7.45 7.27 11.21
CA GLN A 22 6.06 7.42 10.86
C GLN A 22 5.62 6.20 10.07
N ALA A 23 6.55 5.66 9.29
CA ALA A 23 6.29 4.49 8.47
C ALA A 23 5.80 3.32 9.32
N GLU A 24 6.43 3.14 10.47
CA GLU A 24 6.06 2.07 11.38
C GLU A 24 4.63 2.27 11.85
N THR A 25 4.36 3.42 12.44
CA THR A 25 3.02 3.75 12.90
C THR A 25 2.09 3.88 11.71
N VAL A 26 2.65 4.26 10.57
CA VAL A 26 1.88 4.41 9.34
C VAL A 26 1.31 3.06 8.92
N ARG A 27 2.13 2.02 9.09
CA ARG A 27 1.71 0.67 8.73
C ARG A 27 0.35 0.38 9.36
N ALA A 28 0.19 0.82 10.60
CA ALA A 28 -1.05 0.64 11.33
C ALA A 28 -2.12 1.57 10.78
N GLN A 29 -1.68 2.72 10.27
CA GLN A 29 -2.59 3.70 9.70
C GLN A 29 -3.03 3.30 8.29
N LEU A 30 -2.32 2.35 7.68
CA LEU A 30 -2.65 1.89 6.35
C LEU A 30 -3.32 0.52 6.43
N ALA A 31 -3.58 0.08 7.66
CA ALA A 31 -4.25 -1.18 7.90
C ALA A 31 -5.45 -0.92 8.81
N PHE A 32 -5.28 0.04 9.71
CA PHE A 32 -6.34 0.43 10.62
C PHE A 32 -7.29 1.38 9.90
N GLU A 33 -6.79 2.05 8.85
CA GLU A 33 -7.64 2.97 8.09
C GLU A 33 -8.71 2.20 7.36
N GLY A 34 -8.43 0.92 7.05
CA GLY A 34 -9.39 0.11 6.36
C GLY A 34 -8.80 -0.70 5.22
N PHE A 35 -7.47 -0.70 5.10
CA PHE A 35 -6.81 -1.44 4.05
C PHE A 35 -5.72 -2.35 4.62
N ASP A 36 -6.09 -3.59 4.94
CA ASP A 36 -5.15 -4.58 5.50
C ASP A 36 -3.89 -4.70 4.64
N SER A 37 -2.99 -3.73 4.79
CA SER A 37 -1.74 -3.69 4.04
C SER A 37 -0.62 -4.42 4.76
N LYS A 38 0.50 -4.55 4.06
CA LYS A 38 1.70 -5.18 4.58
C LYS A 38 2.89 -4.23 4.46
N ILE A 39 3.93 -4.48 5.24
CA ILE A 39 5.12 -3.62 5.22
C ILE A 39 6.39 -4.37 4.88
N THR A 40 7.42 -3.61 4.49
CA THR A 40 8.71 -4.17 4.14
C THR A 40 9.68 -3.06 3.75
N THR A 41 10.87 -3.06 4.37
CA THR A 41 11.87 -2.04 4.09
C THR A 41 12.40 -2.18 2.66
N ASN A 42 12.63 -1.05 2.00
CA ASN A 42 13.13 -1.06 0.63
C ASN A 42 13.37 0.36 0.12
N ASN A 43 14.41 0.53 -0.68
CA ASN A 43 14.75 1.84 -1.23
C ASN A 43 15.25 2.79 -0.14
N GLY A 44 15.48 2.25 1.05
CA GLY A 44 15.96 3.06 2.16
C GLY A 44 14.87 3.36 3.16
N TRP A 45 13.61 3.36 2.70
CA TRP A 45 12.49 3.65 3.57
C TRP A 45 11.51 2.49 3.63
N ASN A 46 10.56 2.60 4.54
CA ASN A 46 9.55 1.58 4.76
C ASN A 46 8.65 1.40 3.54
N ARG A 47 8.87 0.30 2.80
CA ARG A 47 8.07 0.03 1.62
C ARG A 47 6.80 -0.72 2.01
N VAL A 48 5.67 -0.26 1.48
CA VAL A 48 4.38 -0.87 1.79
C VAL A 48 3.90 -1.74 0.63
N VAL A 49 3.00 -2.66 0.97
CA VAL A 49 2.38 -3.57 0.02
C VAL A 49 1.21 -4.26 0.70
N ILE A 50 0.12 -4.49 -0.02
CA ILE A 50 -1.03 -5.15 0.59
C ILE A 50 -1.26 -6.50 -0.07
N GLY A 51 -0.27 -7.38 0.11
CA GLY A 51 -0.33 -8.70 -0.47
C GLY A 51 -0.90 -8.69 -1.87
N PRO A 52 -1.39 -9.83 -2.39
CA PRO A 52 -1.97 -9.88 -3.71
C PRO A 52 -3.43 -9.45 -3.67
N VAL A 53 -3.67 -8.18 -3.96
CA VAL A 53 -5.02 -7.63 -3.93
C VAL A 53 -5.85 -8.08 -5.13
N LYS A 54 -7.08 -7.58 -5.22
CA LYS A 54 -7.98 -7.94 -6.31
C LYS A 54 -8.38 -6.72 -7.12
N GLY A 55 -8.27 -6.82 -8.45
CA GLY A 55 -8.62 -5.71 -9.31
C GLY A 55 -10.12 -5.45 -9.33
N LYS A 56 -10.56 -4.49 -8.52
CA LYS A 56 -11.96 -4.13 -8.43
C LYS A 56 -12.14 -2.67 -8.05
N GLU A 57 -11.54 -2.29 -6.92
CA GLU A 57 -11.61 -0.92 -6.44
C GLU A 57 -10.86 -0.74 -5.12
N ASN A 58 -10.72 -1.83 -4.36
CA ASN A 58 -10.01 -1.76 -3.08
C ASN A 58 -8.61 -1.20 -3.25
N ALA A 59 -7.83 -1.82 -4.12
CA ALA A 59 -6.46 -1.37 -4.37
C ALA A 59 -6.44 0.11 -4.77
N ASP A 60 -7.25 0.46 -5.76
CA ASP A 60 -7.33 1.84 -6.22
C ASP A 60 -7.82 2.75 -5.10
N SER A 61 -8.77 2.25 -4.32
CA SER A 61 -9.30 3.02 -3.20
C SER A 61 -8.20 3.21 -2.16
N THR A 62 -7.48 2.13 -1.87
CA THR A 62 -6.38 2.17 -0.91
C THR A 62 -5.45 3.32 -1.24
N LEU A 63 -5.18 3.53 -2.54
CA LEU A 63 -4.32 4.62 -2.96
C LEU A 63 -4.82 5.92 -2.36
N ASN A 64 -6.08 6.22 -2.61
CA ASN A 64 -6.72 7.41 -2.06
C ASN A 64 -6.92 7.23 -0.55
N ARG A 65 -7.00 5.98 -0.14
CA ARG A 65 -7.18 5.63 1.26
C ARG A 65 -5.89 5.83 2.05
N LEU A 66 -4.76 5.47 1.46
CA LEU A 66 -3.48 5.66 2.12
C LEU A 66 -3.27 7.14 2.38
N LYS A 67 -3.92 7.97 1.56
CA LYS A 67 -3.88 9.40 1.75
C LYS A 67 -4.72 9.74 2.97
N MET A 68 -5.74 8.91 3.20
CA MET A 68 -6.62 9.06 4.36
C MET A 68 -5.80 8.99 5.65
N ALA A 69 -4.60 8.42 5.54
CA ALA A 69 -3.72 8.29 6.67
C ALA A 69 -2.55 9.27 6.58
N GLY A 70 -1.79 9.22 5.48
CA GLY A 70 -0.67 10.13 5.31
C GLY A 70 0.66 9.41 5.16
N HIS A 71 0.98 9.00 3.93
CA HIS A 71 2.23 8.29 3.66
C HIS A 71 2.85 8.75 2.34
N THR A 72 4.17 8.88 2.32
CA THR A 72 4.87 9.32 1.12
C THR A 72 5.19 8.16 0.18
N ASN A 73 4.80 8.30 -1.10
CA ASN A 73 5.06 7.29 -2.13
C ASN A 73 4.11 6.10 -2.02
N CYS A 74 3.22 5.99 -3.00
CA CYS A 74 2.25 4.89 -3.06
C CYS A 74 1.89 4.58 -4.51
N ILE A 75 1.78 3.29 -4.86
CA ILE A 75 1.45 2.90 -6.22
C ILE A 75 0.95 1.47 -6.27
N ARG A 76 -0.26 1.28 -6.79
CA ARG A 76 -0.84 -0.05 -6.90
C ARG A 76 -0.12 -0.83 -7.98
N LEU A 77 0.57 -1.90 -7.56
CA LEU A 77 1.31 -2.74 -8.49
C LEU A 77 0.51 -3.99 -8.81
N ALA A 78 0.10 -4.12 -10.05
CA ALA A 78 -0.70 -5.26 -10.49
C ALA A 78 0.17 -6.47 -10.81
N ALA A 79 -0.39 -7.66 -10.58
CA ALA A 79 0.31 -8.90 -10.85
C ALA A 79 0.41 -9.16 -12.35
N GLY A 80 1.46 -9.87 -12.75
CA GLY A 80 1.65 -10.16 -14.16
C GLY A 80 3.07 -10.65 -14.46
N GLY A 81 3.23 -11.28 -15.61
CA GLY A 81 4.54 -11.79 -16.00
C GLY A 81 4.48 -12.65 -17.24
N LYS A 5 -4.59 -15.49 -17.37
CA LYS A 5 -5.60 -15.54 -16.28
C LYS A 5 -5.74 -14.18 -15.60
N ASP A 6 -6.05 -13.16 -16.39
CA ASP A 6 -6.22 -11.82 -15.87
C ASP A 6 -7.69 -11.53 -15.56
N GLU A 7 -8.01 -11.49 -14.27
CA GLU A 7 -9.37 -11.22 -13.83
C GLU A 7 -9.41 -10.18 -12.72
N ARG A 8 -8.77 -9.04 -12.98
CA ARG A 8 -8.73 -7.95 -12.00
C ARG A 8 -8.01 -8.39 -10.72
N ARG A 9 -6.78 -7.91 -10.55
CA ARG A 9 -5.99 -8.25 -9.37
C ARG A 9 -5.01 -7.15 -9.06
N TRP A 10 -4.43 -7.22 -7.86
CA TRP A 10 -3.50 -6.19 -7.44
C TRP A 10 -2.52 -6.63 -6.37
N MET A 11 -1.57 -5.74 -6.12
CA MET A 11 -0.52 -5.88 -5.12
C MET A 11 0.08 -4.51 -4.87
N VAL A 12 -0.60 -3.72 -4.08
CA VAL A 12 -0.18 -2.34 -3.79
C VAL A 12 1.20 -2.25 -3.18
N GLN A 13 1.83 -1.10 -3.40
CA GLN A 13 3.14 -0.83 -2.85
C GLN A 13 3.41 0.67 -2.89
N CYS A 14 3.39 1.30 -1.73
CA CYS A 14 3.59 2.74 -1.64
C CYS A 14 5.07 3.12 -1.60
N GLY A 15 5.91 2.21 -2.03
CA GLY A 15 7.33 2.49 -2.01
C GLY A 15 7.82 2.65 -0.59
N SER A 16 9.08 3.02 -0.42
CA SER A 16 9.64 3.20 0.91
C SER A 16 9.82 4.69 1.21
N PHE A 17 9.19 5.15 2.29
CA PHE A 17 9.24 6.55 2.66
C PHE A 17 10.19 6.85 3.81
N ARG A 18 10.76 8.07 3.80
CA ARG A 18 11.67 8.53 4.83
C ARG A 18 10.94 8.67 6.16
N GLY A 19 9.62 8.79 6.07
CA GLY A 19 8.80 8.91 7.24
C GLY A 19 8.82 7.65 8.08
N ALA A 20 10.00 7.26 8.53
CA ALA A 20 10.17 6.06 9.34
C ALA A 20 9.04 5.89 10.34
N GLU A 21 8.61 6.99 10.93
CA GLU A 21 7.52 6.96 11.88
C GLU A 21 6.19 6.87 11.15
N GLN A 22 6.07 7.65 10.08
CA GLN A 22 4.87 7.63 9.26
C GLN A 22 4.80 6.33 8.46
N ALA A 23 5.97 5.72 8.25
CA ALA A 23 6.08 4.46 7.52
C ALA A 23 5.57 3.32 8.38
N GLU A 24 6.08 3.24 9.61
CA GLU A 24 5.65 2.21 10.54
C GLU A 24 4.19 2.44 10.86
N THR A 25 3.85 3.71 11.08
CA THR A 25 2.47 4.08 11.35
C THR A 25 1.65 3.86 10.07
N VAL A 26 2.33 3.97 8.93
CA VAL A 26 1.70 3.76 7.64
C VAL A 26 1.13 2.35 7.57
N ARG A 27 1.98 1.38 7.89
CA ARG A 27 1.59 -0.03 7.89
C ARG A 27 0.35 -0.24 8.75
N ALA A 28 0.45 0.16 10.02
CA ALA A 28 -0.67 0.02 10.93
C ALA A 28 -1.83 0.87 10.44
N GLN A 29 -1.52 2.02 9.86
CA GLN A 29 -2.53 2.93 9.34
C GLN A 29 -3.33 2.26 8.23
N LEU A 30 -2.66 1.44 7.42
CA LEU A 30 -3.33 0.73 6.34
C LEU A 30 -4.39 -0.21 6.91
N ALA A 31 -4.02 -0.93 7.96
CA ALA A 31 -4.95 -1.84 8.60
C ALA A 31 -5.90 -1.10 9.53
N PHE A 32 -5.47 0.04 10.04
CA PHE A 32 -6.29 0.83 10.94
C PHE A 32 -7.25 1.72 10.16
N GLU A 33 -6.88 2.05 8.92
CA GLU A 33 -7.73 2.90 8.09
C GLU A 33 -8.80 2.07 7.39
N GLY A 34 -8.63 0.75 7.36
CA GLY A 34 -9.61 -0.11 6.72
C GLY A 34 -9.04 -0.96 5.61
N PHE A 35 -7.71 -1.05 5.54
CA PHE A 35 -7.07 -1.85 4.50
C PHE A 35 -5.84 -2.59 5.03
N ASP A 36 -6.05 -3.80 5.53
CA ASP A 36 -4.97 -4.62 6.08
C ASP A 36 -3.82 -4.80 5.08
N SER A 37 -2.78 -3.99 5.23
CA SER A 37 -1.61 -4.05 4.36
C SER A 37 -0.45 -4.71 5.08
N LYS A 38 0.60 -4.99 4.33
CA LYS A 38 1.82 -5.59 4.85
C LYS A 38 2.98 -4.61 4.77
N ILE A 39 3.89 -4.67 5.73
CA ILE A 39 5.03 -3.75 5.76
C ILE A 39 6.33 -4.41 5.29
N THR A 40 7.27 -3.58 4.86
CA THR A 40 8.56 -4.05 4.38
C THR A 40 9.50 -2.87 4.15
N THR A 41 10.81 -3.09 4.36
CA THR A 41 11.80 -2.03 4.17
C THR A 41 12.54 -2.21 2.86
N ASN A 42 12.98 -1.11 2.27
CA ASN A 42 13.71 -1.15 1.00
C ASN A 42 14.15 0.25 0.57
N ASN A 43 15.29 0.31 -0.12
CA ASN A 43 15.82 1.58 -0.60
C ASN A 43 16.25 2.51 0.54
N GLY A 44 16.22 2.00 1.77
CA GLY A 44 16.62 2.81 2.91
C GLY A 44 15.44 3.29 3.73
N TRP A 45 14.24 3.30 3.14
CA TRP A 45 13.05 3.74 3.85
C TRP A 45 12.06 2.60 3.99
N ASN A 46 11.06 2.83 4.84
CA ASN A 46 10.02 1.84 5.08
C ASN A 46 8.95 1.90 4.00
N ARG A 47 8.62 0.74 3.43
CA ARG A 47 7.62 0.67 2.37
C ARG A 47 6.48 -0.27 2.71
N VAL A 48 5.24 0.16 2.42
CA VAL A 48 4.08 -0.68 2.68
C VAL A 48 3.57 -1.31 1.40
N VAL A 49 2.98 -2.48 1.59
CA VAL A 49 2.41 -3.26 0.51
C VAL A 49 1.36 -4.20 1.10
N ILE A 50 0.25 -4.41 0.40
CA ILE A 50 -0.79 -5.31 0.89
C ILE A 50 -0.77 -6.60 0.10
N GLY A 51 -1.14 -7.71 0.75
CA GLY A 51 -1.17 -8.98 0.04
C GLY A 51 -1.89 -8.84 -1.27
N PRO A 52 -1.41 -9.50 -2.35
CA PRO A 52 -2.03 -9.42 -3.66
C PRO A 52 -3.55 -9.34 -3.57
N VAL A 53 -4.10 -8.14 -3.75
CA VAL A 53 -5.53 -7.92 -3.68
C VAL A 53 -6.18 -8.15 -5.03
N LYS A 54 -7.49 -7.89 -5.12
CA LYS A 54 -8.22 -8.08 -6.36
C LYS A 54 -9.57 -7.37 -6.33
N GLY A 55 -10.00 -6.88 -7.48
CA GLY A 55 -11.28 -6.20 -7.56
C GLY A 55 -11.23 -4.97 -8.46
N LYS A 56 -10.03 -4.46 -8.71
CA LYS A 56 -9.86 -3.27 -9.55
C LYS A 56 -10.54 -2.06 -8.93
N GLU A 57 -10.92 -2.19 -7.65
CA GLU A 57 -11.57 -1.11 -6.93
C GLU A 57 -11.07 -1.02 -5.50
N ASN A 58 -10.90 -2.18 -4.85
CA ASN A 58 -10.42 -2.21 -3.48
C ASN A 58 -9.03 -1.58 -3.40
N ALA A 59 -8.06 -2.20 -4.08
CA ALA A 59 -6.71 -1.67 -4.10
C ALA A 59 -6.74 -0.22 -4.56
N ASP A 60 -7.65 0.07 -5.49
CA ASP A 60 -7.81 1.41 -6.04
C ASP A 60 -8.24 2.38 -4.95
N SER A 61 -9.35 2.06 -4.29
CA SER A 61 -9.85 2.91 -3.20
C SER A 61 -8.83 2.97 -2.09
N THR A 62 -8.16 1.84 -1.85
CA THR A 62 -7.13 1.78 -0.83
C THR A 62 -6.04 2.77 -1.17
N LEU A 63 -5.84 3.03 -2.47
CA LEU A 63 -4.85 3.99 -2.92
C LEU A 63 -5.16 5.35 -2.32
N ASN A 64 -6.35 5.87 -2.66
CA ASN A 64 -6.81 7.13 -2.12
C ASN A 64 -6.83 7.02 -0.59
N ARG A 65 -7.00 5.78 -0.13
CA ARG A 65 -7.01 5.49 1.29
C ARG A 65 -5.59 5.55 1.86
N LEU A 66 -4.60 5.24 1.01
CA LEU A 66 -3.20 5.31 1.42
C LEU A 66 -2.91 6.73 1.89
N LYS A 67 -3.60 7.68 1.25
CA LYS A 67 -3.49 9.08 1.65
C LYS A 67 -4.01 9.22 3.08
N MET A 68 -4.98 8.38 3.43
CA MET A 68 -5.56 8.37 4.76
C MET A 68 -4.49 8.01 5.78
N ALA A 69 -3.55 7.17 5.36
CA ALA A 69 -2.44 6.75 6.22
C ALA A 69 -1.37 7.83 6.25
N GLY A 70 -0.76 8.08 5.09
CA GLY A 70 0.28 9.10 5.01
C GLY A 70 1.58 8.58 4.43
N HIS A 71 1.58 8.19 3.16
CA HIS A 71 2.79 7.70 2.52
C HIS A 71 3.26 8.69 1.47
N THR A 72 4.48 9.22 1.62
CA THR A 72 5.00 10.18 0.64
C THR A 72 5.39 9.47 -0.66
N ASN A 73 4.41 8.81 -1.30
CA ASN A 73 4.65 8.09 -2.55
C ASN A 73 3.38 7.37 -3.01
N CYS A 74 3.10 6.23 -2.36
CA CYS A 74 1.91 5.40 -2.66
C CYS A 74 1.66 5.21 -4.16
N ILE A 75 1.61 3.95 -4.58
CA ILE A 75 1.37 3.63 -5.97
C ILE A 75 0.87 2.20 -6.11
N ARG A 76 -0.37 2.04 -6.54
CA ARG A 76 -0.96 0.72 -6.72
C ARG A 76 -0.12 -0.10 -7.68
N LEU A 77 0.35 -1.24 -7.19
CA LEU A 77 1.16 -2.14 -8.00
C LEU A 77 0.32 -3.35 -8.40
N ALA A 78 0.01 -3.45 -9.67
CA ALA A 78 -0.81 -4.56 -10.16
C ALA A 78 0.02 -5.76 -10.56
N ALA A 79 -0.56 -6.94 -10.39
CA ALA A 79 0.12 -8.19 -10.72
C ALA A 79 -0.10 -8.55 -12.18
N GLY A 80 1.00 -8.73 -12.91
CA GLY A 80 0.90 -9.08 -14.32
C GLY A 80 0.31 -10.46 -14.53
N GLY A 81 -0.15 -10.72 -15.75
CA GLY A 81 -0.73 -12.01 -16.06
C GLY A 81 0.30 -13.06 -16.39
N LYS A 5 -4.29 -5.24 -21.47
CA LYS A 5 -4.89 -6.59 -21.38
C LYS A 5 -4.95 -7.09 -19.94
N ASP A 6 -6.08 -7.65 -19.55
CA ASP A 6 -6.26 -8.16 -18.20
C ASP A 6 -6.18 -7.03 -17.17
N GLU A 7 -7.10 -7.04 -16.21
CA GLU A 7 -7.13 -6.02 -15.17
C GLU A 7 -7.77 -6.57 -13.89
N ARG A 8 -7.57 -7.85 -13.65
CA ARG A 8 -8.13 -8.50 -12.47
C ARG A 8 -7.07 -8.67 -11.38
N ARG A 9 -7.52 -8.73 -10.13
CA ARG A 9 -6.61 -8.89 -9.00
C ARG A 9 -5.59 -7.77 -8.95
N TRP A 10 -4.80 -7.80 -7.90
CA TRP A 10 -3.82 -6.76 -7.69
C TRP A 10 -2.59 -7.20 -6.91
N MET A 11 -1.74 -6.20 -6.72
CA MET A 11 -0.49 -6.32 -5.97
C MET A 11 0.02 -4.90 -5.78
N VAL A 12 -0.54 -4.23 -4.81
CA VAL A 12 -0.22 -2.83 -4.53
C VAL A 12 1.22 -2.65 -4.10
N GLN A 13 1.78 -1.48 -4.41
CA GLN A 13 3.15 -1.21 -4.03
C GLN A 13 3.41 0.26 -3.72
N CYS A 14 2.96 0.68 -2.55
CA CYS A 14 3.20 2.05 -2.07
C CYS A 14 4.36 2.00 -1.09
N GLY A 15 5.28 1.07 -1.34
CA GLY A 15 6.39 0.89 -0.45
C GLY A 15 7.59 1.77 -0.72
N SER A 16 7.87 2.64 0.25
CA SER A 16 9.02 3.54 0.22
C SER A 16 8.67 4.93 0.73
N PHE A 17 8.77 5.16 2.05
CA PHE A 17 8.46 6.48 2.60
C PHE A 17 9.44 6.89 3.68
N ARG A 18 10.20 7.95 3.40
CA ARG A 18 11.17 8.51 4.33
C ARG A 18 10.53 8.75 5.69
N GLY A 19 9.21 8.88 5.69
CA GLY A 19 8.48 9.11 6.92
C GLY A 19 8.49 7.87 7.80
N ALA A 20 9.69 7.39 8.14
CA ALA A 20 9.85 6.21 8.98
C ALA A 20 8.85 6.19 10.12
N GLU A 21 8.71 7.33 10.79
CA GLU A 21 7.76 7.45 11.88
C GLU A 21 6.35 7.31 11.34
N GLN A 22 6.08 8.03 10.26
CA GLN A 22 4.78 7.96 9.60
C GLN A 22 4.59 6.58 9.00
N ALA A 23 5.70 5.98 8.58
CA ALA A 23 5.71 4.67 7.99
C ALA A 23 5.19 3.63 8.97
N GLU A 24 5.73 3.67 10.18
CA GLU A 24 5.32 2.73 11.22
C GLU A 24 3.83 2.90 11.51
N THR A 25 3.41 4.14 11.73
CA THR A 25 2.01 4.43 11.99
C THR A 25 1.21 4.19 10.71
N VAL A 26 1.88 4.37 9.58
CA VAL A 26 1.26 4.16 8.27
C VAL A 26 0.79 2.71 8.16
N ARG A 27 1.61 1.79 8.65
CA ARG A 27 1.29 0.37 8.63
C ARG A 27 -0.03 0.10 9.34
N ALA A 28 -0.08 0.44 10.62
CA ALA A 28 -1.28 0.23 11.42
C ALA A 28 -2.47 0.99 10.84
N GLN A 29 -2.19 2.13 10.23
CA GLN A 29 -3.24 2.94 9.63
C GLN A 29 -3.85 2.24 8.43
N LEU A 30 -2.99 1.67 7.59
CA LEU A 30 -3.46 0.95 6.40
C LEU A 30 -4.41 -0.17 6.79
N ALA A 31 -4.05 -0.90 7.84
CA ALA A 31 -4.89 -2.00 8.30
C ALA A 31 -6.06 -1.49 9.14
N PHE A 32 -5.90 -0.30 9.70
CA PHE A 32 -6.94 0.30 10.52
C PHE A 32 -7.96 1.04 9.65
N GLU A 33 -7.50 1.55 8.52
CA GLU A 33 -8.37 2.29 7.61
C GLU A 33 -9.19 1.34 6.74
N GLY A 34 -8.67 0.13 6.53
CA GLY A 34 -9.37 -0.85 5.73
C GLY A 34 -8.54 -1.38 4.58
N PHE A 35 -7.21 -1.27 4.70
CA PHE A 35 -6.31 -1.76 3.67
C PHE A 35 -4.99 -2.21 4.28
N ASP A 36 -5.06 -3.31 5.02
CA ASP A 36 -3.89 -3.88 5.69
C ASP A 36 -2.77 -4.22 4.70
N SER A 37 -1.82 -3.31 4.60
CA SER A 37 -0.67 -3.47 3.71
C SER A 37 0.53 -4.02 4.48
N LYS A 38 1.40 -4.74 3.80
CA LYS A 38 2.60 -5.28 4.42
C LYS A 38 3.70 -4.21 4.40
N ILE A 39 4.62 -4.30 5.36
CA ILE A 39 5.70 -3.33 5.45
C ILE A 39 7.09 -3.99 5.45
N THR A 40 8.08 -3.24 4.97
CA THR A 40 9.45 -3.73 4.91
C THR A 40 10.41 -2.61 4.51
N THR A 41 11.38 -2.33 5.38
CA THR A 41 12.38 -1.30 5.11
C THR A 41 13.61 -1.91 4.44
N ASN A 42 14.32 -1.11 3.65
CA ASN A 42 15.51 -1.61 2.96
C ASN A 42 16.19 -0.50 2.16
N ASN A 43 15.38 0.33 1.52
CA ASN A 43 15.88 1.44 0.71
C ASN A 43 16.22 2.65 1.59
N GLY A 44 16.26 2.43 2.89
CA GLY A 44 16.53 3.50 3.82
C GLY A 44 15.28 3.89 4.57
N TRP A 45 14.14 3.69 3.91
CA TRP A 45 12.85 4.01 4.48
C TRP A 45 11.90 2.83 4.33
N ASN A 46 10.81 2.87 5.08
CA ASN A 46 9.82 1.81 5.05
C ASN A 46 9.26 1.63 3.64
N ARG A 47 9.10 0.38 3.21
CA ARG A 47 8.61 0.11 1.86
C ARG A 47 7.33 -0.75 1.88
N VAL A 48 6.19 -0.11 2.13
CA VAL A 48 4.89 -0.79 2.17
C VAL A 48 4.61 -1.61 0.91
N VAL A 49 3.44 -2.21 0.93
CA VAL A 49 2.89 -3.05 -0.15
C VAL A 49 1.77 -3.90 0.43
N ILE A 50 0.69 -4.13 -0.30
CA ILE A 50 -0.39 -4.95 0.24
C ILE A 50 -0.52 -6.24 -0.54
N GLY A 51 -0.62 -7.37 0.16
CA GLY A 51 -0.75 -8.66 -0.48
C GLY A 51 -1.66 -8.59 -1.70
N PRO A 52 -1.47 -9.48 -2.68
CA PRO A 52 -2.29 -9.49 -3.89
C PRO A 52 -3.76 -9.24 -3.58
N VAL A 53 -4.21 -8.02 -3.82
CA VAL A 53 -5.60 -7.63 -3.55
C VAL A 53 -6.48 -7.90 -4.77
N LYS A 54 -7.76 -7.53 -4.67
CA LYS A 54 -8.70 -7.74 -5.75
C LYS A 54 -9.06 -6.43 -6.44
N GLY A 55 -9.17 -6.48 -7.76
CA GLY A 55 -9.51 -5.29 -8.53
C GLY A 55 -11.00 -5.00 -8.53
N LYS A 56 -11.37 -3.85 -8.00
CA LYS A 56 -12.78 -3.45 -7.94
C LYS A 56 -12.91 -2.05 -7.35
N GLU A 57 -12.18 -1.80 -6.28
CA GLU A 57 -12.22 -0.49 -5.61
C GLU A 57 -11.29 -0.45 -4.40
N ASN A 58 -11.01 -1.60 -3.81
CA ASN A 58 -10.15 -1.67 -2.65
C ASN A 58 -8.75 -1.15 -2.97
N ALA A 59 -8.08 -1.81 -3.91
CA ALA A 59 -6.75 -1.41 -4.32
C ALA A 59 -6.72 0.06 -4.75
N ASP A 60 -7.72 0.45 -5.54
CA ASP A 60 -7.82 1.84 -5.99
C ASP A 60 -8.10 2.77 -4.82
N SER A 61 -9.02 2.35 -3.95
CA SER A 61 -9.37 3.13 -2.78
C SER A 61 -8.15 3.23 -1.87
N THR A 62 -7.35 2.16 -1.87
CA THR A 62 -6.14 2.12 -1.07
C THR A 62 -5.27 3.34 -1.41
N LEU A 63 -5.19 3.64 -2.71
CA LEU A 63 -4.42 4.80 -3.16
C LEU A 63 -4.81 6.03 -2.36
N ASN A 64 -6.11 6.31 -2.33
CA ASN A 64 -6.63 7.43 -1.57
C ASN A 64 -6.53 7.14 -0.08
N ARG A 65 -6.57 5.85 0.25
CA ARG A 65 -6.47 5.41 1.63
C ARG A 65 -5.03 5.56 2.14
N LEU A 66 -4.07 5.32 1.25
CA LEU A 66 -2.66 5.46 1.60
C LEU A 66 -2.41 6.88 2.08
N LYS A 67 -3.15 7.82 1.51
CA LYS A 67 -3.04 9.21 1.94
C LYS A 67 -3.51 9.30 3.40
N MET A 68 -4.40 8.39 3.77
CA MET A 68 -4.94 8.32 5.13
C MET A 68 -3.84 7.93 6.11
N ALA A 69 -3.16 6.83 5.79
CA ALA A 69 -2.06 6.35 6.64
C ALA A 69 -0.98 7.41 6.77
N GLY A 70 -0.71 8.10 5.67
CA GLY A 70 0.29 9.14 5.68
C GLY A 70 1.63 8.68 5.15
N HIS A 71 1.63 8.10 3.94
CA HIS A 71 2.88 7.66 3.34
C HIS A 71 2.95 8.02 1.86
N THR A 72 4.01 8.72 1.49
CA THR A 72 4.21 9.16 0.11
C THR A 72 4.56 8.00 -0.81
N ASN A 73 4.60 8.27 -2.11
CA ASN A 73 4.91 7.26 -3.11
C ASN A 73 3.94 6.09 -3.04
N CYS A 74 2.89 6.14 -3.85
CA CYS A 74 1.88 5.09 -3.88
C CYS A 74 1.43 4.77 -5.30
N ILE A 75 1.45 3.49 -5.65
CA ILE A 75 1.01 3.06 -6.97
C ILE A 75 0.58 1.60 -6.93
N ARG A 76 -0.71 1.37 -7.10
CA ARG A 76 -1.23 0.02 -7.09
C ARG A 76 -0.67 -0.77 -8.27
N LEU A 77 0.04 -1.84 -7.96
CA LEU A 77 0.62 -2.68 -8.99
C LEU A 77 -0.28 -3.88 -9.26
N ALA A 78 -0.82 -3.94 -10.47
CA ALA A 78 -1.73 -5.02 -10.83
C ALA A 78 -0.98 -6.24 -11.36
N ALA A 79 -1.53 -7.41 -11.08
CA ALA A 79 -0.95 -8.67 -11.51
C ALA A 79 -0.91 -8.76 -13.03
N GLY A 80 -0.25 -9.80 -13.54
CA GLY A 80 -0.15 -9.99 -14.98
C GLY A 80 -0.84 -11.25 -15.44
N GLY A 81 -0.86 -12.27 -14.58
CA GLY A 81 -1.50 -13.52 -14.93
C GLY A 81 -2.70 -13.82 -14.06
N LYS A 5 -12.44 -12.98 -19.66
CA LYS A 5 -12.99 -11.73 -19.10
C LYS A 5 -13.21 -11.84 -17.59
N ASP A 6 -12.95 -10.75 -16.88
CA ASP A 6 -13.12 -10.73 -15.43
C ASP A 6 -12.22 -11.77 -14.76
N GLU A 7 -10.97 -11.38 -14.50
CA GLU A 7 -10.01 -12.27 -13.87
C GLU A 7 -8.69 -11.55 -13.60
N ARG A 8 -8.78 -10.31 -13.12
CA ARG A 8 -7.60 -9.53 -12.83
C ARG A 8 -7.39 -9.37 -11.33
N ARG A 9 -6.15 -9.14 -10.93
CA ARG A 9 -5.80 -8.98 -9.52
C ARG A 9 -4.64 -8.02 -9.35
N TRP A 10 -4.33 -7.77 -8.09
CA TRP A 10 -3.28 -6.83 -7.76
C TRP A 10 -2.28 -7.37 -6.75
N MET A 11 -1.29 -6.53 -6.49
CA MET A 11 -0.22 -6.77 -5.54
C MET A 11 0.43 -5.43 -5.27
N VAL A 12 -0.35 -4.58 -4.64
CA VAL A 12 0.01 -3.20 -4.36
C VAL A 12 1.41 -3.00 -3.78
N GLN A 13 1.91 -1.79 -4.02
CA GLN A 13 3.20 -1.36 -3.51
C GLN A 13 3.07 0.11 -3.17
N CYS A 14 2.15 0.34 -2.26
CA CYS A 14 1.81 1.68 -1.81
C CYS A 14 2.63 2.12 -0.62
N GLY A 15 3.95 2.21 -0.79
CA GLY A 15 4.79 2.61 0.31
C GLY A 15 6.14 3.14 -0.10
N SER A 16 7.10 3.02 0.81
CA SER A 16 8.47 3.49 0.58
C SER A 16 8.55 4.99 0.79
N PHE A 17 8.45 5.41 2.05
CA PHE A 17 8.47 6.83 2.41
C PHE A 17 9.60 7.16 3.37
N ARG A 18 10.36 8.21 3.04
CA ARG A 18 11.48 8.66 3.88
C ARG A 18 11.09 8.68 5.34
N GLY A 19 9.79 8.86 5.59
CA GLY A 19 9.28 8.86 6.94
C GLY A 19 9.32 7.48 7.53
N ALA A 20 10.53 6.94 7.68
CA ALA A 20 10.71 5.60 8.21
C ALA A 20 9.92 5.38 9.48
N GLU A 21 10.10 6.25 10.45
CA GLU A 21 9.38 6.14 11.72
C GLU A 21 7.90 6.42 11.47
N GLN A 22 7.63 7.49 10.74
CA GLN A 22 6.26 7.85 10.40
C GLN A 22 5.64 6.74 9.57
N ALA A 23 6.48 6.09 8.77
CA ALA A 23 6.05 5.01 7.90
C ALA A 23 5.44 3.87 8.69
N GLU A 24 6.12 3.48 9.76
CA GLU A 24 5.65 2.40 10.61
C GLU A 24 4.28 2.74 11.18
N THR A 25 4.15 3.95 11.72
CA THR A 25 2.88 4.40 12.27
C THR A 25 1.90 4.72 11.14
N VAL A 26 2.46 5.09 9.99
CA VAL A 26 1.66 5.43 8.82
C VAL A 26 1.07 4.16 8.21
N ARG A 27 1.83 3.08 8.23
CA ARG A 27 1.37 1.82 7.68
C ARG A 27 0.22 1.26 8.50
N ALA A 28 0.36 1.30 9.82
CA ALA A 28 -0.67 0.79 10.71
C ALA A 28 -1.98 1.56 10.51
N GLN A 29 -1.88 2.78 9.99
CA GLN A 29 -3.06 3.60 9.76
C GLN A 29 -3.72 3.27 8.40
N LEU A 30 -3.19 2.28 7.71
CA LEU A 30 -3.73 1.85 6.42
C LEU A 30 -4.29 0.45 6.56
N ALA A 31 -3.80 -0.30 7.55
CA ALA A 31 -4.30 -1.63 7.82
C ALA A 31 -5.27 -1.57 8.99
N PHE A 32 -5.02 -0.64 9.90
CA PHE A 32 -5.89 -0.45 11.05
C PHE A 32 -7.09 0.39 10.65
N GLU A 33 -6.88 1.26 9.65
CA GLU A 33 -7.95 2.11 9.15
C GLU A 33 -9.07 1.24 8.59
N GLY A 34 -8.68 0.08 8.05
CA GLY A 34 -9.66 -0.82 7.49
C GLY A 34 -9.31 -1.29 6.10
N PHE A 35 -8.06 -1.12 5.68
CA PHE A 35 -7.66 -1.56 4.35
C PHE A 35 -6.31 -2.26 4.36
N ASP A 36 -6.37 -3.59 4.23
CA ASP A 36 -5.18 -4.46 4.22
C ASP A 36 -3.97 -3.77 3.62
N SER A 37 -2.79 -4.24 4.01
CA SER A 37 -1.53 -3.70 3.54
C SER A 37 -0.38 -4.25 4.39
N LYS A 38 0.84 -4.14 3.88
CA LYS A 38 2.02 -4.63 4.58
C LYS A 38 3.16 -3.63 4.53
N ILE A 39 4.10 -3.77 5.47
CA ILE A 39 5.24 -2.87 5.54
C ILE A 39 6.57 -3.62 5.46
N THR A 40 7.57 -2.99 4.84
CA THR A 40 8.90 -3.59 4.70
C THR A 40 9.89 -2.55 4.21
N THR A 41 10.92 -2.29 5.02
CA THR A 41 11.95 -1.32 4.66
C THR A 41 13.10 -2.00 3.92
N ASN A 42 13.73 -1.29 2.98
CA ASN A 42 14.83 -1.87 2.22
C ASN A 42 15.43 -0.87 1.24
N ASN A 43 14.57 -0.15 0.53
CA ASN A 43 15.01 0.84 -0.43
C ASN A 43 15.45 2.13 0.26
N GLY A 44 15.52 2.09 1.59
CA GLY A 44 15.90 3.26 2.35
C GLY A 44 14.79 3.72 3.25
N TRP A 45 13.55 3.50 2.81
CA TRP A 45 12.38 3.89 3.56
C TRP A 45 11.42 2.72 3.69
N ASN A 46 10.53 2.84 4.68
CA ASN A 46 9.53 1.80 4.93
C ASN A 46 8.64 1.56 3.71
N ARG A 47 8.89 0.48 3.00
CA ARG A 47 8.10 0.13 1.81
C ARG A 47 6.78 -0.50 2.24
N VAL A 48 5.76 -0.36 1.42
CA VAL A 48 4.45 -0.93 1.72
C VAL A 48 3.90 -1.70 0.53
N VAL A 49 3.07 -2.69 0.84
CA VAL A 49 2.44 -3.55 -0.15
C VAL A 49 1.26 -4.26 0.48
N ILE A 50 0.16 -4.40 -0.25
CA ILE A 50 -1.00 -5.10 0.31
C ILE A 50 -1.16 -6.45 -0.35
N GLY A 51 -1.49 -7.47 0.45
CA GLY A 51 -1.67 -8.81 -0.09
C GLY A 51 -2.30 -8.79 -1.46
N PRO A 52 -1.99 -9.75 -2.35
CA PRO A 52 -2.54 -9.80 -3.70
C PRO A 52 -4.01 -9.39 -3.72
N VAL A 53 -4.23 -8.11 -4.00
CA VAL A 53 -5.59 -7.55 -4.04
C VAL A 53 -6.28 -7.89 -5.36
N LYS A 54 -7.47 -7.32 -5.56
CA LYS A 54 -8.24 -7.55 -6.78
C LYS A 54 -8.52 -6.25 -7.51
N GLY A 55 -8.32 -6.27 -8.83
CA GLY A 55 -8.55 -5.08 -9.63
C GLY A 55 -10.02 -4.80 -9.82
N LYS A 56 -10.49 -3.69 -9.26
CA LYS A 56 -11.90 -3.32 -9.37
C LYS A 56 -12.17 -1.99 -8.66
N GLU A 57 -11.69 -1.87 -7.43
CA GLU A 57 -11.89 -0.66 -6.65
C GLU A 57 -11.19 -0.71 -5.29
N ASN A 58 -10.87 -1.91 -4.81
CA ASN A 58 -10.21 -2.07 -3.53
C ASN A 58 -8.83 -1.41 -3.55
N ALA A 59 -7.94 -1.93 -4.39
CA ALA A 59 -6.60 -1.37 -4.51
C ALA A 59 -6.66 0.12 -4.78
N ASP A 60 -7.60 0.52 -5.63
CA ASP A 60 -7.78 1.93 -5.96
C ASP A 60 -8.26 2.71 -4.75
N SER A 61 -9.30 2.23 -4.10
CA SER A 61 -9.82 2.88 -2.91
C SER A 61 -8.76 2.88 -1.82
N THR A 62 -7.95 1.83 -1.81
CA THR A 62 -6.86 1.70 -0.86
C THR A 62 -5.89 2.86 -1.03
N LEU A 63 -5.57 3.17 -2.29
CA LEU A 63 -4.66 4.28 -2.59
C LEU A 63 -5.12 5.54 -1.89
N ASN A 64 -6.36 5.94 -2.15
CA ASN A 64 -6.93 7.12 -1.53
C ASN A 64 -6.98 6.93 -0.02
N ARG A 65 -7.08 5.68 0.41
CA ARG A 65 -7.13 5.35 1.82
C ARG A 65 -5.76 5.55 2.46
N LEU A 66 -4.69 5.27 1.72
CA LEU A 66 -3.34 5.43 2.24
C LEU A 66 -3.11 6.90 2.59
N LYS A 67 -3.73 7.78 1.84
CA LYS A 67 -3.62 9.20 2.14
C LYS A 67 -4.15 9.44 3.56
N MET A 68 -5.03 8.53 4.00
CA MET A 68 -5.60 8.59 5.35
C MET A 68 -4.53 8.30 6.38
N ALA A 69 -3.69 7.32 6.05
CA ALA A 69 -2.60 6.91 6.93
C ALA A 69 -1.49 7.97 6.93
N GLY A 70 -1.03 8.32 5.74
CA GLY A 70 0.02 9.33 5.63
C GLY A 70 1.32 8.77 5.09
N HIS A 71 1.28 8.15 3.93
CA HIS A 71 2.49 7.59 3.31
C HIS A 71 2.97 8.50 2.19
N THR A 72 4.25 8.84 2.21
CA THR A 72 4.82 9.71 1.17
C THR A 72 5.33 8.93 -0.03
N ASN A 73 4.59 7.90 -0.45
CA ASN A 73 4.99 7.09 -1.60
C ASN A 73 4.10 5.84 -1.73
N CYS A 74 3.23 5.83 -2.73
CA CYS A 74 2.34 4.69 -2.95
C CYS A 74 2.06 4.47 -4.44
N ILE A 75 1.92 3.21 -4.85
CA ILE A 75 1.65 2.89 -6.25
C ILE A 75 1.14 1.45 -6.37
N ARG A 76 -0.08 1.30 -6.85
CA ARG A 76 -0.66 -0.04 -7.00
C ARG A 76 0.10 -0.82 -8.06
N LEU A 77 0.78 -1.86 -7.61
CA LEU A 77 1.54 -2.73 -8.50
C LEU A 77 0.75 -3.99 -8.77
N ALA A 78 0.49 -4.27 -10.03
CA ALA A 78 -0.29 -5.44 -10.41
C ALA A 78 0.59 -6.68 -10.57
N ALA A 79 0.03 -7.82 -10.17
CA ALA A 79 0.73 -9.09 -10.26
C ALA A 79 0.96 -9.49 -11.72
N GLY A 80 0.00 -9.16 -12.57
CA GLY A 80 0.11 -9.51 -13.97
C GLY A 80 -0.09 -10.98 -14.23
N GLY A 81 1.01 -11.71 -14.37
CA GLY A 81 0.94 -13.14 -14.62
C GLY A 81 2.17 -13.88 -14.12
N LYS A 5 -8.23 -13.12 -6.46
CA LYS A 5 -7.50 -13.88 -7.51
C LYS A 5 -8.39 -14.16 -8.71
N ASP A 6 -9.06 -13.12 -9.20
CA ASP A 6 -9.95 -13.26 -10.35
C ASP A 6 -10.48 -11.90 -10.78
N GLU A 7 -10.71 -11.76 -12.09
CA GLU A 7 -11.21 -10.50 -12.64
C GLU A 7 -10.25 -9.35 -12.35
N ARG A 8 -9.02 -9.48 -12.85
CA ARG A 8 -8.01 -8.45 -12.64
C ARG A 8 -7.66 -8.31 -11.17
N ARG A 9 -6.55 -8.91 -10.76
CA ARG A 9 -6.09 -8.85 -9.38
C ARG A 9 -4.95 -7.88 -9.23
N TRP A 10 -4.55 -7.69 -7.99
CA TRP A 10 -3.49 -6.74 -7.68
C TRP A 10 -2.43 -7.30 -6.76
N MET A 11 -1.43 -6.45 -6.57
CA MET A 11 -0.29 -6.69 -5.70
C MET A 11 0.31 -5.35 -5.34
N VAL A 12 -0.43 -4.61 -4.54
CA VAL A 12 -0.05 -3.26 -4.13
C VAL A 12 1.44 -3.11 -3.90
N GLN A 13 1.95 -1.89 -4.04
CA GLN A 13 3.34 -1.63 -3.81
C GLN A 13 3.55 -0.16 -3.58
N CYS A 14 2.85 0.33 -2.59
CA CYS A 14 2.89 1.72 -2.19
C CYS A 14 3.90 1.90 -1.07
N GLY A 15 3.75 2.97 -0.32
CA GLY A 15 4.64 3.21 0.79
C GLY A 15 5.94 3.85 0.37
N SER A 16 7.05 3.21 0.72
CA SER A 16 8.37 3.75 0.43
C SER A 16 8.41 5.20 0.90
N PHE A 17 8.45 5.37 2.22
CA PHE A 17 8.40 6.69 2.81
C PHE A 17 9.54 6.95 3.80
N ARG A 18 10.34 7.97 3.49
CA ARG A 18 11.44 8.36 4.37
C ARG A 18 10.91 8.52 5.79
N GLY A 19 9.59 8.74 5.87
CA GLY A 19 8.91 8.86 7.13
C GLY A 19 8.96 7.55 7.90
N ALA A 20 10.17 7.15 8.27
CA ALA A 20 10.39 5.89 8.98
C ALA A 20 9.49 5.75 10.18
N GLU A 21 9.54 6.73 11.07
CA GLU A 21 8.71 6.70 12.27
C GLU A 21 7.24 6.77 11.88
N GLN A 22 6.91 7.73 11.03
CA GLN A 22 5.54 7.87 10.55
C GLN A 22 5.15 6.64 9.75
N ALA A 23 6.14 6.01 9.13
CA ALA A 23 5.92 4.82 8.34
C ALA A 23 5.36 3.70 9.20
N GLU A 24 5.93 3.53 10.38
CA GLU A 24 5.47 2.51 11.31
C GLU A 24 4.02 2.75 11.70
N THR A 25 3.74 3.94 12.21
CA THR A 25 2.39 4.31 12.59
C THR A 25 1.49 4.34 11.36
N VAL A 26 2.10 4.63 10.21
CA VAL A 26 1.39 4.69 8.95
C VAL A 26 0.84 3.31 8.58
N ARG A 27 1.63 2.28 8.85
CA ARG A 27 1.23 0.91 8.56
C ARG A 27 -0.10 0.58 9.24
N ALA A 28 -0.21 0.97 10.50
CA ALA A 28 -1.43 0.71 11.27
C ALA A 28 -2.63 1.40 10.66
N GLN A 29 -2.43 2.64 10.19
CA GLN A 29 -3.50 3.41 9.56
C GLN A 29 -4.11 2.61 8.41
N LEU A 30 -3.27 1.90 7.68
CA LEU A 30 -3.70 1.09 6.56
C LEU A 30 -4.65 -0.01 7.02
N ALA A 31 -4.18 -0.83 7.95
CA ALA A 31 -5.00 -1.92 8.47
C ALA A 31 -6.12 -1.40 9.36
N PHE A 32 -5.95 -0.19 9.89
CA PHE A 32 -6.96 0.39 10.76
C PHE A 32 -7.99 1.19 9.96
N GLU A 33 -7.58 1.62 8.77
CA GLU A 33 -8.47 2.39 7.91
C GLU A 33 -9.27 1.47 6.99
N GLY A 34 -8.87 0.20 6.90
CA GLY A 34 -9.59 -0.74 6.06
C GLY A 34 -8.73 -1.33 4.95
N PHE A 35 -7.41 -1.20 5.06
CA PHE A 35 -6.51 -1.77 4.06
C PHE A 35 -5.20 -2.21 4.69
N ASP A 36 -5.20 -3.43 5.22
CA ASP A 36 -4.03 -3.99 5.88
C ASP A 36 -2.91 -4.33 4.91
N SER A 37 -2.00 -3.38 4.72
CA SER A 37 -0.85 -3.56 3.85
C SER A 37 0.32 -4.10 4.67
N LYS A 38 1.17 -4.91 4.07
CA LYS A 38 2.33 -5.44 4.78
C LYS A 38 3.59 -4.75 4.28
N ILE A 39 4.09 -3.80 5.06
CA ILE A 39 5.26 -3.02 4.70
C ILE A 39 6.56 -3.72 5.07
N THR A 40 7.64 -3.27 4.43
CA THR A 40 8.98 -3.81 4.67
C THR A 40 10.03 -2.88 4.07
N THR A 41 10.87 -2.30 4.92
CA THR A 41 11.92 -1.40 4.46
C THR A 41 12.85 -2.12 3.49
N ASN A 42 13.41 -1.38 2.53
CA ASN A 42 14.32 -1.97 1.56
C ASN A 42 14.98 -0.91 0.68
N ASN A 43 14.17 0.00 0.17
CA ASN A 43 14.67 1.09 -0.67
C ASN A 43 15.28 2.20 0.17
N GLY A 44 15.49 1.92 1.46
CA GLY A 44 16.05 2.90 2.36
C GLY A 44 15.01 3.35 3.36
N TRP A 45 13.76 3.36 2.93
CA TRP A 45 12.65 3.76 3.77
C TRP A 45 11.58 2.69 3.78
N ASN A 46 10.64 2.82 4.71
CA ASN A 46 9.56 1.86 4.86
C ASN A 46 8.78 1.71 3.56
N ARG A 47 8.85 0.50 2.98
CA ARG A 47 8.15 0.21 1.75
C ARG A 47 6.83 -0.51 2.02
N VAL A 48 5.73 -0.03 1.43
CA VAL A 48 4.43 -0.65 1.65
C VAL A 48 4.04 -1.54 0.47
N VAL A 49 3.19 -2.50 0.79
CA VAL A 49 2.66 -3.47 -0.15
C VAL A 49 1.52 -4.21 0.54
N ILE A 50 0.46 -4.55 -0.18
CA ILE A 50 -0.65 -5.26 0.44
C ILE A 50 -0.89 -6.59 -0.24
N GLY A 51 0.05 -7.50 -0.05
CA GLY A 51 -0.05 -8.82 -0.66
C GLY A 51 -0.74 -8.78 -2.01
N PRO A 52 -1.48 -9.83 -2.38
CA PRO A 52 -2.22 -9.85 -3.63
C PRO A 52 -3.63 -9.31 -3.46
N VAL A 53 -3.85 -8.09 -3.91
CA VAL A 53 -5.17 -7.46 -3.80
C VAL A 53 -6.04 -7.81 -5.00
N LYS A 54 -7.23 -7.22 -5.05
CA LYS A 54 -8.16 -7.50 -6.15
C LYS A 54 -8.54 -6.22 -6.89
N GLY A 55 -8.59 -6.31 -8.21
CA GLY A 55 -8.94 -5.15 -9.02
C GLY A 55 -10.43 -4.93 -9.10
N LYS A 56 -10.87 -3.77 -8.63
CA LYS A 56 -12.29 -3.43 -8.64
C LYS A 56 -12.53 -2.08 -7.97
N GLU A 57 -11.96 -1.90 -6.78
CA GLU A 57 -12.12 -0.65 -6.04
C GLU A 57 -11.27 -0.63 -4.77
N ASN A 58 -10.91 -1.81 -4.26
CA ASN A 58 -10.12 -1.89 -3.05
C ASN A 58 -8.74 -1.27 -3.26
N ALA A 59 -7.94 -1.89 -4.13
CA ALA A 59 -6.60 -1.40 -4.43
C ALA A 59 -6.65 0.08 -4.84
N ASP A 60 -7.74 0.45 -5.51
CA ASP A 60 -7.91 1.85 -5.95
C ASP A 60 -8.25 2.73 -4.77
N SER A 61 -9.23 2.31 -3.97
CA SER A 61 -9.60 3.06 -2.78
C SER A 61 -8.38 3.19 -1.88
N THR A 62 -7.49 2.19 -1.97
CA THR A 62 -6.26 2.20 -1.19
C THR A 62 -5.44 3.43 -1.53
N LEU A 63 -5.62 3.94 -2.74
CA LEU A 63 -4.90 5.14 -3.17
C LEU A 63 -5.35 6.33 -2.35
N ASN A 64 -6.66 6.41 -2.14
CA ASN A 64 -7.24 7.48 -1.34
C ASN A 64 -7.11 7.13 0.14
N ARG A 65 -7.08 5.83 0.42
CA ARG A 65 -6.95 5.35 1.78
C ARG A 65 -5.50 5.51 2.26
N LEU A 66 -4.56 5.23 1.36
CA LEU A 66 -3.15 5.35 1.68
C LEU A 66 -2.85 6.76 2.16
N LYS A 67 -3.57 7.74 1.60
CA LYS A 67 -3.40 9.12 2.02
C LYS A 67 -3.79 9.25 3.49
N MET A 68 -4.70 8.38 3.92
CA MET A 68 -5.16 8.36 5.31
C MET A 68 -3.99 8.01 6.22
N ALA A 69 -3.08 7.19 5.71
CA ALA A 69 -1.90 6.78 6.47
C ALA A 69 -0.80 7.83 6.35
N GLY A 70 -0.43 8.15 5.12
CA GLY A 70 0.60 9.16 4.89
C GLY A 70 1.86 8.57 4.29
N HIS A 71 1.81 8.21 3.01
CA HIS A 71 2.98 7.66 2.34
C HIS A 71 3.52 8.62 1.29
N THR A 72 4.79 9.00 1.41
CA THR A 72 5.39 9.92 0.46
C THR A 72 5.36 9.38 -0.99
N ASN A 73 4.84 8.16 -1.20
CA ASN A 73 4.77 7.60 -2.55
C ASN A 73 4.06 6.24 -2.60
N CYS A 74 2.81 6.25 -3.05
CA CYS A 74 2.02 5.02 -3.17
C CYS A 74 1.85 4.61 -4.63
N ILE A 75 1.73 3.31 -4.89
CA ILE A 75 1.55 2.83 -6.26
C ILE A 75 1.08 1.39 -6.26
N ARG A 76 -0.14 1.18 -6.72
CA ARG A 76 -0.71 -0.15 -6.78
C ARG A 76 -0.02 -0.97 -7.86
N LEU A 77 0.62 -2.06 -7.44
CA LEU A 77 1.33 -2.93 -8.37
C LEU A 77 0.43 -4.09 -8.77
N ALA A 78 0.10 -4.15 -10.04
CA ALA A 78 -0.78 -5.21 -10.54
C ALA A 78 0.00 -6.46 -10.93
N ALA A 79 -0.64 -7.61 -10.72
CA ALA A 79 -0.04 -8.89 -11.04
C ALA A 79 -0.10 -9.17 -12.54
N GLY A 80 0.18 -10.41 -12.92
CA GLY A 80 0.14 -10.79 -14.32
C GLY A 80 -0.66 -12.06 -14.55
N GLY A 81 -1.35 -12.11 -15.69
CA GLY A 81 -2.15 -13.27 -16.02
C GLY A 81 -3.25 -12.96 -17.02
N LYS A 5 -16.67 -8.53 -17.27
CA LYS A 5 -15.27 -8.15 -16.96
C LYS A 5 -14.82 -8.76 -15.64
N ASP A 6 -14.04 -9.83 -15.71
CA ASP A 6 -13.54 -10.50 -14.52
C ASP A 6 -12.17 -11.12 -14.77
N GLU A 7 -11.12 -10.32 -14.61
CA GLU A 7 -9.76 -10.78 -14.81
C GLU A 7 -8.76 -9.68 -14.50
N ARG A 8 -8.70 -9.27 -13.24
CA ARG A 8 -7.78 -8.23 -12.81
C ARG A 8 -7.32 -8.47 -11.38
N ARG A 9 -6.01 -8.59 -11.20
CA ARG A 9 -5.42 -8.83 -9.88
C ARG A 9 -4.45 -7.72 -9.53
N TRP A 10 -3.98 -7.77 -8.29
CA TRP A 10 -3.08 -6.75 -7.80
C TRP A 10 -2.00 -7.27 -6.87
N MET A 11 -1.18 -6.32 -6.46
CA MET A 11 -0.06 -6.52 -5.55
C MET A 11 0.54 -5.16 -5.27
N VAL A 12 -0.26 -4.35 -4.63
CA VAL A 12 0.07 -2.96 -4.33
C VAL A 12 1.50 -2.76 -3.86
N GLN A 13 1.90 -1.48 -3.81
CA GLN A 13 3.22 -1.11 -3.36
C GLN A 13 3.27 0.40 -3.18
N CYS A 14 3.17 0.84 -1.93
CA CYS A 14 3.16 2.27 -1.63
C CYS A 14 4.57 2.84 -1.52
N GLY A 15 5.52 2.14 -2.09
CA GLY A 15 6.89 2.60 -2.04
C GLY A 15 7.40 2.70 -0.62
N SER A 16 8.66 3.09 -0.47
CA SER A 16 9.25 3.24 0.85
C SER A 16 9.52 4.71 1.14
N PHE A 17 8.98 5.20 2.25
CA PHE A 17 9.11 6.60 2.63
C PHE A 17 10.14 6.84 3.73
N ARG A 18 10.75 8.03 3.69
CA ARG A 18 11.73 8.43 4.69
C ARG A 18 11.03 8.65 6.03
N GLY A 19 9.71 8.71 5.99
CA GLY A 19 8.92 8.89 7.18
C GLY A 19 8.98 7.67 8.07
N ALA A 20 10.18 7.27 8.47
CA ALA A 20 10.37 6.10 9.31
C ALA A 20 9.33 6.01 10.41
N GLU A 21 9.02 7.14 11.02
CA GLU A 21 8.01 7.18 12.07
C GLU A 21 6.63 7.21 11.45
N GLN A 22 6.53 7.87 10.30
CA GLN A 22 5.27 7.96 9.58
C GLN A 22 5.00 6.65 8.87
N ALA A 23 6.06 6.04 8.35
CA ALA A 23 5.95 4.77 7.65
C ALA A 23 5.39 3.69 8.56
N GLU A 24 5.80 3.71 9.83
CA GLU A 24 5.30 2.74 10.79
C GLU A 24 3.82 2.99 11.04
N THR A 25 3.50 4.23 11.38
CA THR A 25 2.11 4.62 11.62
C THR A 25 1.33 4.54 10.31
N VAL A 26 2.04 4.71 9.20
CA VAL A 26 1.45 4.64 7.88
C VAL A 26 1.00 3.22 7.56
N ARG A 27 1.61 2.26 8.24
CA ARG A 27 1.25 0.86 8.04
C ARG A 27 0.18 0.46 9.05
N ALA A 28 0.21 1.08 10.22
CA ALA A 28 -0.77 0.80 11.26
C ALA A 28 -2.06 1.57 11.01
N GLN A 29 -1.93 2.74 10.39
CA GLN A 29 -3.10 3.56 10.09
C GLN A 29 -3.86 2.99 8.90
N LEU A 30 -3.13 2.40 7.97
CA LEU A 30 -3.73 1.79 6.79
C LEU A 30 -4.36 0.46 7.14
N ALA A 31 -3.90 -0.15 8.22
CA ALA A 31 -4.48 -1.40 8.69
C ALA A 31 -5.51 -1.11 9.78
N PHE A 32 -5.32 0.00 10.49
CA PHE A 32 -6.25 0.40 11.53
C PHE A 32 -7.42 1.15 10.90
N GLU A 33 -7.14 1.87 9.82
CA GLU A 33 -8.18 2.61 9.12
C GLU A 33 -9.24 1.66 8.60
N GLY A 34 -8.80 0.46 8.20
CA GLY A 34 -9.74 -0.53 7.70
C GLY A 34 -9.36 -1.14 6.38
N PHE A 35 -8.06 -1.11 6.02
CA PHE A 35 -7.65 -1.72 4.75
C PHE A 35 -6.35 -2.49 4.89
N ASP A 36 -6.37 -3.73 4.39
CA ASP A 36 -5.22 -4.61 4.46
C ASP A 36 -3.98 -3.97 3.85
N SER A 37 -2.82 -4.49 4.22
CA SER A 37 -1.55 -3.99 3.73
C SER A 37 -0.39 -4.67 4.43
N LYS A 38 0.80 -4.31 4.01
CA LYS A 38 2.03 -4.85 4.59
C LYS A 38 3.17 -3.84 4.46
N ILE A 39 4.11 -3.89 5.40
CA ILE A 39 5.24 -2.97 5.38
C ILE A 39 6.58 -3.70 5.50
N THR A 40 7.61 -3.12 4.92
CA THR A 40 8.96 -3.70 4.96
C THR A 40 9.96 -2.81 4.25
N THR A 41 10.98 -2.36 4.98
CA THR A 41 12.01 -1.50 4.40
C THR A 41 12.91 -2.29 3.47
N ASN A 42 13.39 -1.64 2.40
CA ASN A 42 14.25 -2.31 1.44
C ASN A 42 15.01 -1.31 0.57
N ASN A 43 14.28 -0.36 -0.01
CA ASN A 43 14.89 0.66 -0.85
C ASN A 43 15.52 1.75 0.00
N GLY A 44 15.63 1.51 1.31
CA GLY A 44 16.20 2.49 2.20
C GLY A 44 15.18 3.03 3.17
N TRP A 45 13.92 3.06 2.74
CA TRP A 45 12.83 3.54 3.55
C TRP A 45 11.80 2.44 3.75
N ASN A 46 10.86 2.70 4.65
CA ASN A 46 9.80 1.73 4.96
C ASN A 46 8.83 1.58 3.79
N ARG A 47 8.96 0.45 3.07
CA ARG A 47 8.10 0.18 1.91
C ARG A 47 6.81 -0.52 2.34
N VAL A 48 5.74 -0.28 1.59
CA VAL A 48 4.45 -0.89 1.88
C VAL A 48 3.96 -1.71 0.69
N VAL A 49 3.05 -2.62 0.98
CA VAL A 49 2.45 -3.50 -0.01
C VAL A 49 1.25 -4.21 0.60
N ILE A 50 0.19 -4.41 -0.17
CA ILE A 50 -0.98 -5.10 0.36
C ILE A 50 -1.18 -6.42 -0.37
N GLY A 51 -1.32 -7.50 0.39
CA GLY A 51 -1.49 -8.83 -0.20
C GLY A 51 -2.17 -8.77 -1.55
N PRO A 52 -1.74 -9.59 -2.52
CA PRO A 52 -2.33 -9.59 -3.86
C PRO A 52 -3.83 -9.38 -3.82
N VAL A 53 -4.25 -8.15 -4.13
CA VAL A 53 -5.66 -7.79 -4.10
C VAL A 53 -6.30 -7.97 -5.47
N LYS A 54 -7.63 -7.82 -5.53
CA LYS A 54 -8.36 -7.97 -6.77
C LYS A 54 -8.66 -6.60 -7.40
N GLY A 55 -8.47 -6.50 -8.71
CA GLY A 55 -8.71 -5.26 -9.41
C GLY A 55 -10.19 -5.00 -9.60
N LYS A 56 -10.70 -3.97 -8.93
CA LYS A 56 -12.12 -3.62 -9.04
C LYS A 56 -12.39 -2.27 -8.36
N GLU A 57 -11.89 -2.11 -7.15
CA GLU A 57 -12.08 -0.87 -6.40
C GLU A 57 -11.33 -0.86 -5.08
N ASN A 58 -10.96 -2.03 -4.57
CA ASN A 58 -10.23 -2.12 -3.31
C ASN A 58 -8.87 -1.47 -3.42
N ALA A 59 -8.00 -2.04 -4.25
CA ALA A 59 -6.66 -1.50 -4.45
C ALA A 59 -6.73 -0.04 -4.85
N ASP A 60 -7.78 0.33 -5.58
CA ASP A 60 -7.97 1.71 -6.02
C ASP A 60 -8.40 2.58 -4.84
N SER A 61 -9.43 2.14 -4.13
CA SER A 61 -9.91 2.87 -2.97
C SER A 61 -8.81 2.90 -1.92
N THR A 62 -7.95 1.88 -1.96
CA THR A 62 -6.83 1.78 -1.04
C THR A 62 -5.87 2.93 -1.27
N LEU A 63 -5.61 3.24 -2.54
CA LEU A 63 -4.71 4.32 -2.89
C LEU A 63 -5.13 5.60 -2.17
N ASN A 64 -6.43 5.85 -2.15
CA ASN A 64 -6.98 7.02 -1.48
C ASN A 64 -6.97 6.80 0.03
N ARG A 65 -7.08 5.54 0.43
CA ARG A 65 -7.07 5.18 1.85
C ARG A 65 -5.65 5.27 2.41
N LEU A 66 -4.65 4.89 1.60
CA LEU A 66 -3.26 4.96 2.02
C LEU A 66 -2.93 6.40 2.39
N LYS A 67 -3.52 7.35 1.66
CA LYS A 67 -3.33 8.76 1.98
C LYS A 67 -3.75 9.01 3.42
N MET A 68 -4.71 8.20 3.89
CA MET A 68 -5.18 8.29 5.26
C MET A 68 -4.04 7.98 6.22
N ALA A 69 -3.19 7.05 5.80
CA ALA A 69 -2.04 6.65 6.58
C ALA A 69 -0.93 7.67 6.45
N GLY A 70 -0.53 7.96 5.21
CA GLY A 70 0.51 8.95 4.98
C GLY A 70 1.75 8.40 4.30
N HIS A 71 1.56 7.57 3.26
CA HIS A 71 2.71 7.02 2.55
C HIS A 71 3.23 8.04 1.53
N THR A 72 4.46 8.52 1.71
CA THR A 72 5.01 9.50 0.77
C THR A 72 5.29 8.83 -0.59
N ASN A 73 4.24 8.32 -1.23
CA ASN A 73 4.36 7.66 -2.53
C ASN A 73 3.05 6.98 -2.91
N CYS A 74 2.77 5.84 -2.28
CA CYS A 74 1.55 5.07 -2.52
C CYS A 74 1.21 4.92 -4.00
N ILE A 75 1.20 3.67 -4.47
CA ILE A 75 0.86 3.39 -5.87
C ILE A 75 0.53 1.92 -6.03
N ARG A 76 -0.72 1.62 -6.35
CA ARG A 76 -1.15 0.24 -6.53
C ARG A 76 -0.35 -0.42 -7.64
N LEU A 77 0.45 -1.40 -7.27
CA LEU A 77 1.26 -2.15 -8.21
C LEU A 77 0.52 -3.42 -8.59
N ALA A 78 0.23 -3.57 -9.86
CA ALA A 78 -0.50 -4.73 -10.35
C ALA A 78 0.38 -5.92 -10.65
N ALA A 79 0.55 -6.78 -9.66
CA ALA A 79 1.36 -7.99 -9.80
C ALA A 79 2.61 -7.76 -10.63
N GLY A 80 3.20 -8.85 -11.15
CA GLY A 80 4.39 -8.73 -11.95
C GLY A 80 4.57 -9.91 -12.88
N GLY A 81 3.82 -9.94 -13.98
CA GLY A 81 3.92 -11.02 -14.93
C GLY A 81 2.65 -11.20 -15.75
N LYS A 5 -12.01 -16.08 -16.89
CA LYS A 5 -13.21 -15.68 -16.14
C LYS A 5 -12.86 -15.03 -14.81
N ASP A 6 -13.13 -13.74 -14.69
CA ASP A 6 -12.84 -13.00 -13.47
C ASP A 6 -11.35 -13.02 -13.17
N GLU A 7 -10.65 -11.98 -13.62
CA GLU A 7 -9.20 -11.88 -13.41
C GLU A 7 -8.85 -10.58 -12.70
N ARG A 8 -9.75 -10.10 -11.86
CA ARG A 8 -9.53 -8.86 -11.13
C ARG A 8 -8.75 -9.12 -9.84
N ARG A 9 -7.45 -8.83 -9.87
CA ARG A 9 -6.60 -9.03 -8.71
C ARG A 9 -5.54 -7.96 -8.62
N TRP A 10 -4.85 -7.95 -7.50
CA TRP A 10 -3.84 -6.94 -7.25
C TRP A 10 -2.65 -7.43 -6.44
N MET A 11 -1.70 -6.51 -6.31
CA MET A 11 -0.47 -6.67 -5.55
C MET A 11 0.18 -5.30 -5.48
N VAL A 12 -0.33 -4.48 -4.58
CA VAL A 12 0.14 -3.11 -4.44
C VAL A 12 1.56 -3.04 -3.91
N GLN A 13 2.17 -1.87 -4.07
CA GLN A 13 3.52 -1.68 -3.59
C GLN A 13 3.85 -0.19 -3.51
N CYS A 14 3.55 0.38 -2.35
CA CYS A 14 3.81 1.79 -2.13
C CYS A 14 5.30 2.03 -1.95
N GLY A 15 5.77 3.18 -2.42
CA GLY A 15 7.18 3.50 -2.30
C GLY A 15 7.66 3.38 -0.87
N SER A 16 8.92 3.72 -0.65
CA SER A 16 9.50 3.67 0.70
C SER A 16 9.59 5.07 1.25
N PHE A 17 8.99 5.31 2.41
CA PHE A 17 9.00 6.64 3.01
C PHE A 17 9.96 6.80 4.18
N ARG A 18 10.69 7.92 4.17
CA ARG A 18 11.64 8.23 5.24
C ARG A 18 10.89 8.33 6.56
N GLY A 19 9.58 8.53 6.45
CA GLY A 19 8.72 8.64 7.60
C GLY A 19 8.68 7.34 8.38
N ALA A 20 9.84 6.92 8.85
CA ALA A 20 9.98 5.67 9.60
C ALA A 20 8.84 5.50 10.60
N GLU A 21 8.57 6.56 11.34
CA GLU A 21 7.49 6.54 12.32
C GLU A 21 6.15 6.60 11.59
N GLN A 22 6.15 7.34 10.48
CA GLN A 22 4.96 7.47 9.66
C GLN A 22 4.69 6.14 8.96
N ALA A 23 5.75 5.57 8.39
CA ALA A 23 5.66 4.30 7.69
C ALA A 23 5.01 3.23 8.56
N GLU A 24 5.47 3.13 9.81
CA GLU A 24 4.91 2.16 10.74
C GLU A 24 3.46 2.53 11.05
N THR A 25 3.26 3.78 11.44
CA THR A 25 1.92 4.27 11.73
C THR A 25 1.09 4.24 10.45
N VAL A 26 1.79 4.33 9.32
CA VAL A 26 1.15 4.30 8.01
C VAL A 26 0.62 2.90 7.74
N ARG A 27 1.51 1.91 7.76
CA ARG A 27 1.12 0.54 7.52
C ARG A 27 0.08 0.10 8.56
N ALA A 28 0.18 0.65 9.76
CA ALA A 28 -0.76 0.34 10.82
C ALA A 28 -2.08 1.09 10.62
N GLN A 29 -1.97 2.34 10.21
CA GLN A 29 -3.15 3.17 9.96
C GLN A 29 -3.87 2.70 8.72
N LEU A 30 -3.12 2.25 7.72
CA LEU A 30 -3.69 1.77 6.47
C LEU A 30 -4.38 0.43 6.70
N ALA A 31 -3.92 -0.33 7.67
CA ALA A 31 -4.55 -1.60 7.99
C ALA A 31 -5.56 -1.41 9.11
N PHE A 32 -5.39 -0.35 9.89
CA PHE A 32 -6.30 -0.05 10.98
C PHE A 32 -7.46 0.81 10.47
N GLU A 33 -7.17 1.63 9.46
CA GLU A 33 -8.19 2.49 8.88
C GLU A 33 -9.25 1.66 8.17
N GLY A 34 -8.84 0.50 7.67
CA GLY A 34 -9.79 -0.37 6.99
C GLY A 34 -9.24 -1.02 5.73
N PHE A 35 -7.94 -0.88 5.47
CA PHE A 35 -7.37 -1.50 4.28
C PHE A 35 -6.12 -2.32 4.60
N ASP A 36 -6.27 -3.65 4.53
CA ASP A 36 -5.16 -4.58 4.81
C ASP A 36 -3.86 -4.08 4.21
N SER A 37 -2.74 -4.51 4.78
CA SER A 37 -1.44 -4.06 4.28
C SER A 37 -0.28 -4.85 4.87
N LYS A 38 0.90 -4.53 4.35
CA LYS A 38 2.15 -5.14 4.79
C LYS A 38 3.29 -4.12 4.62
N ILE A 39 4.30 -4.20 5.49
CA ILE A 39 5.42 -3.27 5.41
C ILE A 39 6.75 -3.99 5.24
N THR A 40 7.74 -3.25 4.74
CA THR A 40 9.08 -3.78 4.51
C THR A 40 10.03 -2.67 4.08
N THR A 41 11.11 -2.48 4.84
CA THR A 41 12.09 -1.44 4.52
C THR A 41 12.74 -1.69 3.16
N ASN A 42 13.16 -0.62 2.49
CA ASN A 42 13.80 -0.73 1.19
C ASN A 42 14.11 0.64 0.60
N ASN A 43 15.22 0.74 -0.13
CA ASN A 43 15.63 1.99 -0.76
C ASN A 43 16.04 3.03 0.28
N GLY A 44 16.15 2.62 1.55
CA GLY A 44 16.53 3.53 2.60
C GLY A 44 15.37 3.93 3.49
N TRP A 45 14.16 3.84 2.95
CA TRP A 45 12.97 4.17 3.69
C TRP A 45 12.02 2.97 3.77
N ASN A 46 11.04 3.09 4.66
CA ASN A 46 10.05 2.02 4.87
C ASN A 46 9.17 1.81 3.64
N ARG A 47 9.30 0.66 3.00
CA ARG A 47 8.49 0.35 1.82
C ARG A 47 7.18 -0.31 2.25
N VAL A 48 6.15 -0.19 1.42
CA VAL A 48 4.86 -0.77 1.73
C VAL A 48 4.33 -1.64 0.60
N VAL A 49 3.46 -2.55 0.99
CA VAL A 49 2.79 -3.50 0.10
C VAL A 49 1.64 -4.12 0.86
N ILE A 50 0.53 -4.38 0.21
CA ILE A 50 -0.59 -4.96 0.90
C ILE A 50 -1.00 -6.27 0.28
N GLY A 51 -0.03 -7.17 0.26
CA GLY A 51 -0.21 -8.48 -0.30
C GLY A 51 -0.99 -8.46 -1.60
N PRO A 52 -1.48 -9.62 -2.07
CA PRO A 52 -2.25 -9.68 -3.30
C PRO A 52 -3.69 -9.25 -3.08
N VAL A 53 -4.00 -8.03 -3.50
CA VAL A 53 -5.35 -7.50 -3.33
C VAL A 53 -6.27 -8.05 -4.42
N LYS A 54 -7.55 -7.70 -4.36
CA LYS A 54 -8.50 -8.20 -5.35
C LYS A 54 -9.44 -7.09 -5.83
N GLY A 55 -9.73 -7.10 -7.13
CA GLY A 55 -10.63 -6.11 -7.70
C GLY A 55 -9.95 -5.13 -8.63
N LYS A 56 -10.51 -3.93 -8.71
CA LYS A 56 -9.99 -2.87 -9.56
C LYS A 56 -10.16 -1.52 -8.87
N GLU A 57 -11.30 -1.34 -8.21
CA GLU A 57 -11.59 -0.11 -7.50
C GLU A 57 -11.17 -0.23 -6.04
N ASN A 58 -11.22 -1.45 -5.51
CA ASN A 58 -10.83 -1.70 -4.11
C ASN A 58 -9.40 -1.21 -3.88
N ALA A 59 -8.46 -1.77 -4.63
CA ALA A 59 -7.06 -1.37 -4.52
C ALA A 59 -6.92 0.11 -4.84
N ASP A 60 -7.76 0.58 -5.76
CA ASP A 60 -7.75 1.99 -6.13
C ASP A 60 -8.05 2.86 -4.92
N SER A 61 -9.01 2.42 -4.12
CA SER A 61 -9.38 3.14 -2.91
C SER A 61 -8.23 3.10 -1.93
N THR A 62 -7.52 1.98 -1.92
CA THR A 62 -6.37 1.80 -1.04
C THR A 62 -5.33 2.88 -1.35
N LEU A 63 -5.25 3.26 -2.63
CA LEU A 63 -4.31 4.29 -3.06
C LEU A 63 -4.63 5.61 -2.37
N ASN A 64 -5.90 6.00 -2.44
CA ASN A 64 -6.34 7.24 -1.80
C ASN A 64 -6.40 7.04 -0.29
N ARG A 65 -6.63 5.80 0.12
CA ARG A 65 -6.68 5.46 1.54
C ARG A 65 -5.28 5.50 2.14
N LEU A 66 -4.30 5.02 1.37
CA LEU A 66 -2.90 5.03 1.82
C LEU A 66 -2.50 6.44 2.19
N LYS A 67 -3.19 7.43 1.61
CA LYS A 67 -2.94 8.82 1.93
C LYS A 67 -3.44 9.11 3.35
N MET A 68 -4.48 8.37 3.75
CA MET A 68 -5.06 8.51 5.08
C MET A 68 -4.01 8.19 6.13
N ALA A 69 -3.33 7.07 5.94
CA ALA A 69 -2.28 6.64 6.86
C ALA A 69 -1.17 7.68 6.95
N GLY A 70 -1.09 8.55 5.95
CA GLY A 70 -0.07 9.58 5.94
C GLY A 70 1.28 9.05 5.51
N HIS A 71 1.41 8.73 4.23
CA HIS A 71 2.66 8.20 3.71
C HIS A 71 2.95 8.72 2.30
N THR A 72 4.22 8.97 2.00
CA THR A 72 4.59 9.49 0.69
C THR A 72 5.02 8.40 -0.29
N ASN A 73 4.48 8.46 -1.52
CA ASN A 73 4.79 7.49 -2.58
C ASN A 73 4.01 6.18 -2.45
N CYS A 74 2.97 6.04 -3.28
CA CYS A 74 2.13 4.83 -3.28
C CYS A 74 1.67 4.50 -4.70
N ILE A 75 1.58 3.21 -5.04
CA ILE A 75 1.14 2.82 -6.37
C ILE A 75 0.60 1.39 -6.40
N ARG A 76 -0.69 1.25 -6.68
CA ARG A 76 -1.30 -0.08 -6.75
C ARG A 76 -0.70 -0.85 -7.91
N LEU A 77 -0.03 -1.94 -7.59
CA LEU A 77 0.61 -2.78 -8.58
C LEU A 77 -0.29 -3.98 -8.87
N ALA A 78 -0.73 -4.10 -10.10
CA ALA A 78 -1.62 -5.20 -10.48
C ALA A 78 -0.84 -6.39 -11.00
N ALA A 79 -1.10 -7.56 -10.42
CA ALA A 79 -0.45 -8.79 -10.80
C ALA A 79 -0.64 -9.08 -12.28
N GLY A 80 0.10 -10.07 -12.79
CA GLY A 80 -0.02 -10.43 -14.20
C GLY A 80 -0.40 -11.88 -14.39
N GLY A 81 -0.04 -12.43 -15.55
CA GLY A 81 -0.36 -13.82 -15.83
C GLY A 81 -1.80 -14.00 -16.27
N LYS A 5 -15.35 -9.45 -18.97
CA LYS A 5 -14.58 -10.48 -18.22
C LYS A 5 -14.45 -10.11 -16.75
N ASP A 6 -14.05 -11.08 -15.94
CA ASP A 6 -13.89 -10.87 -14.50
C ASP A 6 -12.72 -11.69 -13.96
N GLU A 7 -11.53 -11.13 -14.02
CA GLU A 7 -10.33 -11.81 -13.53
C GLU A 7 -9.16 -10.85 -13.42
N ARG A 8 -9.25 -9.92 -12.46
CA ARG A 8 -8.19 -8.94 -12.24
C ARG A 8 -7.79 -8.89 -10.77
N ARG A 9 -6.49 -8.99 -10.51
CA ARG A 9 -5.98 -8.96 -9.15
C ARG A 9 -4.87 -7.96 -9.01
N TRP A 10 -4.42 -7.79 -7.77
CA TRP A 10 -3.40 -6.82 -7.47
C TRP A 10 -2.35 -7.31 -6.49
N MET A 11 -1.40 -6.41 -6.28
CA MET A 11 -0.28 -6.58 -5.36
C MET A 11 0.35 -5.20 -5.18
N VAL A 12 -0.36 -4.38 -4.45
CA VAL A 12 0.04 -2.99 -4.23
C VAL A 12 1.43 -2.85 -3.63
N GLN A 13 2.04 -1.69 -3.90
CA GLN A 13 3.36 -1.38 -3.40
C GLN A 13 3.43 0.11 -3.12
N CYS A 14 2.91 0.50 -1.96
CA CYS A 14 2.88 1.90 -1.58
C CYS A 14 4.28 2.43 -1.30
N GLY A 15 5.12 2.42 -2.34
CA GLY A 15 6.48 2.91 -2.25
C GLY A 15 7.13 2.71 -0.89
N SER A 16 8.10 3.56 -0.59
CA SER A 16 8.82 3.52 0.67
C SER A 16 9.13 4.94 1.10
N PHE A 17 8.68 5.33 2.29
CA PHE A 17 8.87 6.69 2.76
C PHE A 17 9.87 6.81 3.90
N ARG A 18 10.68 7.88 3.86
CA ARG A 18 11.68 8.14 4.88
C ARG A 18 10.99 8.31 6.24
N GLY A 19 9.68 8.53 6.19
CA GLY A 19 8.90 8.68 7.40
C GLY A 19 8.84 7.40 8.19
N ALA A 20 9.99 6.91 8.60
CA ALA A 20 10.09 5.65 9.36
C ALA A 20 8.97 5.55 10.39
N GLU A 21 8.64 6.67 11.02
CA GLU A 21 7.58 6.69 12.02
C GLU A 21 6.24 6.82 11.31
N GLN A 22 6.21 7.61 10.25
CA GLN A 22 5.00 7.80 9.46
C GLN A 22 4.72 6.55 8.63
N ALA A 23 5.78 5.82 8.31
CA ALA A 23 5.66 4.59 7.54
C ALA A 23 5.02 3.49 8.36
N GLU A 24 5.54 3.29 9.58
CA GLU A 24 5.00 2.29 10.47
C GLU A 24 3.57 2.66 10.83
N THR A 25 3.35 3.95 11.04
CA THR A 25 2.03 4.45 11.35
C THR A 25 1.18 4.40 10.08
N VAL A 26 1.83 4.60 8.94
CA VAL A 26 1.15 4.55 7.65
C VAL A 26 0.58 3.16 7.43
N ARG A 27 1.41 2.15 7.64
CA ARG A 27 1.00 0.77 7.47
C ARG A 27 -0.18 0.44 8.38
N ALA A 28 -0.07 0.82 9.64
CA ALA A 28 -1.13 0.57 10.60
C ALA A 28 -2.38 1.38 10.26
N GLN A 29 -2.19 2.62 9.82
CA GLN A 29 -3.32 3.47 9.45
C GLN A 29 -3.90 3.07 8.10
N LEU A 30 -3.33 2.05 7.48
CA LEU A 30 -3.80 1.57 6.20
C LEU A 30 -4.44 0.21 6.39
N ALA A 31 -3.93 -0.55 7.35
CA ALA A 31 -4.50 -1.85 7.66
C ALA A 31 -5.48 -1.74 8.82
N PHE A 32 -5.30 -0.72 9.65
CA PHE A 32 -6.19 -0.51 10.78
C PHE A 32 -7.33 0.41 10.38
N GLU A 33 -7.07 1.28 9.40
CA GLU A 33 -8.10 2.19 8.93
C GLU A 33 -9.15 1.44 8.11
N GLY A 34 -8.75 0.30 7.55
CA GLY A 34 -9.70 -0.47 6.77
C GLY A 34 -9.12 -1.10 5.52
N PHE A 35 -7.81 -0.95 5.28
CA PHE A 35 -7.22 -1.53 4.09
C PHE A 35 -5.96 -2.33 4.41
N ASP A 36 -6.10 -3.66 4.43
CA ASP A 36 -4.98 -4.56 4.72
C ASP A 36 -3.70 -4.04 4.07
N SER A 37 -2.56 -4.53 4.54
CA SER A 37 -1.28 -4.10 4.02
C SER A 37 -0.13 -4.81 4.71
N LYS A 38 1.07 -4.52 4.23
CA LYS A 38 2.29 -5.09 4.78
C LYS A 38 3.50 -4.27 4.34
N ILE A 39 4.28 -3.79 5.30
CA ILE A 39 5.46 -2.98 5.01
C ILE A 39 6.76 -3.77 5.18
N THR A 40 7.82 -3.23 4.58
CA THR A 40 9.13 -3.86 4.66
C THR A 40 10.21 -2.88 4.19
N THR A 41 11.15 -2.57 5.07
CA THR A 41 12.23 -1.63 4.75
C THR A 41 12.87 -1.98 3.40
N ASN A 42 13.13 -0.94 2.60
CA ASN A 42 13.72 -1.13 1.28
C ASN A 42 13.98 0.21 0.60
N ASN A 43 15.14 0.33 -0.05
CA ASN A 43 15.52 1.56 -0.74
C ASN A 43 15.89 2.66 0.25
N GLY A 44 15.94 2.32 1.54
CA GLY A 44 16.29 3.30 2.55
C GLY A 44 15.10 3.72 3.40
N TRP A 45 13.89 3.59 2.84
CA TRP A 45 12.69 3.96 3.55
C TRP A 45 11.75 2.76 3.72
N ASN A 46 10.78 2.92 4.61
CA ASN A 46 9.81 1.87 4.89
C ASN A 46 8.92 1.58 3.70
N ARG A 47 9.18 0.48 3.01
CA ARG A 47 8.39 0.09 1.85
C ARG A 47 7.03 -0.45 2.28
N VAL A 48 6.04 -0.32 1.40
CA VAL A 48 4.70 -0.79 1.70
C VAL A 48 4.18 -1.71 0.59
N VAL A 49 3.30 -2.62 1.00
CA VAL A 49 2.68 -3.57 0.08
C VAL A 49 1.53 -4.26 0.78
N ILE A 50 0.44 -4.50 0.06
CA ILE A 50 -0.71 -5.19 0.65
C ILE A 50 -0.90 -6.54 -0.01
N GLY A 51 -1.29 -7.54 0.78
CA GLY A 51 -1.51 -8.87 0.22
C GLY A 51 -2.19 -8.80 -1.13
N PRO A 52 -1.83 -9.69 -2.07
CA PRO A 52 -2.41 -9.69 -3.40
C PRO A 52 -3.90 -9.35 -3.38
N VAL A 53 -4.21 -8.09 -3.65
CA VAL A 53 -5.58 -7.59 -3.63
C VAL A 53 -6.29 -7.90 -4.95
N LYS A 54 -7.50 -7.36 -5.10
CA LYS A 54 -8.29 -7.59 -6.31
C LYS A 54 -8.60 -6.28 -7.02
N GLY A 55 -8.55 -6.30 -8.34
CA GLY A 55 -8.83 -5.11 -9.13
C GLY A 55 -10.30 -4.76 -9.14
N LYS A 56 -10.62 -3.60 -8.57
CA LYS A 56 -12.00 -3.14 -8.51
C LYS A 56 -12.10 -1.77 -7.85
N GLU A 57 -12.08 -1.75 -6.52
CA GLU A 57 -12.17 -0.49 -5.78
C GLU A 57 -11.37 -0.52 -4.48
N ASN A 58 -11.03 -1.73 -3.99
CA ASN A 58 -10.28 -1.85 -2.77
C ASN A 58 -8.86 -1.31 -2.94
N ALA A 59 -8.07 -1.97 -3.79
CA ALA A 59 -6.71 -1.53 -4.06
C ALA A 59 -6.70 -0.07 -4.50
N ASP A 60 -7.74 0.32 -5.23
CA ASP A 60 -7.86 1.70 -5.70
C ASP A 60 -8.18 2.63 -4.54
N SER A 61 -9.23 2.30 -3.79
CA SER A 61 -9.60 3.10 -2.63
C SER A 61 -8.45 3.09 -1.63
N THR A 62 -7.66 2.02 -1.68
CA THR A 62 -6.51 1.88 -0.82
C THR A 62 -5.49 2.97 -1.12
N LEU A 63 -5.40 3.35 -2.39
CA LEU A 63 -4.47 4.40 -2.79
C LEU A 63 -4.86 5.72 -2.13
N ASN A 64 -6.13 6.10 -2.29
CA ASN A 64 -6.64 7.33 -1.69
C ASN A 64 -6.70 7.15 -0.18
N ARG A 65 -7.01 5.94 0.25
CA ARG A 65 -7.10 5.62 1.67
C ARG A 65 -5.69 5.67 2.28
N LEU A 66 -4.70 5.22 1.53
CA LEU A 66 -3.31 5.25 1.98
C LEU A 66 -2.96 6.66 2.42
N LYS A 67 -3.53 7.64 1.74
CA LYS A 67 -3.32 9.04 2.09
C LYS A 67 -3.78 9.27 3.54
N MET A 68 -4.77 8.48 3.96
CA MET A 68 -5.29 8.56 5.31
C MET A 68 -4.25 8.13 6.33
N ALA A 69 -3.22 7.44 5.85
CA ALA A 69 -2.16 6.95 6.72
C ALA A 69 -0.98 7.93 6.79
N GLY A 70 -0.96 8.91 5.88
CA GLY A 70 0.12 9.88 5.87
C GLY A 70 1.43 9.27 5.40
N HIS A 71 1.49 8.93 4.12
CA HIS A 71 2.68 8.32 3.53
C HIS A 71 3.27 9.18 2.43
N THR A 72 4.55 8.99 2.16
CA THR A 72 5.23 9.74 1.12
C THR A 72 5.64 8.84 -0.06
N ASN A 73 4.69 8.60 -0.99
CA ASN A 73 4.92 7.77 -2.18
C ASN A 73 4.23 6.41 -2.11
N CYS A 74 3.28 6.18 -3.01
CA CYS A 74 2.54 4.92 -3.09
C CYS A 74 2.27 4.54 -4.55
N ILE A 75 2.20 3.24 -4.85
CA ILE A 75 1.95 2.79 -6.21
C ILE A 75 1.47 1.35 -6.22
N ARG A 76 0.30 1.12 -6.78
CA ARG A 76 -0.27 -0.23 -6.83
C ARG A 76 0.41 -1.07 -7.89
N LEU A 77 0.89 -2.24 -7.48
CA LEU A 77 1.56 -3.16 -8.38
C LEU A 77 0.59 -4.28 -8.73
N ALA A 78 0.17 -4.33 -9.98
CA ALA A 78 -0.78 -5.35 -10.42
C ALA A 78 -0.10 -6.63 -10.89
N ALA A 79 -0.81 -7.74 -10.77
CA ALA A 79 -0.30 -9.03 -11.17
C ALA A 79 -0.34 -9.19 -12.69
N GLY A 80 -0.19 -10.43 -13.16
CA GLY A 80 -0.20 -10.69 -14.58
C GLY A 80 -1.15 -11.81 -14.96
N GLY A 81 -0.70 -13.05 -14.81
CA GLY A 81 -1.52 -14.19 -15.14
C GLY A 81 -0.75 -15.50 -15.13
N LYS A 5 -13.25 -16.15 -17.76
CA LYS A 5 -12.28 -16.09 -16.64
C LYS A 5 -11.76 -14.67 -16.43
N ASP A 6 -11.70 -14.25 -15.18
CA ASP A 6 -11.23 -12.91 -14.85
C ASP A 6 -9.71 -12.91 -14.63
N GLU A 7 -9.04 -11.88 -15.15
CA GLU A 7 -7.60 -11.77 -15.00
C GLU A 7 -7.21 -10.41 -14.41
N ARG A 8 -7.99 -9.97 -13.43
CA ARG A 8 -7.75 -8.69 -12.77
C ARG A 8 -7.31 -8.91 -11.32
N ARG A 9 -6.09 -8.51 -11.02
CA ARG A 9 -5.55 -8.66 -9.66
C ARG A 9 -4.46 -7.65 -9.39
N TRP A 10 -4.04 -7.61 -8.14
CA TRP A 10 -3.04 -6.65 -7.71
C TRP A 10 -2.06 -7.21 -6.70
N MET A 11 -1.15 -6.32 -6.35
CA MET A 11 -0.10 -6.55 -5.37
C MET A 11 0.42 -5.17 -4.97
N VAL A 12 -0.51 -4.40 -4.46
CA VAL A 12 -0.28 -3.01 -4.08
C VAL A 12 1.10 -2.74 -3.53
N GLN A 13 1.53 -1.48 -3.67
CA GLN A 13 2.80 -1.04 -3.17
C GLN A 13 2.71 0.43 -2.82
N CYS A 14 1.82 0.72 -1.89
CA CYS A 14 1.58 2.08 -1.44
C CYS A 14 2.48 2.42 -0.26
N GLY A 15 3.78 2.22 -0.44
CA GLY A 15 4.71 2.49 0.64
C GLY A 15 6.04 2.99 0.17
N SER A 16 7.00 2.96 1.08
CA SER A 16 8.37 3.38 0.81
C SER A 16 8.56 4.88 1.01
N PHE A 17 8.30 5.32 2.24
CA PHE A 17 8.45 6.74 2.59
C PHE A 17 9.66 6.97 3.49
N ARG A 18 10.42 8.02 3.19
CA ARG A 18 11.57 8.38 4.00
C ARG A 18 11.14 8.56 5.46
N GLY A 19 9.84 8.78 5.65
CA GLY A 19 9.29 8.95 6.97
C GLY A 19 9.30 7.64 7.75
N ALA A 20 10.49 7.05 7.90
CA ALA A 20 10.64 5.77 8.61
C ALA A 20 9.74 5.70 9.84
N GLU A 21 9.63 6.81 10.54
CA GLU A 21 8.78 6.87 11.73
C GLU A 21 7.31 6.84 11.32
N GLN A 22 6.97 7.70 10.37
CA GLN A 22 5.61 7.77 9.87
C GLN A 22 5.27 6.47 9.14
N ALA A 23 6.30 5.86 8.55
CA ALA A 23 6.15 4.62 7.83
C ALA A 23 5.71 3.49 8.76
N GLU A 24 6.36 3.40 9.92
CA GLU A 24 6.03 2.38 10.90
C GLU A 24 4.61 2.62 11.40
N THR A 25 4.32 3.84 11.83
CA THR A 25 2.99 4.18 12.29
C THR A 25 2.03 4.09 11.10
N VAL A 26 2.57 4.30 9.91
CA VAL A 26 1.79 4.21 8.69
C VAL A 26 1.23 2.81 8.55
N ARG A 27 2.11 1.82 8.60
CA ARG A 27 1.72 0.43 8.47
C ARG A 27 0.48 0.12 9.29
N ALA A 28 0.33 0.83 10.41
CA ALA A 28 -0.84 0.65 11.26
C ALA A 28 -1.97 1.54 10.78
N GLN A 29 -1.61 2.72 10.27
CA GLN A 29 -2.61 3.65 9.76
C GLN A 29 -2.98 3.34 8.31
N LEU A 30 -2.41 2.26 7.77
CA LEU A 30 -2.70 1.84 6.42
C LEU A 30 -3.29 0.43 6.43
N ALA A 31 -3.47 -0.09 7.63
CA ALA A 31 -4.08 -1.40 7.83
C ALA A 31 -5.21 -1.27 8.83
N PHE A 32 -5.03 -0.36 9.79
CA PHE A 32 -6.05 -0.08 10.77
C PHE A 32 -7.06 0.88 10.17
N GLU A 33 -6.63 1.65 9.16
CA GLU A 33 -7.52 2.59 8.50
C GLU A 33 -8.63 1.85 7.76
N GLY A 34 -8.34 0.61 7.36
CA GLY A 34 -9.34 -0.17 6.65
C GLY A 34 -8.79 -0.90 5.45
N PHE A 35 -7.48 -0.87 5.26
CA PHE A 35 -6.87 -1.57 4.13
C PHE A 35 -5.77 -2.52 4.60
N ASP A 36 -6.14 -3.80 4.79
CA ASP A 36 -5.20 -4.82 5.25
C ASP A 36 -3.92 -4.84 4.40
N SER A 37 -3.05 -3.88 4.67
CA SER A 37 -1.78 -3.76 3.96
C SER A 37 -0.65 -4.49 4.68
N LYS A 38 0.51 -4.42 4.07
CA LYS A 38 1.73 -5.02 4.62
C LYS A 38 2.91 -4.06 4.43
N ILE A 39 3.82 -4.03 5.40
CA ILE A 39 4.97 -3.12 5.33
C ILE A 39 6.30 -3.87 5.31
N THR A 40 7.33 -3.19 4.78
CA THR A 40 8.67 -3.77 4.70
C THR A 40 9.64 -2.78 4.04
N THR A 41 10.79 -2.55 4.68
CA THR A 41 11.80 -1.63 4.16
C THR A 41 12.73 -2.35 3.19
N ASN A 42 13.30 -1.60 2.24
CA ASN A 42 14.20 -2.19 1.26
C ASN A 42 14.86 -1.13 0.38
N ASN A 43 14.05 -0.26 -0.20
CA ASN A 43 14.56 0.80 -1.06
C ASN A 43 15.15 1.94 -0.22
N GLY A 44 15.31 1.71 1.08
CA GLY A 44 15.86 2.73 1.95
C GLY A 44 14.84 3.16 2.98
N TRP A 45 13.57 3.16 2.57
CA TRP A 45 12.48 3.54 3.44
C TRP A 45 11.51 2.40 3.60
N ASN A 46 10.58 2.57 4.53
CA ASN A 46 9.59 1.54 4.81
C ASN A 46 8.61 1.37 3.65
N ARG A 47 8.79 0.29 2.90
CA ARG A 47 7.92 0.00 1.75
C ARG A 47 6.62 -0.63 2.22
N VAL A 48 5.59 -0.51 1.39
CA VAL A 48 4.27 -1.07 1.70
C VAL A 48 3.77 -1.94 0.55
N VAL A 49 2.79 -2.77 0.88
CA VAL A 49 2.14 -3.66 -0.06
C VAL A 49 0.94 -4.29 0.63
N ILE A 50 -0.17 -4.47 -0.08
CA ILE A 50 -1.34 -5.08 0.54
C ILE A 50 -1.61 -6.42 -0.10
N GLY A 51 -0.67 -7.34 0.11
CA GLY A 51 -0.80 -8.68 -0.45
C GLY A 51 -1.30 -8.65 -1.89
N PRO A 52 -1.71 -9.80 -2.43
CA PRO A 52 -2.22 -9.84 -3.79
C PRO A 52 -3.70 -9.44 -3.83
N VAL A 53 -3.93 -8.16 -4.07
CA VAL A 53 -5.30 -7.62 -4.10
C VAL A 53 -5.98 -7.93 -5.43
N LYS A 54 -7.19 -7.41 -5.61
CA LYS A 54 -7.96 -7.65 -6.82
C LYS A 54 -8.31 -6.34 -7.52
N GLY A 55 -8.08 -6.28 -8.82
CA GLY A 55 -8.39 -5.08 -9.58
C GLY A 55 -9.87 -4.84 -9.68
N LYS A 56 -10.37 -3.83 -8.96
CA LYS A 56 -11.78 -3.51 -8.96
C LYS A 56 -12.04 -2.14 -8.33
N GLU A 57 -11.59 -1.99 -7.08
CA GLU A 57 -11.78 -0.73 -6.37
C GLU A 57 -11.09 -0.75 -5.00
N ASN A 58 -10.90 -1.93 -4.43
CA ASN A 58 -10.26 -2.05 -3.13
C ASN A 58 -8.84 -1.47 -3.17
N ALA A 59 -7.99 -2.06 -3.99
CA ALA A 59 -6.62 -1.59 -4.13
C ALA A 59 -6.60 -0.13 -4.55
N ASP A 60 -7.45 0.21 -5.52
CA ASP A 60 -7.53 1.59 -6.00
C ASP A 60 -8.02 2.51 -4.89
N SER A 61 -8.96 2.04 -4.09
CA SER A 61 -9.48 2.82 -2.98
C SER A 61 -8.39 2.99 -1.94
N THR A 62 -7.73 1.88 -1.59
CA THR A 62 -6.64 1.88 -0.63
C THR A 62 -5.64 2.98 -0.97
N LEU A 63 -5.48 3.25 -2.26
CA LEU A 63 -4.57 4.30 -2.70
C LEU A 63 -5.04 5.63 -2.12
N ASN A 64 -6.25 6.01 -2.49
CA ASN A 64 -6.85 7.23 -1.98
C ASN A 64 -7.04 7.11 -0.47
N ARG A 65 -7.16 5.86 -0.02
CA ARG A 65 -7.34 5.56 1.39
C ARG A 65 -6.03 5.76 2.15
N LEU A 66 -4.90 5.45 1.51
CA LEU A 66 -3.60 5.64 2.14
C LEU A 66 -3.43 7.11 2.47
N LYS A 67 -4.06 7.98 1.68
CA LYS A 67 -4.03 9.40 1.96
C LYS A 67 -4.71 9.63 3.31
N MET A 68 -5.65 8.73 3.65
CA MET A 68 -6.37 8.79 4.91
C MET A 68 -5.40 8.60 6.08
N ALA A 69 -4.23 8.04 5.78
CA ALA A 69 -3.21 7.79 6.79
C ALA A 69 -2.10 8.84 6.69
N GLY A 70 -1.55 9.00 5.49
CA GLY A 70 -0.49 9.96 5.28
C GLY A 70 0.84 9.30 4.94
N HIS A 71 1.03 9.01 3.66
CA HIS A 71 2.27 8.37 3.20
C HIS A 71 2.94 9.18 2.11
N THR A 72 4.28 9.27 2.17
CA THR A 72 5.02 10.03 1.17
C THR A 72 5.50 9.14 0.02
N ASN A 73 4.62 8.25 -0.47
CA ASN A 73 4.99 7.35 -1.58
C ASN A 73 4.02 6.16 -1.65
N CYS A 74 3.19 6.14 -2.69
CA CYS A 74 2.23 5.04 -2.88
C CYS A 74 2.05 4.70 -4.36
N ILE A 75 1.89 3.41 -4.67
CA ILE A 75 1.70 2.96 -6.04
C ILE A 75 1.21 1.52 -6.07
N ARG A 76 0.02 1.31 -6.63
CA ARG A 76 -0.53 -0.04 -6.72
C ARG A 76 0.28 -0.89 -7.68
N LEU A 77 0.93 -1.92 -7.16
CA LEU A 77 1.74 -2.81 -7.98
C LEU A 77 0.92 -4.00 -8.43
N ALA A 78 0.75 -4.12 -9.73
CA ALA A 78 -0.04 -5.20 -10.29
C ALA A 78 0.79 -6.47 -10.48
N ALA A 79 0.18 -7.62 -10.19
CA ALA A 79 0.83 -8.90 -10.31
C ALA A 79 0.90 -9.35 -11.78
N GLY A 80 1.28 -10.61 -11.98
CA GLY A 80 1.38 -11.13 -13.33
C GLY A 80 2.65 -10.73 -14.03
N GLY A 81 2.54 -9.82 -15.00
CA GLY A 81 3.70 -9.36 -15.72
C GLY A 81 3.34 -8.60 -16.99
N LYS A 5 -14.22 -6.76 -18.12
CA LYS A 5 -13.92 -8.14 -17.67
C LYS A 5 -13.76 -8.20 -16.16
N ASP A 6 -14.24 -9.30 -15.56
CA ASP A 6 -14.15 -9.49 -14.12
C ASP A 6 -13.06 -10.48 -13.77
N GLU A 7 -11.82 -9.99 -13.71
CA GLU A 7 -10.68 -10.83 -13.39
C GLU A 7 -9.42 -10.01 -13.18
N ARG A 8 -9.60 -8.81 -12.63
CA ARG A 8 -8.47 -7.91 -12.38
C ARG A 8 -7.87 -8.16 -11.00
N ARG A 9 -6.56 -8.31 -10.95
CA ARG A 9 -5.87 -8.57 -9.69
C ARG A 9 -4.76 -7.58 -9.45
N TRP A 10 -4.22 -7.60 -8.24
CA TRP A 10 -3.19 -6.65 -7.87
C TRP A 10 -2.17 -7.20 -6.89
N MET A 11 -1.24 -6.31 -6.60
CA MET A 11 -0.15 -6.52 -5.65
C MET A 11 0.40 -5.13 -5.34
N VAL A 12 -0.44 -4.35 -4.71
CA VAL A 12 -0.16 -2.95 -4.39
C VAL A 12 1.18 -2.73 -3.71
N GLN A 13 1.69 -1.51 -3.87
CA GLN A 13 2.95 -1.11 -3.26
C GLN A 13 2.90 0.37 -2.99
N CYS A 14 1.96 0.74 -2.16
CA CYS A 14 1.75 2.13 -1.79
C CYS A 14 2.51 2.48 -0.53
N GLY A 15 3.82 2.31 -0.59
CA GLY A 15 4.65 2.62 0.56
C GLY A 15 6.01 3.14 0.19
N SER A 16 6.96 2.96 1.10
CA SER A 16 8.34 3.37 0.90
C SER A 16 8.52 4.87 1.09
N PHE A 17 8.29 5.32 2.32
CA PHE A 17 8.44 6.74 2.66
C PHE A 17 9.63 6.97 3.57
N ARG A 18 10.41 8.00 3.28
CA ARG A 18 11.55 8.36 4.12
C ARG A 18 11.07 8.55 5.56
N GLY A 19 9.77 8.80 5.69
CA GLY A 19 9.17 8.97 7.00
C GLY A 19 9.10 7.67 7.77
N ALA A 20 10.26 7.05 7.97
CA ALA A 20 10.35 5.77 8.69
C ALA A 20 9.40 5.73 9.87
N GLU A 21 9.31 6.84 10.59
CA GLU A 21 8.42 6.94 11.74
C GLU A 21 6.97 6.86 11.25
N GLN A 22 6.65 7.68 10.27
CA GLN A 22 5.32 7.70 9.68
C GLN A 22 5.06 6.38 8.97
N ALA A 23 6.15 5.78 8.48
CA ALA A 23 6.07 4.50 7.78
C ALA A 23 5.65 3.39 8.72
N GLU A 24 6.31 3.32 9.88
CA GLU A 24 5.98 2.32 10.88
C GLU A 24 4.55 2.54 11.36
N THR A 25 4.24 3.79 11.68
CA THR A 25 2.89 4.14 12.10
C THR A 25 1.94 3.95 10.92
N VAL A 26 2.48 4.10 9.71
CA VAL A 26 1.71 3.92 8.50
C VAL A 26 1.18 2.49 8.43
N ARG A 27 2.09 1.54 8.57
CA ARG A 27 1.75 0.12 8.52
C ARG A 27 0.53 -0.15 9.40
N ALA A 28 0.60 0.34 10.63
CA ALA A 28 -0.52 0.16 11.56
C ALA A 28 -1.67 1.06 11.16
N GLN A 29 -1.35 2.18 10.51
CA GLN A 29 -2.36 3.12 10.05
C GLN A 29 -3.16 2.52 8.91
N LEU A 30 -2.51 1.76 8.03
CA LEU A 30 -3.21 1.13 6.93
C LEU A 30 -4.24 0.15 7.47
N ALA A 31 -3.80 -0.71 8.38
CA ALA A 31 -4.70 -1.69 8.98
C ALA A 31 -5.64 -1.05 9.99
N PHE A 32 -5.26 0.09 10.53
CA PHE A 32 -6.09 0.80 11.50
C PHE A 32 -7.06 1.73 10.79
N GLU A 33 -6.69 2.20 9.61
CA GLU A 33 -7.54 3.10 8.85
C GLU A 33 -8.59 2.34 8.04
N GLY A 34 -8.38 1.04 7.85
CA GLY A 34 -9.34 0.24 7.10
C GLY A 34 -8.71 -0.53 5.95
N PHE A 35 -7.39 -0.63 5.97
CA PHE A 35 -6.66 -1.36 4.94
C PHE A 35 -6.24 -2.72 5.45
N ASP A 36 -5.60 -3.46 4.58
CA ASP A 36 -5.07 -4.77 4.91
C ASP A 36 -3.76 -4.96 4.18
N SER A 37 -2.92 -3.95 4.30
CA SER A 37 -1.61 -3.90 3.67
C SER A 37 -0.54 -4.54 4.53
N LYS A 38 0.66 -4.56 3.97
CA LYS A 38 1.84 -5.10 4.64
C LYS A 38 3.01 -4.15 4.45
N ILE A 39 3.87 -4.03 5.45
CA ILE A 39 5.01 -3.11 5.36
C ILE A 39 6.35 -3.83 5.43
N THR A 40 7.38 -3.16 4.92
CA THR A 40 8.74 -3.70 4.91
C THR A 40 9.71 -2.67 4.33
N THR A 41 10.94 -2.66 4.83
CA THR A 41 11.94 -1.70 4.36
C THR A 41 12.98 -2.39 3.46
N ASN A 42 13.55 -1.63 2.52
CA ASN A 42 14.56 -2.21 1.62
C ASN A 42 15.13 -1.15 0.67
N ASN A 43 14.25 -0.35 0.08
CA ASN A 43 14.68 0.71 -0.84
C ASN A 43 15.20 1.92 -0.08
N GLY A 44 15.39 1.78 1.22
CA GLY A 44 15.87 2.87 2.03
C GLY A 44 14.82 3.32 3.02
N TRP A 45 13.56 3.19 2.63
CA TRP A 45 12.45 3.56 3.46
C TRP A 45 11.47 2.40 3.57
N ASN A 46 10.56 2.52 4.51
CA ASN A 46 9.56 1.49 4.77
C ASN A 46 8.58 1.35 3.60
N ARG A 47 8.78 0.31 2.79
CA ARG A 47 7.91 0.05 1.65
C ARG A 47 6.62 -0.64 2.09
N VAL A 48 5.53 -0.37 1.38
CA VAL A 48 4.24 -0.95 1.69
C VAL A 48 3.77 -1.85 0.55
N VAL A 49 2.83 -2.71 0.88
CA VAL A 49 2.24 -3.64 -0.08
C VAL A 49 1.08 -4.38 0.57
N ILE A 50 0.00 -4.60 -0.17
CA ILE A 50 -1.13 -5.34 0.38
C ILE A 50 -1.26 -6.66 -0.32
N GLY A 51 -0.20 -7.46 -0.21
CA GLY A 51 -0.16 -8.75 -0.87
C GLY A 51 -0.89 -8.70 -2.20
N PRO A 52 -1.50 -9.79 -2.66
CA PRO A 52 -2.25 -9.77 -3.89
C PRO A 52 -3.66 -9.25 -3.62
N VAL A 53 -3.89 -8.00 -3.96
CA VAL A 53 -5.18 -7.35 -3.70
C VAL A 53 -6.32 -8.03 -4.44
N LYS A 54 -6.41 -7.78 -5.73
CA LYS A 54 -7.47 -8.36 -6.57
C LYS A 54 -8.81 -7.70 -6.26
N GLY A 55 -9.26 -6.85 -7.17
CA GLY A 55 -10.53 -6.17 -6.99
C GLY A 55 -10.78 -5.11 -8.04
N LYS A 56 -9.72 -4.39 -8.41
CA LYS A 56 -9.80 -3.33 -9.41
C LYS A 56 -10.26 -2.00 -8.80
N GLU A 57 -11.07 -2.09 -7.75
CA GLU A 57 -11.58 -0.89 -7.07
C GLU A 57 -10.98 -0.77 -5.68
N ASN A 58 -10.76 -1.91 -5.03
CA ASN A 58 -10.19 -1.92 -3.68
C ASN A 58 -8.83 -1.24 -3.68
N ALA A 59 -7.90 -1.79 -4.45
CA ALA A 59 -6.56 -1.24 -4.54
C ALA A 59 -6.63 0.26 -4.87
N ASP A 60 -7.51 0.62 -5.81
CA ASP A 60 -7.69 2.01 -6.20
C ASP A 60 -8.17 2.83 -5.01
N SER A 61 -9.23 2.37 -4.36
CA SER A 61 -9.75 3.07 -3.19
C SER A 61 -8.70 3.07 -2.09
N THR A 62 -7.87 2.04 -2.07
CA THR A 62 -6.81 1.95 -1.08
C THR A 62 -5.82 3.09 -1.28
N LEU A 63 -5.58 3.45 -2.55
CA LEU A 63 -4.67 4.54 -2.87
C LEU A 63 -5.18 5.83 -2.26
N ASN A 64 -6.36 6.25 -2.70
CA ASN A 64 -6.97 7.47 -2.17
C ASN A 64 -7.13 7.33 -0.66
N ARG A 65 -7.25 6.08 -0.22
CA ARG A 65 -7.39 5.80 1.20
C ARG A 65 -6.04 6.00 1.89
N LEU A 66 -4.96 5.57 1.23
CA LEU A 66 -3.61 5.73 1.80
C LEU A 66 -3.41 7.18 2.19
N LYS A 67 -4.02 8.10 1.42
CA LYS A 67 -3.96 9.51 1.74
C LYS A 67 -4.54 9.74 3.15
N MET A 68 -5.47 8.87 3.53
CA MET A 68 -6.11 8.92 4.84
C MET A 68 -5.11 8.56 5.93
N ALA A 69 -4.15 7.71 5.58
CA ALA A 69 -3.13 7.27 6.52
C ALA A 69 -1.97 8.25 6.55
N GLY A 70 -1.60 8.77 5.39
CA GLY A 70 -0.50 9.73 5.32
C GLY A 70 0.81 9.10 4.91
N HIS A 71 0.99 8.87 3.61
CA HIS A 71 2.23 8.27 3.11
C HIS A 71 2.87 9.14 2.03
N THR A 72 4.19 9.33 2.11
CA THR A 72 4.89 10.14 1.11
C THR A 72 5.47 9.27 -0.01
N ASN A 73 4.65 8.34 -0.53
CA ASN A 73 5.08 7.45 -1.62
C ASN A 73 4.15 6.25 -1.74
N CYS A 74 3.36 6.20 -2.81
CA CYS A 74 2.43 5.08 -3.03
C CYS A 74 2.25 4.77 -4.52
N ILE A 75 2.04 3.50 -4.85
CA ILE A 75 1.84 3.08 -6.23
C ILE A 75 1.41 1.63 -6.30
N ARG A 76 0.20 1.40 -6.77
CA ARG A 76 -0.32 0.05 -6.85
C ARG A 76 0.42 -0.76 -7.90
N LEU A 77 1.03 -1.86 -7.47
CA LEU A 77 1.76 -2.73 -8.36
C LEU A 77 0.88 -3.89 -8.79
N ALA A 78 0.61 -3.97 -10.08
CA ALA A 78 -0.25 -5.03 -10.59
C ALA A 78 0.55 -6.27 -10.96
N ALA A 79 -0.01 -7.44 -10.65
CA ALA A 79 0.63 -8.71 -10.94
C ALA A 79 0.51 -9.05 -12.42
N GLY A 80 1.64 -9.44 -13.01
CA GLY A 80 1.65 -9.79 -14.42
C GLY A 80 1.97 -11.27 -14.65
N GLY A 81 3.24 -11.56 -14.91
CA GLY A 81 3.64 -12.94 -15.14
C GLY A 81 4.59 -13.07 -16.32
N LYS A 5 -15.15 -14.07 -17.16
CA LYS A 5 -15.41 -12.62 -16.95
C LYS A 5 -14.95 -12.16 -15.57
N ASP A 6 -13.78 -12.63 -15.17
CA ASP A 6 -13.22 -12.27 -13.87
C ASP A 6 -11.71 -12.45 -13.84
N GLU A 7 -10.99 -11.44 -14.32
CA GLU A 7 -9.53 -11.49 -14.35
C GLU A 7 -8.93 -10.21 -13.78
N ARG A 8 -9.37 -9.84 -12.58
CA ARG A 8 -8.87 -8.63 -11.92
C ARG A 8 -8.08 -8.97 -10.66
N ARG A 9 -6.96 -8.28 -10.45
CA ARG A 9 -6.13 -8.51 -9.28
C ARG A 9 -5.09 -7.43 -9.12
N TRP A 10 -4.44 -7.43 -7.98
CA TRP A 10 -3.47 -6.41 -7.68
C TRP A 10 -2.35 -6.87 -6.75
N MET A 11 -1.35 -6.00 -6.64
CA MET A 11 -0.19 -6.20 -5.78
C MET A 11 0.38 -4.84 -5.42
N VAL A 12 -0.37 -4.14 -4.59
CA VAL A 12 -0.05 -2.78 -4.16
C VAL A 12 1.40 -2.61 -3.72
N GLN A 13 1.89 -1.38 -3.81
CA GLN A 13 3.24 -1.08 -3.36
C GLN A 13 3.32 0.39 -3.06
N CYS A 14 2.41 0.79 -2.20
CA CYS A 14 2.30 2.17 -1.77
C CYS A 14 3.14 2.42 -0.53
N GLY A 15 4.41 2.09 -0.62
CA GLY A 15 5.26 2.26 0.53
C GLY A 15 6.62 2.83 0.20
N SER A 16 7.54 2.67 1.15
CA SER A 16 8.90 3.14 1.01
C SER A 16 8.99 4.64 1.23
N PHE A 17 8.76 5.06 2.47
CA PHE A 17 8.82 6.48 2.82
C PHE A 17 9.96 6.78 3.78
N ARG A 18 10.72 7.83 3.49
CA ARG A 18 11.81 8.24 4.36
C ARG A 18 11.30 8.44 5.77
N GLY A 19 9.98 8.65 5.87
CA GLY A 19 9.34 8.82 7.15
C GLY A 19 9.30 7.53 7.92
N ALA A 20 10.46 6.96 8.20
CA ALA A 20 10.60 5.69 8.91
C ALA A 20 9.61 5.60 10.07
N GLU A 21 9.48 6.68 10.83
CA GLU A 21 8.55 6.71 11.94
C GLU A 21 7.13 6.83 11.43
N GLN A 22 6.95 7.67 10.41
CA GLN A 22 5.65 7.85 9.80
C GLN A 22 5.23 6.57 9.08
N ALA A 23 6.22 5.82 8.62
CA ALA A 23 5.99 4.56 7.93
C ALA A 23 5.36 3.54 8.86
N GLU A 24 5.98 3.35 10.02
CA GLU A 24 5.47 2.41 11.00
C GLU A 24 4.05 2.79 11.38
N THR A 25 3.83 4.09 11.58
CA THR A 25 2.51 4.59 11.92
C THR A 25 1.61 4.55 10.69
N VAL A 26 2.23 4.68 9.52
CA VAL A 26 1.49 4.63 8.26
C VAL A 26 0.88 3.25 8.05
N ARG A 27 1.61 2.23 8.48
CA ARG A 27 1.14 0.86 8.35
C ARG A 27 -0.16 0.67 9.12
N ALA A 28 -0.15 1.09 10.38
CA ALA A 28 -1.32 0.97 11.24
C ALA A 28 -2.53 1.68 10.61
N GLN A 29 -2.28 2.83 9.99
CA GLN A 29 -3.36 3.59 9.36
C GLN A 29 -4.04 2.75 8.29
N LEU A 30 -3.24 2.07 7.47
CA LEU A 30 -3.77 1.22 6.40
C LEU A 30 -4.66 0.13 6.99
N ALA A 31 -4.14 -0.59 7.98
CA ALA A 31 -4.90 -1.65 8.61
C ALA A 31 -5.98 -1.10 9.53
N PHE A 32 -5.80 0.14 9.99
CA PHE A 32 -6.77 0.78 10.88
C PHE A 32 -7.88 1.42 10.07
N GLU A 33 -7.59 1.82 8.84
CA GLU A 33 -8.59 2.44 7.98
C GLU A 33 -9.43 1.39 7.26
N GLY A 34 -8.99 0.13 7.31
CA GLY A 34 -9.73 -0.93 6.66
C GLY A 34 -8.96 -1.50 5.47
N PHE A 35 -7.66 -1.26 5.45
CA PHE A 35 -6.81 -1.75 4.36
C PHE A 35 -5.40 -2.03 4.87
N ASP A 36 -5.26 -3.14 5.57
CA ASP A 36 -3.98 -3.55 6.15
C ASP A 36 -2.97 -4.01 5.10
N SER A 37 -1.96 -3.17 4.86
CA SER A 37 -0.90 -3.47 3.91
C SER A 37 0.29 -4.07 4.68
N LYS A 38 1.01 -5.00 4.07
CA LYS A 38 2.17 -5.60 4.72
C LYS A 38 3.46 -4.91 4.26
N ILE A 39 4.10 -4.19 5.18
CA ILE A 39 5.32 -3.46 4.89
C ILE A 39 6.57 -4.31 5.04
N THR A 40 7.66 -3.82 4.46
CA THR A 40 8.96 -4.48 4.52
C THR A 40 10.05 -3.51 4.09
N THR A 41 10.96 -3.20 5.02
CA THR A 41 12.06 -2.28 4.75
C THR A 41 12.66 -2.51 3.37
N ASN A 42 12.95 -1.43 2.65
CA ASN A 42 13.53 -1.53 1.31
C ASN A 42 13.84 -0.14 0.76
N ASN A 43 14.86 -0.06 -0.08
CA ASN A 43 15.27 1.21 -0.69
C ASN A 43 15.75 2.20 0.38
N GLY A 44 15.92 1.72 1.61
CA GLY A 44 16.38 2.58 2.68
C GLY A 44 15.26 2.97 3.63
N TRP A 45 14.03 2.98 3.12
CA TRP A 45 12.88 3.36 3.93
C TRP A 45 11.85 2.25 4.00
N ASN A 46 10.90 2.42 4.92
CA ASN A 46 9.83 1.45 5.14
C ASN A 46 8.98 1.26 3.90
N ARG A 47 9.09 0.09 3.27
CA ARG A 47 8.32 -0.23 2.08
C ARG A 47 6.93 -0.73 2.46
N VAL A 48 5.98 -0.60 1.54
CA VAL A 48 4.61 -1.04 1.78
C VAL A 48 4.07 -1.83 0.59
N VAL A 49 3.16 -2.74 0.90
CA VAL A 49 2.51 -3.58 -0.08
C VAL A 49 1.42 -4.38 0.62
N ILE A 50 0.27 -4.58 -0.01
CA ILE A 50 -0.78 -5.40 0.63
C ILE A 50 -0.94 -6.70 -0.14
N GLY A 51 0.12 -7.47 -0.15
CA GLY A 51 0.12 -8.75 -0.85
C GLY A 51 -0.58 -8.64 -2.20
N PRO A 52 -0.97 -9.77 -2.79
CA PRO A 52 -1.66 -9.76 -4.07
C PRO A 52 -3.17 -9.65 -3.87
N VAL A 53 -3.69 -8.43 -3.95
CA VAL A 53 -5.12 -8.20 -3.76
C VAL A 53 -5.89 -8.36 -5.07
N LYS A 54 -7.15 -7.94 -5.07
CA LYS A 54 -7.97 -8.04 -6.26
C LYS A 54 -9.33 -7.40 -6.06
N GLY A 55 -9.93 -6.95 -7.15
CA GLY A 55 -11.24 -6.32 -7.08
C GLY A 55 -11.37 -5.13 -8.01
N LYS A 56 -10.24 -4.55 -8.41
CA LYS A 56 -10.24 -3.39 -9.30
C LYS A 56 -10.91 -2.18 -8.65
N GLU A 57 -11.17 -2.29 -7.35
CA GLU A 57 -11.80 -1.21 -6.61
C GLU A 57 -11.16 -1.06 -5.23
N ASN A 58 -10.97 -2.19 -4.54
CA ASN A 58 -10.35 -2.18 -3.22
C ASN A 58 -8.95 -1.60 -3.31
N ALA A 59 -8.12 -2.20 -4.14
CA ALA A 59 -6.76 -1.73 -4.32
C ALA A 59 -6.75 -0.27 -4.74
N ASP A 60 -7.73 0.09 -5.57
CA ASP A 60 -7.85 1.47 -6.06
C ASP A 60 -8.21 2.40 -4.91
N SER A 61 -9.26 2.05 -4.16
CA SER A 61 -9.68 2.86 -3.03
C SER A 61 -8.56 2.93 -2.02
N THR A 62 -7.78 1.86 -1.94
CA THR A 62 -6.64 1.80 -1.03
C THR A 62 -5.65 2.89 -1.37
N LEU A 63 -5.33 3.03 -2.66
CA LEU A 63 -4.41 4.07 -3.12
C LEU A 63 -4.77 5.41 -2.49
N ASN A 64 -6.04 5.79 -2.62
CA ASN A 64 -6.52 7.02 -2.03
C ASN A 64 -6.50 6.90 -0.52
N ARG A 65 -6.63 5.66 -0.05
CA ARG A 65 -6.60 5.36 1.37
C ARG A 65 -5.20 5.56 1.93
N LEU A 66 -4.17 5.21 1.15
CA LEU A 66 -2.79 5.41 1.57
C LEU A 66 -2.61 6.86 1.99
N LYS A 67 -3.29 7.75 1.28
CA LYS A 67 -3.25 9.17 1.61
C LYS A 67 -3.85 9.37 3.00
N MET A 68 -4.86 8.55 3.31
CA MET A 68 -5.52 8.59 4.61
C MET A 68 -4.50 8.28 5.70
N ALA A 69 -3.50 7.48 5.34
CA ALA A 69 -2.46 7.09 6.28
C ALA A 69 -1.40 8.18 6.38
N GLY A 70 -1.15 8.87 5.26
CA GLY A 70 -0.16 9.94 5.26
C GLY A 70 1.25 9.43 5.01
N HIS A 71 1.55 9.12 3.75
CA HIS A 71 2.87 8.62 3.40
C HIS A 71 3.35 9.19 2.06
N THR A 72 4.68 9.27 1.89
CA THR A 72 5.31 9.81 0.67
C THR A 72 4.39 9.84 -0.56
N ASN A 73 4.23 8.68 -1.24
CA ASN A 73 3.41 8.64 -2.44
C ASN A 73 3.02 7.20 -2.83
N CYS A 74 1.80 6.86 -2.51
CA CYS A 74 1.23 5.53 -2.79
C CYS A 74 1.23 5.18 -4.27
N ILE A 75 1.29 3.89 -4.60
CA ILE A 75 1.26 3.47 -5.99
C ILE A 75 0.79 2.03 -6.09
N ARG A 76 -0.42 1.84 -6.59
CA ARG A 76 -0.98 0.51 -6.72
C ARG A 76 -0.23 -0.24 -7.81
N LEU A 77 0.43 -1.32 -7.41
CA LEU A 77 1.18 -2.14 -8.33
C LEU A 77 0.36 -3.35 -8.75
N ALA A 78 0.00 -3.41 -10.02
CA ALA A 78 -0.82 -4.50 -10.53
C ALA A 78 0.03 -5.66 -11.02
N ALA A 79 -0.54 -6.86 -10.94
CA ALA A 79 0.14 -8.07 -11.38
C ALA A 79 -0.03 -8.29 -12.88
N GLY A 80 -1.17 -7.88 -13.41
CA GLY A 80 -1.44 -8.03 -14.83
C GLY A 80 -2.79 -8.65 -15.11
N GLY A 81 -2.93 -9.28 -16.27
CA GLY A 81 -4.19 -9.91 -16.63
C GLY A 81 -5.22 -8.91 -17.08
N LYS A 5 -10.48 -18.95 -12.56
CA LYS A 5 -9.79 -18.88 -13.87
C LYS A 5 -9.29 -17.47 -14.16
N ASP A 6 -8.50 -16.92 -13.23
CA ASP A 6 -7.96 -15.57 -13.40
C ASP A 6 -9.09 -14.54 -13.49
N GLU A 7 -9.25 -13.75 -12.44
CA GLU A 7 -10.28 -12.71 -12.40
C GLU A 7 -9.70 -11.39 -11.91
N ARG A 8 -8.62 -10.94 -12.54
CA ARG A 8 -7.99 -9.69 -12.16
C ARG A 8 -7.46 -9.76 -10.73
N ARG A 9 -6.40 -9.02 -10.46
CA ARG A 9 -5.80 -8.99 -9.13
C ARG A 9 -4.76 -7.91 -9.02
N TRP A 10 -4.25 -7.77 -7.81
CA TRP A 10 -3.28 -6.73 -7.52
C TRP A 10 -2.16 -7.16 -6.60
N MET A 11 -1.28 -6.19 -6.40
CA MET A 11 -0.11 -6.28 -5.53
C MET A 11 0.36 -4.84 -5.30
N VAL A 12 -0.38 -4.14 -4.49
CA VAL A 12 -0.14 -2.72 -4.23
C VAL A 12 1.22 -2.46 -3.59
N GLN A 13 1.74 -1.27 -3.91
CA GLN A 13 3.01 -0.84 -3.38
C GLN A 13 2.93 0.66 -3.14
N CYS A 14 2.80 1.05 -1.87
CA CYS A 14 2.69 2.46 -1.54
C CYS A 14 4.05 3.11 -1.37
N GLY A 15 5.04 2.62 -2.11
CA GLY A 15 6.37 3.18 -2.06
C GLY A 15 7.06 2.99 -0.73
N SER A 16 8.29 3.50 -0.65
CA SER A 16 9.10 3.41 0.56
C SER A 16 9.39 4.82 1.07
N PHE A 17 8.93 5.14 2.28
CA PHE A 17 9.09 6.49 2.81
C PHE A 17 10.05 6.56 4.01
N ARG A 18 10.92 7.58 3.98
CA ARG A 18 11.88 7.81 5.06
C ARG A 18 11.14 8.04 6.37
N GLY A 19 9.85 8.35 6.26
CA GLY A 19 9.02 8.60 7.41
C GLY A 19 8.88 7.36 8.28
N ALA A 20 10.01 6.81 8.73
CA ALA A 20 10.03 5.61 9.56
C ALA A 20 8.89 5.62 10.58
N GLU A 21 8.65 6.78 11.17
CA GLU A 21 7.58 6.92 12.13
C GLU A 21 6.25 6.98 11.41
N GLN A 22 6.19 7.82 10.37
CA GLN A 22 4.98 7.95 9.57
C GLN A 22 4.78 6.68 8.74
N ALA A 23 5.87 5.92 8.56
CA ALA A 23 5.85 4.68 7.82
C ALA A 23 5.19 3.59 8.66
N GLU A 24 5.70 3.41 9.87
CA GLU A 24 5.14 2.43 10.78
C GLU A 24 3.71 2.82 11.10
N THR A 25 3.51 4.11 11.36
CA THR A 25 2.19 4.64 11.61
C THR A 25 1.36 4.53 10.34
N VAL A 26 2.06 4.58 9.20
CA VAL A 26 1.41 4.45 7.91
C VAL A 26 0.68 3.11 7.82
N ARG A 27 1.43 2.05 8.09
CA ARG A 27 0.88 0.70 8.05
C ARG A 27 -0.31 0.57 8.97
N ALA A 28 -0.10 0.92 10.24
CA ALA A 28 -1.17 0.85 11.23
C ALA A 28 -2.33 1.76 10.85
N GLN A 29 -2.06 2.74 9.97
CA GLN A 29 -3.10 3.67 9.54
C GLN A 29 -3.69 3.26 8.20
N LEU A 30 -3.09 2.25 7.55
CA LEU A 30 -3.58 1.76 6.28
C LEU A 30 -4.16 0.36 6.46
N ALA A 31 -3.91 -0.23 7.62
CA ALA A 31 -4.46 -1.53 7.94
C ALA A 31 -5.58 -1.39 8.96
N PHE A 32 -5.49 -0.34 9.77
CA PHE A 32 -6.52 -0.07 10.76
C PHE A 32 -7.64 0.75 10.14
N GLU A 33 -7.28 1.55 9.13
CA GLU A 33 -8.25 2.39 8.45
C GLU A 33 -9.20 1.53 7.62
N GLY A 34 -8.71 0.37 7.18
CA GLY A 34 -9.56 -0.52 6.40
C GLY A 34 -8.84 -1.17 5.23
N PHE A 35 -7.52 -1.01 5.14
CA PHE A 35 -6.78 -1.63 4.04
C PHE A 35 -5.56 -2.39 4.55
N ASP A 36 -5.82 -3.51 5.22
CA ASP A 36 -4.78 -4.36 5.78
C ASP A 36 -3.64 -4.59 4.78
N SER A 37 -2.61 -3.74 4.89
CA SER A 37 -1.44 -3.82 4.03
C SER A 37 -0.34 -4.64 4.68
N LYS A 38 0.74 -4.77 3.94
CA LYS A 38 1.93 -5.50 4.39
C LYS A 38 3.14 -4.56 4.36
N ILE A 39 3.98 -4.63 5.39
CA ILE A 39 5.15 -3.76 5.47
C ILE A 39 6.43 -4.49 5.08
N THR A 40 7.44 -3.71 4.70
CA THR A 40 8.73 -4.26 4.29
C THR A 40 9.72 -3.13 4.00
N THR A 41 10.88 -3.17 4.66
CA THR A 41 11.90 -2.14 4.46
C THR A 41 12.60 -2.34 3.12
N ASN A 42 13.02 -1.22 2.51
CA ASN A 42 13.70 -1.28 1.22
C ASN A 42 14.12 0.11 0.75
N ASN A 43 15.29 0.19 0.12
CA ASN A 43 15.82 1.47 -0.37
C ASN A 43 16.14 2.43 0.78
N GLY A 44 16.08 1.93 2.01
CA GLY A 44 16.37 2.77 3.15
C GLY A 44 15.11 3.22 3.88
N TRP A 45 13.98 3.21 3.19
CA TRP A 45 12.73 3.63 3.78
C TRP A 45 11.73 2.47 3.83
N ASN A 46 10.73 2.61 4.69
CA ASN A 46 9.70 1.60 4.87
C ASN A 46 8.87 1.41 3.60
N ARG A 47 9.02 0.24 2.96
CA ARG A 47 8.27 -0.06 1.74
C ARG A 47 7.01 -0.84 2.06
N VAL A 48 5.86 -0.18 1.89
CA VAL A 48 4.58 -0.81 2.17
C VAL A 48 4.00 -1.45 0.92
N VAL A 49 3.20 -2.47 1.16
CA VAL A 49 2.53 -3.24 0.10
C VAL A 49 1.42 -4.06 0.74
N ILE A 50 0.27 -4.17 0.07
CA ILE A 50 -0.83 -4.98 0.63
C ILE A 50 -0.90 -6.31 -0.07
N GLY A 51 0.15 -7.11 0.12
CA GLY A 51 0.22 -8.42 -0.50
C GLY A 51 -0.44 -8.42 -1.88
N PRO A 52 -1.00 -9.55 -2.31
CA PRO A 52 -1.67 -9.62 -3.59
C PRO A 52 -3.14 -9.24 -3.46
N VAL A 53 -3.46 -8.01 -3.85
CA VAL A 53 -4.83 -7.51 -3.75
C VAL A 53 -5.69 -8.00 -4.91
N LYS A 54 -6.91 -7.47 -5.01
CA LYS A 54 -7.83 -7.86 -6.07
C LYS A 54 -8.39 -6.62 -6.77
N GLY A 55 -8.37 -6.66 -8.11
CA GLY A 55 -8.89 -5.55 -8.88
C GLY A 55 -10.39 -5.42 -8.78
N LYS A 56 -10.85 -4.26 -8.33
CA LYS A 56 -12.28 -4.01 -8.19
C LYS A 56 -12.55 -2.59 -7.70
N GLU A 57 -12.11 -2.29 -6.49
CA GLU A 57 -12.31 -0.96 -5.91
C GLU A 57 -11.51 -0.77 -4.63
N ASN A 58 -11.33 -1.84 -3.86
CA ASN A 58 -10.59 -1.76 -2.62
C ASN A 58 -9.19 -1.21 -2.84
N ALA A 59 -8.44 -1.87 -3.72
CA ALA A 59 -7.07 -1.43 -4.04
C ALA A 59 -7.09 0.03 -4.49
N ASP A 60 -8.11 0.39 -5.28
CA ASP A 60 -8.25 1.76 -5.77
C ASP A 60 -8.53 2.70 -4.61
N SER A 61 -9.57 2.41 -3.83
CA SER A 61 -9.91 3.23 -2.68
C SER A 61 -8.73 3.26 -1.72
N THR A 62 -8.00 2.14 -1.69
CA THR A 62 -6.82 2.00 -0.85
C THR A 62 -5.80 3.07 -1.18
N LEU A 63 -5.68 3.40 -2.46
CA LEU A 63 -4.74 4.44 -2.89
C LEU A 63 -5.08 5.75 -2.20
N ASN A 64 -6.34 6.15 -2.32
CA ASN A 64 -6.82 7.36 -1.67
C ASN A 64 -6.82 7.16 -0.17
N ARG A 65 -7.02 5.90 0.24
CA ARG A 65 -7.02 5.55 1.66
C ARG A 65 -5.61 5.70 2.22
N LEU A 66 -4.60 5.31 1.43
CA LEU A 66 -3.21 5.43 1.85
C LEU A 66 -2.97 6.84 2.34
N LYS A 67 -3.55 7.81 1.65
CA LYS A 67 -3.43 9.21 2.06
C LYS A 67 -3.84 9.36 3.51
N MET A 68 -4.77 8.50 3.94
CA MET A 68 -5.25 8.50 5.33
C MET A 68 -4.11 8.16 6.27
N ALA A 69 -3.20 7.31 5.81
CA ALA A 69 -2.06 6.89 6.60
C ALA A 69 -0.87 7.82 6.37
N GLY A 70 -0.74 8.31 5.14
CA GLY A 70 0.35 9.21 4.82
C GLY A 70 1.61 8.48 4.37
N HIS A 71 1.60 7.99 3.13
CA HIS A 71 2.76 7.29 2.58
C HIS A 71 3.44 8.13 1.51
N THR A 72 4.65 8.62 1.79
CA THR A 72 5.36 9.42 0.80
C THR A 72 5.56 8.66 -0.50
N ASN A 73 4.61 8.82 -1.43
CA ASN A 73 4.65 8.16 -2.74
C ASN A 73 4.08 6.75 -2.70
N CYS A 74 2.90 6.58 -3.31
CA CYS A 74 2.23 5.27 -3.36
C CYS A 74 1.85 4.92 -4.80
N ILE A 75 1.78 3.62 -5.10
CA ILE A 75 1.43 3.19 -6.46
C ILE A 75 1.03 1.72 -6.47
N ARG A 76 -0.22 1.45 -6.81
CA ARG A 76 -0.69 0.09 -6.86
C ARG A 76 0.01 -0.70 -7.95
N LEU A 77 0.63 -1.81 -7.56
CA LEU A 77 1.32 -2.66 -8.52
C LEU A 77 0.45 -3.87 -8.85
N ALA A 78 0.01 -3.93 -10.09
CA ALA A 78 -0.85 -5.02 -10.53
C ALA A 78 -0.04 -6.22 -11.02
N ALA A 79 -0.58 -7.41 -10.77
CA ALA A 79 0.06 -8.65 -11.17
C ALA A 79 -0.29 -9.01 -12.61
N GLY A 80 0.65 -8.76 -13.52
CA GLY A 80 0.42 -9.06 -14.92
C GLY A 80 0.19 -10.54 -15.16
N GLY A 81 -0.42 -10.87 -16.30
CA GLY A 81 -0.68 -12.25 -16.63
C GLY A 81 -1.00 -12.44 -18.10
N LYS A 5 0.16 -2.06 -17.72
CA LYS A 5 -0.77 -3.13 -18.13
C LYS A 5 -1.49 -3.73 -16.92
N ASP A 6 -2.74 -4.16 -17.13
CA ASP A 6 -3.54 -4.74 -16.07
C ASP A 6 -4.16 -6.06 -16.51
N GLU A 7 -4.25 -7.01 -15.58
CA GLU A 7 -4.82 -8.32 -15.88
C GLU A 7 -5.55 -8.89 -14.67
N ARG A 8 -6.45 -8.08 -14.10
CA ARG A 8 -7.22 -8.51 -12.93
C ARG A 8 -6.31 -8.76 -11.75
N ARG A 9 -6.86 -8.64 -10.54
CA ARG A 9 -6.10 -8.86 -9.32
C ARG A 9 -5.07 -7.78 -9.12
N TRP A 10 -4.46 -7.78 -7.95
CA TRP A 10 -3.50 -6.76 -7.61
C TRP A 10 -2.39 -7.26 -6.69
N MET A 11 -1.46 -6.33 -6.47
CA MET A 11 -0.31 -6.53 -5.60
C MET A 11 0.29 -5.16 -5.30
N VAL A 12 -0.40 -4.43 -4.46
CA VAL A 12 -0.01 -3.06 -4.09
C VAL A 12 1.44 -2.97 -3.67
N GLN A 13 2.03 -1.78 -3.79
CA GLN A 13 3.40 -1.60 -3.40
C GLN A 13 3.77 -0.13 -3.32
N CYS A 14 3.32 0.52 -2.26
CA CYS A 14 3.61 1.92 -2.06
C CYS A 14 5.11 2.11 -1.89
N GLY A 15 5.63 3.22 -2.41
CA GLY A 15 7.05 3.47 -2.29
C GLY A 15 7.54 3.38 -0.86
N SER A 16 8.78 3.74 -0.63
CA SER A 16 9.34 3.69 0.71
C SER A 16 9.56 5.10 1.22
N PHE A 17 8.98 5.41 2.38
CA PHE A 17 9.07 6.74 2.95
C PHE A 17 10.01 6.83 4.15
N ARG A 18 10.77 7.94 4.19
CA ARG A 18 11.71 8.19 5.29
C ARG A 18 10.95 8.33 6.60
N GLY A 19 9.64 8.56 6.47
CA GLY A 19 8.78 8.70 7.62
C GLY A 19 8.73 7.45 8.47
N ALA A 20 9.89 7.03 8.96
CA ALA A 20 9.99 5.82 9.79
C ALA A 20 8.82 5.71 10.75
N GLU A 21 8.38 6.85 11.28
CA GLU A 21 7.25 6.89 12.19
C GLU A 21 5.96 6.91 11.40
N GLN A 22 5.99 7.66 10.29
CA GLN A 22 4.83 7.76 9.42
C GLN A 22 4.68 6.48 8.60
N ALA A 23 5.78 5.76 8.43
CA ALA A 23 5.79 4.50 7.70
C ALA A 23 5.19 3.40 8.56
N GLU A 24 5.68 3.29 9.80
CA GLU A 24 5.14 2.29 10.71
C GLU A 24 3.72 2.69 11.07
N THR A 25 3.53 3.98 11.30
CA THR A 25 2.19 4.50 11.59
C THR A 25 1.35 4.35 10.33
N VAL A 26 2.03 4.38 9.18
CA VAL A 26 1.36 4.21 7.90
C VAL A 26 0.61 2.88 7.88
N ARG A 27 1.33 1.83 8.26
CA ARG A 27 0.77 0.50 8.29
C ARG A 27 -0.43 0.41 9.22
N ALA A 28 -0.29 0.96 10.42
CA ALA A 28 -1.37 0.93 11.39
C ALA A 28 -2.48 1.91 11.02
N GLN A 29 -2.24 2.75 10.03
CA GLN A 29 -3.24 3.73 9.61
C GLN A 29 -3.85 3.34 8.26
N LEU A 30 -3.36 2.25 7.68
CA LEU A 30 -3.83 1.74 6.42
C LEU A 30 -4.54 0.41 6.68
N ALA A 31 -4.09 -0.29 7.72
CA ALA A 31 -4.70 -1.55 8.11
C ALA A 31 -5.83 -1.28 9.10
N PHE A 32 -5.66 -0.22 9.89
CA PHE A 32 -6.68 0.16 10.86
C PHE A 32 -7.77 0.95 10.18
N GLU A 33 -7.38 1.74 9.17
CA GLU A 33 -8.34 2.53 8.42
C GLU A 33 -9.31 1.61 7.69
N GLY A 34 -8.84 0.42 7.34
CA GLY A 34 -9.70 -0.53 6.67
C GLY A 34 -9.05 -1.17 5.45
N PHE A 35 -7.73 -0.99 5.28
CA PHE A 35 -7.05 -1.59 4.15
C PHE A 35 -5.75 -2.27 4.54
N ASP A 36 -5.80 -3.61 4.62
CA ASP A 36 -4.63 -4.41 4.96
C ASP A 36 -3.41 -3.96 4.19
N SER A 37 -2.26 -4.46 4.58
CA SER A 37 -0.99 -4.12 3.94
C SER A 37 0.18 -4.79 4.66
N LYS A 38 1.35 -4.59 4.11
CA LYS A 38 2.58 -5.14 4.68
C LYS A 38 3.79 -4.26 4.35
N ILE A 39 4.41 -3.67 5.37
CA ILE A 39 5.56 -2.81 5.16
C ILE A 39 6.88 -3.56 5.25
N THR A 40 7.91 -2.96 4.68
CA THR A 40 9.25 -3.53 4.67
C THR A 40 10.24 -2.60 3.98
N THR A 41 11.29 -2.21 4.71
CA THR A 41 12.30 -1.31 4.17
C THR A 41 13.12 -2.00 3.08
N ASN A 42 13.67 -1.21 2.16
CA ASN A 42 14.48 -1.77 1.08
C ASN A 42 15.25 -0.67 0.35
N ASN A 43 14.53 0.31 -0.16
CA ASN A 43 15.15 1.43 -0.87
C ASN A 43 15.71 2.44 0.12
N GLY A 44 15.78 2.05 1.39
CA GLY A 44 16.29 2.94 2.41
C GLY A 44 15.19 3.41 3.35
N TRP A 45 13.98 3.47 2.83
CA TRP A 45 12.82 3.88 3.60
C TRP A 45 11.81 2.75 3.66
N ASN A 46 10.85 2.88 4.58
CA ASN A 46 9.82 1.86 4.77
C ASN A 46 8.87 1.76 3.57
N ARG A 47 8.92 0.63 2.87
CA ARG A 47 8.07 0.39 1.71
C ARG A 47 6.93 -0.57 2.06
N VAL A 48 5.70 -0.21 1.73
CA VAL A 48 4.55 -1.05 2.04
C VAL A 48 3.97 -1.73 0.82
N VAL A 49 3.29 -2.84 1.09
CA VAL A 49 2.64 -3.65 0.08
C VAL A 49 1.50 -4.45 0.73
N ILE A 50 0.38 -4.59 0.04
CA ILE A 50 -0.73 -5.37 0.61
C ILE A 50 -0.86 -6.68 -0.14
N GLY A 51 -1.10 -7.77 0.58
CA GLY A 51 -1.24 -9.07 -0.06
C GLY A 51 -1.99 -8.96 -1.38
N PRO A 52 -1.65 -9.79 -2.37
CA PRO A 52 -2.30 -9.76 -3.67
C PRO A 52 -3.80 -9.49 -3.55
N VAL A 53 -4.19 -8.24 -3.79
CA VAL A 53 -5.58 -7.83 -3.68
C VAL A 53 -6.32 -8.04 -5.00
N LYS A 54 -7.61 -7.70 -5.01
CA LYS A 54 -8.43 -7.88 -6.21
C LYS A 54 -8.75 -6.54 -6.86
N GLY A 55 -8.82 -6.54 -8.18
CA GLY A 55 -9.12 -5.32 -8.92
C GLY A 55 -10.61 -5.04 -8.99
N LYS A 56 -11.02 -3.94 -8.37
CA LYS A 56 -12.43 -3.56 -8.36
C LYS A 56 -12.61 -2.18 -7.75
N GLU A 57 -11.95 -1.96 -6.61
CA GLU A 57 -12.03 -0.67 -5.92
C GLU A 57 -11.20 -0.66 -4.64
N ASN A 58 -10.95 -1.82 -4.06
CA ASN A 58 -10.17 -1.92 -2.84
C ASN A 58 -8.75 -1.40 -3.05
N ALA A 59 -8.02 -2.03 -3.96
CA ALA A 59 -6.64 -1.62 -4.25
C ALA A 59 -6.61 -0.15 -4.67
N ASP A 60 -7.57 0.25 -5.51
CA ASP A 60 -7.64 1.63 -5.99
C ASP A 60 -8.04 2.56 -4.84
N SER A 61 -9.02 2.14 -4.06
CA SER A 61 -9.46 2.93 -2.92
C SER A 61 -8.30 3.04 -1.93
N THR A 62 -7.51 1.97 -1.87
CA THR A 62 -6.35 1.93 -0.99
C THR A 62 -5.38 3.05 -1.34
N LEU A 63 -5.30 3.38 -2.63
CA LEU A 63 -4.40 4.45 -3.07
C LEU A 63 -4.84 5.76 -2.43
N ASN A 64 -6.15 5.97 -2.37
CA ASN A 64 -6.70 7.17 -1.76
C ASN A 64 -6.75 6.97 -0.25
N ARG A 65 -6.88 5.71 0.17
CA ARG A 65 -6.92 5.37 1.57
C ARG A 65 -5.53 5.50 2.19
N LEU A 66 -4.51 5.10 1.42
CA LEU A 66 -3.14 5.20 1.89
C LEU A 66 -2.86 6.64 2.29
N LYS A 67 -3.33 7.58 1.47
CA LYS A 67 -3.17 8.99 1.78
C LYS A 67 -3.72 9.28 3.18
N MET A 68 -4.70 8.47 3.59
CA MET A 68 -5.31 8.60 4.91
C MET A 68 -4.28 8.27 5.99
N ALA A 69 -3.38 7.34 5.66
CA ALA A 69 -2.34 6.92 6.58
C ALA A 69 -1.23 7.96 6.65
N GLY A 70 -0.61 8.22 5.51
CA GLY A 70 0.46 9.21 5.47
C GLY A 70 1.73 8.67 4.80
N HIS A 71 1.57 7.96 3.70
CA HIS A 71 2.73 7.42 2.99
C HIS A 71 3.28 8.45 2.01
N THR A 72 4.59 8.68 2.07
CA THR A 72 5.21 9.65 1.16
C THR A 72 5.47 9.05 -0.22
N ASN A 73 4.72 7.99 -0.57
CA ASN A 73 4.88 7.33 -1.87
C ASN A 73 4.01 6.07 -1.93
N CYS A 74 2.92 6.13 -2.70
CA CYS A 74 2.02 4.99 -2.83
C CYS A 74 1.63 4.73 -4.29
N ILE A 75 1.50 3.45 -4.67
CA ILE A 75 1.13 3.11 -6.03
C ILE A 75 0.68 1.65 -6.12
N ARG A 76 -0.58 1.45 -6.46
CA ARG A 76 -1.11 0.10 -6.58
C ARG A 76 -0.38 -0.64 -7.68
N LEU A 77 0.28 -1.74 -7.32
CA LEU A 77 1.02 -2.54 -8.27
C LEU A 77 0.19 -3.75 -8.68
N ALA A 78 -0.18 -3.79 -9.94
CA ALA A 78 -1.01 -4.89 -10.45
C ALA A 78 -0.16 -6.05 -10.94
N ALA A 79 -0.61 -7.26 -10.64
CA ALA A 79 0.09 -8.47 -11.05
C ALA A 79 0.01 -8.67 -12.56
N GLY A 80 1.00 -9.35 -13.12
CA GLY A 80 1.02 -9.61 -14.55
C GLY A 80 2.30 -9.12 -15.21
N GLY A 81 3.35 -9.92 -15.08
CA GLY A 81 4.63 -9.54 -15.68
C GLY A 81 4.62 -9.66 -17.18
N LYS A 5 0.44 -8.04 -18.94
CA LYS A 5 -0.54 -6.95 -18.77
C LYS A 5 -1.94 -7.51 -18.51
N ASP A 6 -2.39 -7.42 -17.27
CA ASP A 6 -3.71 -7.91 -16.89
C ASP A 6 -4.52 -6.83 -16.19
N GLU A 7 -5.82 -6.82 -16.43
CA GLU A 7 -6.72 -5.84 -15.83
C GLU A 7 -7.52 -6.46 -14.69
N ARG A 8 -6.92 -7.44 -14.02
CA ARG A 8 -7.58 -8.11 -12.91
C ARG A 8 -6.58 -8.43 -11.80
N ARG A 9 -7.08 -8.53 -10.57
CA ARG A 9 -6.23 -8.83 -9.42
C ARG A 9 -5.24 -7.73 -9.17
N TRP A 10 -4.57 -7.81 -8.04
CA TRP A 10 -3.64 -6.79 -7.65
C TRP A 10 -2.43 -7.28 -6.85
N MET A 11 -1.58 -6.31 -6.56
CA MET A 11 -0.35 -6.51 -5.79
C MET A 11 0.35 -5.16 -5.64
N VAL A 12 -0.18 -4.34 -4.75
CA VAL A 12 0.38 -3.00 -4.55
C VAL A 12 1.75 -3.03 -3.92
N GLN A 13 2.49 -1.97 -4.15
CA GLN A 13 3.83 -1.85 -3.61
C GLN A 13 4.14 -0.40 -3.31
N CYS A 14 3.54 0.09 -2.25
CA CYS A 14 3.72 1.49 -1.85
C CYS A 14 5.20 1.84 -1.77
N GLY A 15 5.54 3.02 -2.27
CA GLY A 15 6.90 3.47 -2.24
C GLY A 15 7.54 3.33 -0.87
N SER A 16 8.79 3.72 -0.76
CA SER A 16 9.51 3.64 0.50
C SER A 16 9.75 5.04 1.05
N PHE A 17 9.13 5.36 2.19
CA PHE A 17 9.24 6.70 2.77
C PHE A 17 10.15 6.76 4.00
N ARG A 18 10.96 7.82 4.06
CA ARG A 18 11.87 8.05 5.19
C ARG A 18 11.08 8.20 6.48
N GLY A 19 9.80 8.53 6.32
CA GLY A 19 8.91 8.71 7.44
C GLY A 19 8.84 7.49 8.33
N ALA A 20 9.97 7.11 8.90
CA ALA A 20 10.05 5.94 9.78
C ALA A 20 8.84 5.87 10.69
N GLU A 21 8.49 7.00 11.28
CA GLU A 21 7.32 7.07 12.15
C GLU A 21 6.07 7.13 11.30
N GLN A 22 6.19 7.78 10.14
CA GLN A 22 5.09 7.91 9.20
C GLN A 22 5.06 6.72 8.26
N ALA A 23 5.98 5.78 8.45
CA ALA A 23 6.06 4.58 7.63
C ALA A 23 5.58 3.39 8.44
N GLU A 24 5.79 3.45 9.76
CA GLU A 24 5.33 2.42 10.67
C GLU A 24 3.92 2.76 11.08
N THR A 25 3.69 4.05 11.34
CA THR A 25 2.36 4.52 11.67
C THR A 25 1.52 4.44 10.40
N VAL A 26 2.21 4.51 9.27
CA VAL A 26 1.59 4.42 7.96
C VAL A 26 0.84 3.11 7.84
N ARG A 27 1.50 2.04 8.26
CA ARG A 27 0.93 0.71 8.21
C ARG A 27 -0.20 0.56 9.22
N ALA A 28 -0.01 1.19 10.38
CA ALA A 28 -1.01 1.13 11.44
C ALA A 28 -2.21 2.00 11.10
N GLN A 29 -2.06 2.90 10.13
CA GLN A 29 -3.15 3.78 9.74
C GLN A 29 -3.80 3.30 8.43
N LEU A 30 -3.18 2.31 7.79
CA LEU A 30 -3.70 1.75 6.56
C LEU A 30 -4.26 0.36 6.84
N ALA A 31 -3.88 -0.21 7.99
CA ALA A 31 -4.39 -1.50 8.39
C ALA A 31 -5.46 -1.31 9.45
N PHE A 32 -5.30 -0.28 10.26
CA PHE A 32 -6.29 0.05 11.29
C PHE A 32 -7.46 0.76 10.65
N GLU A 33 -7.18 1.52 9.58
CA GLU A 33 -8.23 2.24 8.87
C GLU A 33 -9.26 1.25 8.35
N GLY A 34 -8.78 0.04 8.05
CA GLY A 34 -9.68 -0.99 7.55
C GLY A 34 -9.35 -1.43 6.13
N PHE A 35 -8.07 -1.39 5.76
CA PHE A 35 -7.69 -1.82 4.43
C PHE A 35 -6.34 -2.51 4.40
N ASP A 36 -6.39 -3.81 4.10
CA ASP A 36 -5.21 -4.69 4.05
C ASP A 36 -3.95 -3.95 3.59
N SER A 37 -2.80 -4.51 3.98
CA SER A 37 -1.50 -3.93 3.63
C SER A 37 -0.38 -4.67 4.35
N LYS A 38 0.84 -4.34 3.97
CA LYS A 38 2.04 -4.96 4.56
C LYS A 38 3.22 -3.98 4.53
N ILE A 39 4.15 -4.17 5.46
CA ILE A 39 5.32 -3.29 5.54
C ILE A 39 6.61 -4.01 5.13
N THR A 40 7.60 -3.23 4.75
CA THR A 40 8.90 -3.76 4.32
C THR A 40 9.86 -2.63 3.97
N THR A 41 11.00 -2.58 4.65
CA THR A 41 12.00 -1.54 4.40
C THR A 41 12.75 -1.81 3.10
N ASN A 42 13.25 -0.75 2.49
CA ASN A 42 13.99 -0.86 1.23
C ASN A 42 14.49 0.49 0.73
N ASN A 43 15.73 0.53 0.25
CA ASN A 43 16.33 1.75 -0.26
C ASN A 43 16.64 2.75 0.85
N GLY A 44 16.44 2.34 2.10
CA GLY A 44 16.72 3.22 3.22
C GLY A 44 15.48 3.64 3.98
N TRP A 45 14.34 3.66 3.29
CA TRP A 45 13.09 4.03 3.91
C TRP A 45 12.16 2.83 4.02
N ASN A 46 11.06 3.03 4.72
CA ASN A 46 10.07 1.98 4.92
C ASN A 46 9.13 1.87 3.72
N ARG A 47 9.11 0.69 3.11
CA ARG A 47 8.26 0.45 1.94
C ARG A 47 7.03 -0.38 2.31
N VAL A 48 5.86 0.08 1.86
CA VAL A 48 4.62 -0.63 2.14
C VAL A 48 4.15 -1.40 0.91
N VAL A 49 3.32 -2.41 1.16
CA VAL A 49 2.77 -3.25 0.12
C VAL A 49 1.53 -3.96 0.65
N ILE A 50 0.53 -4.20 -0.18
CA ILE A 50 -0.67 -4.91 0.28
C ILE A 50 -0.81 -6.24 -0.43
N GLY A 51 -1.03 -7.30 0.34
CA GLY A 51 -1.18 -8.63 -0.23
C GLY A 51 -1.98 -8.61 -1.52
N PRO A 52 -1.66 -9.50 -2.48
CA PRO A 52 -2.37 -9.55 -3.76
C PRO A 52 -3.88 -9.46 -3.57
N VAL A 53 -4.44 -8.28 -3.85
CA VAL A 53 -5.87 -8.06 -3.70
C VAL A 53 -6.62 -8.33 -5.00
N LYS A 54 -7.94 -8.51 -4.89
CA LYS A 54 -8.77 -8.78 -6.05
C LYS A 54 -9.94 -7.80 -6.13
N GLY A 55 -10.15 -7.23 -7.30
CA GLY A 55 -11.23 -6.28 -7.48
C GLY A 55 -11.02 -5.35 -8.65
N LYS A 56 -10.78 -4.07 -8.36
CA LYS A 56 -10.56 -3.06 -9.39
C LYS A 56 -10.65 -1.66 -8.78
N GLU A 57 -11.52 -1.51 -7.79
CA GLU A 57 -11.71 -0.24 -7.13
C GLU A 57 -11.16 -0.27 -5.70
N ASN A 58 -11.04 -1.47 -5.14
CA ASN A 58 -10.52 -1.62 -3.78
C ASN A 58 -9.08 -1.16 -3.70
N ALA A 59 -8.20 -1.87 -4.41
CA ALA A 59 -6.79 -1.54 -4.44
C ALA A 59 -6.60 -0.07 -4.84
N ASP A 60 -7.41 0.39 -5.77
CA ASP A 60 -7.35 1.77 -6.23
C ASP A 60 -7.82 2.72 -5.13
N SER A 61 -8.98 2.42 -4.56
CA SER A 61 -9.51 3.23 -3.47
C SER A 61 -8.56 3.16 -2.28
N THR A 62 -7.92 2.01 -2.15
CA THR A 62 -6.95 1.77 -1.09
C THR A 62 -5.83 2.81 -1.17
N LEU A 63 -5.52 3.23 -2.40
CA LEU A 63 -4.50 4.25 -2.59
C LEU A 63 -4.91 5.52 -1.86
N ASN A 64 -6.15 5.94 -2.09
CA ASN A 64 -6.69 7.11 -1.43
C ASN A 64 -6.74 6.85 0.07
N ARG A 65 -6.94 5.58 0.42
CA ARG A 65 -7.00 5.17 1.82
C ARG A 65 -5.60 5.28 2.43
N LEU A 66 -4.58 4.99 1.64
CA LEU A 66 -3.21 5.09 2.10
C LEU A 66 -2.90 6.55 2.38
N LYS A 67 -3.54 7.44 1.63
CA LYS A 67 -3.38 8.87 1.88
C LYS A 67 -3.85 9.16 3.31
N MET A 68 -4.74 8.28 3.81
CA MET A 68 -5.27 8.38 5.16
C MET A 68 -4.18 8.04 6.17
N ALA A 69 -3.34 7.09 5.78
CA ALA A 69 -2.24 6.65 6.62
C ALA A 69 -1.09 7.65 6.60
N GLY A 70 -0.69 8.05 5.40
CA GLY A 70 0.39 9.02 5.28
C GLY A 70 1.66 8.43 4.70
N HIS A 71 1.57 7.88 3.50
CA HIS A 71 2.74 7.30 2.84
C HIS A 71 3.28 8.26 1.79
N THR A 72 4.56 8.61 1.88
CA THR A 72 5.17 9.54 0.93
C THR A 72 5.37 8.90 -0.45
N ASN A 73 4.31 8.30 -1.02
CA ASN A 73 4.39 7.68 -2.35
C ASN A 73 3.19 6.75 -2.61
N CYS A 74 3.38 5.46 -2.32
CA CYS A 74 2.33 4.45 -2.52
C CYS A 74 1.86 4.37 -3.97
N ILE A 75 1.70 3.15 -4.50
CA ILE A 75 1.25 2.95 -5.86
C ILE A 75 0.74 1.54 -6.07
N ARG A 76 -0.54 1.40 -6.35
CA ARG A 76 -1.14 0.08 -6.57
C ARG A 76 -0.54 -0.55 -7.81
N LEU A 77 0.08 -1.69 -7.62
CA LEU A 77 0.69 -2.44 -8.71
C LEU A 77 -0.12 -3.69 -8.96
N ALA A 78 -0.58 -3.87 -10.17
CA ALA A 78 -1.40 -5.03 -10.50
C ALA A 78 -0.56 -6.19 -11.00
N ALA A 79 -0.81 -7.35 -10.41
CA ALA A 79 -0.10 -8.58 -10.75
C ALA A 79 -0.12 -8.82 -12.26
N GLY A 80 0.96 -9.40 -12.77
CA GLY A 80 1.06 -9.67 -14.19
C GLY A 80 1.29 -11.13 -14.49
N GLY A 81 2.51 -11.47 -14.90
CA GLY A 81 2.83 -12.85 -15.23
C GLY A 81 2.82 -13.74 -14.00
N LYS A 5 -8.68 -12.89 -21.78
CA LYS A 5 -9.71 -12.90 -20.70
C LYS A 5 -9.06 -13.05 -19.33
N ASP A 6 -9.86 -12.87 -18.29
CA ASP A 6 -9.37 -12.98 -16.92
C ASP A 6 -8.26 -11.97 -16.66
N GLU A 7 -8.60 -10.90 -15.96
CA GLU A 7 -7.64 -9.85 -15.64
C GLU A 7 -8.16 -8.94 -14.54
N ARG A 8 -8.27 -9.49 -13.33
CA ARG A 8 -8.77 -8.72 -12.20
C ARG A 8 -8.07 -9.15 -10.90
N ARG A 9 -6.93 -8.54 -10.62
CA ARG A 9 -6.17 -8.86 -9.41
C ARG A 9 -5.04 -7.88 -9.21
N TRP A 10 -4.45 -7.94 -8.04
CA TRP A 10 -3.41 -7.00 -7.69
C TRP A 10 -2.36 -7.54 -6.72
N MET A 11 -1.40 -6.66 -6.47
CA MET A 11 -0.29 -6.90 -5.55
C MET A 11 0.36 -5.54 -5.29
N VAL A 12 -0.37 -4.73 -4.56
CA VAL A 12 0.01 -3.36 -4.26
C VAL A 12 1.46 -3.19 -3.85
N GLN A 13 1.96 -1.96 -4.04
CA GLN A 13 3.31 -1.61 -3.68
C GLN A 13 3.35 -0.11 -3.48
N CYS A 14 2.57 0.31 -2.50
CA CYS A 14 2.41 1.71 -2.19
C CYS A 14 3.11 2.10 -0.90
N GLY A 15 4.42 2.25 -0.97
CA GLY A 15 5.15 2.64 0.21
C GLY A 15 6.53 3.17 -0.08
N SER A 16 7.44 2.99 0.88
CA SER A 16 8.80 3.47 0.76
C SER A 16 8.83 4.97 0.96
N PHE A 17 8.59 5.38 2.21
CA PHE A 17 8.54 6.80 2.54
C PHE A 17 9.63 7.20 3.53
N ARG A 18 10.39 8.24 3.17
CA ARG A 18 11.47 8.75 4.02
C ARG A 18 11.01 8.85 5.47
N GLY A 19 9.71 9.05 5.65
CA GLY A 19 9.14 9.14 6.98
C GLY A 19 9.16 7.79 7.67
N ALA A 20 10.36 7.26 7.86
CA ALA A 20 10.52 5.95 8.50
C ALA A 20 9.68 5.82 9.75
N GLU A 21 9.79 6.79 10.64
CA GLU A 21 9.03 6.77 11.88
C GLU A 21 7.54 6.88 11.56
N GLN A 22 7.19 7.85 10.74
CA GLN A 22 5.80 8.03 10.34
C GLN A 22 5.35 6.80 9.58
N ALA A 23 6.26 6.25 8.80
CA ALA A 23 5.99 5.06 7.99
C ALA A 23 5.48 3.92 8.85
N GLU A 24 6.06 3.77 10.03
CA GLU A 24 5.65 2.72 10.95
C GLU A 24 4.22 2.93 11.39
N THR A 25 3.90 4.16 11.79
CA THR A 25 2.55 4.51 12.20
C THR A 25 1.63 4.60 10.99
N VAL A 26 2.23 4.92 9.85
CA VAL A 26 1.49 5.04 8.60
C VAL A 26 1.05 3.68 8.09
N ARG A 27 1.88 2.66 8.31
CA ARG A 27 1.55 1.31 7.88
C ARG A 27 0.35 0.77 8.64
N ALA A 28 0.32 1.02 9.95
CA ALA A 28 -0.77 0.56 10.78
C ALA A 28 -2.05 1.33 10.46
N GLN A 29 -1.90 2.53 9.91
CA GLN A 29 -3.05 3.36 9.56
C GLN A 29 -3.57 3.03 8.16
N LEU A 30 -3.02 1.98 7.55
CA LEU A 30 -3.44 1.55 6.22
C LEU A 30 -3.99 0.13 6.31
N ALA A 31 -3.71 -0.54 7.42
CA ALA A 31 -4.23 -1.87 7.65
C ALA A 31 -5.32 -1.81 8.72
N PHE A 32 -5.18 -0.84 9.63
CA PHE A 32 -6.16 -0.64 10.68
C PHE A 32 -7.27 0.27 10.17
N GLU A 33 -6.94 1.13 9.20
CA GLU A 33 -7.92 2.04 8.64
C GLU A 33 -8.92 1.27 7.79
N GLY A 34 -8.50 0.13 7.24
CA GLY A 34 -9.40 -0.65 6.43
C GLY A 34 -8.74 -1.31 5.22
N PHE A 35 -7.43 -1.15 5.07
CA PHE A 35 -6.74 -1.76 3.94
C PHE A 35 -5.59 -2.66 4.40
N ASP A 36 -5.94 -3.89 4.79
CA ASP A 36 -4.98 -4.88 5.27
C ASP A 36 -3.75 -4.96 4.37
N SER A 37 -2.84 -4.01 4.56
CA SER A 37 -1.59 -3.94 3.81
C SER A 37 -0.45 -4.50 4.63
N LYS A 38 0.71 -4.55 4.01
CA LYS A 38 1.92 -5.04 4.67
C LYS A 38 3.05 -4.03 4.55
N ILE A 39 3.97 -4.05 5.51
CA ILE A 39 5.10 -3.13 5.53
C ILE A 39 6.43 -3.86 5.50
N THR A 40 7.47 -3.17 5.05
CA THR A 40 8.81 -3.75 4.98
C THR A 40 9.82 -2.71 4.49
N THR A 41 10.90 -2.53 5.25
CA THR A 41 11.93 -1.57 4.89
C THR A 41 12.46 -1.84 3.48
N ASN A 42 12.81 -0.78 2.76
CA ASN A 42 13.34 -0.92 1.40
C ASN A 42 13.71 0.44 0.83
N ASN A 43 14.78 0.47 0.04
CA ASN A 43 15.25 1.72 -0.57
C ASN A 43 15.68 2.72 0.48
N GLY A 44 15.79 2.28 1.72
CA GLY A 44 16.20 3.16 2.80
C GLY A 44 15.03 3.56 3.68
N TRP A 45 13.83 3.59 3.11
CA TRP A 45 12.64 3.97 3.84
C TRP A 45 11.64 2.82 3.92
N ASN A 46 10.69 2.95 4.84
CA ASN A 46 9.67 1.94 5.05
C ASN A 46 8.85 1.68 3.79
N ARG A 47 9.02 0.50 3.21
CA ARG A 47 8.29 0.12 1.99
C ARG A 47 6.93 -0.49 2.36
N VAL A 48 5.98 -0.36 1.45
CA VAL A 48 4.64 -0.91 1.68
C VAL A 48 4.20 -1.83 0.55
N VAL A 49 3.24 -2.67 0.87
CA VAL A 49 2.66 -3.64 -0.07
C VAL A 49 1.43 -4.26 0.58
N ILE A 50 0.39 -4.50 -0.19
CA ILE A 50 -0.81 -5.11 0.37
C ILE A 50 -1.06 -6.48 -0.26
N GLY A 51 -1.54 -7.42 0.54
CA GLY A 51 -1.81 -8.76 0.04
C GLY A 51 -2.48 -8.71 -1.33
N PRO A 52 -2.21 -9.68 -2.21
CA PRO A 52 -2.80 -9.70 -3.54
C PRO A 52 -4.27 -9.30 -3.52
N VAL A 53 -4.53 -8.05 -3.88
CA VAL A 53 -5.89 -7.51 -3.90
C VAL A 53 -6.58 -7.79 -5.22
N LYS A 54 -7.82 -7.32 -5.34
CA LYS A 54 -8.60 -7.52 -6.57
C LYS A 54 -8.78 -6.21 -7.32
N GLY A 55 -8.58 -6.25 -8.63
CA GLY A 55 -8.72 -5.07 -9.45
C GLY A 55 -10.17 -4.70 -9.69
N LYS A 56 -10.61 -3.61 -9.08
CA LYS A 56 -11.98 -3.16 -9.22
C LYS A 56 -12.21 -1.81 -8.55
N GLU A 57 -11.78 -1.70 -7.29
CA GLU A 57 -11.94 -0.46 -6.54
C GLU A 57 -11.22 -0.50 -5.20
N ASN A 58 -11.06 -1.69 -4.62
CA ASN A 58 -10.41 -1.83 -3.33
C ASN A 58 -8.98 -1.27 -3.39
N ALA A 59 -8.17 -1.83 -4.26
CA ALA A 59 -6.79 -1.37 -4.42
C ALA A 59 -6.77 0.13 -4.73
N ASP A 60 -7.73 0.57 -5.54
CA ASP A 60 -7.83 1.98 -5.93
C ASP A 60 -8.19 2.83 -4.72
N SER A 61 -9.20 2.41 -3.97
CA SER A 61 -9.62 3.15 -2.79
C SER A 61 -8.46 3.24 -1.79
N THR A 62 -7.64 2.19 -1.77
CA THR A 62 -6.49 2.14 -0.90
C THR A 62 -5.55 3.31 -1.19
N LEU A 63 -5.55 3.77 -2.43
CA LEU A 63 -4.72 4.91 -2.82
C LEU A 63 -5.17 6.14 -2.06
N ASN A 64 -6.48 6.35 -2.03
CA ASN A 64 -7.05 7.47 -1.32
C ASN A 64 -7.07 7.16 0.17
N ARG A 65 -7.13 5.88 0.49
CA ARG A 65 -7.13 5.43 1.88
C ARG A 65 -5.73 5.61 2.48
N LEU A 66 -4.70 5.27 1.70
CA LEU A 66 -3.32 5.41 2.15
C LEU A 66 -3.11 6.82 2.67
N LYS A 67 -3.74 7.80 2.01
CA LYS A 67 -3.63 9.17 2.46
C LYS A 67 -4.09 9.27 3.90
N MET A 68 -5.04 8.41 4.27
CA MET A 68 -5.56 8.36 5.63
C MET A 68 -4.42 8.04 6.59
N ALA A 69 -3.45 7.28 6.09
CA ALA A 69 -2.29 6.89 6.86
C ALA A 69 -1.18 7.92 6.71
N GLY A 70 -0.84 8.24 5.46
CA GLY A 70 0.19 9.23 5.20
C GLY A 70 1.48 8.61 4.68
N HIS A 71 1.42 7.99 3.52
CA HIS A 71 2.62 7.37 2.93
C HIS A 71 3.18 8.27 1.83
N THR A 72 4.43 8.72 2.00
CA THR A 72 5.07 9.58 1.00
C THR A 72 5.60 8.78 -0.18
N ASN A 73 4.75 7.92 -0.76
CA ASN A 73 5.11 7.09 -1.92
C ASN A 73 4.16 5.90 -2.03
N CYS A 74 3.32 5.90 -3.06
CA CYS A 74 2.36 4.82 -3.27
C CYS A 74 2.17 4.49 -4.75
N ILE A 75 1.95 3.20 -5.07
CA ILE A 75 1.73 2.78 -6.45
C ILE A 75 1.29 1.34 -6.46
N ARG A 76 0.06 1.09 -6.88
CA ARG A 76 -0.46 -0.25 -6.91
C ARG A 76 0.23 -1.07 -7.99
N LEU A 77 0.84 -2.16 -7.55
CA LEU A 77 1.55 -3.06 -8.45
C LEU A 77 0.66 -4.25 -8.78
N ALA A 78 0.36 -4.40 -10.05
CA ALA A 78 -0.50 -5.49 -10.49
C ALA A 78 0.29 -6.74 -10.84
N ALA A 79 -0.18 -7.87 -10.32
CA ALA A 79 0.47 -9.16 -10.55
C ALA A 79 0.67 -9.42 -12.04
N GLY A 80 1.91 -9.67 -12.44
CA GLY A 80 2.21 -9.93 -13.83
C GLY A 80 3.50 -10.70 -14.01
N GLY A 81 4.61 -10.10 -13.56
CA GLY A 81 5.90 -10.74 -13.68
C GLY A 81 7.01 -9.75 -13.94
N LYS A 5 -12.46 -17.30 -15.96
CA LYS A 5 -11.18 -16.59 -16.26
C LYS A 5 -11.13 -15.24 -15.55
N ASP A 6 -10.45 -15.21 -14.41
CA ASP A 6 -10.31 -13.98 -13.62
C ASP A 6 -8.86 -13.54 -13.55
N GLU A 7 -8.46 -12.69 -14.49
CA GLU A 7 -7.09 -12.19 -14.53
C GLU A 7 -7.01 -10.77 -13.99
N ARG A 8 -7.88 -10.45 -13.05
CA ARG A 8 -7.91 -9.12 -12.45
C ARG A 8 -7.46 -9.17 -10.99
N ARG A 9 -6.16 -8.93 -10.77
CA ARG A 9 -5.61 -8.95 -9.42
C ARG A 9 -4.53 -7.92 -9.27
N TRP A 10 -4.09 -7.75 -8.04
CA TRP A 10 -3.08 -6.77 -7.72
C TRP A 10 -2.02 -7.27 -6.77
N MET A 11 -1.06 -6.38 -6.56
CA MET A 11 0.06 -6.58 -5.65
C MET A 11 0.59 -5.20 -5.32
N VAL A 12 -0.25 -4.47 -4.64
CA VAL A 12 0.00 -3.08 -4.28
C VAL A 12 1.35 -2.87 -3.61
N GLN A 13 1.87 -1.66 -3.79
CA GLN A 13 3.14 -1.27 -3.20
C GLN A 13 2.97 0.14 -2.68
N CYS A 14 2.02 0.26 -1.78
CA CYS A 14 1.66 1.52 -1.18
C CYS A 14 2.56 1.91 -0.03
N GLY A 15 3.86 1.98 -0.29
CA GLY A 15 4.78 2.34 0.77
C GLY A 15 6.11 2.85 0.27
N SER A 16 7.07 2.85 1.17
CA SER A 16 8.42 3.31 0.87
C SER A 16 8.56 4.80 1.08
N PHE A 17 8.26 5.22 2.31
CA PHE A 17 8.35 6.63 2.66
C PHE A 17 9.57 6.91 3.53
N ARG A 18 10.28 7.99 3.21
CA ARG A 18 11.44 8.40 3.99
C ARG A 18 11.08 8.47 5.47
N GLY A 19 9.78 8.66 5.71
CA GLY A 19 9.27 8.70 7.06
C GLY A 19 9.32 7.34 7.71
N ALA A 20 10.53 6.80 7.84
CA ALA A 20 10.72 5.47 8.43
C ALA A 20 9.82 5.27 9.65
N GLU A 21 9.76 6.28 10.50
CA GLU A 21 8.91 6.21 11.69
C GLU A 21 7.45 6.29 11.26
N GLN A 22 7.19 7.13 10.27
CA GLN A 22 5.85 7.28 9.75
C GLN A 22 5.40 5.98 9.10
N ALA A 23 6.30 5.40 8.31
CA ALA A 23 6.06 4.13 7.63
C ALA A 23 5.53 3.08 8.58
N GLU A 24 6.15 2.97 9.75
CA GLU A 24 5.70 2.00 10.75
C GLU A 24 4.29 2.37 11.20
N THR A 25 4.08 3.65 11.45
CA THR A 25 2.77 4.13 11.85
C THR A 25 1.83 4.08 10.64
N VAL A 26 2.43 4.19 9.46
CA VAL A 26 1.68 4.13 8.22
C VAL A 26 0.99 2.78 8.11
N ARG A 27 1.74 1.73 8.38
CA ARG A 27 1.22 0.38 8.33
C ARG A 27 -0.09 0.28 9.11
N ALA A 28 -0.04 0.69 10.38
CA ALA A 28 -1.21 0.66 11.23
C ALA A 28 -2.27 1.62 10.72
N GLN A 29 -1.82 2.74 10.15
CA GLN A 29 -2.74 3.73 9.62
C GLN A 29 -3.25 3.31 8.23
N LEU A 30 -2.65 2.27 7.67
CA LEU A 30 -3.04 1.76 6.37
C LEU A 30 -3.67 0.38 6.51
N ALA A 31 -3.93 0.00 7.76
CA ALA A 31 -4.59 -1.26 8.08
C ALA A 31 -5.68 -0.98 9.09
N PHE A 32 -5.42 -0.01 9.97
CA PHE A 32 -6.39 0.38 10.96
C PHE A 32 -7.39 1.35 10.32
N GLU A 33 -6.96 2.02 9.23
CA GLU A 33 -7.84 2.93 8.54
C GLU A 33 -8.98 2.15 7.89
N GLY A 34 -8.74 0.87 7.63
CA GLY A 34 -9.77 0.03 7.03
C GLY A 34 -9.30 -0.73 5.81
N PHE A 35 -8.00 -0.67 5.52
CA PHE A 35 -7.47 -1.37 4.36
C PHE A 35 -6.23 -2.20 4.70
N ASP A 36 -6.33 -3.51 4.54
CA ASP A 36 -5.20 -4.40 4.82
C ASP A 36 -3.94 -3.87 4.17
N SER A 37 -2.79 -4.39 4.59
CA SER A 37 -1.49 -3.97 4.06
C SER A 37 -0.34 -4.58 4.86
N LYS A 38 0.87 -4.39 4.35
CA LYS A 38 2.08 -4.90 5.01
C LYS A 38 3.32 -4.10 4.56
N ILE A 39 4.16 -3.71 5.51
CA ILE A 39 5.35 -2.93 5.20
C ILE A 39 6.63 -3.77 5.15
N THR A 40 7.69 -3.12 4.66
CA THR A 40 9.01 -3.74 4.54
C THR A 40 9.99 -2.75 3.90
N THR A 41 11.08 -2.47 4.60
CA THR A 41 12.10 -1.53 4.09
C THR A 41 13.08 -2.22 3.16
N ASN A 42 13.67 -1.45 2.23
CA ASN A 42 14.64 -2.01 1.29
C ASN A 42 15.19 -0.94 0.36
N ASN A 43 14.32 -0.10 -0.17
CA ASN A 43 14.74 0.96 -1.08
C ASN A 43 15.25 2.17 -0.30
N GLY A 44 15.47 1.98 1.00
CA GLY A 44 15.95 3.07 1.83
C GLY A 44 14.92 3.44 2.88
N TRP A 45 13.65 3.34 2.49
CA TRP A 45 12.55 3.65 3.37
C TRP A 45 11.65 2.43 3.51
N ASN A 46 10.73 2.51 4.44
CA ASN A 46 9.80 1.42 4.71
C ASN A 46 8.80 1.23 3.58
N ARG A 47 9.04 0.24 2.73
CA ARG A 47 8.14 -0.05 1.63
C ARG A 47 6.88 -0.72 2.13
N VAL A 48 5.83 -0.66 1.35
CA VAL A 48 4.55 -1.26 1.73
C VAL A 48 3.94 -2.02 0.57
N VAL A 49 3.06 -2.94 0.92
CA VAL A 49 2.35 -3.76 -0.04
C VAL A 49 1.16 -4.40 0.68
N ILE A 50 0.05 -4.62 -0.01
CA ILE A 50 -1.10 -5.25 0.64
C ILE A 50 -1.41 -6.57 -0.02
N GLY A 51 -0.46 -7.50 0.11
CA GLY A 51 -0.59 -8.81 -0.48
C GLY A 51 -1.12 -8.74 -1.90
N PRO A 52 -1.48 -9.87 -2.51
CA PRO A 52 -2.01 -9.88 -3.86
C PRO A 52 -3.48 -9.48 -3.84
N VAL A 53 -3.73 -8.19 -3.99
CA VAL A 53 -5.09 -7.66 -3.96
C VAL A 53 -5.86 -8.03 -5.23
N LYS A 54 -7.08 -7.51 -5.36
CA LYS A 54 -7.91 -7.79 -6.52
C LYS A 54 -8.30 -6.52 -7.26
N GLY A 55 -8.19 -6.56 -8.58
CA GLY A 55 -8.53 -5.40 -9.39
C GLY A 55 -10.03 -5.15 -9.42
N LYS A 56 -10.47 -4.15 -8.68
CA LYS A 56 -11.89 -3.79 -8.62
C LYS A 56 -12.08 -2.39 -8.09
N GLU A 57 -11.54 -2.12 -6.90
CA GLU A 57 -11.66 -0.81 -6.29
C GLU A 57 -10.93 -0.73 -4.95
N ASN A 58 -10.76 -1.88 -4.29
CA ASN A 58 -10.08 -1.92 -3.00
C ASN A 58 -8.67 -1.36 -3.13
N ALA A 59 -7.84 -2.02 -3.93
CA ALA A 59 -6.47 -1.58 -4.14
C ALA A 59 -6.43 -0.11 -4.57
N ASP A 60 -7.28 0.25 -5.53
CA ASP A 60 -7.35 1.63 -6.01
C ASP A 60 -7.78 2.56 -4.89
N SER A 61 -8.73 2.12 -4.07
CA SER A 61 -9.20 2.93 -2.96
C SER A 61 -8.08 3.07 -1.94
N THR A 62 -7.41 1.96 -1.65
CA THR A 62 -6.29 1.94 -0.72
C THR A 62 -5.29 3.04 -1.06
N LEU A 63 -5.18 3.36 -2.36
CA LEU A 63 -4.28 4.42 -2.80
C LEU A 63 -4.73 5.73 -2.19
N ASN A 64 -5.96 6.11 -2.49
CA ASN A 64 -6.54 7.32 -1.95
C ASN A 64 -6.73 7.16 -0.44
N ARG A 65 -6.83 5.91 -0.01
CA ARG A 65 -7.01 5.58 1.39
C ARG A 65 -5.71 5.78 2.16
N LEU A 66 -4.60 5.33 1.60
CA LEU A 66 -3.30 5.50 2.24
C LEU A 66 -3.03 6.99 2.43
N LYS A 67 -3.69 7.80 1.59
CA LYS A 67 -3.59 9.25 1.72
C LYS A 67 -4.43 9.67 2.92
N MET A 68 -5.52 8.92 3.14
CA MET A 68 -6.41 9.16 4.26
C MET A 68 -5.65 9.04 5.57
N ALA A 69 -4.51 8.35 5.52
CA ALA A 69 -3.67 8.14 6.68
C ALA A 69 -2.55 9.17 6.73
N GLY A 70 -1.76 9.25 5.66
CA GLY A 70 -0.66 10.21 5.60
C GLY A 70 0.69 9.56 5.35
N HIS A 71 0.99 9.30 4.08
CA HIS A 71 2.25 8.67 3.70
C HIS A 71 2.81 9.31 2.43
N THR A 72 4.13 9.42 2.34
CA THR A 72 4.75 10.05 1.17
C THR A 72 5.10 9.06 0.05
N ASN A 73 4.09 8.39 -0.51
CA ASN A 73 4.32 7.45 -1.62
C ASN A 73 3.01 6.78 -2.07
N CYS A 74 2.81 5.53 -1.64
CA CYS A 74 1.61 4.76 -1.98
C CYS A 74 1.43 4.60 -3.50
N ILE A 75 1.31 3.36 -3.97
CA ILE A 75 1.11 3.07 -5.38
C ILE A 75 0.58 1.67 -5.55
N ARG A 76 -0.18 1.44 -6.61
CA ARG A 76 -0.75 0.12 -6.87
C ARG A 76 0.05 -0.60 -7.93
N LEU A 77 0.71 -1.67 -7.51
CA LEU A 77 1.52 -2.49 -8.40
C LEU A 77 0.75 -3.74 -8.76
N ALA A 78 0.43 -3.89 -10.04
CA ALA A 78 -0.33 -5.04 -10.50
C ALA A 78 0.55 -6.23 -10.82
N ALA A 79 0.08 -7.42 -10.48
CA ALA A 79 0.82 -8.64 -10.72
C ALA A 79 1.01 -8.88 -12.22
N GLY A 80 0.06 -8.40 -13.02
CA GLY A 80 0.15 -8.57 -14.45
C GLY A 80 -0.02 -10.02 -14.88
N GLY A 81 1.07 -10.63 -15.34
CA GLY A 81 1.01 -12.01 -15.78
C GLY A 81 1.46 -12.18 -17.21
N LYS A 5 -5.15 -3.40 -22.26
CA LYS A 5 -5.65 -2.99 -20.92
C LYS A 5 -6.04 -4.22 -20.09
N ASP A 6 -5.59 -4.24 -18.84
CA ASP A 6 -5.89 -5.35 -17.93
C ASP A 6 -5.86 -4.89 -16.48
N GLU A 7 -6.87 -5.31 -15.72
CA GLU A 7 -6.95 -4.95 -14.30
C GLU A 7 -7.42 -6.14 -13.46
N ARG A 8 -6.69 -7.25 -13.56
CA ARG A 8 -7.03 -8.45 -12.82
C ARG A 8 -6.07 -8.66 -11.64
N ARG A 9 -6.62 -8.66 -10.44
CA ARG A 9 -5.83 -8.86 -9.23
C ARG A 9 -4.77 -7.77 -9.10
N TRP A 10 -4.18 -7.70 -7.91
CA TRP A 10 -3.19 -6.69 -7.64
C TRP A 10 -2.07 -7.16 -6.72
N MET A 11 -1.16 -6.22 -6.53
CA MET A 11 0.01 -6.36 -5.66
C MET A 11 0.55 -4.97 -5.44
N VAL A 12 -0.15 -4.22 -4.62
CA VAL A 12 0.18 -2.83 -4.34
C VAL A 12 1.51 -2.65 -3.63
N GLN A 13 2.11 -1.49 -3.86
CA GLN A 13 3.37 -1.14 -3.24
C GLN A 13 3.33 0.32 -2.90
N CYS A 14 2.32 0.63 -2.10
CA CYS A 14 2.05 1.98 -1.67
C CYS A 14 2.85 2.32 -0.44
N GLY A 15 4.17 2.32 -0.58
CA GLY A 15 5.00 2.63 0.55
C GLY A 15 6.38 3.14 0.19
N SER A 16 7.32 2.84 1.07
CA SER A 16 8.70 3.23 0.89
C SER A 16 8.91 4.72 1.09
N PHE A 17 8.58 5.20 2.27
CA PHE A 17 8.74 6.62 2.60
C PHE A 17 9.89 6.85 3.55
N ARG A 18 10.67 7.91 3.28
CA ARG A 18 11.77 8.28 4.17
C ARG A 18 11.23 8.44 5.58
N GLY A 19 9.93 8.67 5.68
CA GLY A 19 9.26 8.82 6.94
C GLY A 19 9.20 7.50 7.70
N ALA A 20 10.36 6.89 7.93
CA ALA A 20 10.44 5.61 8.63
C ALA A 20 9.48 5.56 9.82
N GLU A 21 9.46 6.63 10.60
CA GLU A 21 8.57 6.70 11.75
C GLU A 21 7.13 6.76 11.27
N GLN A 22 6.90 7.56 10.24
CA GLN A 22 5.56 7.69 9.66
C GLN A 22 5.21 6.42 8.91
N ALA A 23 6.25 5.72 8.43
CA ALA A 23 6.10 4.48 7.70
C ALA A 23 5.60 3.37 8.62
N GLU A 24 6.26 3.25 9.77
CA GLU A 24 5.86 2.26 10.76
C GLU A 24 4.46 2.56 11.26
N THR A 25 4.23 3.81 11.62
CA THR A 25 2.92 4.24 12.06
C THR A 25 1.96 4.16 10.88
N VAL A 26 2.52 4.31 9.68
CA VAL A 26 1.74 4.24 8.45
C VAL A 26 1.06 2.88 8.36
N ARG A 27 1.85 1.83 8.59
CA ARG A 27 1.35 0.48 8.52
C ARG A 27 0.05 0.34 9.31
N ALA A 28 0.07 0.84 10.54
CA ALA A 28 -1.10 0.78 11.40
C ALA A 28 -2.18 1.73 10.90
N GLN A 29 -1.77 2.73 10.13
CA GLN A 29 -2.71 3.70 9.58
C GLN A 29 -3.17 3.29 8.18
N LEU A 30 -2.51 2.30 7.59
CA LEU A 30 -2.87 1.83 6.27
C LEU A 30 -3.51 0.44 6.39
N ALA A 31 -3.61 -0.05 7.62
CA ALA A 31 -4.25 -1.33 7.88
C ALA A 31 -5.44 -1.11 8.81
N PHE A 32 -5.31 -0.12 9.68
CA PHE A 32 -6.38 0.23 10.59
C PHE A 32 -7.37 1.14 9.89
N GLU A 33 -6.90 1.86 8.87
CA GLU A 33 -7.77 2.76 8.13
C GLU A 33 -8.82 1.96 7.36
N GLY A 34 -8.48 0.70 7.04
CA GLY A 34 -9.42 -0.14 6.32
C GLY A 34 -8.81 -0.90 5.17
N PHE A 35 -7.48 -0.90 5.06
CA PHE A 35 -6.81 -1.61 3.99
C PHE A 35 -5.75 -2.57 4.54
N ASP A 36 -6.13 -3.85 4.67
CA ASP A 36 -5.24 -4.88 5.20
C ASP A 36 -3.90 -4.94 4.44
N SER A 37 -3.03 -4.00 4.75
CA SER A 37 -1.71 -3.91 4.13
C SER A 37 -0.66 -4.69 4.93
N LYS A 38 0.55 -4.68 4.41
CA LYS A 38 1.70 -5.33 5.05
C LYS A 38 3.01 -4.74 4.50
N ILE A 39 3.68 -3.93 5.33
CA ILE A 39 4.92 -3.27 4.94
C ILE A 39 6.15 -4.14 5.12
N THR A 40 7.26 -3.63 4.59
CA THR A 40 8.55 -4.29 4.68
C THR A 40 9.65 -3.35 4.18
N THR A 41 10.63 -3.07 5.04
CA THR A 41 11.73 -2.17 4.68
C THR A 41 12.27 -2.47 3.28
N ASN A 42 12.68 -1.42 2.56
CA ASN A 42 13.21 -1.57 1.22
C ASN A 42 13.57 -0.23 0.61
N ASN A 43 14.68 -0.19 -0.13
CA ASN A 43 15.14 1.04 -0.78
C ASN A 43 15.64 2.05 0.25
N GLY A 44 15.76 1.62 1.50
CA GLY A 44 16.21 2.51 2.55
C GLY A 44 15.10 2.90 3.50
N TRP A 45 13.87 2.95 2.97
CA TRP A 45 12.70 3.31 3.77
C TRP A 45 11.73 2.15 3.85
N ASN A 46 10.72 2.34 4.68
CA ASN A 46 9.69 1.32 4.89
C ASN A 46 8.85 1.14 3.63
N ARG A 47 9.10 0.05 2.91
CA ARG A 47 8.36 -0.24 1.69
C ARG A 47 7.05 -0.95 1.99
N VAL A 48 5.95 -0.24 1.80
CA VAL A 48 4.61 -0.78 2.05
C VAL A 48 4.15 -1.64 0.88
N VAL A 49 3.18 -2.50 1.19
CA VAL A 49 2.58 -3.40 0.21
C VAL A 49 1.38 -4.09 0.86
N ILE A 50 0.33 -4.36 0.10
CA ILE A 50 -0.84 -5.04 0.66
C ILE A 50 -1.04 -6.36 -0.03
N GLY A 51 -0.05 -7.23 0.12
CA GLY A 51 -0.09 -8.54 -0.51
C GLY A 51 -0.70 -8.48 -1.90
N PRO A 52 -1.21 -9.61 -2.42
CA PRO A 52 -1.82 -9.63 -3.72
C PRO A 52 -3.28 -9.21 -3.64
N VAL A 53 -3.54 -7.95 -3.95
CA VAL A 53 -4.89 -7.40 -3.88
C VAL A 53 -5.76 -7.87 -5.04
N LYS A 54 -6.98 -7.36 -5.12
CA LYS A 54 -7.91 -7.75 -6.18
C LYS A 54 -8.34 -6.55 -7.01
N GLY A 55 -8.30 -6.71 -8.33
CA GLY A 55 -8.69 -5.63 -9.23
C GLY A 55 -10.19 -5.38 -9.21
N LYS A 56 -10.60 -4.43 -8.38
CA LYS A 56 -12.01 -4.08 -8.26
C LYS A 56 -12.17 -2.64 -7.80
N GLU A 57 -11.63 -2.33 -6.63
CA GLU A 57 -11.71 -0.99 -6.08
C GLU A 57 -11.01 -0.88 -4.74
N ASN A 58 -10.85 -2.00 -4.03
CA ASN A 58 -10.20 -1.99 -2.73
C ASN A 58 -8.79 -1.43 -2.85
N ALA A 59 -7.96 -2.09 -3.65
CA ALA A 59 -6.60 -1.62 -3.87
C ALA A 59 -6.62 -0.17 -4.32
N ASP A 60 -7.32 0.11 -5.42
CA ASP A 60 -7.44 1.47 -5.94
C ASP A 60 -7.89 2.41 -4.84
N SER A 61 -8.84 1.97 -4.03
CA SER A 61 -9.32 2.78 -2.92
C SER A 61 -8.21 2.95 -1.91
N THR A 62 -7.40 1.91 -1.76
CA THR A 62 -6.26 1.94 -0.83
C THR A 62 -5.38 3.12 -1.17
N LEU A 63 -5.21 3.38 -2.46
CA LEU A 63 -4.39 4.50 -2.92
C LEU A 63 -4.91 5.79 -2.30
N ASN A 64 -6.15 6.12 -2.61
CA ASN A 64 -6.79 7.31 -2.07
C ASN A 64 -6.97 7.14 -0.57
N ARG A 65 -7.04 5.90 -0.13
CA ARG A 65 -7.20 5.58 1.27
C ARG A 65 -5.90 5.84 2.04
N LEU A 66 -4.77 5.50 1.45
CA LEU A 66 -3.48 5.75 2.08
C LEU A 66 -3.35 7.23 2.40
N LYS A 67 -4.05 8.06 1.64
CA LYS A 67 -4.07 9.48 1.92
C LYS A 67 -4.71 9.68 3.30
N MET A 68 -5.63 8.76 3.63
CA MET A 68 -6.31 8.78 4.92
C MET A 68 -5.30 8.55 6.04
N ALA A 69 -4.22 7.87 5.71
CA ALA A 69 -3.14 7.60 6.66
C ALA A 69 -2.06 8.67 6.57
N GLY A 70 -1.61 8.93 5.34
CA GLY A 70 -0.58 9.94 5.13
C GLY A 70 0.78 9.35 4.82
N HIS A 71 0.98 8.92 3.58
CA HIS A 71 2.26 8.35 3.17
C HIS A 71 2.89 9.15 2.04
N THR A 72 4.22 9.23 2.02
CA THR A 72 4.93 9.97 0.98
C THR A 72 5.25 9.11 -0.25
N ASN A 73 4.21 8.54 -0.89
CA ASN A 73 4.41 7.72 -2.10
C ASN A 73 3.10 7.08 -2.57
N CYS A 74 2.86 5.82 -2.20
CA CYS A 74 1.64 5.10 -2.59
C CYS A 74 1.57 4.84 -4.10
N ILE A 75 1.45 3.56 -4.51
CA ILE A 75 1.35 3.21 -5.92
C ILE A 75 0.88 1.77 -6.08
N ARG A 76 -0.29 1.58 -6.68
CA ARG A 76 -0.84 0.24 -6.87
C ARG A 76 -0.09 -0.48 -7.98
N LEU A 77 0.53 -1.60 -7.61
CA LEU A 77 1.29 -2.42 -8.54
C LEU A 77 0.47 -3.64 -8.91
N ALA A 78 0.07 -3.72 -10.17
CA ALA A 78 -0.74 -4.83 -10.64
C ALA A 78 0.12 -5.99 -11.15
N ALA A 79 -0.31 -7.21 -10.82
CA ALA A 79 0.40 -8.41 -11.23
C ALA A 79 0.27 -8.65 -12.73
N GLY A 80 -0.87 -8.26 -13.29
CA GLY A 80 -1.11 -8.43 -14.71
C GLY A 80 -1.41 -9.88 -15.07
N GLY A 81 -2.66 -10.27 -14.91
CA GLY A 81 -3.06 -11.63 -15.23
C GLY A 81 -3.16 -12.51 -13.99
N LYS A 5 -2.55 -9.74 -21.55
CA LYS A 5 -3.44 -8.61 -21.20
C LYS A 5 -4.42 -8.99 -20.08
N ASP A 6 -4.05 -8.65 -18.85
CA ASP A 6 -4.88 -8.96 -17.69
C ASP A 6 -5.55 -7.71 -17.16
N GLU A 7 -6.72 -7.87 -16.54
CA GLU A 7 -7.45 -6.75 -15.98
C GLU A 7 -8.25 -7.17 -14.76
N ARG A 8 -7.58 -7.78 -13.79
CA ARG A 8 -8.22 -8.24 -12.57
C ARG A 8 -7.18 -8.60 -11.51
N ARG A 9 -7.60 -8.56 -10.25
CA ARG A 9 -6.71 -8.88 -9.13
C ARG A 9 -5.58 -7.89 -9.04
N TRP A 10 -4.91 -7.88 -7.90
CA TRP A 10 -3.84 -6.93 -7.67
C TRP A 10 -2.72 -7.47 -6.79
N MET A 11 -1.77 -6.56 -6.58
CA MET A 11 -0.60 -6.77 -5.77
C MET A 11 0.18 -5.45 -5.74
N VAL A 12 -0.21 -4.58 -4.82
CA VAL A 12 0.38 -3.25 -4.73
C VAL A 12 1.79 -3.28 -4.16
N GLN A 13 2.54 -2.22 -4.48
CA GLN A 13 3.89 -2.08 -3.98
C GLN A 13 4.14 -0.62 -3.68
N CYS A 14 3.28 -0.11 -2.85
CA CYS A 14 3.31 1.26 -2.40
C CYS A 14 4.34 1.41 -1.30
N GLY A 15 4.09 2.30 -0.36
CA GLY A 15 5.01 2.48 0.74
C GLY A 15 6.27 3.21 0.36
N SER A 16 7.29 3.04 1.19
CA SER A 16 8.59 3.65 0.98
C SER A 16 8.56 5.13 1.29
N PHE A 17 8.50 5.45 2.59
CA PHE A 17 8.48 6.85 3.01
C PHE A 17 9.60 7.17 3.98
N ARG A 18 10.34 8.24 3.69
CA ARG A 18 11.41 8.67 4.60
C ARG A 18 10.84 8.79 6.01
N GLY A 19 9.52 8.99 6.06
CA GLY A 19 8.82 9.10 7.31
C GLY A 19 8.74 7.76 8.02
N ALA A 20 9.90 7.13 8.25
CA ALA A 20 9.97 5.83 8.92
C ALA A 20 9.01 5.76 10.09
N GLU A 21 9.03 6.78 10.92
CA GLU A 21 8.13 6.84 12.07
C GLU A 21 6.69 6.89 11.58
N GLN A 22 6.47 7.67 10.53
CA GLN A 22 5.15 7.79 9.94
C GLN A 22 4.80 6.49 9.23
N ALA A 23 5.83 5.84 8.69
CA ALA A 23 5.67 4.57 7.99
C ALA A 23 5.06 3.53 8.91
N GLU A 24 5.52 3.51 10.15
CA GLU A 24 5.02 2.58 11.15
C GLU A 24 3.55 2.86 11.42
N THR A 25 3.26 4.11 11.76
CA THR A 25 1.88 4.52 12.03
C THR A 25 1.07 4.47 10.73
N VAL A 26 1.77 4.66 9.60
CA VAL A 26 1.15 4.61 8.30
C VAL A 26 0.60 3.21 8.03
N ARG A 27 1.37 2.20 8.45
CA ARG A 27 0.96 0.82 8.26
C ARG A 27 -0.35 0.53 8.96
N ALA A 28 -0.40 0.82 10.26
CA ALA A 28 -1.60 0.60 11.04
C ALA A 28 -2.76 1.42 10.51
N GLN A 29 -2.50 2.64 10.08
CA GLN A 29 -3.55 3.51 9.56
C GLN A 29 -3.99 3.09 8.15
N LEU A 30 -3.33 2.09 7.60
CA LEU A 30 -3.68 1.59 6.27
C LEU A 30 -4.36 0.25 6.40
N ALA A 31 -3.97 -0.51 7.42
CA ALA A 31 -4.60 -1.80 7.69
C ALA A 31 -5.74 -1.64 8.68
N PHE A 32 -5.66 -0.61 9.52
CA PHE A 32 -6.71 -0.36 10.49
C PHE A 32 -7.79 0.52 9.87
N GLU A 33 -7.39 1.37 8.92
CA GLU A 33 -8.34 2.24 8.24
C GLU A 33 -9.25 1.41 7.35
N GLY A 34 -8.76 0.26 6.89
CA GLY A 34 -9.56 -0.60 6.06
C GLY A 34 -8.84 -1.11 4.83
N PHE A 35 -7.52 -0.94 4.76
CA PHE A 35 -6.77 -1.43 3.61
C PHE A 35 -5.50 -2.17 3.99
N ASP A 36 -5.59 -3.50 3.96
CA ASP A 36 -4.46 -4.36 4.29
C ASP A 36 -3.18 -3.86 3.64
N SER A 37 -2.07 -4.43 4.09
CA SER A 37 -0.74 -4.06 3.60
C SER A 37 0.34 -4.79 4.38
N LYS A 38 1.57 -4.66 3.92
CA LYS A 38 2.72 -5.27 4.59
C LYS A 38 3.98 -4.45 4.31
N ILE A 39 4.51 -3.79 5.34
CA ILE A 39 5.69 -2.95 5.20
C ILE A 39 6.98 -3.74 5.21
N THR A 40 8.04 -3.09 4.73
CA THR A 40 9.37 -3.66 4.66
C THR A 40 10.36 -2.63 4.13
N THR A 41 11.35 -2.28 4.93
CA THR A 41 12.34 -1.29 4.53
C THR A 41 13.25 -1.86 3.44
N ASN A 42 13.76 -0.98 2.58
CA ASN A 42 14.65 -1.41 1.50
C ASN A 42 15.41 -0.24 0.90
N ASN A 43 14.69 0.69 0.30
CA ASN A 43 15.30 1.87 -0.30
C ASN A 43 15.71 2.87 0.78
N GLY A 44 15.70 2.42 2.03
CA GLY A 44 16.05 3.29 3.14
C GLY A 44 14.84 3.59 4.00
N TRP A 45 13.67 3.64 3.36
CA TRP A 45 12.43 3.92 4.06
C TRP A 45 11.50 2.71 4.01
N ASN A 46 10.55 2.70 4.93
CA ASN A 46 9.57 1.61 5.03
C ASN A 46 8.83 1.41 3.72
N ARG A 47 9.32 0.47 2.90
CA ARG A 47 8.69 0.18 1.60
C ARG A 47 7.54 -0.81 1.77
N VAL A 48 6.33 -0.30 1.93
CA VAL A 48 5.15 -1.15 2.10
C VAL A 48 4.66 -1.76 0.80
N VAL A 49 3.81 -2.74 0.98
CA VAL A 49 3.19 -3.49 -0.12
C VAL A 49 1.99 -4.24 0.44
N ILE A 50 0.92 -4.38 -0.32
CA ILE A 50 -0.25 -5.10 0.19
C ILE A 50 -0.43 -6.41 -0.56
N GLY A 51 -0.65 -7.49 0.21
CA GLY A 51 -0.83 -8.80 -0.40
C GLY A 51 -1.71 -8.73 -1.64
N PRO A 52 -1.63 -9.74 -2.52
CA PRO A 52 -2.42 -9.75 -3.75
C PRO A 52 -3.87 -9.34 -3.49
N VAL A 53 -4.18 -8.10 -3.82
CA VAL A 53 -5.53 -7.57 -3.64
C VAL A 53 -6.44 -7.91 -4.82
N LYS A 54 -7.66 -7.40 -4.78
CA LYS A 54 -8.62 -7.67 -5.85
C LYS A 54 -8.98 -6.39 -6.59
N GLY A 55 -9.06 -6.48 -7.91
CA GLY A 55 -9.40 -5.34 -8.73
C GLY A 55 -10.88 -5.01 -8.67
N LYS A 56 -11.22 -3.93 -7.97
CA LYS A 56 -12.60 -3.51 -7.83
C LYS A 56 -12.68 -2.09 -7.28
N GLU A 57 -11.94 -1.82 -6.21
CA GLU A 57 -11.94 -0.50 -5.59
C GLU A 57 -11.05 -0.47 -4.35
N ASN A 58 -10.80 -1.62 -3.75
CA ASN A 58 -9.98 -1.69 -2.55
C ASN A 58 -8.56 -1.18 -2.82
N ALA A 59 -7.87 -1.81 -3.77
CA ALA A 59 -6.52 -1.40 -4.12
C ALA A 59 -6.51 0.07 -4.54
N ASP A 60 -7.44 0.44 -5.41
CA ASP A 60 -7.55 1.83 -5.88
C ASP A 60 -7.87 2.76 -4.72
N SER A 61 -8.82 2.37 -3.88
CA SER A 61 -9.20 3.18 -2.73
C SER A 61 -8.04 3.23 -1.75
N THR A 62 -7.34 2.09 -1.65
CA THR A 62 -6.19 1.96 -0.79
C THR A 62 -5.13 3.00 -1.14
N LEU A 63 -5.09 3.37 -2.42
CA LEU A 63 -4.13 4.37 -2.88
C LEU A 63 -4.48 5.71 -2.27
N ASN A 64 -5.77 6.04 -2.29
CA ASN A 64 -6.26 7.28 -1.71
C ASN A 64 -6.35 7.12 -0.20
N ARG A 65 -6.52 5.89 0.25
CA ARG A 65 -6.60 5.59 1.66
C ARG A 65 -5.21 5.66 2.28
N LEU A 66 -4.21 5.21 1.53
CA LEU A 66 -2.82 5.26 1.99
C LEU A 66 -2.47 6.69 2.38
N LYS A 67 -3.13 7.64 1.72
CA LYS A 67 -2.94 9.05 2.03
C LYS A 67 -3.47 9.32 3.43
N MET A 68 -4.51 8.57 3.80
CA MET A 68 -5.13 8.69 5.12
C MET A 68 -4.08 8.37 6.20
N ALA A 69 -3.15 7.50 5.85
CA ALA A 69 -2.09 7.10 6.76
C ALA A 69 -0.99 8.16 6.82
N GLY A 70 -1.00 9.09 5.87
CA GLY A 70 0.01 10.13 5.85
C GLY A 70 1.38 9.59 5.46
N HIS A 71 1.52 9.22 4.20
CA HIS A 71 2.77 8.66 3.70
C HIS A 71 3.08 9.14 2.29
N THR A 72 4.36 9.09 1.91
CA THR A 72 4.76 9.54 0.56
C THR A 72 5.27 8.37 -0.30
N ASN A 73 4.60 8.15 -1.45
CA ASN A 73 4.96 7.09 -2.43
C ASN A 73 4.08 5.85 -2.31
N CYS A 74 3.21 5.63 -3.31
CA CYS A 74 2.30 4.48 -3.34
C CYS A 74 1.85 4.19 -4.77
N ILE A 75 1.73 2.90 -5.15
CA ILE A 75 1.29 2.57 -6.50
C ILE A 75 0.77 1.14 -6.58
N ARG A 76 -0.52 0.99 -6.87
CA ARG A 76 -1.12 -0.34 -7.00
C ARG A 76 -0.53 -1.03 -8.21
N LEU A 77 0.21 -2.11 -7.97
CA LEU A 77 0.80 -2.88 -9.03
C LEU A 77 -0.06 -4.09 -9.31
N ALA A 78 -0.50 -4.20 -10.54
CA ALA A 78 -1.40 -5.29 -10.92
C ALA A 78 -0.63 -6.50 -11.44
N ALA A 79 -1.21 -7.67 -11.22
CA ALA A 79 -0.62 -8.93 -11.64
C ALA A 79 -1.00 -9.27 -13.07
N GLY A 80 -0.44 -10.36 -13.60
CA GLY A 80 -0.73 -10.77 -14.95
C GLY A 80 -0.16 -9.81 -15.98
N GLY A 81 1.00 -9.24 -15.68
CA GLY A 81 1.63 -8.32 -16.59
C GLY A 81 1.29 -6.86 -16.28
N LYS A 5 -8.39 -15.99 -8.35
CA LYS A 5 -8.01 -14.67 -8.91
C LYS A 5 -8.27 -14.62 -10.41
N ASP A 6 -8.96 -13.57 -10.85
CA ASP A 6 -9.27 -13.39 -12.27
C ASP A 6 -9.98 -12.06 -12.51
N GLU A 7 -9.85 -11.55 -13.73
CA GLU A 7 -10.48 -10.28 -14.09
C GLU A 7 -9.78 -9.11 -13.41
N ARG A 8 -8.56 -8.83 -13.83
CA ARG A 8 -7.77 -7.74 -13.26
C ARG A 8 -7.38 -8.05 -11.82
N ARG A 9 -6.09 -7.97 -11.52
CA ARG A 9 -5.58 -8.24 -10.19
C ARG A 9 -4.44 -7.32 -9.83
N TRP A 10 -4.06 -7.33 -8.56
CA TRP A 10 -3.00 -6.47 -8.07
C TRP A 10 -2.05 -7.18 -7.11
N MET A 11 -1.07 -6.38 -6.71
CA MET A 11 -0.04 -6.75 -5.75
C MET A 11 0.54 -5.44 -5.25
N VAL A 12 -0.28 -4.75 -4.49
CA VAL A 12 0.02 -3.42 -3.97
C VAL A 12 1.44 -3.31 -3.42
N GLN A 13 1.95 -2.08 -3.44
CA GLN A 13 3.28 -1.80 -2.96
C GLN A 13 3.55 -0.31 -3.02
N CYS A 14 4.04 0.26 -1.93
CA CYS A 14 4.30 1.69 -1.88
C CYS A 14 5.71 2.04 -2.33
N GLY A 15 5.94 3.35 -2.47
CA GLY A 15 7.22 3.84 -2.91
C GLY A 15 8.27 3.88 -1.82
N SER A 16 7.92 3.39 -0.64
CA SER A 16 8.84 3.40 0.49
C SER A 16 9.21 4.84 0.82
N PHE A 17 8.66 5.35 1.91
CA PHE A 17 8.87 6.75 2.28
C PHE A 17 9.83 6.96 3.43
N ARG A 18 10.53 8.11 3.37
CA ARG A 18 11.46 8.49 4.42
C ARG A 18 10.69 8.72 5.70
N GLY A 19 9.37 8.86 5.54
CA GLY A 19 8.47 9.06 6.65
C GLY A 19 8.50 7.88 7.60
N ALA A 20 9.68 7.53 8.10
CA ALA A 20 9.85 6.40 9.01
C ALA A 20 8.72 6.31 10.02
N GLU A 21 8.31 7.45 10.54
CA GLU A 21 7.23 7.49 11.51
C GLU A 21 5.89 7.37 10.80
N GLN A 22 5.79 8.06 9.66
CA GLN A 22 4.57 8.02 8.86
C GLN A 22 4.50 6.71 8.08
N ALA A 23 5.67 6.13 7.83
CA ALA A 23 5.78 4.87 7.10
C ALA A 23 5.43 3.71 8.02
N GLU A 24 6.04 3.69 9.21
CA GLU A 24 5.75 2.66 10.18
C GLU A 24 4.31 2.79 10.63
N THR A 25 3.86 4.04 10.76
CA THR A 25 2.49 4.32 11.12
C THR A 25 1.61 4.05 9.92
N VAL A 26 2.15 4.26 8.72
CA VAL A 26 1.41 4.00 7.49
C VAL A 26 0.99 2.53 7.45
N ARG A 27 1.86 1.66 7.97
CA ARG A 27 1.59 0.23 8.02
C ARG A 27 0.36 -0.03 8.89
N ALA A 28 0.47 0.27 10.18
CA ALA A 28 -0.64 0.08 11.10
C ALA A 28 -1.82 0.93 10.67
N GLN A 29 -1.53 2.06 10.04
CA GLN A 29 -2.58 2.95 9.57
C GLN A 29 -3.33 2.29 8.42
N LEU A 30 -2.62 1.52 7.60
CA LEU A 30 -3.26 0.84 6.47
C LEU A 30 -4.33 -0.11 6.99
N ALA A 31 -3.98 -0.87 8.03
CA ALA A 31 -4.90 -1.81 8.63
C ALA A 31 -5.84 -1.10 9.61
N PHE A 32 -5.38 0.01 10.16
CA PHE A 32 -6.17 0.78 11.10
C PHE A 32 -7.09 1.76 10.38
N GLU A 33 -6.76 2.08 9.13
CA GLU A 33 -7.57 3.01 8.37
C GLU A 33 -8.68 2.29 7.59
N GLY A 34 -8.54 0.97 7.45
CA GLY A 34 -9.56 0.20 6.73
C GLY A 34 -9.02 -0.54 5.53
N PHE A 35 -7.71 -0.76 5.50
CA PHE A 35 -7.08 -1.49 4.40
C PHE A 35 -5.86 -2.26 4.89
N ASP A 36 -6.12 -3.46 5.41
CA ASP A 36 -5.07 -4.33 5.96
C ASP A 36 -3.93 -4.58 4.99
N SER A 37 -2.97 -3.66 4.95
CA SER A 37 -1.78 -3.78 4.10
C SER A 37 -0.66 -4.44 4.88
N LYS A 38 0.45 -4.63 4.21
CA LYS A 38 1.64 -5.24 4.80
C LYS A 38 2.83 -4.28 4.68
N ILE A 39 3.81 -4.43 5.57
CA ILE A 39 4.99 -3.57 5.56
C ILE A 39 6.29 -4.36 5.47
N THR A 40 7.26 -3.79 4.76
CA THR A 40 8.58 -4.40 4.59
C THR A 40 9.60 -3.36 4.16
N THR A 41 10.58 -3.11 5.01
CA THR A 41 11.62 -2.13 4.72
C THR A 41 12.30 -2.44 3.38
N ASN A 42 12.67 -1.38 2.65
CA ASN A 42 13.33 -1.54 1.36
C ASN A 42 13.56 -0.19 0.69
N ASN A 43 14.57 -0.12 -0.16
CA ASN A 43 14.91 1.11 -0.87
C ASN A 43 15.39 2.20 0.08
N GLY A 44 15.63 1.84 1.33
CA GLY A 44 16.10 2.80 2.31
C GLY A 44 14.97 3.33 3.18
N TRP A 45 13.74 3.17 2.72
CA TRP A 45 12.58 3.63 3.46
C TRP A 45 11.64 2.48 3.77
N ASN A 46 10.59 2.79 4.51
CA ASN A 46 9.60 1.79 4.90
C ASN A 46 8.63 1.50 3.76
N ARG A 47 8.70 0.28 3.21
CA ARG A 47 7.84 -0.12 2.11
C ARG A 47 6.50 -0.66 2.61
N VAL A 48 5.59 -0.86 1.67
CA VAL A 48 4.26 -1.36 1.96
C VAL A 48 3.78 -2.29 0.85
N VAL A 49 2.77 -3.09 1.16
CA VAL A 49 2.18 -4.04 0.22
C VAL A 49 0.97 -4.72 0.88
N ILE A 50 -0.11 -4.93 0.14
CA ILE A 50 -1.27 -5.62 0.72
C ILE A 50 -1.50 -6.93 -0.01
N GLY A 51 -0.52 -7.81 0.11
CA GLY A 51 -0.58 -9.11 -0.56
C GLY A 51 -1.13 -9.00 -1.96
N PRO A 52 -1.59 -10.10 -2.56
CA PRO A 52 -2.15 -10.07 -3.90
C PRO A 52 -3.58 -9.53 -3.86
N VAL A 53 -3.75 -8.33 -4.39
CA VAL A 53 -5.05 -7.66 -4.39
C VAL A 53 -5.80 -7.88 -5.70
N LYS A 54 -6.98 -7.28 -5.81
CA LYS A 54 -7.80 -7.41 -7.00
C LYS A 54 -8.14 -6.03 -7.57
N GLY A 55 -8.07 -5.90 -8.89
CA GLY A 55 -8.38 -4.64 -9.52
C GLY A 55 -9.87 -4.39 -9.61
N LYS A 56 -10.32 -3.29 -9.02
CA LYS A 56 -11.74 -2.96 -9.03
C LYS A 56 -11.99 -1.61 -8.34
N GLU A 57 -11.69 -1.54 -7.05
CA GLU A 57 -11.89 -0.31 -6.29
C GLU A 57 -11.21 -0.38 -4.93
N ASN A 58 -11.22 -1.55 -4.30
CA ASN A 58 -10.60 -1.72 -3.00
C ASN A 58 -9.14 -1.28 -3.03
N ALA A 59 -8.38 -1.88 -3.92
CA ALA A 59 -6.97 -1.56 -4.07
C ALA A 59 -6.78 -0.06 -4.33
N ASP A 60 -7.53 0.46 -5.29
CA ASP A 60 -7.45 1.88 -5.63
C ASP A 60 -7.88 2.74 -4.44
N SER A 61 -8.90 2.28 -3.72
CA SER A 61 -9.38 3.01 -2.56
C SER A 61 -8.29 3.08 -1.50
N THR A 62 -7.61 1.96 -1.30
CA THR A 62 -6.52 1.88 -0.34
C THR A 62 -5.52 3.01 -0.56
N LEU A 63 -5.41 3.48 -1.81
CA LEU A 63 -4.51 4.58 -2.13
C LEU A 63 -5.04 5.86 -1.50
N ASN A 64 -6.24 6.26 -1.92
CA ASN A 64 -6.87 7.45 -1.37
C ASN A 64 -7.02 7.28 0.13
N ARG A 65 -7.09 6.02 0.57
CA ARG A 65 -7.21 5.69 1.97
C ARG A 65 -5.85 5.81 2.65
N LEU A 66 -4.81 5.36 1.95
CA LEU A 66 -3.45 5.45 2.47
C LEU A 66 -3.14 6.90 2.84
N LYS A 67 -3.79 7.84 2.13
CA LYS A 67 -3.62 9.26 2.44
C LYS A 67 -4.08 9.51 3.88
N MET A 68 -4.98 8.66 4.36
CA MET A 68 -5.49 8.76 5.72
C MET A 68 -4.41 8.37 6.72
N ALA A 69 -3.30 7.84 6.20
CA ALA A 69 -2.19 7.39 7.03
C ALA A 69 -1.03 8.40 7.05
N GLY A 70 -0.82 9.07 5.91
CA GLY A 70 0.27 10.02 5.82
C GLY A 70 1.49 9.40 5.19
N HIS A 71 1.53 9.42 3.86
CA HIS A 71 2.64 8.80 3.13
C HIS A 71 2.99 9.57 1.87
N THR A 72 4.12 9.21 1.26
CA THR A 72 4.56 9.85 0.01
C THR A 72 4.64 8.84 -1.15
N ASN A 73 3.53 8.62 -1.89
CA ASN A 73 3.49 7.69 -3.03
C ASN A 73 3.42 6.25 -2.54
N CYS A 74 2.30 5.58 -2.78
CA CYS A 74 2.15 4.20 -2.28
C CYS A 74 1.27 3.25 -3.09
N ILE A 75 1.33 2.00 -2.63
CA ILE A 75 0.56 0.87 -3.10
C ILE A 75 0.24 0.81 -4.58
N ARG A 76 -0.37 -0.32 -4.90
CA ARG A 76 -0.79 -0.67 -6.23
C ARG A 76 0.41 -0.91 -7.14
N LEU A 77 0.79 -2.17 -7.19
CA LEU A 77 1.90 -2.64 -8.01
C LEU A 77 1.48 -3.93 -8.69
N ALA A 78 0.55 -3.76 -9.57
CA ALA A 78 -0.08 -4.83 -10.33
C ALA A 78 0.86 -6.00 -10.61
N ALA A 79 0.35 -7.19 -10.37
CA ALA A 79 1.10 -8.43 -10.58
C ALA A 79 1.65 -8.51 -12.01
N GLY A 80 0.94 -7.88 -12.94
CA GLY A 80 1.37 -7.89 -14.32
C GLY A 80 2.20 -6.68 -14.69
N GLY A 81 3.29 -6.89 -15.41
CA GLY A 81 4.15 -5.79 -15.81
C GLY A 81 3.42 -4.76 -16.65
N LYS A 5 -11.20 -18.62 -14.01
CA LYS A 5 -12.53 -18.01 -13.76
C LYS A 5 -12.40 -16.66 -13.07
N ASP A 6 -11.42 -15.87 -13.50
CA ASP A 6 -11.19 -14.55 -12.93
C ASP A 6 -10.48 -13.64 -13.93
N GLU A 7 -10.82 -12.36 -13.91
CA GLU A 7 -10.20 -11.39 -14.81
C GLU A 7 -9.98 -10.06 -14.11
N ARG A 8 -9.54 -10.12 -12.86
CA ARG A 8 -9.28 -8.91 -12.08
C ARG A 8 -8.54 -9.24 -10.79
N ARG A 9 -7.31 -8.75 -10.67
CA ARG A 9 -6.50 -8.98 -9.48
C ARG A 9 -5.47 -7.91 -9.31
N TRP A 10 -4.76 -7.99 -8.20
CA TRP A 10 -3.78 -6.96 -7.88
C TRP A 10 -2.57 -7.42 -7.08
N MET A 11 -1.76 -6.42 -6.83
CA MET A 11 -0.54 -6.48 -6.05
C MET A 11 -0.25 -5.04 -5.64
N VAL A 12 0.43 -4.81 -4.53
CA VAL A 12 0.65 -3.45 -4.10
C VAL A 12 2.06 -3.12 -3.69
N GLN A 13 2.41 -1.85 -3.88
CA GLN A 13 3.71 -1.37 -3.49
C GLN A 13 3.62 0.10 -3.17
N CYS A 14 2.72 0.37 -2.25
CA CYS A 14 2.48 1.73 -1.77
C CYS A 14 3.32 2.00 -0.55
N GLY A 15 4.61 1.74 -0.68
CA GLY A 15 5.51 1.93 0.44
C GLY A 15 6.81 2.61 0.08
N SER A 16 7.67 2.74 1.09
CA SER A 16 8.98 3.35 0.95
C SER A 16 8.93 4.87 1.11
N PHE A 17 8.79 5.32 2.35
CA PHE A 17 8.73 6.76 2.63
C PHE A 17 9.80 7.19 3.63
N ARG A 18 10.53 8.25 3.29
CA ARG A 18 11.54 8.79 4.18
C ARG A 18 10.93 9.04 5.55
N GLY A 19 9.61 9.22 5.57
CA GLY A 19 8.89 9.44 6.79
C GLY A 19 8.82 8.18 7.62
N ALA A 20 9.97 7.60 7.93
CA ALA A 20 10.06 6.36 8.72
C ALA A 20 9.06 6.37 9.86
N GLU A 21 8.97 7.49 10.54
CA GLU A 21 8.03 7.61 11.66
C GLU A 21 6.61 7.51 11.15
N GLN A 22 6.33 8.22 10.06
CA GLN A 22 5.02 8.18 9.44
C GLN A 22 4.78 6.81 8.86
N ALA A 23 5.84 6.24 8.28
CA ALA A 23 5.79 4.93 7.68
C ALA A 23 5.33 3.88 8.68
N GLU A 24 5.90 3.92 9.88
CA GLU A 24 5.52 2.97 10.93
C GLU A 24 4.04 3.12 11.26
N THR A 25 3.61 4.35 11.51
CA THR A 25 2.21 4.62 11.80
C THR A 25 1.40 4.41 10.54
N VAL A 26 2.03 4.64 9.39
CA VAL A 26 1.37 4.46 8.11
C VAL A 26 1.00 2.99 7.93
N ARG A 27 1.95 2.10 8.27
CA ARG A 27 1.70 0.67 8.16
C ARG A 27 0.41 0.30 8.89
N ALA A 28 0.35 0.64 10.17
CA ALA A 28 -0.83 0.37 10.96
C ALA A 28 -2.00 1.18 10.45
N GLN A 29 -1.70 2.36 9.90
CA GLN A 29 -2.73 3.24 9.36
C GLN A 29 -3.11 2.85 7.94
N LEU A 30 -2.47 1.81 7.40
CA LEU A 30 -2.78 1.36 6.06
C LEU A 30 -3.40 -0.03 6.12
N ALA A 31 -3.42 -0.60 7.32
CA ALA A 31 -4.04 -1.89 7.55
C ALA A 31 -5.18 -1.73 8.54
N PHE A 32 -5.02 -0.78 9.45
CA PHE A 32 -6.05 -0.50 10.43
C PHE A 32 -7.07 0.46 9.84
N GLU A 33 -6.65 1.25 8.83
CA GLU A 33 -7.57 2.17 8.19
C GLU A 33 -8.59 1.41 7.35
N GLY A 34 -8.24 0.19 6.94
CA GLY A 34 -9.16 -0.60 6.16
C GLY A 34 -8.53 -1.29 4.97
N PHE A 35 -7.20 -1.21 4.83
CA PHE A 35 -6.53 -1.85 3.71
C PHE A 35 -5.53 -2.90 4.18
N ASP A 36 -5.95 -4.17 4.21
CA ASP A 36 -5.09 -5.26 4.65
C ASP A 36 -3.76 -5.26 3.91
N SER A 37 -2.87 -4.37 4.32
CA SER A 37 -1.55 -4.20 3.72
C SER A 37 -0.45 -4.83 4.56
N LYS A 38 0.76 -4.64 4.10
CA LYS A 38 1.97 -5.14 4.77
C LYS A 38 3.10 -4.12 4.65
N ILE A 39 4.08 -4.21 5.55
CA ILE A 39 5.22 -3.27 5.52
C ILE A 39 6.56 -3.98 5.70
N THR A 40 7.62 -3.31 5.27
CA THR A 40 8.98 -3.83 5.38
C THR A 40 9.99 -2.86 4.78
N THR A 41 10.94 -2.41 5.58
CA THR A 41 11.97 -1.48 5.13
C THR A 41 13.03 -2.20 4.29
N ASN A 42 13.70 -1.47 3.41
CA ASN A 42 14.74 -2.08 2.57
C ASN A 42 15.47 -1.05 1.73
N ASN A 43 14.72 -0.25 0.98
CA ASN A 43 15.30 0.77 0.13
C ASN A 43 15.82 1.95 0.94
N GLY A 44 15.83 1.80 2.27
CA GLY A 44 16.28 2.86 3.14
C GLY A 44 15.16 3.36 4.02
N TRP A 45 13.95 3.30 3.50
CA TRP A 45 12.77 3.73 4.22
C TRP A 45 11.74 2.62 4.26
N ASN A 46 10.79 2.75 5.18
CA ASN A 46 9.73 1.76 5.34
C ASN A 46 9.04 1.51 4.00
N ARG A 47 9.22 0.30 3.47
CA ARG A 47 8.64 -0.05 2.17
C ARG A 47 7.30 -0.77 2.32
N VAL A 48 6.23 0.00 2.52
CA VAL A 48 4.89 -0.55 2.63
C VAL A 48 4.57 -1.36 1.37
N VAL A 49 3.58 -2.24 1.49
CA VAL A 49 3.15 -3.11 0.40
C VAL A 49 1.93 -3.91 0.86
N ILE A 50 0.97 -4.12 -0.02
CA ILE A 50 -0.22 -4.91 0.33
C ILE A 50 -0.22 -6.23 -0.43
N GLY A 51 -0.76 -7.27 0.19
CA GLY A 51 -0.82 -8.57 -0.46
C GLY A 51 -1.64 -8.52 -1.73
N PRO A 52 -1.61 -9.58 -2.56
CA PRO A 52 -2.37 -9.62 -3.81
C PRO A 52 -3.87 -9.49 -3.57
N VAL A 53 -4.45 -8.39 -4.05
CA VAL A 53 -5.88 -8.14 -3.87
C VAL A 53 -6.66 -8.39 -5.17
N LYS A 54 -7.89 -7.89 -5.23
CA LYS A 54 -8.73 -8.06 -6.40
C LYS A 54 -9.10 -6.71 -7.00
N GLY A 55 -9.04 -6.62 -8.32
CA GLY A 55 -9.38 -5.39 -9.01
C GLY A 55 -10.86 -5.09 -8.97
N LYS A 56 -11.23 -3.98 -8.34
CA LYS A 56 -12.62 -3.57 -8.24
C LYS A 56 -12.74 -2.13 -7.75
N GLU A 57 -12.09 -1.83 -6.63
CA GLU A 57 -12.12 -0.50 -6.06
C GLU A 57 -11.27 -0.40 -4.79
N ASN A 58 -11.18 -1.50 -4.05
CA ASN A 58 -10.40 -1.53 -2.82
C ASN A 58 -8.95 -1.09 -3.07
N ALA A 59 -8.30 -1.75 -4.03
CA ALA A 59 -6.93 -1.42 -4.37
C ALA A 59 -6.79 0.06 -4.73
N ASP A 60 -7.65 0.53 -5.63
CA ASP A 60 -7.63 1.92 -6.04
C ASP A 60 -7.96 2.84 -4.87
N SER A 61 -8.92 2.42 -4.06
CA SER A 61 -9.32 3.20 -2.89
C SER A 61 -8.16 3.30 -1.92
N THR A 62 -7.40 2.21 -1.79
CA THR A 62 -6.25 2.18 -0.90
C THR A 62 -5.28 3.31 -1.25
N LEU A 63 -5.26 3.71 -2.52
CA LEU A 63 -4.39 4.77 -2.95
C LEU A 63 -4.80 6.07 -2.27
N ASN A 64 -6.10 6.29 -2.21
CA ASN A 64 -6.66 7.45 -1.55
C ASN A 64 -6.75 7.19 -0.05
N ARG A 65 -6.87 5.93 0.29
CA ARG A 65 -6.94 5.51 1.68
C ARG A 65 -5.56 5.62 2.33
N LEU A 66 -4.53 5.34 1.54
CA LEU A 66 -3.14 5.47 2.02
C LEU A 66 -2.89 6.90 2.48
N LYS A 67 -3.72 7.82 1.99
CA LYS A 67 -3.63 9.20 2.41
C LYS A 67 -4.13 9.29 3.85
N MET A 68 -5.05 8.38 4.19
CA MET A 68 -5.61 8.29 5.53
C MET A 68 -4.51 7.96 6.54
N ALA A 69 -3.41 7.42 6.03
CA ALA A 69 -2.28 7.03 6.85
C ALA A 69 -1.21 8.13 6.84
N GLY A 70 -1.00 8.74 5.69
CA GLY A 70 0.00 9.79 5.57
C GLY A 70 1.34 9.27 5.13
N HIS A 71 1.49 9.02 3.83
CA HIS A 71 2.75 8.51 3.29
C HIS A 71 2.96 9.00 1.86
N THR A 72 4.21 9.29 1.50
CA THR A 72 4.51 9.80 0.15
C THR A 72 5.05 8.72 -0.79
N ASN A 73 4.26 8.39 -1.83
CA ASN A 73 4.62 7.40 -2.87
C ASN A 73 3.37 6.69 -3.39
N CYS A 74 3.00 5.61 -2.70
CA CYS A 74 1.81 4.80 -3.04
C CYS A 74 1.67 4.46 -4.52
N ILE A 75 1.66 3.16 -4.82
CA ILE A 75 1.50 2.68 -6.19
C ILE A 75 0.98 1.25 -6.20
N ARG A 76 -0.27 1.09 -6.59
CA ARG A 76 -0.87 -0.24 -6.66
C ARG A 76 -0.25 -1.01 -7.81
N LEU A 77 0.31 -2.17 -7.48
CA LEU A 77 0.97 -3.00 -8.48
C LEU A 77 0.01 -4.05 -9.02
N ALA A 78 -0.49 -3.82 -10.22
CA ALA A 78 -1.43 -4.74 -10.82
C ALA A 78 -0.73 -5.85 -11.60
N ALA A 79 -1.27 -7.05 -11.48
CA ALA A 79 -0.72 -8.22 -12.15
C ALA A 79 -0.85 -8.11 -13.67
N GLY A 80 0.25 -8.35 -14.37
CA GLY A 80 0.22 -8.26 -15.82
C GLY A 80 0.54 -9.59 -16.49
N GLY A 81 1.83 -9.82 -16.74
CA GLY A 81 2.24 -11.07 -17.36
C GLY A 81 3.31 -10.86 -18.42
N LYS A 5 -13.07 -3.46 -16.15
CA LYS A 5 -12.18 -4.23 -17.06
C LYS A 5 -10.73 -3.80 -16.90
N ASP A 6 -9.82 -4.66 -17.37
CA ASP A 6 -8.39 -4.36 -17.29
C ASP A 6 -7.95 -4.21 -15.84
N GLU A 7 -6.67 -4.45 -15.58
CA GLU A 7 -6.11 -4.36 -14.24
C GLU A 7 -6.75 -5.40 -13.31
N ARG A 8 -7.05 -6.56 -13.86
CA ARG A 8 -7.66 -7.64 -13.09
C ARG A 8 -6.73 -8.07 -11.95
N ARG A 9 -7.27 -8.10 -10.73
CA ARG A 9 -6.49 -8.48 -9.56
C ARG A 9 -5.30 -7.57 -9.39
N TRP A 10 -4.68 -7.66 -8.23
CA TRP A 10 -3.55 -6.79 -7.91
C TRP A 10 -2.52 -7.43 -7.01
N MET A 11 -1.49 -6.63 -6.80
CA MET A 11 -0.36 -6.94 -5.92
C MET A 11 0.31 -5.62 -5.59
N VAL A 12 -0.36 -4.86 -4.76
CA VAL A 12 0.08 -3.52 -4.37
C VAL A 12 1.54 -3.48 -3.98
N GLN A 13 2.13 -2.29 -4.07
CA GLN A 13 3.52 -2.13 -3.70
C GLN A 13 3.80 -0.69 -3.36
N CYS A 14 3.03 -0.22 -2.41
CA CYS A 14 3.14 1.13 -1.91
C CYS A 14 4.11 1.12 -0.73
N GLY A 15 3.92 2.02 0.21
CA GLY A 15 4.79 2.04 1.34
C GLY A 15 6.08 2.76 1.09
N SER A 16 7.05 2.48 1.93
CA SER A 16 8.34 3.12 1.83
C SER A 16 8.07 4.60 1.73
N PHE A 17 7.51 5.13 2.80
CA PHE A 17 7.08 6.51 2.78
C PHE A 17 6.98 7.20 4.14
N ARG A 18 6.15 8.27 4.15
CA ARG A 18 5.89 9.08 5.32
C ARG A 18 7.18 9.44 6.02
N GLY A 19 8.27 9.27 5.28
CA GLY A 19 9.57 9.57 5.79
C GLY A 19 10.46 8.34 5.91
N ALA A 20 10.09 7.43 6.81
CA ALA A 20 10.84 6.19 7.01
C ALA A 20 10.32 5.46 8.23
N GLU A 21 10.69 5.94 9.42
CA GLU A 21 10.21 5.35 10.65
C GLU A 21 8.71 5.56 10.72
N GLN A 22 8.26 6.59 9.99
CA GLN A 22 6.86 6.91 9.89
C GLN A 22 6.13 5.82 9.15
N ALA A 23 6.64 5.49 7.97
CA ALA A 23 6.03 4.46 7.15
C ALA A 23 5.75 3.20 7.96
N GLU A 24 6.52 3.00 9.03
CA GLU A 24 6.32 1.85 9.91
C GLU A 24 5.05 2.05 10.72
N THR A 25 5.01 3.15 11.47
CA THR A 25 3.84 3.47 12.28
C THR A 25 2.66 3.80 11.38
N VAL A 26 2.97 4.30 10.19
CA VAL A 26 1.96 4.66 9.22
C VAL A 26 1.29 3.40 8.68
N ARG A 27 2.06 2.32 8.55
CA ARG A 27 1.51 1.06 8.07
C ARG A 27 0.33 0.67 8.94
N ALA A 28 0.41 1.02 10.22
CA ALA A 28 -0.65 0.75 11.16
C ALA A 28 -1.92 1.48 10.74
N GLN A 29 -1.73 2.65 10.13
CA GLN A 29 -2.85 3.46 9.66
C GLN A 29 -3.59 2.73 8.53
N LEU A 30 -2.84 2.01 7.70
CA LEU A 30 -3.43 1.26 6.60
C LEU A 30 -4.40 0.22 7.14
N ALA A 31 -3.97 -0.49 8.18
CA ALA A 31 -4.81 -1.51 8.80
C ALA A 31 -5.89 -0.87 9.66
N PHE A 32 -5.59 0.29 10.22
CA PHE A 32 -6.55 1.01 11.05
C PHE A 32 -7.59 1.72 10.20
N GLU A 33 -7.17 2.18 9.03
CA GLU A 33 -8.07 2.87 8.12
C GLU A 33 -9.02 1.90 7.44
N GLY A 34 -8.68 0.60 7.49
CA GLY A 34 -9.51 -0.40 6.88
C GLY A 34 -8.84 -1.07 5.68
N PHE A 35 -7.51 -0.96 5.61
CA PHE A 35 -6.78 -1.57 4.51
C PHE A 35 -5.39 -1.99 4.95
N ASP A 36 -5.30 -3.21 5.48
CA ASP A 36 -4.05 -3.77 5.97
C ASP A 36 -3.09 -4.14 4.84
N SER A 37 -2.03 -3.35 4.71
CA SER A 37 -1.00 -3.55 3.70
C SER A 37 0.30 -4.01 4.37
N LYS A 38 0.89 -5.09 3.91
CA LYS A 38 2.14 -5.60 4.49
C LYS A 38 3.22 -4.52 4.49
N ILE A 39 4.25 -4.74 5.31
CA ILE A 39 5.34 -3.78 5.43
C ILE A 39 6.71 -4.45 5.28
N THR A 40 7.71 -3.63 4.95
CA THR A 40 9.09 -4.09 4.79
C THR A 40 10.04 -2.92 4.58
N THR A 41 11.03 -2.79 5.45
CA THR A 41 12.00 -1.69 5.35
C THR A 41 12.79 -1.79 4.04
N ASN A 42 12.85 -0.68 3.30
CA ASN A 42 13.58 -0.65 2.04
C ASN A 42 13.48 0.72 1.38
N ASN A 43 14.53 1.07 0.62
CA ASN A 43 14.57 2.36 -0.08
C ASN A 43 14.75 3.53 0.89
N GLY A 44 14.99 3.22 2.16
CA GLY A 44 15.18 4.26 3.15
C GLY A 44 13.96 4.46 4.02
N TRP A 45 12.80 3.99 3.55
CA TRP A 45 11.57 4.11 4.30
C TRP A 45 10.91 2.75 4.45
N ASN A 46 9.96 2.67 5.37
CA ASN A 46 9.25 1.42 5.63
C ASN A 46 8.36 1.07 4.42
N ARG A 47 8.86 0.21 3.55
CA ARG A 47 8.11 -0.17 2.35
C ARG A 47 6.80 -0.87 2.72
N VAL A 48 5.86 -0.87 1.78
CA VAL A 48 4.55 -1.49 1.99
C VAL A 48 4.12 -2.29 0.76
N VAL A 49 3.22 -3.23 0.99
CA VAL A 49 2.65 -4.09 -0.04
C VAL A 49 1.40 -4.73 0.55
N ILE A 50 0.35 -4.91 -0.24
CA ILE A 50 -0.86 -5.52 0.30
C ILE A 50 -1.18 -6.81 -0.44
N GLY A 51 -0.30 -7.78 -0.26
CA GLY A 51 -0.45 -9.08 -0.90
C GLY A 51 -1.11 -8.97 -2.26
N PRO A 52 -1.84 -10.02 -2.69
CA PRO A 52 -2.54 -9.99 -3.96
C PRO A 52 -3.94 -9.42 -3.80
N VAL A 53 -4.09 -8.15 -4.13
CA VAL A 53 -5.39 -7.48 -4.01
C VAL A 53 -6.26 -7.73 -5.22
N LYS A 54 -7.44 -7.11 -5.24
CA LYS A 54 -8.37 -7.29 -6.36
C LYS A 54 -8.61 -5.98 -7.11
N GLY A 55 -8.62 -6.07 -8.44
CA GLY A 55 -8.83 -4.89 -9.26
C GLY A 55 -10.30 -4.58 -9.46
N LYS A 56 -10.76 -3.50 -8.86
CA LYS A 56 -12.14 -3.09 -8.97
C LYS A 56 -12.38 -1.78 -8.22
N GLU A 57 -11.76 -1.65 -7.06
CA GLU A 57 -11.91 -0.45 -6.24
C GLU A 57 -11.07 -0.52 -4.97
N ASN A 58 -10.78 -1.73 -4.51
CA ASN A 58 -9.98 -1.90 -3.29
C ASN A 58 -8.58 -1.34 -3.48
N ALA A 59 -7.83 -1.91 -4.42
CA ALA A 59 -6.47 -1.46 -4.70
C ALA A 59 -6.45 0.04 -5.01
N ASP A 60 -7.46 0.50 -5.76
CA ASP A 60 -7.56 1.91 -6.12
C ASP A 60 -7.93 2.74 -4.89
N SER A 61 -8.91 2.24 -4.13
CA SER A 61 -9.35 2.93 -2.93
C SER A 61 -8.19 3.00 -1.95
N THR A 62 -7.32 1.98 -2.01
CA THR A 62 -6.15 1.92 -1.15
C THR A 62 -5.28 3.14 -1.37
N LEU A 63 -5.18 3.57 -2.63
CA LEU A 63 -4.39 4.74 -2.97
C LEU A 63 -4.87 5.94 -2.17
N ASN A 64 -6.19 6.17 -2.23
CA ASN A 64 -6.80 7.27 -1.49
C ASN A 64 -6.74 6.96 0.00
N ARG A 65 -6.67 5.67 0.33
CA ARG A 65 -6.58 5.23 1.70
C ARG A 65 -5.19 5.49 2.27
N LEU A 66 -4.16 5.15 1.50
CA LEU A 66 -2.78 5.41 1.92
C LEU A 66 -2.57 6.90 2.15
N LYS A 67 -3.45 7.70 1.54
CA LYS A 67 -3.42 9.14 1.73
C LYS A 67 -4.00 9.44 3.12
N MET A 68 -4.94 8.60 3.54
CA MET A 68 -5.56 8.73 4.86
C MET A 68 -4.50 8.59 5.94
N ALA A 69 -3.47 7.81 5.62
CA ALA A 69 -2.37 7.57 6.53
C ALA A 69 -1.40 8.75 6.55
N GLY A 70 -1.35 9.50 5.44
CA GLY A 70 -0.46 10.64 5.35
C GLY A 70 0.97 10.22 5.10
N HIS A 71 1.27 9.87 3.85
CA HIS A 71 2.61 9.41 3.48
C HIS A 71 2.99 9.86 2.07
N THR A 72 4.30 9.84 1.75
CA THR A 72 4.74 10.23 0.41
C THR A 72 5.46 9.11 -0.35
N ASN A 73 4.69 8.22 -1.01
CA ASN A 73 5.24 7.09 -1.80
C ASN A 73 4.29 5.89 -1.82
N CYS A 74 3.58 5.69 -2.93
CA CYS A 74 2.63 4.56 -3.04
C CYS A 74 2.40 4.18 -4.51
N ILE A 75 2.14 2.89 -4.78
CA ILE A 75 1.89 2.45 -6.15
C ILE A 75 1.31 1.03 -6.19
N ARG A 76 0.09 0.91 -6.72
CA ARG A 76 -0.55 -0.39 -6.83
C ARG A 76 0.12 -1.18 -7.93
N LEU A 77 0.76 -2.29 -7.57
CA LEU A 77 1.43 -3.14 -8.54
C LEU A 77 0.51 -4.25 -8.99
N ALA A 78 0.16 -4.22 -10.26
CA ALA A 78 -0.75 -5.21 -10.82
C ALA A 78 -0.02 -6.48 -11.25
N ALA A 79 -0.74 -7.59 -11.21
CA ALA A 79 -0.19 -8.88 -11.60
C ALA A 79 -0.26 -9.09 -13.10
N GLY A 80 -1.31 -8.55 -13.72
CA GLY A 80 -1.49 -8.69 -15.15
C GLY A 80 -0.36 -8.04 -15.94
N GLY A 81 -0.69 -7.55 -17.12
CA GLY A 81 0.31 -6.90 -17.96
C GLY A 81 0.03 -7.08 -19.44
N LYS A 5 -12.70 -9.01 -21.12
CA LYS A 5 -12.29 -9.57 -19.81
C LYS A 5 -11.52 -8.56 -18.98
N ASP A 6 -12.25 -7.70 -18.27
CA ASP A 6 -11.64 -6.68 -17.44
C ASP A 6 -11.63 -7.11 -15.97
N GLU A 7 -10.49 -7.61 -15.51
CA GLU A 7 -10.35 -8.06 -14.13
C GLU A 7 -8.91 -8.43 -13.82
N ARG A 8 -8.06 -7.42 -13.71
CA ARG A 8 -6.64 -7.64 -13.42
C ARG A 8 -6.35 -7.50 -11.93
N ARG A 9 -5.83 -8.57 -11.34
CA ARG A 9 -5.50 -8.56 -9.92
C ARG A 9 -4.48 -7.50 -9.59
N TRP A 10 -4.16 -7.43 -8.32
CA TRP A 10 -3.25 -6.42 -7.83
C TRP A 10 -2.24 -6.92 -6.80
N MET A 11 -1.34 -6.01 -6.48
CA MET A 11 -0.28 -6.20 -5.50
C MET A 11 0.26 -4.83 -5.16
N VAL A 12 -0.52 -4.10 -4.39
CA VAL A 12 -0.20 -2.73 -4.01
C VAL A 12 1.16 -2.59 -3.37
N GLN A 13 1.73 -1.40 -3.50
CA GLN A 13 3.02 -1.10 -2.92
C GLN A 13 3.09 0.37 -2.59
N CYS A 14 2.16 0.77 -1.75
CA CYS A 14 2.05 2.14 -1.31
C CYS A 14 2.93 2.37 -0.10
N GLY A 15 4.21 2.12 -0.26
CA GLY A 15 5.14 2.29 0.84
C GLY A 15 6.51 2.73 0.41
N SER A 16 7.43 2.68 1.36
CA SER A 16 8.81 3.04 1.12
C SER A 16 8.99 4.54 1.04
N PHE A 17 8.64 5.23 2.13
CA PHE A 17 8.77 6.69 2.19
C PHE A 17 9.89 7.12 3.12
N ARG A 18 10.55 8.23 2.77
CA ARG A 18 11.61 8.78 3.60
C ARG A 18 11.19 8.77 5.06
N GLY A 19 9.88 8.86 5.28
CA GLY A 19 9.34 8.82 6.61
C GLY A 19 9.44 7.43 7.21
N ALA A 20 10.67 6.90 7.28
CA ALA A 20 10.91 5.55 7.81
C ALA A 20 10.07 5.29 9.05
N GLU A 21 10.07 6.24 9.97
CA GLU A 21 9.29 6.10 11.19
C GLU A 21 7.81 6.28 10.89
N GLN A 22 7.52 7.13 9.91
CA GLN A 22 6.14 7.38 9.50
C GLN A 22 5.64 6.22 8.64
N ALA A 23 6.57 5.58 7.93
CA ALA A 23 6.25 4.46 7.06
C ALA A 23 5.87 3.23 7.87
N GLU A 24 6.39 3.14 9.10
CA GLU A 24 6.05 2.03 9.98
C GLU A 24 4.67 2.29 10.57
N THR A 25 4.52 3.44 11.21
CA THR A 25 3.24 3.82 11.77
C THR A 25 2.24 3.92 10.63
N VAL A 26 2.76 4.20 9.43
CA VAL A 26 1.95 4.30 8.23
C VAL A 26 1.17 3.00 8.04
N ARG A 27 1.88 1.89 8.21
CA ARG A 27 1.30 0.57 8.04
C ARG A 27 0.01 0.45 8.86
N ALA A 28 0.11 0.78 10.14
CA ALA A 28 -1.05 0.73 11.00
C ALA A 28 -2.12 1.68 10.51
N GLN A 29 -1.70 2.75 9.84
CA GLN A 29 -2.63 3.72 9.31
C GLN A 29 -3.22 3.25 7.98
N LEU A 30 -2.63 2.21 7.39
CA LEU A 30 -3.11 1.66 6.14
C LEU A 30 -3.70 0.28 6.37
N ALA A 31 -3.90 -0.04 7.64
CA ALA A 31 -4.50 -1.30 8.05
C ALA A 31 -5.55 -1.00 9.11
N PHE A 32 -5.26 -0.02 9.95
CA PHE A 32 -6.18 0.40 10.98
C PHE A 32 -7.23 1.32 10.36
N GLU A 33 -6.88 1.96 9.23
CA GLU A 33 -7.82 2.84 8.55
C GLU A 33 -8.98 2.02 8.02
N GLY A 34 -8.73 0.74 7.75
CA GLY A 34 -9.78 -0.13 7.25
C GLY A 34 -9.37 -0.94 6.03
N PHE A 35 -8.08 -0.89 5.68
CA PHE A 35 -7.61 -1.64 4.51
C PHE A 35 -6.41 -2.50 4.84
N ASP A 36 -6.51 -3.80 4.64
CA ASP A 36 -5.40 -4.71 4.91
C ASP A 36 -4.13 -4.17 4.28
N SER A 37 -2.98 -4.67 4.72
CA SER A 37 -1.70 -4.22 4.20
C SER A 37 -0.54 -4.96 4.84
N LYS A 38 0.64 -4.73 4.29
CA LYS A 38 1.88 -5.35 4.78
C LYS A 38 3.03 -4.35 4.74
N ILE A 39 4.07 -4.61 5.52
CA ILE A 39 5.23 -3.73 5.58
C ILE A 39 6.53 -4.46 5.24
N THR A 40 7.54 -3.68 4.82
CA THR A 40 8.84 -4.23 4.48
C THR A 40 9.87 -3.12 4.34
N THR A 41 10.93 -3.17 5.13
CA THR A 41 11.98 -2.14 5.08
C THR A 41 12.92 -2.38 3.90
N ASN A 42 13.31 -1.30 3.22
CA ASN A 42 14.20 -1.41 2.07
C ASN A 42 14.35 -0.07 1.37
N ASN A 43 15.48 0.12 0.69
CA ASN A 43 15.75 1.37 -0.03
C ASN A 43 15.99 2.53 0.94
N GLY A 44 16.10 2.21 2.23
CA GLY A 44 16.33 3.25 3.22
C GLY A 44 15.08 3.63 3.96
N TRP A 45 13.91 3.35 3.38
CA TRP A 45 12.65 3.67 3.99
C TRP A 45 11.78 2.43 4.16
N ASN A 46 10.72 2.58 4.93
CA ASN A 46 9.80 1.48 5.19
C ASN A 46 8.83 1.27 4.04
N ARG A 47 9.01 0.18 3.30
CA ARG A 47 8.15 -0.14 2.16
C ARG A 47 6.80 -0.69 2.62
N VAL A 48 5.84 -0.69 1.72
CA VAL A 48 4.49 -1.15 2.01
C VAL A 48 3.97 -2.04 0.87
N VAL A 49 2.95 -2.82 1.19
CA VAL A 49 2.31 -3.72 0.24
C VAL A 49 1.14 -4.43 0.91
N ILE A 50 0.04 -4.60 0.19
CA ILE A 50 -1.11 -5.30 0.75
C ILE A 50 -1.33 -6.59 0.00
N GLY A 51 -0.34 -7.47 0.10
CA GLY A 51 -0.41 -8.75 -0.58
C GLY A 51 -1.00 -8.62 -1.97
N PRO A 52 -1.48 -9.72 -2.57
CA PRO A 52 -2.08 -9.67 -3.89
C PRO A 52 -3.59 -9.43 -3.80
N VAL A 53 -4.01 -8.21 -4.10
CA VAL A 53 -5.44 -7.87 -4.03
C VAL A 53 -6.10 -8.00 -5.39
N LYS A 54 -7.42 -8.20 -5.40
CA LYS A 54 -8.15 -8.34 -6.65
C LYS A 54 -9.51 -7.67 -6.56
N GLY A 55 -9.85 -6.87 -7.57
CA GLY A 55 -11.12 -6.19 -7.58
C GLY A 55 -11.11 -4.92 -8.41
N LYS A 56 -9.93 -4.32 -8.60
CA LYS A 56 -9.81 -3.10 -9.37
C LYS A 56 -10.52 -1.93 -8.68
N GLU A 57 -10.94 -2.15 -7.43
CA GLU A 57 -11.63 -1.12 -6.67
C GLU A 57 -11.08 -1.03 -5.26
N ASN A 58 -10.91 -2.18 -4.62
CA ASN A 58 -10.38 -2.23 -3.26
C ASN A 58 -8.98 -1.65 -3.23
N ALA A 59 -8.11 -2.19 -4.08
CA ALA A 59 -6.72 -1.71 -4.17
C ALA A 59 -6.71 -0.25 -4.59
N ASP A 60 -7.61 0.10 -5.53
CA ASP A 60 -7.70 1.45 -6.02
C ASP A 60 -8.18 2.40 -4.93
N SER A 61 -9.21 1.99 -4.20
CA SER A 61 -9.74 2.80 -3.12
C SER A 61 -8.70 2.94 -2.01
N THR A 62 -7.99 1.85 -1.73
CA THR A 62 -6.95 1.88 -0.72
C THR A 62 -5.91 2.94 -1.06
N LEU A 63 -5.51 3.00 -2.33
CA LEU A 63 -4.54 4.00 -2.78
C LEU A 63 -4.96 5.37 -2.28
N ASN A 64 -6.18 5.76 -2.61
CA ASN A 64 -6.71 7.04 -2.16
C ASN A 64 -6.86 7.00 -0.65
N ARG A 65 -7.01 5.78 -0.13
CA ARG A 65 -7.13 5.56 1.30
C ARG A 65 -5.79 5.74 1.99
N LEU A 66 -4.69 5.38 1.30
CA LEU A 66 -3.36 5.56 1.86
C LEU A 66 -3.24 7.03 2.27
N LYS A 67 -3.82 7.90 1.44
CA LYS A 67 -3.84 9.32 1.73
C LYS A 67 -4.49 9.54 3.09
N MET A 68 -5.49 8.71 3.39
CA MET A 68 -6.19 8.76 4.66
C MET A 68 -5.21 8.46 5.80
N ALA A 69 -4.18 7.68 5.47
CA ALA A 69 -3.15 7.30 6.44
C ALA A 69 -2.13 8.43 6.58
N GLY A 70 -1.40 8.71 5.50
CA GLY A 70 -0.41 9.76 5.54
C GLY A 70 0.96 9.34 5.02
N HIS A 71 0.99 8.78 3.81
CA HIS A 71 2.25 8.35 3.22
C HIS A 71 2.67 9.30 2.10
N THR A 72 3.95 9.66 2.05
CA THR A 72 4.43 10.57 1.01
C THR A 72 4.80 9.80 -0.27
N ASN A 73 3.86 9.01 -0.78
CA ASN A 73 4.10 8.24 -2.01
C ASN A 73 2.85 7.44 -2.43
N CYS A 74 2.82 6.14 -2.10
CA CYS A 74 1.69 5.28 -2.45
C CYS A 74 1.64 5.02 -3.96
N ILE A 75 1.61 3.74 -4.36
CA ILE A 75 1.55 3.38 -5.77
C ILE A 75 1.06 1.95 -5.94
N ARG A 76 -0.12 1.81 -6.55
CA ARG A 76 -0.70 0.50 -6.76
C ARG A 76 0.13 -0.29 -7.76
N LEU A 77 0.64 -1.44 -7.29
CA LEU A 77 1.44 -2.31 -8.12
C LEU A 77 0.60 -3.49 -8.58
N ALA A 78 0.34 -3.56 -9.88
CA ALA A 78 -0.48 -4.62 -10.44
C ALA A 78 0.36 -5.82 -10.86
N ALA A 79 -0.20 -7.01 -10.69
CA ALA A 79 0.48 -8.25 -11.04
C ALA A 79 0.38 -8.52 -12.54
N GLY A 80 -0.74 -8.13 -13.13
CA GLY A 80 -0.95 -8.34 -14.55
C GLY A 80 -1.73 -9.61 -14.84
N GLY A 81 -1.76 -10.00 -16.12
CA GLY A 81 -2.47 -11.21 -16.50
C GLY A 81 -1.58 -12.42 -16.54
N LYS A 5 -15.25 -4.70 -17.64
CA LYS A 5 -14.37 -4.08 -16.61
C LYS A 5 -13.08 -4.86 -16.46
N ASP A 6 -12.07 -4.21 -15.89
CA ASP A 6 -10.77 -4.85 -15.68
C ASP A 6 -10.81 -5.81 -14.49
N GLU A 7 -10.38 -7.04 -14.71
CA GLU A 7 -10.37 -8.05 -13.67
C GLU A 7 -8.95 -8.54 -13.41
N ARG A 8 -8.01 -7.61 -13.32
CA ARG A 8 -6.61 -7.96 -13.08
C ARG A 8 -6.24 -7.78 -11.61
N ARG A 9 -5.82 -8.87 -10.98
CA ARG A 9 -5.43 -8.84 -9.57
C ARG A 9 -4.37 -7.80 -9.32
N TRP A 10 -4.02 -7.68 -8.05
CA TRP A 10 -3.06 -6.67 -7.65
C TRP A 10 -2.04 -7.14 -6.63
N MET A 11 -1.16 -6.20 -6.33
CA MET A 11 -0.10 -6.32 -5.34
C MET A 11 0.40 -4.92 -5.05
N VAL A 12 -0.40 -4.19 -4.31
CA VAL A 12 -0.14 -2.80 -3.99
C VAL A 12 1.27 -2.57 -3.48
N GLN A 13 1.76 -1.34 -3.67
CA GLN A 13 3.07 -1.00 -3.20
C GLN A 13 3.15 0.50 -3.03
N CYS A 14 2.24 0.98 -2.21
CA CYS A 14 2.15 2.38 -1.91
C CYS A 14 2.85 2.65 -0.60
N GLY A 15 3.81 1.78 -0.29
CA GLY A 15 4.55 1.91 0.93
C GLY A 15 5.85 2.63 0.76
N SER A 16 6.73 2.46 1.74
CA SER A 16 8.01 3.14 1.72
C SER A 16 7.71 4.62 1.79
N PHE A 17 7.28 5.05 2.96
CA PHE A 17 6.87 6.43 3.11
C PHE A 17 6.91 6.99 4.53
N ARG A 18 6.17 8.11 4.69
CA ARG A 18 6.09 8.86 5.95
C ARG A 18 7.46 9.04 6.53
N GLY A 19 8.45 8.81 5.68
CA GLY A 19 9.82 8.95 6.06
C GLY A 19 10.59 7.63 5.99
N ALA A 20 10.27 6.71 6.91
CA ALA A 20 10.92 5.41 6.94
C ALA A 20 10.44 4.62 8.14
N GLU A 21 10.96 4.93 9.30
CA GLU A 21 10.53 4.26 10.52
C GLU A 21 9.05 4.56 10.72
N GLN A 22 8.64 5.68 10.13
CA GLN A 22 7.27 6.12 10.15
C GLN A 22 6.42 5.14 9.39
N ALA A 23 6.79 4.90 8.14
CA ALA A 23 6.04 3.99 7.29
C ALA A 23 5.72 2.68 8.02
N GLU A 24 6.57 2.32 8.99
CA GLU A 24 6.35 1.12 9.77
C GLU A 24 5.15 1.32 10.68
N THR A 25 5.25 2.30 11.56
CA THR A 25 4.17 2.64 12.48
C THR A 25 2.99 3.18 11.70
N VAL A 26 3.30 3.86 10.61
CA VAL A 26 2.29 4.42 9.73
C VAL A 26 1.52 3.31 9.04
N ARG A 27 2.21 2.20 8.74
CA ARG A 27 1.56 1.06 8.11
C ARG A 27 0.36 0.64 8.94
N ALA A 28 0.48 0.82 10.26
CA ALA A 28 -0.58 0.49 11.18
C ALA A 28 -1.82 1.31 10.86
N GLN A 29 -1.62 2.46 10.22
CA GLN A 29 -2.72 3.33 9.83
C GLN A 29 -3.53 2.70 8.70
N LEU A 30 -2.82 2.18 7.70
CA LEU A 30 -3.47 1.51 6.57
C LEU A 30 -4.46 0.48 7.07
N ALA A 31 -4.07 -0.26 8.11
CA ALA A 31 -4.94 -1.27 8.70
C ALA A 31 -5.98 -0.63 9.61
N PHE A 32 -5.67 0.54 10.14
CA PHE A 32 -6.57 1.25 11.04
C PHE A 32 -7.60 2.05 10.25
N GLU A 33 -7.21 2.50 9.05
CA GLU A 33 -8.10 3.28 8.21
C GLU A 33 -9.10 2.38 7.48
N GLY A 34 -8.75 1.10 7.35
CA GLY A 34 -9.63 0.17 6.67
C GLY A 34 -8.96 -0.57 5.53
N PHE A 35 -7.62 -0.55 5.49
CA PHE A 35 -6.89 -1.25 4.46
C PHE A 35 -5.54 -1.75 4.97
N ASP A 36 -5.57 -2.95 5.55
CA ASP A 36 -4.37 -3.58 6.11
C ASP A 36 -3.36 -3.97 5.03
N SER A 37 -2.33 -3.15 4.88
CA SER A 37 -1.26 -3.39 3.93
C SER A 37 -0.03 -3.98 4.65
N LYS A 38 0.73 -4.82 3.95
CA LYS A 38 1.93 -5.43 4.55
C LYS A 38 3.08 -4.43 4.62
N ILE A 39 4.04 -4.68 5.51
CA ILE A 39 5.18 -3.79 5.68
C ILE A 39 6.52 -4.45 5.32
N THR A 40 7.49 -3.63 4.89
CA THR A 40 8.82 -4.12 4.52
C THR A 40 9.69 -2.96 4.04
N THR A 41 10.83 -2.75 4.70
CA THR A 41 11.74 -1.66 4.35
C THR A 41 12.73 -2.11 3.27
N ASN A 42 13.16 -1.16 2.43
CA ASN A 42 14.11 -1.47 1.36
C ASN A 42 14.46 -0.24 0.53
N ASN A 43 13.44 0.51 0.13
CA ASN A 43 13.64 1.71 -0.67
C ASN A 43 14.07 2.89 0.21
N GLY A 44 14.42 2.61 1.46
CA GLY A 44 14.82 3.66 2.36
C GLY A 44 13.77 3.91 3.43
N TRP A 45 12.52 3.62 3.08
CA TRP A 45 11.41 3.78 3.99
C TRP A 45 10.66 2.46 4.09
N ASN A 46 9.84 2.33 5.12
CA ASN A 46 9.06 1.11 5.30
C ASN A 46 8.16 0.90 4.09
N ARG A 47 8.64 0.10 3.15
CA ARG A 47 7.92 -0.16 1.91
C ARG A 47 6.70 -1.06 2.10
N VAL A 48 5.60 -0.47 2.54
CA VAL A 48 4.37 -1.22 2.74
C VAL A 48 3.70 -1.58 1.40
N VAL A 49 3.14 -2.77 1.39
CA VAL A 49 2.42 -3.32 0.24
C VAL A 49 1.27 -4.17 0.77
N ILE A 50 0.11 -4.15 0.13
CA ILE A 50 -1.01 -4.96 0.64
C ILE A 50 -1.05 -6.30 -0.09
N GLY A 51 -0.04 -7.13 0.20
CA GLY A 51 0.05 -8.44 -0.41
C GLY A 51 -0.54 -8.46 -1.80
N PRO A 52 -1.15 -9.57 -2.24
CA PRO A 52 -1.77 -9.67 -3.54
C PRO A 52 -3.24 -9.28 -3.47
N VAL A 53 -3.56 -8.09 -3.94
CA VAL A 53 -4.94 -7.60 -3.92
C VAL A 53 -5.68 -7.97 -5.21
N LYS A 54 -6.88 -7.44 -5.38
CA LYS A 54 -7.68 -7.74 -6.56
C LYS A 54 -8.13 -6.46 -7.26
N GLY A 55 -8.09 -6.47 -8.59
CA GLY A 55 -8.50 -5.31 -9.36
C GLY A 55 -9.99 -5.13 -9.37
N LYS A 56 -10.45 -3.97 -8.89
CA LYS A 56 -11.88 -3.67 -8.85
C LYS A 56 -12.15 -2.33 -8.17
N GLU A 57 -11.97 -2.29 -6.84
CA GLU A 57 -12.21 -1.06 -6.09
C GLU A 57 -11.32 -1.00 -4.85
N ASN A 58 -11.15 -2.14 -4.18
CA ASN A 58 -10.33 -2.20 -2.97
C ASN A 58 -8.94 -1.62 -3.23
N ALA A 59 -8.28 -2.14 -4.26
CA ALA A 59 -6.95 -1.67 -4.62
C ALA A 59 -6.97 -0.17 -4.91
N ASP A 60 -7.93 0.26 -5.72
CA ASP A 60 -8.05 1.67 -6.06
C ASP A 60 -8.32 2.49 -4.81
N SER A 61 -9.17 1.94 -3.93
CA SER A 61 -9.50 2.60 -2.68
C SER A 61 -8.25 2.70 -1.82
N THR A 62 -7.41 1.67 -1.89
CA THR A 62 -6.17 1.64 -1.14
C THR A 62 -5.33 2.87 -1.49
N LEU A 63 -5.38 3.26 -2.76
CA LEU A 63 -4.64 4.44 -3.22
C LEU A 63 -5.13 5.67 -2.47
N ASN A 64 -6.40 6.01 -2.69
CA ASN A 64 -7.01 7.15 -2.02
C ASN A 64 -6.98 6.94 -0.52
N ARG A 65 -6.91 5.68 -0.10
CA ARG A 65 -6.87 5.32 1.31
C ARG A 65 -5.49 5.62 1.88
N LEU A 66 -4.44 5.24 1.15
CA LEU A 66 -3.08 5.51 1.63
C LEU A 66 -2.93 7.01 1.87
N LYS A 67 -3.62 7.81 1.05
CA LYS A 67 -3.60 9.25 1.23
C LYS A 67 -4.26 9.58 2.56
N MET A 68 -5.21 8.73 2.95
CA MET A 68 -5.93 8.89 4.21
C MET A 68 -4.96 8.84 5.39
N ALA A 69 -3.77 8.31 5.14
CA ALA A 69 -2.77 8.17 6.18
C ALA A 69 -1.68 9.25 6.07
N GLY A 70 -1.26 9.58 4.85
CA GLY A 70 -0.22 10.57 4.65
C GLY A 70 1.11 9.92 4.39
N HIS A 71 1.39 9.64 3.12
CA HIS A 71 2.63 8.96 2.74
C HIS A 71 3.40 9.70 1.64
N THR A 72 4.74 9.78 1.76
CA THR A 72 5.52 10.44 0.73
C THR A 72 5.94 9.44 -0.36
N ASN A 73 5.00 8.62 -0.84
CA ASN A 73 5.28 7.62 -1.89
C ASN A 73 4.19 6.53 -1.92
N CYS A 74 3.42 6.51 -3.01
CA CYS A 74 2.35 5.51 -3.16
C CYS A 74 2.19 5.07 -4.63
N ILE A 75 1.98 3.76 -4.88
CA ILE A 75 1.80 3.26 -6.23
C ILE A 75 1.40 1.80 -6.19
N ARG A 76 0.20 1.51 -6.64
CA ARG A 76 -0.28 0.14 -6.64
C ARG A 76 0.46 -0.69 -7.66
N LEU A 77 1.02 -1.81 -7.21
CA LEU A 77 1.76 -2.69 -8.09
C LEU A 77 0.88 -3.85 -8.52
N ALA A 78 0.59 -3.92 -9.80
CA ALA A 78 -0.26 -4.99 -10.32
C ALA A 78 0.56 -6.21 -10.72
N ALA A 79 0.02 -7.39 -10.39
CA ALA A 79 0.68 -8.65 -10.69
C ALA A 79 1.05 -8.74 -12.17
N GLY A 80 2.30 -9.13 -12.43
CA GLY A 80 2.76 -9.24 -13.80
C GLY A 80 4.21 -8.83 -13.95
N GLY A 81 5.06 -9.29 -13.05
CA GLY A 81 6.47 -8.95 -13.09
C GLY A 81 6.88 -8.02 -11.98
N LYS A 5 -9.48 -5.57 -17.94
CA LYS A 5 -10.46 -6.36 -17.15
C LYS A 5 -11.09 -5.51 -16.04
N ASP A 6 -12.11 -6.05 -15.39
CA ASP A 6 -12.78 -5.35 -14.31
C ASP A 6 -12.78 -6.18 -13.03
N GLU A 7 -12.82 -5.49 -11.89
CA GLU A 7 -12.82 -6.16 -10.59
C GLU A 7 -11.76 -7.26 -10.54
N ARG A 8 -10.58 -6.96 -11.05
CA ARG A 8 -9.48 -7.92 -11.07
C ARG A 8 -8.51 -7.68 -9.92
N ARG A 9 -7.82 -8.75 -9.51
CA ARG A 9 -6.85 -8.66 -8.42
C ARG A 9 -5.65 -7.83 -8.83
N TRP A 10 -5.10 -7.05 -7.90
CA TRP A 10 -3.93 -6.25 -8.23
C TRP A 10 -3.16 -5.73 -7.01
N MET A 11 -1.98 -6.34 -6.82
CA MET A 11 -1.05 -6.02 -5.73
C MET A 11 -0.82 -4.53 -5.58
N VAL A 12 0.05 -4.19 -4.64
CA VAL A 12 0.35 -2.79 -4.37
C VAL A 12 1.74 -2.59 -3.79
N GLN A 13 2.22 -1.36 -3.92
CA GLN A 13 3.50 -0.97 -3.37
C GLN A 13 3.45 0.51 -3.05
N CYS A 14 2.47 0.83 -2.22
CA CYS A 14 2.23 2.19 -1.79
C CYS A 14 3.03 2.48 -0.53
N GLY A 15 4.33 2.31 -0.64
CA GLY A 15 5.17 2.53 0.51
C GLY A 15 6.48 3.18 0.17
N SER A 16 7.40 3.12 1.13
CA SER A 16 8.74 3.69 0.99
C SER A 16 8.72 5.16 1.37
N PHE A 17 8.46 5.41 2.65
CA PHE A 17 8.43 6.78 3.15
C PHE A 17 9.58 7.07 4.10
N ARG A 18 10.28 8.17 3.83
CA ARG A 18 11.38 8.59 4.70
C ARG A 18 10.90 8.65 6.14
N GLY A 19 9.59 8.80 6.30
CA GLY A 19 8.98 8.85 7.61
C GLY A 19 9.00 7.50 8.29
N ALA A 20 10.20 6.93 8.44
CA ALA A 20 10.38 5.62 9.08
C ALA A 20 9.45 5.46 10.26
N GLU A 21 9.31 6.53 11.05
CA GLU A 21 8.42 6.50 12.20
C GLU A 21 6.98 6.41 11.73
N GLN A 22 6.64 7.23 10.75
CA GLN A 22 5.31 7.22 10.17
C GLN A 22 5.07 5.86 9.54
N ALA A 23 6.05 5.40 8.78
CA ALA A 23 5.99 4.12 8.10
C ALA A 23 5.53 3.02 9.06
N GLU A 24 6.10 3.00 10.25
CA GLU A 24 5.72 2.02 11.26
C GLU A 24 4.25 2.20 11.58
N THR A 25 3.82 3.45 11.61
CA THR A 25 2.42 3.78 11.87
C THR A 25 1.61 3.49 10.62
N VAL A 26 2.26 3.61 9.45
CA VAL A 26 1.62 3.35 8.18
C VAL A 26 1.19 1.88 8.11
N ARG A 27 1.98 1.02 8.77
CA ARG A 27 1.68 -0.40 8.81
C ARG A 27 0.34 -0.63 9.52
N ALA A 28 0.11 0.14 10.58
CA ALA A 28 -1.13 0.03 11.33
C ALA A 28 -2.20 0.90 10.70
N GLN A 29 -1.80 2.05 10.17
CA GLN A 29 -2.73 2.96 9.53
C GLN A 29 -3.31 2.35 8.26
N LEU A 30 -2.49 1.58 7.55
CA LEU A 30 -2.93 0.92 6.34
C LEU A 30 -4.02 -0.09 6.65
N ALA A 31 -3.80 -0.88 7.69
CA ALA A 31 -4.77 -1.88 8.11
C ALA A 31 -5.88 -1.24 8.95
N PHE A 32 -5.55 -0.15 9.61
CA PHE A 32 -6.52 0.56 10.44
C PHE A 32 -7.39 1.47 9.60
N GLU A 33 -6.86 1.93 8.46
CA GLU A 33 -7.62 2.81 7.59
C GLU A 33 -8.61 2.01 6.74
N GLY A 34 -8.38 0.70 6.65
CA GLY A 34 -9.27 -0.15 5.87
C GLY A 34 -8.55 -0.91 4.77
N PHE A 35 -7.23 -0.94 4.82
CA PHE A 35 -6.45 -1.65 3.82
C PHE A 35 -5.27 -2.38 4.44
N ASP A 36 -5.51 -3.63 4.86
CA ASP A 36 -4.49 -4.46 5.49
C ASP A 36 -3.24 -4.60 4.61
N SER A 37 -2.36 -3.62 4.70
CA SER A 37 -1.11 -3.61 3.93
C SER A 37 0.01 -4.26 4.74
N LYS A 38 1.10 -4.57 4.07
CA LYS A 38 2.27 -5.18 4.70
C LYS A 38 3.52 -4.35 4.44
N ILE A 39 4.12 -3.79 5.49
CA ILE A 39 5.29 -2.95 5.36
C ILE A 39 6.59 -3.75 5.31
N THR A 40 7.64 -3.10 4.81
CA THR A 40 8.96 -3.70 4.70
C THR A 40 9.99 -2.62 4.35
N THR A 41 11.13 -2.65 5.02
CA THR A 41 12.17 -1.64 4.79
C THR A 41 12.95 -1.95 3.51
N ASN A 42 13.24 -0.90 2.73
CA ASN A 42 13.98 -1.04 1.48
C ASN A 42 14.07 0.30 0.77
N ASN A 43 15.13 0.49 -0.02
CA ASN A 43 15.34 1.74 -0.75
C ASN A 43 15.69 2.88 0.20
N GLY A 44 15.91 2.55 1.47
CA GLY A 44 16.25 3.57 2.45
C GLY A 44 15.13 3.82 3.44
N TRP A 45 13.90 3.63 2.99
CA TRP A 45 12.74 3.84 3.84
C TRP A 45 11.78 2.67 3.77
N ASN A 46 10.85 2.65 4.72
CA ASN A 46 9.85 1.59 4.81
C ASN A 46 8.99 1.52 3.55
N ARG A 47 9.24 0.50 2.72
CA ARG A 47 8.49 0.32 1.47
C ARG A 47 7.32 -0.64 1.67
N VAL A 48 6.21 -0.12 2.16
CA VAL A 48 5.03 -0.94 2.39
C VAL A 48 4.44 -1.48 1.10
N VAL A 49 3.69 -2.56 1.28
CA VAL A 49 3.02 -3.25 0.17
C VAL A 49 1.91 -4.14 0.73
N ILE A 50 0.78 -4.20 0.05
CA ILE A 50 -0.32 -5.05 0.52
C ILE A 50 -0.37 -6.33 -0.30
N GLY A 51 -0.60 -7.46 0.37
CA GLY A 51 -0.67 -8.73 -0.34
C GLY A 51 -1.57 -8.65 -1.56
N PRO A 52 -1.38 -9.53 -2.56
CA PRO A 52 -2.20 -9.51 -3.77
C PRO A 52 -3.69 -9.37 -3.46
N VAL A 53 -4.20 -8.18 -3.69
CA VAL A 53 -5.60 -7.86 -3.42
C VAL A 53 -6.51 -8.32 -4.55
N LYS A 54 -7.74 -7.85 -4.54
CA LYS A 54 -8.70 -8.21 -5.58
C LYS A 54 -9.99 -7.41 -5.48
N GLY A 55 -10.36 -6.77 -6.58
CA GLY A 55 -11.56 -5.96 -6.61
C GLY A 55 -11.46 -4.80 -7.56
N LYS A 56 -10.23 -4.45 -7.95
CA LYS A 56 -9.99 -3.33 -8.85
C LYS A 56 -10.17 -2.01 -8.11
N GLU A 57 -11.35 -1.83 -7.54
CA GLU A 57 -11.64 -0.62 -6.79
C GLU A 57 -11.03 -0.69 -5.39
N ASN A 58 -10.79 -1.92 -4.92
CA ASN A 58 -10.20 -2.11 -3.60
C ASN A 58 -8.77 -1.60 -3.58
N ALA A 59 -7.90 -2.23 -4.36
CA ALA A 59 -6.51 -1.80 -4.44
C ALA A 59 -6.47 -0.34 -4.88
N ASP A 60 -7.36 0.03 -5.79
CA ASP A 60 -7.43 1.40 -6.29
C ASP A 60 -7.80 2.35 -5.16
N SER A 61 -8.85 2.01 -4.41
CA SER A 61 -9.29 2.84 -3.30
C SER A 61 -8.19 2.94 -2.26
N THR A 62 -7.57 1.81 -1.95
CA THR A 62 -6.48 1.77 -0.99
C THR A 62 -5.36 2.73 -1.39
N LEU A 63 -5.08 2.82 -2.68
CA LEU A 63 -4.05 3.73 -3.17
C LEU A 63 -4.37 5.14 -2.71
N ASN A 64 -5.59 5.57 -3.01
CA ASN A 64 -6.06 6.89 -2.60
C ASN A 64 -6.29 6.89 -1.09
N ARG A 65 -6.53 5.72 -0.54
CA ARG A 65 -6.75 5.56 0.88
C ARG A 65 -5.45 5.70 1.65
N LEU A 66 -4.33 5.33 1.00
CA LEU A 66 -3.02 5.50 1.62
C LEU A 66 -2.80 6.97 1.91
N LYS A 67 -3.49 7.81 1.13
CA LYS A 67 -3.45 9.24 1.33
C LYS A 67 -4.34 9.57 2.54
N MET A 68 -5.37 8.73 2.72
CA MET A 68 -6.30 8.86 3.83
C MET A 68 -5.53 8.79 5.15
N ALA A 69 -4.33 8.22 5.09
CA ALA A 69 -3.48 8.08 6.26
C ALA A 69 -2.39 9.14 6.29
N GLY A 70 -1.54 9.13 5.27
CA GLY A 70 -0.46 10.11 5.20
C GLY A 70 0.91 9.45 5.03
N HIS A 71 1.27 9.17 3.78
CA HIS A 71 2.57 8.55 3.49
C HIS A 71 3.19 9.12 2.22
N THR A 72 4.50 9.30 2.22
CA THR A 72 5.21 9.85 1.06
C THR A 72 5.59 8.77 0.05
N ASN A 73 4.95 8.79 -1.13
CA ASN A 73 5.22 7.83 -2.20
C ASN A 73 4.33 6.60 -2.09
N CYS A 74 3.42 6.45 -3.06
CA CYS A 74 2.49 5.31 -3.09
C CYS A 74 2.08 4.98 -4.52
N ILE A 75 1.91 3.68 -4.82
CA ILE A 75 1.51 3.27 -6.16
C ILE A 75 0.98 1.84 -6.16
N ARG A 76 -0.30 1.68 -6.46
CA ARG A 76 -0.92 0.36 -6.50
C ARG A 76 -0.27 -0.48 -7.59
N LEU A 77 -0.30 -1.80 -7.43
CA LEU A 77 0.30 -2.70 -8.38
C LEU A 77 -0.75 -3.60 -9.01
N ALA A 78 -0.39 -4.22 -10.12
CA ALA A 78 -1.31 -5.11 -10.82
C ALA A 78 -0.67 -6.45 -11.14
N ALA A 79 -1.38 -7.53 -10.82
CA ALA A 79 -0.89 -8.88 -11.07
C ALA A 79 -1.03 -9.25 -12.54
N GLY A 80 -0.46 -10.39 -12.92
CA GLY A 80 -0.54 -10.83 -14.30
C GLY A 80 0.38 -12.00 -14.59
N GLY A 81 0.11 -12.70 -15.69
CA GLY A 81 0.93 -13.84 -16.06
C GLY A 81 1.62 -13.65 -17.40
N LYS A 5 -19.26 -11.17 -12.79
CA LYS A 5 -18.02 -10.99 -13.59
C LYS A 5 -17.03 -10.08 -12.87
N ASP A 6 -16.28 -10.65 -11.94
CA ASP A 6 -15.29 -9.90 -11.18
C ASP A 6 -14.06 -10.75 -10.89
N GLU A 7 -13.02 -10.59 -11.71
CA GLU A 7 -11.79 -11.34 -11.54
C GLU A 7 -10.57 -10.45 -11.82
N ARG A 8 -10.61 -9.22 -11.33
CA ARG A 8 -9.52 -8.27 -11.53
C ARG A 8 -8.75 -8.04 -10.23
N ARG A 9 -7.57 -8.63 -10.15
CA ARG A 9 -6.72 -8.49 -8.96
C ARG A 9 -5.51 -7.63 -9.28
N TRP A 10 -5.01 -6.89 -8.29
CA TRP A 10 -3.84 -6.06 -8.55
C TRP A 10 -3.09 -5.63 -7.30
N MET A 11 -1.91 -6.25 -7.14
CA MET A 11 -0.99 -6.00 -6.02
C MET A 11 -0.83 -4.53 -5.71
N VAL A 12 -0.03 -4.26 -4.70
CA VAL A 12 0.22 -2.90 -4.25
C VAL A 12 1.63 -2.70 -3.74
N GLN A 13 2.07 -1.44 -3.76
CA GLN A 13 3.36 -1.09 -3.24
C GLN A 13 3.34 0.36 -2.84
N CYS A 14 2.40 0.65 -1.96
CA CYS A 14 2.20 1.99 -1.46
C CYS A 14 3.02 2.21 -0.21
N GLY A 15 4.32 2.07 -0.35
CA GLY A 15 5.20 2.24 0.78
C GLY A 15 6.51 2.89 0.43
N SER A 16 7.45 2.78 1.35
CA SER A 16 8.78 3.33 1.18
C SER A 16 8.81 4.84 1.38
N PHE A 17 8.56 5.26 2.62
CA PHE A 17 8.56 6.68 2.95
C PHE A 17 9.71 7.04 3.89
N ARG A 18 10.41 8.13 3.57
CA ARG A 18 11.49 8.61 4.42
C ARG A 18 11.00 8.76 5.85
N GLY A 19 9.69 8.92 5.98
CA GLY A 19 9.07 9.05 7.28
C GLY A 19 9.08 7.74 8.04
N ALA A 20 10.29 7.21 8.26
CA ALA A 20 10.47 5.94 8.97
C ALA A 20 9.50 5.81 10.14
N GLU A 21 9.30 6.91 10.84
CA GLU A 21 8.38 6.92 11.98
C GLU A 21 6.95 6.79 11.49
N GLN A 22 6.60 7.61 10.50
CA GLN A 22 5.26 7.56 9.92
C GLN A 22 5.04 6.22 9.25
N ALA A 23 6.10 5.68 8.66
CA ALA A 23 6.05 4.40 7.99
C ALA A 23 5.62 3.30 8.96
N GLU A 24 6.22 3.30 10.15
CA GLU A 24 5.88 2.31 11.16
C GLU A 24 4.42 2.49 11.58
N THR A 25 4.07 3.70 11.99
CA THR A 25 2.71 4.00 12.38
C THR A 25 1.80 3.83 11.18
N VAL A 26 2.36 4.02 9.99
CA VAL A 26 1.62 3.88 8.76
C VAL A 26 1.10 2.45 8.62
N ARG A 27 1.97 1.49 8.91
CA ARG A 27 1.61 0.08 8.85
C ARG A 27 0.28 -0.15 9.56
N ALA A 28 0.13 0.50 10.70
CA ALA A 28 -1.09 0.40 11.49
C ALA A 28 -2.19 1.24 10.86
N GLN A 29 -1.79 2.35 10.22
CA GLN A 29 -2.74 3.23 9.57
C GLN A 29 -3.35 2.55 8.34
N LEU A 30 -2.55 1.75 7.64
CA LEU A 30 -3.04 1.04 6.47
C LEU A 30 -4.12 0.06 6.87
N ALA A 31 -3.88 -0.69 7.95
CA ALA A 31 -4.83 -1.65 8.45
C ALA A 31 -5.92 -0.96 9.26
N PHE A 32 -5.57 0.17 9.86
CA PHE A 32 -6.53 0.93 10.67
C PHE A 32 -7.41 1.79 9.78
N GLU A 33 -6.92 2.17 8.61
CA GLU A 33 -7.69 2.99 7.69
C GLU A 33 -8.69 2.14 6.91
N GLY A 34 -8.45 0.83 6.88
CA GLY A 34 -9.36 -0.07 6.17
C GLY A 34 -8.67 -0.88 5.09
N PHE A 35 -7.34 -0.94 5.13
CA PHE A 35 -6.59 -1.69 4.13
C PHE A 35 -5.35 -2.33 4.75
N ASP A 36 -5.49 -3.57 5.22
CA ASP A 36 -4.39 -4.29 5.86
C ASP A 36 -3.21 -4.49 4.90
N SER A 37 -2.39 -3.45 4.79
CA SER A 37 -1.21 -3.48 3.94
C SER A 37 -0.03 -4.09 4.70
N LYS A 38 0.96 -4.57 3.97
CA LYS A 38 2.16 -5.16 4.56
C LYS A 38 3.33 -4.20 4.51
N ILE A 39 4.34 -4.46 5.34
CA ILE A 39 5.52 -3.59 5.40
C ILE A 39 6.82 -4.36 5.24
N THR A 40 7.85 -3.65 4.79
CA THR A 40 9.17 -4.23 4.60
C THR A 40 10.17 -3.16 4.17
N THR A 41 11.23 -2.98 4.96
CA THR A 41 12.25 -1.98 4.64
C THR A 41 12.75 -2.11 3.20
N ASN A 42 13.01 -0.98 2.56
CA ASN A 42 13.47 -0.99 1.18
C ASN A 42 13.77 0.42 0.68
N ASN A 43 14.78 0.56 -0.16
CA ASN A 43 15.16 1.86 -0.72
C ASN A 43 15.65 2.81 0.38
N GLY A 44 15.87 2.28 1.58
CA GLY A 44 16.33 3.10 2.68
C GLY A 44 15.21 3.44 3.65
N TRP A 45 13.98 3.44 3.16
CA TRP A 45 12.83 3.75 4.00
C TRP A 45 11.88 2.57 4.08
N ASN A 46 10.93 2.66 5.00
CA ASN A 46 9.96 1.62 5.23
C ASN A 46 9.04 1.41 4.03
N ARG A 47 9.19 0.27 3.36
CA ARG A 47 8.36 -0.04 2.20
C ARG A 47 7.01 -0.60 2.65
N VAL A 48 6.05 -0.58 1.73
CA VAL A 48 4.71 -1.09 2.02
C VAL A 48 4.15 -1.81 0.80
N VAL A 49 3.31 -2.79 1.07
CA VAL A 49 2.65 -3.58 0.03
C VAL A 49 1.53 -4.41 0.66
N ILE A 50 0.39 -4.47 0.01
CA ILE A 50 -0.73 -5.28 0.53
C ILE A 50 -0.88 -6.53 -0.30
N GLY A 51 0.19 -7.32 -0.33
CA GLY A 51 0.21 -8.56 -1.09
C GLY A 51 -0.61 -8.47 -2.37
N PRO A 52 -1.12 -9.59 -2.87
CA PRO A 52 -1.95 -9.61 -4.07
C PRO A 52 -3.42 -9.43 -3.72
N VAL A 53 -3.96 -8.28 -4.08
CA VAL A 53 -5.36 -7.96 -3.78
C VAL A 53 -6.27 -8.35 -4.94
N LYS A 54 -7.52 -7.88 -4.88
CA LYS A 54 -8.48 -8.17 -5.94
C LYS A 54 -9.81 -7.47 -5.68
N GLY A 55 -10.24 -6.67 -6.65
CA GLY A 55 -11.50 -5.96 -6.50
C GLY A 55 -11.68 -4.84 -7.50
N LYS A 56 -10.60 -4.45 -8.19
CA LYS A 56 -10.65 -3.38 -9.17
C LYS A 56 -10.64 -2.03 -8.46
N GLU A 57 -11.61 -1.83 -7.59
CA GLU A 57 -11.72 -0.59 -6.82
C GLU A 57 -11.10 -0.76 -5.45
N ASN A 58 -10.81 -2.01 -5.07
CA ASN A 58 -10.21 -2.29 -3.77
C ASN A 58 -8.79 -1.74 -3.73
N ALA A 59 -7.90 -2.34 -4.51
CA ALA A 59 -6.52 -1.88 -4.56
C ALA A 59 -6.49 -0.40 -4.92
N ASP A 60 -7.36 -0.02 -5.86
CA ASP A 60 -7.46 1.37 -6.29
C ASP A 60 -7.89 2.26 -5.13
N SER A 61 -8.93 1.84 -4.41
CA SER A 61 -9.41 2.61 -3.28
C SER A 61 -8.32 2.74 -2.23
N THR A 62 -7.66 1.62 -1.93
CA THR A 62 -6.56 1.62 -0.96
C THR A 62 -5.51 2.66 -1.36
N LEU A 63 -5.16 2.70 -2.64
CA LEU A 63 -4.18 3.67 -3.12
C LEU A 63 -4.57 5.07 -2.67
N ASN A 64 -5.80 5.46 -3.00
CA ASN A 64 -6.30 6.76 -2.58
C ASN A 64 -6.47 6.76 -1.06
N ARG A 65 -6.66 5.56 -0.52
CA ARG A 65 -6.82 5.37 0.91
C ARG A 65 -5.47 5.57 1.61
N LEU A 66 -4.38 5.21 0.94
CA LEU A 66 -3.05 5.41 1.50
C LEU A 66 -2.92 6.88 1.88
N LYS A 67 -3.53 7.74 1.06
CA LYS A 67 -3.55 9.16 1.32
C LYS A 67 -4.29 9.41 2.63
N MET A 68 -5.30 8.59 2.89
CA MET A 68 -6.08 8.68 4.12
C MET A 68 -5.18 8.52 5.33
N ALA A 69 -4.03 7.87 5.13
CA ALA A 69 -3.07 7.65 6.20
C ALA A 69 -1.97 8.70 6.16
N GLY A 70 -1.39 8.92 4.99
CA GLY A 70 -0.34 9.91 4.84
C GLY A 70 1.02 9.30 4.61
N HIS A 71 1.32 8.96 3.36
CA HIS A 71 2.61 8.37 3.01
C HIS A 71 3.29 9.14 1.89
N THR A 72 4.61 9.28 1.97
CA THR A 72 5.36 10.00 0.94
C THR A 72 5.71 9.10 -0.25
N ASN A 73 4.68 8.49 -0.86
CA ASN A 73 4.89 7.61 -2.02
C ASN A 73 3.56 7.04 -2.53
N CYS A 74 3.17 5.88 -1.98
CA CYS A 74 1.92 5.20 -2.35
C CYS A 74 1.80 4.94 -3.87
N ILE A 75 1.66 3.67 -4.25
CA ILE A 75 1.51 3.29 -5.64
C ILE A 75 0.97 1.87 -5.74
N ARG A 76 -0.26 1.75 -6.22
CA ARG A 76 -0.89 0.44 -6.36
C ARG A 76 -0.19 -0.36 -7.45
N LEU A 77 -0.22 -1.68 -7.34
CA LEU A 77 0.41 -2.55 -8.31
C LEU A 77 -0.62 -3.38 -9.04
N ALA A 78 -0.20 -3.97 -10.16
CA ALA A 78 -1.09 -4.80 -10.96
C ALA A 78 -0.43 -6.13 -11.32
N ALA A 79 -1.11 -7.22 -10.99
CA ALA A 79 -0.60 -8.55 -11.27
C ALA A 79 -0.52 -8.81 -12.77
N GLY A 80 -0.16 -10.03 -13.15
CA GLY A 80 -0.05 -10.37 -14.55
C GLY A 80 1.29 -10.99 -14.89
N GLY A 81 2.16 -10.21 -15.52
CA GLY A 81 3.48 -10.72 -15.89
C GLY A 81 3.57 -11.06 -17.37
#